data_5KNB
#
_entry.id   5KNB
#
_cell.length_a   127.350
_cell.length_b   129.620
_cell.length_c   237.210
_cell.angle_alpha   90.00
_cell.angle_beta   90.00
_cell.angle_gamma   90.00
#
_symmetry.space_group_name_H-M   'P 21 21 21'
#
loop_
_entity.id
_entity.type
_entity.pdbx_description
1 polymer 'V-type sodium ATPase catalytic subunit A'
2 polymer 'V-type sodium ATPase subunit B'
3 polymer 'V-type sodium ATPase subunit D'
4 polymer 'V-type sodium ATPase subunit NtpG (F)'
5 non-polymer 'MAGNESIUM ION'
6 non-polymer "ADENOSINE-5'-DIPHOSPHATE"
7 non-polymer GLYCEROL
8 water water
#
loop_
_entity_poly.entity_id
_entity_poly.type
_entity_poly.pdbx_seq_one_letter_code
_entity_poly.pdbx_strand_id
1 'polypeptide(L)'
;GSSGSSGMQIGKIIKVSGPLVMAENMSEASIQDMCLVGDLGVIGEIIEMRQDVASIQVYEETSGIGPGEPVRSTGEALSV
ELGPGIISQMFDGIQRPLDTFMEVTQSNFLGRGVQLPALDHEKQWWFEATIEEGTEVSAGDIIGYVDETKIIQHKIMVPN
GIKGTVQKIESGSFTIDDPICVIETEQGLKELTMMQKWPVRRGRPIKQKLNPDVPMITGQRVIDTFFPVTKGGAAAVPGP
FGAGKTVVQHQIAKWSDVDLVVYVGCGERGNEMTDVVNEFPELIDPNTGESLMERTVLIANTSNMPVAAREASIYTGITI
AEYFRDMGYDVAIMADSTSRWAEALREMSGRLEEMPGDEGYPAYLGSRLAEYYERSGRVIALGSDQREGSITAISAVSPS
GGDISEPVTQNTLRVVKVFWGLDSSLAQKRHFPSINWIQSYSLYSTEVGRYMDQILQQDWSDMVTEGMRILQEEEQLNEI
VRLVGIDSLSDNDRLTLEVAKSIREDYLQQNAFDDVDTFTSREKQFNMLKVILTFGKEARKALSLGAYFNEIMEGTVAVR
ERISRSKYIPEEELAKISSINEEIKETIQLIVSEGGMTDD
;
A,B,C
2 'polypeptide(L)'
;GSSGSSGMIKEYRTIKEVVGPLMAVEKVSGVKYEELIEVRMQNGEIRRGQVLEVQEDKAMVQIFEGTSGINLKNSSVRFL
GHPLQLGVSEDMIGRVFDGLGRPKDNGPEILPEKYLDINGEVINPIARDYPDEFIQTGISAIDHLNTLVRGQKLPVFSGS
GLPHKELAAQIARQATVLDSSDDFAVVFAAIGITFEEAEFFMEDFRQTGAIDRSVMFMNLANDPAIERIATPRMALTAAE
YLAYEKGMHVLVIMTDMTNYAEALREISAARREVPGRRGYPGYLYTNLATLFERAGRIRGLKGSVTQIPILTMPEDDKTH
PIPDLTGYITEGQIILTRELYKSGIQPPIDVLPSLSRLKDKGTGAGKTREDHAATMNQLFAAYAQGKQAKELAVVLGESA
LSDIDKIYAKFAERFENEYVNQGFYTNRTITETLDLGWELLAMLPRTELKRIKDDLLDKYLPEGK
;
D,E,F
3 'polypeptide(L)'
;GSSGSSGMRLNVNPTRMELTRLKKQLTTATRGHKLLKDKQDELMRQFILLIRKNNELRQAIEKETQTAMKDFVLAKSTVE
EAFIDELLALPAENVSISVVEKNIMSVKVPLMNFQYDETLNETPLEYGYLHSNAELDRSIDGFTQLLPKLLKLAEVEKTC
QLMAEEIEKTRRRVNALEYMTIPQLEETIYYIKMKLEENERAEVTRLIKVKNMGTEE
;
G
4 'polypeptide(L)'
;MTYKIGVVGDKDSVSPFRLFGFDVQHGTTKTEIRKTIDEMAKNEYGVIYITEQCANLVPETIERYKGQLTPAIILIPSHQ
GTLGIGLEEIQNSVEKAVGQNILSGPSSGENLYFQ
;
H
#
loop_
_chem_comp.id
_chem_comp.type
_chem_comp.name
_chem_comp.formula
ADP non-polymer ADENOSINE-5'-DIPHOSPHATE 'C10 H15 N5 O10 P2'
GOL non-polymer GLYCEROL 'C3 H8 O3'
MG non-polymer 'MAGNESIUM ION' 'Mg 2'
#
# COMPACT_ATOMS: atom_id res chain seq x y z
N MET A 8 9.36 54.17 -5.83
CA MET A 8 9.42 52.71 -5.93
C MET A 8 9.97 52.28 -7.29
N GLN A 9 10.70 51.17 -7.31
CA GLN A 9 11.26 50.63 -8.54
C GLN A 9 10.22 49.80 -9.29
N ILE A 10 10.22 49.90 -10.61
CA ILE A 10 9.30 49.12 -11.43
C ILE A 10 10.02 47.95 -12.10
N GLY A 11 9.38 46.78 -12.08
CA GLY A 11 9.95 45.59 -12.69
C GLY A 11 9.32 45.31 -14.04
N LYS A 12 9.86 44.31 -14.73
CA LYS A 12 9.36 43.93 -16.05
C LYS A 12 9.26 42.42 -16.19
N ILE A 13 8.05 41.94 -16.48
CA ILE A 13 7.81 40.51 -16.66
C ILE A 13 8.61 39.95 -17.83
N ILE A 14 9.32 38.86 -17.59
CA ILE A 14 10.10 38.21 -18.64
C ILE A 14 9.61 36.80 -18.94
N LYS A 15 8.71 36.29 -18.11
CA LYS A 15 8.17 34.95 -18.30
C LYS A 15 6.87 34.73 -17.54
N VAL A 16 5.91 34.09 -18.20
CA VAL A 16 4.64 33.73 -17.56
C VAL A 16 4.25 32.29 -17.89
N SER A 17 4.12 31.47 -16.86
CA SER A 17 3.65 30.09 -17.03
C SER A 17 2.75 29.70 -15.87
N GLY A 18 1.44 29.80 -16.08
CA GLY A 18 0.49 29.50 -15.03
C GLY A 18 0.55 30.52 -13.92
N PRO A 19 0.63 30.05 -12.66
CA PRO A 19 0.71 30.92 -11.49
C PRO A 19 2.12 31.50 -11.29
N LEU A 20 3.11 30.94 -11.99
CA LEU A 20 4.48 31.41 -11.86
C LEU A 20 4.79 32.56 -12.82
N VAL A 21 5.25 33.67 -12.26
CA VAL A 21 5.62 34.83 -13.06
C VAL A 21 7.00 35.35 -12.66
N MET A 22 7.91 35.41 -13.62
CA MET A 22 9.25 35.92 -13.37
C MET A 22 9.42 37.31 -13.98
N ALA A 23 9.97 38.23 -13.20
CA ALA A 23 10.17 39.60 -13.65
C ALA A 23 11.58 40.09 -13.32
N GLU A 24 12.20 40.79 -14.27
CA GLU A 24 13.54 41.32 -14.07
C GLU A 24 13.48 42.72 -13.44
N ASN A 25 14.65 43.26 -13.12
CA ASN A 25 14.78 44.57 -12.49
C ASN A 25 13.97 44.66 -11.19
N MET A 26 14.25 43.74 -10.28
CA MET A 26 13.59 43.72 -8.97
C MET A 26 14.62 43.74 -7.86
N SER A 27 15.73 44.44 -8.10
CA SER A 27 16.87 44.42 -7.19
C SER A 27 16.58 45.01 -5.81
N GLU A 28 15.74 46.03 -5.77
CA GLU A 28 15.42 46.71 -4.51
C GLU A 28 14.32 45.99 -3.73
N ALA A 29 13.78 44.93 -4.31
CA ALA A 29 12.71 44.17 -3.66
C ALA A 29 13.28 43.16 -2.67
N SER A 30 12.44 42.71 -1.75
CA SER A 30 12.83 41.73 -0.75
C SER A 30 12.12 40.40 -0.96
N ILE A 31 12.59 39.36 -0.28
CA ILE A 31 11.94 38.06 -0.34
C ILE A 31 10.65 38.11 0.48
N GLN A 32 9.63 37.37 0.03
CA GLN A 32 8.31 37.33 0.65
C GLN A 32 7.60 38.68 0.58
N ASP A 33 8.10 39.57 -0.28
CA ASP A 33 7.46 40.86 -0.51
C ASP A 33 6.20 40.70 -1.33
N MET A 34 5.20 41.53 -1.03
CA MET A 34 4.00 41.60 -1.84
C MET A 34 4.27 42.57 -2.99
N CYS A 35 3.68 42.29 -4.15
CA CYS A 35 3.89 43.12 -5.33
C CYS A 35 2.73 43.04 -6.30
N LEU A 36 2.48 44.13 -7.02
CA LEU A 36 1.40 44.18 -8.00
C LEU A 36 1.95 43.78 -9.38
N VAL A 37 1.36 42.72 -9.96
CA VAL A 37 1.89 42.13 -11.18
C VAL A 37 1.06 42.49 -12.42
N GLY A 38 1.75 42.89 -13.48
CA GLY A 38 1.11 43.16 -14.75
C GLY A 38 0.44 44.51 -14.84
N ASP A 39 -0.19 44.78 -15.98
CA ASP A 39 -0.91 46.02 -16.19
C ASP A 39 -2.08 46.14 -15.21
N LEU A 40 -2.73 45.01 -14.97
CA LEU A 40 -3.90 44.96 -14.08
C LEU A 40 -3.52 45.33 -12.65
N GLY A 41 -2.48 44.68 -12.14
CA GLY A 41 -1.98 44.99 -10.81
C GLY A 41 -2.32 43.95 -9.77
N VAL A 42 -2.54 42.72 -10.21
CA VAL A 42 -2.88 41.62 -9.31
C VAL A 42 -1.79 41.41 -8.25
N ILE A 43 -2.20 41.02 -7.05
CA ILE A 43 -1.27 40.81 -5.95
C ILE A 43 -0.47 39.52 -6.15
N GLY A 44 0.78 39.53 -5.69
CA GLY A 44 1.64 38.38 -5.80
C GLY A 44 2.70 38.37 -4.72
N GLU A 45 3.37 37.23 -4.58
CA GLU A 45 4.39 37.07 -3.55
C GLU A 45 5.73 36.67 -4.16
N ILE A 46 6.79 37.34 -3.74
CA ILE A 46 8.13 37.01 -4.22
C ILE A 46 8.69 35.82 -3.47
N ILE A 47 8.78 34.68 -4.16
CA ILE A 47 9.27 33.45 -3.55
C ILE A 47 10.78 33.32 -3.68
N GLU A 48 11.29 33.54 -4.88
CA GLU A 48 12.72 33.41 -5.15
C GLU A 48 13.27 34.66 -5.81
N MET A 49 14.59 34.75 -5.91
CA MET A 49 15.23 35.83 -6.66
C MET A 49 16.68 35.51 -7.02
N ARG A 50 16.95 35.44 -8.32
CA ARG A 50 18.30 35.29 -8.84
C ARG A 50 18.71 36.59 -9.50
N GLN A 51 19.84 37.16 -9.07
CA GLN A 51 20.29 38.46 -9.52
C GLN A 51 19.22 39.52 -9.26
N ASP A 52 18.63 40.04 -10.34
CA ASP A 52 17.55 41.01 -10.23
C ASP A 52 16.24 40.40 -10.74
N VAL A 53 16.27 39.10 -11.02
CA VAL A 53 15.11 38.40 -11.53
C VAL A 53 14.36 37.67 -10.42
N ALA A 54 13.22 38.21 -10.03
CA ALA A 54 12.44 37.64 -8.93
C ALA A 54 11.32 36.74 -9.44
N SER A 55 11.19 35.57 -8.83
CA SER A 55 10.10 34.65 -9.15
C SER A 55 8.89 34.97 -8.29
N ILE A 56 7.74 35.13 -8.94
CA ILE A 56 6.53 35.57 -8.23
C ILE A 56 5.37 34.59 -8.38
N GLN A 57 4.75 34.24 -7.26
CA GLN A 57 3.56 33.41 -7.27
C GLN A 57 2.31 34.28 -7.28
N VAL A 58 1.73 34.47 -8.45
CA VAL A 58 0.53 35.29 -8.60
C VAL A 58 -0.69 34.53 -8.07
N TYR A 59 -1.46 35.20 -7.22
CA TYR A 59 -2.52 34.54 -6.48
C TYR A 59 -3.89 34.62 -7.15
N GLU A 60 -4.02 35.50 -8.12
CA GLU A 60 -5.20 35.53 -8.98
C GLU A 60 -4.79 35.00 -10.35
N GLU A 61 -5.76 34.61 -11.17
CA GLU A 61 -5.44 33.99 -12.45
C GLU A 61 -4.66 34.93 -13.37
N THR A 62 -3.67 34.38 -14.06
CA THR A 62 -2.74 35.17 -14.86
C THR A 62 -3.13 35.24 -16.33
N SER A 63 -4.38 34.93 -16.63
CA SER A 63 -4.87 35.00 -18.00
C SER A 63 -4.88 36.45 -18.47
N GLY A 64 -4.26 36.69 -19.62
CA GLY A 64 -4.17 38.04 -20.17
C GLY A 64 -2.88 38.73 -19.78
N ILE A 65 -2.07 38.06 -18.95
CA ILE A 65 -0.79 38.60 -18.53
C ILE A 65 0.34 38.05 -19.41
N GLY A 66 1.22 38.94 -19.85
CA GLY A 66 2.34 38.55 -20.71
C GLY A 66 3.59 39.34 -20.41
N PRO A 67 4.72 38.93 -21.01
CA PRO A 67 6.02 39.57 -20.82
C PRO A 67 6.02 41.04 -21.24
N GLY A 68 6.84 41.85 -20.57
CA GLY A 68 6.92 43.26 -20.88
C GLY A 68 6.12 44.13 -19.92
N GLU A 69 5.03 43.56 -19.40
CA GLU A 69 4.16 44.27 -18.46
C GLU A 69 4.89 44.56 -17.15
N PRO A 70 4.54 45.68 -16.49
CA PRO A 70 5.22 46.14 -15.28
C PRO A 70 4.95 45.28 -14.05
N VAL A 71 5.89 45.32 -13.10
CA VAL A 71 5.70 44.68 -11.79
C VAL A 71 6.16 45.63 -10.69
N ARG A 72 5.20 46.14 -9.90
CA ARG A 72 5.52 47.09 -8.85
C ARG A 72 5.49 46.41 -7.48
N SER A 73 6.56 46.60 -6.71
CA SER A 73 6.67 46.01 -5.39
C SER A 73 6.07 46.94 -4.33
N THR A 74 5.39 46.35 -3.35
CA THR A 74 4.77 47.13 -2.28
C THR A 74 5.79 47.54 -1.23
N GLY A 75 6.95 46.88 -1.24
CA GLY A 75 8.01 47.19 -0.32
C GLY A 75 7.89 46.47 1.01
N GLU A 76 6.76 45.81 1.22
CA GLU A 76 6.50 45.12 2.46
C GLU A 76 5.92 43.72 2.23
N ALA A 77 6.07 42.85 3.22
CA ALA A 77 5.44 41.54 3.16
C ALA A 77 3.96 41.67 3.50
N LEU A 78 3.22 40.58 3.39
CA LEU A 78 1.78 40.59 3.66
C LEU A 78 1.47 41.07 5.07
N SER A 79 0.79 42.21 5.16
CA SER A 79 0.49 42.81 6.45
C SER A 79 -1.00 43.12 6.59
N VAL A 80 -1.36 43.78 7.70
CA VAL A 80 -2.73 44.23 7.92
C VAL A 80 -2.76 45.63 8.50
N GLU A 81 -3.87 46.33 8.32
CA GLU A 81 -4.04 47.65 8.92
C GLU A 81 -4.71 47.52 10.28
N LEU A 82 -4.03 48.01 11.32
CA LEU A 82 -4.55 47.93 12.68
C LEU A 82 -4.86 49.30 13.24
N GLY A 83 -6.15 49.60 13.37
CA GLY A 83 -6.61 50.87 13.90
C GLY A 83 -8.12 50.94 13.92
N PRO A 84 -8.68 52.09 14.33
CA PRO A 84 -10.12 52.30 14.39
C PRO A 84 -10.79 52.05 13.03
N GLY A 85 -11.89 51.31 13.05
CA GLY A 85 -12.62 50.99 11.83
C GLY A 85 -12.46 49.55 11.40
N ILE A 86 -11.84 48.74 12.25
CA ILE A 86 -11.60 47.34 11.94
C ILE A 86 -12.72 46.45 12.48
N ILE A 87 -13.27 46.81 13.62
CA ILE A 87 -14.30 46.02 14.27
C ILE A 87 -15.63 46.16 13.52
N SER A 88 -16.45 45.12 13.60
CA SER A 88 -17.74 45.07 12.89
C SER A 88 -17.52 45.15 11.38
N GLN A 89 -16.49 44.45 10.91
CA GLN A 89 -16.18 44.43 9.48
C GLN A 89 -15.90 43.02 8.97
N MET A 90 -16.19 42.79 7.69
CA MET A 90 -15.98 41.49 7.08
C MET A 90 -15.03 41.58 5.90
N PHE A 91 -13.85 40.98 6.03
CA PHE A 91 -12.87 40.96 4.96
C PHE A 91 -12.61 39.55 4.46
N ASP A 92 -11.71 39.43 3.49
CA ASP A 92 -11.24 38.14 3.04
C ASP A 92 -9.97 37.76 3.81
N GLY A 93 -9.20 36.84 3.26
CA GLY A 93 -7.98 36.37 3.91
C GLY A 93 -6.90 37.43 3.99
N ILE A 94 -6.89 38.36 3.05
CA ILE A 94 -5.86 39.40 3.01
C ILE A 94 -6.40 40.77 3.39
N GLN A 95 -7.47 40.77 4.17
CA GLN A 95 -8.08 41.98 4.71
C GLN A 95 -8.59 42.94 3.63
N ARG A 96 -9.53 42.47 2.83
CA ARG A 96 -10.24 43.32 1.88
C ARG A 96 -11.70 43.45 2.28
N PRO A 97 -12.13 44.65 2.65
CA PRO A 97 -13.51 44.92 3.10
C PRO A 97 -14.52 44.55 2.03
N LEU A 98 -15.30 43.50 2.27
CA LEU A 98 -16.21 42.96 1.27
C LEU A 98 -17.36 43.91 0.94
N ASP A 99 -17.83 44.66 1.94
CA ASP A 99 -18.92 45.60 1.70
C ASP A 99 -18.41 46.86 1.02
N THR A 100 -17.21 47.31 1.42
CA THR A 100 -16.57 48.46 0.78
C THR A 100 -16.19 48.09 -0.64
N PHE A 101 -15.77 46.84 -0.82
CA PHE A 101 -15.44 46.30 -2.14
C PHE A 101 -16.63 46.48 -3.08
N MET A 102 -17.80 46.06 -2.62
CA MET A 102 -19.02 46.13 -3.42
C MET A 102 -19.44 47.55 -3.75
N GLU A 103 -19.27 48.46 -2.79
CA GLU A 103 -19.72 49.84 -2.95
C GLU A 103 -18.96 50.57 -4.05
N VAL A 104 -17.64 50.50 -4.03
CA VAL A 104 -16.82 51.21 -5.00
C VAL A 104 -16.83 50.53 -6.38
N THR A 105 -16.57 49.23 -6.40
CA THR A 105 -16.48 48.51 -7.68
C THR A 105 -17.84 48.31 -8.32
N GLN A 106 -18.89 48.59 -7.55
CA GLN A 106 -20.28 48.51 -8.03
C GLN A 106 -20.61 47.14 -8.60
N SER A 107 -20.09 46.10 -7.98
CA SER A 107 -20.31 44.73 -8.45
C SER A 107 -20.55 43.76 -7.30
N ASN A 108 -21.23 42.67 -7.59
CA ASN A 108 -21.43 41.60 -6.61
C ASN A 108 -20.30 40.57 -6.69
N PHE A 109 -19.29 40.87 -7.49
CA PHE A 109 -18.19 39.95 -7.73
C PHE A 109 -16.86 40.45 -7.18
N LEU A 110 -15.83 39.62 -7.31
CA LEU A 110 -14.47 40.01 -6.95
C LEU A 110 -13.60 40.01 -8.21
N GLY A 111 -13.26 41.21 -8.69
CA GLY A 111 -12.48 41.35 -9.89
C GLY A 111 -10.98 41.29 -9.64
N ARG A 112 -10.22 40.98 -10.68
CA ARG A 112 -8.76 40.91 -10.57
C ARG A 112 -8.15 42.29 -10.50
N GLY A 113 -7.02 42.40 -9.80
CA GLY A 113 -6.28 43.64 -9.71
C GLY A 113 -7.02 44.76 -9.00
N VAL A 114 -7.97 44.40 -8.13
CA VAL A 114 -8.69 45.39 -7.35
C VAL A 114 -8.07 45.57 -5.97
N GLN A 115 -7.31 46.65 -5.80
CA GLN A 115 -6.72 46.97 -4.51
C GLN A 115 -7.42 48.17 -3.89
N LEU A 116 -7.68 48.07 -2.59
CA LEU A 116 -8.35 49.14 -1.86
C LEU A 116 -8.02 49.03 -0.37
N PRO A 117 -8.01 50.16 0.34
CA PRO A 117 -7.64 50.13 1.76
C PRO A 117 -8.58 49.29 2.60
N ALA A 118 -8.06 48.74 3.70
CA ALA A 118 -8.83 47.86 4.56
C ALA A 118 -9.70 48.64 5.53
N LEU A 119 -9.12 49.65 6.17
CA LEU A 119 -9.87 50.49 7.09
C LEU A 119 -10.42 51.69 6.35
N ASP A 120 -11.29 52.45 7.00
CA ASP A 120 -11.83 53.66 6.39
C ASP A 120 -10.94 54.84 6.75
N HIS A 121 -10.29 55.40 5.74
CA HIS A 121 -9.31 56.46 5.94
C HIS A 121 -9.96 57.84 5.89
N GLU A 122 -11.18 57.88 5.35
CA GLU A 122 -11.92 59.14 5.23
C GLU A 122 -12.79 59.36 6.46
N LYS A 123 -13.13 58.29 7.15
CA LYS A 123 -13.95 58.38 8.36
C LYS A 123 -13.21 59.12 9.46
N GLN A 124 -13.92 59.99 10.16
CA GLN A 124 -13.33 60.76 11.26
C GLN A 124 -13.76 60.24 12.62
N TRP A 125 -12.78 60.11 13.52
CA TRP A 125 -13.04 59.63 14.87
C TRP A 125 -12.66 60.71 15.88
N TRP A 126 -13.26 60.64 17.06
CA TRP A 126 -12.91 61.56 18.13
C TRP A 126 -11.90 60.92 19.07
N PHE A 127 -10.67 61.41 19.03
CA PHE A 127 -9.59 60.89 19.86
C PHE A 127 -9.57 61.59 21.21
N GLU A 128 -9.31 60.84 22.27
CA GLU A 128 -9.26 61.39 23.62
C GLU A 128 -7.91 61.11 24.28
N ALA A 129 -7.04 62.11 24.29
CA ALA A 129 -5.68 61.97 24.81
C ALA A 129 -5.65 61.77 26.32
N THR A 130 -5.22 60.59 26.75
CA THR A 130 -5.09 60.29 28.17
C THR A 130 -3.63 60.45 28.61
N ILE A 131 -2.74 60.54 27.65
CA ILE A 131 -1.32 60.71 27.93
C ILE A 131 -0.97 62.19 28.08
N GLU A 132 -0.04 62.48 28.98
CA GLU A 132 0.36 63.86 29.25
C GLU A 132 1.70 64.17 28.58
N GLU A 133 1.78 65.32 27.93
CA GLU A 133 3.00 65.74 27.24
C GLU A 133 4.16 65.89 28.22
N GLY A 134 5.29 65.28 27.88
CA GLY A 134 6.47 65.35 28.72
C GLY A 134 6.98 63.99 29.14
N THR A 135 6.06 63.07 29.42
CA THR A 135 6.42 61.72 29.83
C THR A 135 7.09 60.97 28.69
N GLU A 136 7.93 60.01 29.04
CA GLU A 136 8.58 59.17 28.03
C GLU A 136 7.83 57.86 27.89
N VAL A 137 7.48 57.52 26.65
CA VAL A 137 6.66 56.35 26.38
C VAL A 137 7.50 55.18 25.84
N SER A 138 6.94 53.98 25.94
CA SER A 138 7.55 52.79 25.39
C SER A 138 6.59 52.11 24.43
N ALA A 139 7.01 50.99 23.87
CA ALA A 139 6.17 50.25 22.92
C ALA A 139 4.96 49.64 23.64
N GLY A 140 3.77 50.02 23.20
CA GLY A 140 2.54 49.46 23.74
C GLY A 140 1.79 50.39 24.67
N ASP A 141 2.48 51.42 25.18
CA ASP A 141 1.87 52.37 26.10
C ASP A 141 0.71 53.13 25.45
N ILE A 142 -0.44 53.11 26.11
CA ILE A 142 -1.63 53.78 25.60
C ILE A 142 -1.48 55.30 25.71
N ILE A 143 -1.80 56.00 24.63
CA ILE A 143 -1.70 57.44 24.58
C ILE A 143 -3.08 58.10 24.69
N GLY A 144 -4.10 57.34 24.27
CA GLY A 144 -5.47 57.82 24.28
C GLY A 144 -6.38 56.74 23.73
N TYR A 145 -7.66 57.05 23.60
CA TYR A 145 -8.61 56.04 23.14
C TYR A 145 -9.74 56.60 22.28
N VAL A 146 -10.30 55.73 21.44
CA VAL A 146 -11.45 56.07 20.61
C VAL A 146 -12.53 55.02 20.74
N ASP A 147 -13.71 55.41 21.22
CA ASP A 147 -14.82 54.49 21.37
C ASP A 147 -15.37 54.11 20.00
N GLU A 148 -14.72 53.15 19.36
CA GLU A 148 -15.16 52.65 18.05
C GLU A 148 -16.61 52.19 18.13
N THR A 149 -16.83 51.06 18.81
CA THR A 149 -18.17 50.61 19.12
C THR A 149 -18.21 50.02 20.53
N LYS A 150 -18.79 50.74 21.49
CA LYS A 150 -19.12 50.15 22.78
C LYS A 150 -19.99 48.95 22.48
N ILE A 151 -19.67 47.75 22.99
CA ILE A 151 -18.79 47.51 24.13
C ILE A 151 -17.29 47.81 24.04
N ILE A 152 -16.75 47.98 22.83
CA ILE A 152 -15.29 48.11 22.71
C ILE A 152 -14.78 49.54 22.66
N GLN A 153 -13.81 49.82 23.54
CA GLN A 153 -13.03 51.04 23.50
C GLN A 153 -11.70 50.78 22.80
N HIS A 154 -11.57 51.27 21.57
CA HIS A 154 -10.36 51.03 20.78
C HIS A 154 -9.19 51.84 21.34
N LYS A 155 -8.38 51.20 22.16
CA LYS A 155 -7.26 51.86 22.82
C LYS A 155 -6.06 52.02 21.89
N ILE A 156 -5.84 53.25 21.43
CA ILE A 156 -4.68 53.56 20.61
C ILE A 156 -3.41 53.55 21.46
N MET A 157 -2.40 52.84 20.99
CA MET A 157 -1.16 52.68 21.76
C MET A 157 0.08 52.84 20.88
N VAL A 158 1.22 53.04 21.52
CA VAL A 158 2.48 53.28 20.82
C VAL A 158 2.98 52.02 20.11
N PRO A 159 3.22 52.13 18.80
CA PRO A 159 3.74 51.04 17.96
C PRO A 159 5.14 50.58 18.39
N ASN A 160 5.58 49.45 17.87
CA ASN A 160 6.92 48.93 18.15
C ASN A 160 7.99 49.69 17.38
N GLY A 161 9.21 49.69 17.91
CA GLY A 161 10.34 50.30 17.23
C GLY A 161 10.52 51.78 17.52
N ILE A 162 9.67 52.33 18.38
CA ILE A 162 9.75 53.75 18.73
C ILE A 162 9.56 53.98 20.23
N LYS A 163 10.33 54.92 20.77
CA LYS A 163 10.18 55.33 22.16
C LYS A 163 10.90 56.65 22.42
N GLY A 164 10.39 57.42 23.39
CA GLY A 164 10.94 58.72 23.71
C GLY A 164 9.91 59.58 24.42
N THR A 165 10.24 60.85 24.62
CA THR A 165 9.33 61.77 25.29
C THR A 165 8.31 62.36 24.33
N VAL A 166 7.04 62.39 24.74
CA VAL A 166 5.98 62.97 23.93
C VAL A 166 5.89 64.48 24.16
N GLN A 167 5.85 65.24 23.08
CA GLN A 167 5.85 66.70 23.17
C GLN A 167 4.50 67.31 22.79
N LYS A 168 3.99 66.95 21.62
CA LYS A 168 2.76 67.55 21.11
C LYS A 168 1.59 66.57 21.13
N ILE A 169 0.53 66.95 21.86
CA ILE A 169 -0.67 66.11 21.97
C ILE A 169 -1.83 66.79 22.71
N GLU A 170 -3.00 66.75 22.10
CA GLU A 170 -4.28 66.91 22.82
C GLU A 170 -5.43 66.45 21.94
N SER A 171 -6.57 66.19 22.57
CA SER A 171 -7.71 65.53 21.93
C SER A 171 -8.33 66.33 20.80
N GLY A 172 -9.30 65.71 20.11
CA GLY A 172 -9.99 66.34 18.99
C GLY A 172 -10.49 65.32 17.99
N SER A 173 -11.00 65.80 16.86
CA SER A 173 -11.51 64.92 15.82
C SER A 173 -10.51 64.79 14.68
N PHE A 174 -10.02 63.57 14.45
CA PHE A 174 -9.04 63.31 13.40
C PHE A 174 -9.43 62.10 12.57
N THR A 175 -8.61 61.79 11.58
CA THR A 175 -8.72 60.52 10.85
C THR A 175 -7.43 59.74 11.07
N ILE A 176 -7.37 58.53 10.55
CA ILE A 176 -6.23 57.65 10.83
C ILE A 176 -4.93 58.15 10.23
N ASP A 177 -5.01 58.97 9.20
CA ASP A 177 -3.81 59.48 8.54
C ASP A 177 -3.26 60.70 9.25
N ASP A 178 -4.12 61.39 10.01
CA ASP A 178 -3.72 62.58 10.75
C ASP A 178 -2.81 62.23 11.92
N PRO A 179 -1.61 62.84 11.95
CA PRO A 179 -0.69 62.67 13.07
C PRO A 179 -1.24 63.26 14.36
N ILE A 180 -1.81 62.40 15.20
CA ILE A 180 -2.46 62.87 16.42
C ILE A 180 -1.48 63.02 17.58
N CYS A 181 -0.23 62.64 17.36
CA CYS A 181 0.77 62.72 18.42
C CYS A 181 2.19 62.85 17.88
N VAL A 182 3.09 63.35 18.73
CA VAL A 182 4.48 63.54 18.34
C VAL A 182 5.44 63.04 19.41
N ILE A 183 6.29 62.09 19.03
CA ILE A 183 7.31 61.57 19.94
C ILE A 183 8.70 62.01 19.46
N GLU A 184 9.62 62.20 20.41
CA GLU A 184 10.96 62.68 20.08
C GLU A 184 12.03 61.67 20.45
N THR A 185 12.15 60.61 19.65
CA THR A 185 13.22 59.64 19.84
C THR A 185 14.56 60.28 19.49
N GLU A 186 15.65 59.70 19.97
CA GLU A 186 16.98 60.27 19.75
C GLU A 186 17.38 60.20 18.29
N GLN A 187 16.67 59.39 17.51
CA GLN A 187 16.91 59.30 16.07
C GLN A 187 16.41 60.55 15.39
N GLY A 188 15.25 61.04 15.82
CA GLY A 188 14.64 62.22 15.26
C GLY A 188 13.24 62.43 15.77
N LEU A 189 12.48 63.32 15.14
CA LEU A 189 11.12 63.60 15.57
C LEU A 189 10.10 62.91 14.65
N LYS A 190 9.61 61.76 15.08
CA LYS A 190 8.65 61.00 14.28
C LYS A 190 7.24 61.11 14.84
N GLU A 191 6.29 61.50 13.97
CA GLU A 191 4.89 61.61 14.36
C GLU A 191 4.20 60.25 14.26
N LEU A 192 3.18 60.03 15.08
CA LEU A 192 2.50 58.75 15.11
C LEU A 192 1.02 58.88 14.75
N THR A 193 0.60 58.14 13.73
CA THR A 193 -0.79 58.08 13.35
C THR A 193 -1.51 57.10 14.26
N MET A 194 -2.84 57.13 14.25
CA MET A 194 -3.62 56.24 15.11
C MET A 194 -3.89 54.89 14.45
N MET A 195 -3.13 54.59 13.39
CA MET A 195 -3.17 53.28 12.77
C MET A 195 -1.76 52.75 12.55
N GLN A 196 -1.55 51.48 12.87
CA GLN A 196 -0.25 50.84 12.64
C GLN A 196 -0.41 49.59 11.79
N LYS A 197 0.58 49.31 10.95
CA LYS A 197 0.56 48.12 10.10
C LYS A 197 1.52 47.07 10.63
N TRP A 198 1.15 45.80 10.47
CA TRP A 198 1.94 44.70 11.02
C TRP A 198 1.85 43.45 10.15
N PRO A 199 3.00 42.81 9.90
CA PRO A 199 3.08 41.56 9.12
C PRO A 199 2.30 40.42 9.77
N VAL A 200 1.65 39.59 8.94
CA VAL A 200 0.76 38.57 9.47
C VAL A 200 1.48 37.27 9.83
N ARG A 201 2.67 37.06 9.31
CA ARG A 201 3.43 35.84 9.58
C ARG A 201 4.48 36.07 10.66
N ARG A 202 4.33 37.17 11.38
CA ARG A 202 5.19 37.48 12.52
C ARG A 202 4.36 37.89 13.72
N GLY A 203 4.56 37.20 14.84
CA GLY A 203 3.80 37.48 16.04
C GLY A 203 4.16 38.80 16.68
N ARG A 204 3.15 39.48 17.24
CA ARG A 204 3.39 40.74 17.92
C ARG A 204 4.14 40.53 19.22
N PRO A 205 5.17 41.34 19.47
CA PRO A 205 6.05 41.21 20.64
C PRO A 205 5.31 41.34 21.96
N ILE A 206 5.78 40.63 22.98
CA ILE A 206 5.22 40.72 24.32
C ILE A 206 6.34 40.84 25.35
N LYS A 207 5.97 41.07 26.60
CA LYS A 207 6.95 41.14 27.68
C LYS A 207 7.23 39.75 28.24
N GLN A 208 6.18 38.94 28.34
CA GLN A 208 6.27 37.61 28.92
C GLN A 208 5.02 36.80 28.64
N LYS A 209 5.20 35.52 28.31
CA LYS A 209 4.06 34.63 28.14
C LYS A 209 3.80 33.88 29.43
N LEU A 210 2.52 33.78 29.81
CA LEU A 210 2.14 33.12 31.04
C LEU A 210 1.27 31.89 30.78
N ASN A 211 1.00 31.13 31.83
CA ASN A 211 0.16 29.95 31.72
C ASN A 211 -1.32 30.31 31.75
N PRO A 212 -2.10 29.74 30.81
CA PRO A 212 -3.55 29.91 30.86
C PRO A 212 -4.16 29.08 32.00
N ASP A 213 -4.38 29.72 33.13
CA ASP A 213 -4.82 29.02 34.34
C ASP A 213 -6.22 29.44 34.78
N VAL A 214 -6.76 30.46 34.14
CA VAL A 214 -8.08 30.97 34.50
C VAL A 214 -9.15 30.48 33.52
N PRO A 215 -10.07 29.63 34.01
CA PRO A 215 -11.18 29.05 33.25
C PRO A 215 -12.05 30.10 32.56
N MET A 216 -12.53 29.76 31.37
CA MET A 216 -13.41 30.64 30.62
C MET A 216 -14.86 30.20 30.80
N ILE A 217 -15.70 31.10 31.32
CA ILE A 217 -17.10 30.78 31.56
C ILE A 217 -17.91 30.81 30.27
N THR A 218 -18.20 29.64 29.73
CA THR A 218 -19.03 29.52 28.54
C THR A 218 -20.48 29.31 28.95
N GLY A 219 -20.69 28.56 30.02
CA GLY A 219 -22.03 28.27 30.50
C GLY A 219 -22.53 26.93 30.02
N GLN A 220 -21.87 26.40 28.99
CA GLN A 220 -22.19 25.06 28.50
C GLN A 220 -21.61 24.02 29.44
N ARG A 221 -22.50 23.28 30.11
CA ARG A 221 -22.14 22.36 31.18
C ARG A 221 -21.09 21.32 30.78
N VAL A 222 -21.32 20.65 29.66
CA VAL A 222 -20.44 19.60 29.19
C VAL A 222 -19.00 20.10 29.04
N ILE A 223 -18.85 21.36 28.65
CA ILE A 223 -17.52 21.95 28.51
C ILE A 223 -16.91 22.28 29.88
N ASP A 224 -17.44 23.30 30.54
CA ASP A 224 -16.80 23.89 31.72
C ASP A 224 -16.52 22.90 32.86
N THR A 225 -17.31 21.83 32.92
CA THR A 225 -17.15 20.88 34.01
C THR A 225 -16.10 19.81 33.71
N PHE A 226 -16.29 19.08 32.62
CA PHE A 226 -15.42 17.95 32.30
C PHE A 226 -14.27 18.35 31.39
N PHE A 227 -14.53 19.25 30.45
CA PHE A 227 -13.51 19.65 29.47
C PHE A 227 -13.35 21.17 29.36
N PRO A 228 -12.89 21.82 30.45
CA PRO A 228 -12.79 23.28 30.45
C PRO A 228 -11.61 23.80 29.63
N VAL A 229 -11.78 25.00 29.06
CA VAL A 229 -10.70 25.66 28.36
C VAL A 229 -10.42 27.01 29.04
N THR A 230 -9.17 27.22 29.43
CA THR A 230 -8.78 28.44 30.14
C THR A 230 -8.56 29.60 29.17
N LYS A 231 -8.49 30.80 29.71
CA LYS A 231 -8.22 31.99 28.91
C LYS A 231 -6.79 31.95 28.38
N GLY A 232 -6.65 31.58 27.11
CA GLY A 232 -5.35 31.45 26.50
C GLY A 232 -5.09 30.03 26.05
N GLY A 233 -6.04 29.15 26.33
CA GLY A 233 -5.94 27.77 25.91
C GLY A 233 -6.28 27.60 24.44
N ALA A 234 -6.28 26.35 23.98
CA ALA A 234 -6.63 26.05 22.59
C ALA A 234 -7.43 24.76 22.51
N ALA A 235 -8.47 24.77 21.67
CA ALA A 235 -9.37 23.62 21.57
C ALA A 235 -9.65 23.24 20.12
N ALA A 236 -9.58 21.94 19.84
CA ALA A 236 -9.87 21.42 18.50
C ALA A 236 -11.22 20.74 18.47
N VAL A 237 -12.05 21.09 17.49
CA VAL A 237 -13.37 20.49 17.34
C VAL A 237 -13.60 19.92 15.94
N PRO A 238 -13.81 18.59 15.86
CA PRO A 238 -14.15 17.97 14.58
C PRO A 238 -15.66 18.03 14.34
N GLY A 239 -16.07 18.69 13.26
CA GLY A 239 -17.48 18.87 12.98
C GLY A 239 -18.00 18.17 11.74
N PRO A 240 -18.47 16.93 11.91
CA PRO A 240 -19.19 16.26 10.82
C PRO A 240 -20.55 16.92 10.64
N PHE A 241 -21.20 16.70 9.51
CA PHE A 241 -22.51 17.31 9.28
C PHE A 241 -23.56 16.68 10.19
N GLY A 242 -24.46 17.51 10.70
CA GLY A 242 -25.54 17.04 11.55
C GLY A 242 -25.24 17.19 13.03
N ALA A 243 -23.97 17.28 13.38
CA ALA A 243 -23.55 17.38 14.79
C ALA A 243 -23.89 18.75 15.37
N GLY A 244 -24.28 19.68 14.52
CA GLY A 244 -24.64 21.02 14.96
C GLY A 244 -23.43 21.78 15.49
N LYS A 245 -22.34 21.74 14.75
CA LYS A 245 -21.12 22.43 15.14
C LYS A 245 -21.33 23.95 15.15
N THR A 246 -22.21 24.42 14.28
CA THR A 246 -22.46 25.85 14.15
C THR A 246 -23.14 26.40 15.39
N VAL A 247 -24.06 25.61 15.94
CA VAL A 247 -24.76 25.96 17.16
C VAL A 247 -23.78 26.14 18.32
N VAL A 248 -22.79 25.26 18.38
CA VAL A 248 -21.78 25.30 19.42
C VAL A 248 -20.92 26.56 19.31
N GLN A 249 -20.48 26.87 18.10
CA GLN A 249 -19.63 28.03 17.85
C GLN A 249 -20.31 29.33 18.25
N HIS A 250 -21.58 29.45 17.93
CA HIS A 250 -22.36 30.65 18.25
C HIS A 250 -22.44 30.87 19.75
N GLN A 251 -22.79 29.81 20.48
CA GLN A 251 -22.90 29.88 21.94
C GLN A 251 -21.55 30.26 22.57
N ILE A 252 -20.48 29.69 22.02
CA ILE A 252 -19.13 30.03 22.47
C ILE A 252 -18.84 31.50 22.26
N ALA A 253 -19.20 32.01 21.08
CA ALA A 253 -18.93 33.40 20.72
C ALA A 253 -19.69 34.39 21.58
N LYS A 254 -20.88 34.01 22.01
CA LYS A 254 -21.78 34.94 22.71
C LYS A 254 -21.62 34.91 24.23
N TRP A 255 -21.60 33.72 24.82
CA TRP A 255 -21.66 33.58 26.27
C TRP A 255 -20.29 33.65 26.95
N SER A 256 -19.24 33.28 26.24
CA SER A 256 -17.89 33.26 26.82
C SER A 256 -17.46 34.64 27.27
N ASP A 257 -16.85 34.71 28.45
CA ASP A 257 -16.44 35.98 29.04
C ASP A 257 -15.18 36.53 28.38
N VAL A 258 -15.25 36.76 27.07
CA VAL A 258 -14.15 37.39 26.34
C VAL A 258 -14.58 38.77 25.88
N ASP A 259 -13.60 39.60 25.54
CA ASP A 259 -13.87 41.00 25.18
C ASP A 259 -14.15 41.15 23.69
N LEU A 260 -13.41 40.42 22.86
CA LEU A 260 -13.65 40.44 21.42
C LEU A 260 -13.71 39.03 20.85
N VAL A 261 -14.19 38.92 19.61
CA VAL A 261 -14.27 37.65 18.91
C VAL A 261 -13.75 37.81 17.49
N VAL A 262 -12.89 36.90 17.06
CA VAL A 262 -12.38 36.91 15.70
C VAL A 262 -12.77 35.63 14.97
N TYR A 263 -13.61 35.74 13.96
CA TYR A 263 -14.02 34.57 13.19
C TYR A 263 -13.22 34.48 11.90
N VAL A 264 -12.69 33.29 11.63
CA VAL A 264 -11.91 33.07 10.42
C VAL A 264 -12.48 31.91 9.61
N GLY A 265 -13.17 32.24 8.52
CA GLY A 265 -13.66 31.21 7.62
C GLY A 265 -12.65 30.92 6.53
N CYS A 266 -12.07 29.72 6.54
CA CYS A 266 -11.02 29.39 5.60
C CYS A 266 -11.45 28.41 4.52
N GLY A 267 -11.61 28.92 3.30
CA GLY A 267 -11.87 28.09 2.14
C GLY A 267 -13.05 27.16 2.28
N GLU A 268 -14.14 27.68 2.84
CA GLU A 268 -15.34 26.89 3.06
C GLU A 268 -16.30 27.00 1.88
N ARG A 269 -17.37 26.20 1.92
CA ARG A 269 -18.37 26.21 0.86
C ARG A 269 -19.03 27.57 0.75
N GLY A 270 -19.53 27.88 -0.45
CA GLY A 270 -20.29 29.09 -0.67
C GLY A 270 -21.60 29.05 0.09
N ASN A 271 -22.18 27.86 0.20
CA ASN A 271 -23.42 27.66 0.94
C ASN A 271 -23.18 27.31 2.41
N GLU A 272 -22.06 27.80 2.93
CA GLU A 272 -21.76 27.67 4.36
C GLU A 272 -21.19 28.98 4.90
N MET A 273 -20.69 29.81 4.00
CA MET A 273 -19.97 31.01 4.38
C MET A 273 -20.89 32.20 4.63
N THR A 274 -21.96 32.32 3.85
CA THR A 274 -22.88 33.44 4.02
C THR A 274 -23.83 33.15 5.18
N ASP A 275 -23.87 31.90 5.61
CA ASP A 275 -24.56 31.53 6.84
C ASP A 275 -23.82 32.20 7.98
N VAL A 276 -22.50 32.00 8.00
CA VAL A 276 -21.62 32.68 8.94
C VAL A 276 -21.80 34.19 8.85
N VAL A 277 -21.89 34.70 7.63
CA VAL A 277 -22.01 36.13 7.40
C VAL A 277 -23.31 36.72 7.94
N ASN A 278 -24.44 36.10 7.60
CA ASN A 278 -25.75 36.68 7.93
C ASN A 278 -26.30 36.28 9.29
N GLU A 279 -25.91 35.13 9.81
CA GLU A 279 -26.45 34.65 11.08
C GLU A 279 -25.73 35.28 12.28
N PHE A 280 -24.59 35.90 12.04
CA PHE A 280 -23.77 36.44 13.13
C PHE A 280 -24.22 37.81 13.65
N PRO A 281 -24.68 38.73 12.77
CA PRO A 281 -25.30 39.92 13.36
C PRO A 281 -26.59 39.59 14.11
N GLU A 282 -27.20 38.46 13.76
CA GLU A 282 -28.40 38.00 14.43
C GLU A 282 -28.11 37.58 15.87
N LEU A 283 -26.85 37.23 16.15
CA LEU A 283 -26.44 36.94 17.52
C LEU A 283 -26.50 38.21 18.35
N ILE A 284 -26.85 38.07 19.63
CA ILE A 284 -27.01 39.22 20.49
C ILE A 284 -26.09 39.10 21.72
N ASP A 285 -25.47 40.22 22.10
CA ASP A 285 -24.55 40.24 23.23
C ASP A 285 -25.31 40.48 24.52
N PRO A 286 -25.31 39.47 25.42
CA PRO A 286 -26.09 39.46 26.67
C PRO A 286 -25.88 40.71 27.53
N ASN A 287 -24.63 41.08 27.77
CA ASN A 287 -24.32 42.18 28.68
C ASN A 287 -24.82 43.54 28.20
N THR A 288 -24.98 43.70 26.88
CA THR A 288 -25.40 44.98 26.33
C THR A 288 -26.75 44.88 25.61
N GLY A 289 -27.13 43.66 25.21
CA GLY A 289 -28.38 43.45 24.52
C GLY A 289 -28.37 43.89 23.07
N GLU A 290 -27.18 44.18 22.55
CA GLU A 290 -27.03 44.58 21.16
C GLU A 290 -26.35 43.46 20.36
N SER A 291 -26.31 43.61 19.03
CA SER A 291 -25.77 42.59 18.15
C SER A 291 -24.32 42.27 18.45
N LEU A 292 -23.92 41.03 18.21
CA LEU A 292 -22.59 40.56 18.55
C LEU A 292 -21.53 41.12 17.61
N MET A 293 -21.94 41.54 16.42
CA MET A 293 -21.00 42.05 15.42
C MET A 293 -20.31 43.34 15.87
N GLU A 294 -20.87 44.00 16.87
CA GLU A 294 -20.24 45.18 17.45
C GLU A 294 -19.08 44.77 18.34
N ARG A 295 -18.83 43.46 18.40
CA ARG A 295 -17.83 42.88 19.28
C ARG A 295 -16.93 41.93 18.49
N THR A 296 -17.21 41.80 17.20
CA THR A 296 -16.58 40.75 16.40
C THR A 296 -15.96 41.23 15.09
N VAL A 297 -14.71 40.83 14.85
CA VAL A 297 -14.06 41.01 13.55
C VAL A 297 -14.13 39.70 12.77
N LEU A 298 -14.61 39.75 11.53
CA LEU A 298 -14.85 38.53 10.77
C LEU A 298 -14.02 38.44 9.50
N ILE A 299 -13.40 37.27 9.29
CA ILE A 299 -12.68 36.97 8.07
C ILE A 299 -13.43 35.87 7.32
N ALA A 300 -13.77 36.13 6.06
CA ALA A 300 -14.55 35.19 5.28
C ALA A 300 -13.89 34.85 3.95
N ASN A 301 -13.77 33.56 3.66
CA ASN A 301 -13.29 33.12 2.36
C ASN A 301 -14.00 31.87 1.89
N THR A 302 -14.08 31.71 0.58
CA THR A 302 -14.72 30.54 0.00
C THR A 302 -13.72 29.66 -0.74
N SER A 303 -14.14 28.45 -1.08
CA SER A 303 -13.25 27.45 -1.66
C SER A 303 -12.75 27.82 -3.06
N ASN A 304 -13.39 28.81 -3.68
CA ASN A 304 -12.99 29.25 -5.02
C ASN A 304 -12.22 30.56 -5.00
N MET A 305 -12.10 31.16 -3.82
CA MET A 305 -11.32 32.38 -3.64
C MET A 305 -9.82 32.05 -3.76
N PRO A 306 -8.98 33.07 -4.04
CA PRO A 306 -7.53 32.87 -4.20
C PRO A 306 -6.90 31.99 -3.13
N VAL A 307 -6.05 31.07 -3.56
CA VAL A 307 -5.49 30.04 -2.68
C VAL A 307 -4.68 30.62 -1.52
N ALA A 308 -4.12 31.80 -1.71
CA ALA A 308 -3.31 32.44 -0.67
C ALA A 308 -4.18 33.06 0.41
N ALA A 309 -5.27 33.70 0.00
CA ALA A 309 -6.22 34.28 0.94
C ALA A 309 -6.71 33.20 1.89
N ARG A 310 -6.82 31.99 1.36
CA ARG A 310 -7.28 30.85 2.14
C ARG A 310 -6.21 30.40 3.12
N GLU A 311 -4.97 30.50 2.69
CA GLU A 311 -3.84 30.09 3.51
C GLU A 311 -3.48 31.17 4.53
N ALA A 312 -3.59 32.43 4.12
CA ALA A 312 -3.23 33.54 4.97
C ALA A 312 -4.39 33.99 5.87
N SER A 313 -5.48 33.23 5.82
CA SER A 313 -6.68 33.56 6.57
C SER A 313 -6.45 33.58 8.07
N ILE A 314 -5.97 32.46 8.62
CA ILE A 314 -5.81 32.32 10.06
C ILE A 314 -4.71 33.20 10.61
N TYR A 315 -3.77 33.62 9.75
CA TYR A 315 -2.68 34.48 10.16
C TYR A 315 -3.13 35.92 10.24
N THR A 316 -4.05 36.29 9.36
CA THR A 316 -4.65 37.62 9.39
C THR A 316 -5.45 37.80 10.69
N GLY A 317 -6.28 36.81 11.00
CA GLY A 317 -7.12 36.86 12.17
C GLY A 317 -6.33 36.84 13.48
N ILE A 318 -5.28 36.04 13.53
CA ILE A 318 -4.49 35.91 14.75
C ILE A 318 -3.65 37.16 14.99
N THR A 319 -3.35 37.89 13.91
CA THR A 319 -2.60 39.13 14.02
C THR A 319 -3.50 40.22 14.58
N ILE A 320 -4.74 40.25 14.10
CA ILE A 320 -5.73 41.19 14.60
C ILE A 320 -6.07 40.86 16.05
N ALA A 321 -6.07 39.56 16.37
CA ALA A 321 -6.32 39.10 17.73
C ALA A 321 -5.20 39.55 18.66
N GLU A 322 -3.97 39.46 18.18
CA GLU A 322 -2.80 39.89 18.96
C GLU A 322 -2.82 41.40 19.19
N TYR A 323 -3.48 42.12 18.29
CA TYR A 323 -3.57 43.57 18.38
C TYR A 323 -4.43 44.00 19.58
N PHE A 324 -5.63 43.42 19.69
CA PHE A 324 -6.51 43.72 20.81
C PHE A 324 -5.99 43.05 22.09
N ARG A 325 -5.20 42.00 21.92
CA ARG A 325 -4.56 41.33 23.04
C ARG A 325 -3.59 42.28 23.73
N ASP A 326 -2.91 43.11 22.95
CA ASP A 326 -1.94 44.06 23.48
C ASP A 326 -2.64 45.23 24.18
N MET A 327 -3.94 45.37 23.95
CA MET A 327 -4.72 46.41 24.60
C MET A 327 -5.06 46.04 26.03
N GLY A 328 -4.94 44.75 26.35
CA GLY A 328 -5.28 44.25 27.66
C GLY A 328 -6.61 43.52 27.63
N TYR A 329 -7.13 43.32 26.42
CA TYR A 329 -8.41 42.64 26.23
C TYR A 329 -8.24 41.13 26.14
N ASP A 330 -9.33 40.41 26.36
CA ASP A 330 -9.35 38.96 26.20
C ASP A 330 -10.02 38.59 24.88
N VAL A 331 -9.23 38.04 23.96
CA VAL A 331 -9.71 37.76 22.61
C VAL A 331 -9.97 36.26 22.43
N ALA A 332 -10.98 35.94 21.61
CA ALA A 332 -11.26 34.55 21.26
C ALA A 332 -11.38 34.42 19.75
N ILE A 333 -10.36 33.83 19.13
CA ILE A 333 -10.35 33.67 17.68
C ILE A 333 -10.85 32.27 17.27
N MET A 334 -11.86 32.24 16.41
CA MET A 334 -12.43 30.98 15.95
C MET A 334 -12.10 30.73 14.47
N ALA A 335 -11.50 29.57 14.20
CA ALA A 335 -11.12 29.20 12.84
C ALA A 335 -11.90 27.98 12.36
N ASP A 336 -12.42 28.07 11.14
CA ASP A 336 -13.24 27.01 10.57
C ASP A 336 -13.32 27.16 9.05
N SER A 337 -12.73 26.23 8.31
CA SER A 337 -12.05 25.07 8.90
C SER A 337 -10.54 25.16 8.73
N THR A 338 -9.81 24.69 9.75
CA THR A 338 -8.36 24.63 9.67
C THR A 338 -7.93 23.45 8.79
N SER A 339 -8.85 22.51 8.61
CA SER A 339 -8.59 21.36 7.75
C SER A 339 -8.69 21.79 6.29
N ARG A 340 -9.48 22.83 6.05
CA ARG A 340 -9.58 23.42 4.72
C ARG A 340 -8.42 24.37 4.49
N TRP A 341 -7.92 24.95 5.58
CA TRP A 341 -6.73 25.80 5.52
C TRP A 341 -5.52 24.99 5.10
N ALA A 342 -5.40 23.80 5.68
CA ALA A 342 -4.28 22.92 5.39
C ALA A 342 -4.42 22.30 4.01
N GLU A 343 -5.64 22.23 3.50
CA GLU A 343 -5.89 21.71 2.17
C GLU A 343 -5.57 22.77 1.11
N ALA A 344 -5.26 23.97 1.58
CA ALA A 344 -4.81 25.05 0.71
C ALA A 344 -3.30 25.19 0.80
N LEU A 345 -2.78 25.09 2.03
CA LEU A 345 -1.34 25.09 2.26
C LEU A 345 -0.67 23.95 1.52
N ARG A 346 -1.36 22.83 1.44
CA ARG A 346 -0.90 21.67 0.68
C ARG A 346 -0.73 22.01 -0.80
N GLU A 347 -1.71 22.73 -1.34
CA GLU A 347 -1.70 23.10 -2.75
C GLU A 347 -0.55 24.04 -3.09
N MET A 348 -0.34 25.04 -2.25
CA MET A 348 0.73 26.02 -2.47
C MET A 348 2.09 25.35 -2.48
N SER A 349 2.21 24.26 -1.72
CA SER A 349 3.44 23.47 -1.70
C SER A 349 3.66 22.79 -3.04
N GLY A 350 2.59 22.27 -3.62
CA GLY A 350 2.64 21.58 -4.89
C GLY A 350 3.09 22.50 -6.02
N ARG A 351 2.66 23.75 -5.97
CA ARG A 351 3.03 24.74 -6.97
C ARG A 351 4.53 25.05 -6.91
N LEU A 352 5.10 24.92 -5.71
CA LEU A 352 6.51 25.20 -5.51
C LEU A 352 7.35 23.93 -5.68
N GLU A 353 6.69 22.85 -6.07
CA GLU A 353 7.33 21.56 -6.34
C GLU A 353 8.14 21.04 -5.16
N GLU A 354 7.72 21.41 -3.95
CA GLU A 354 8.37 20.95 -2.74
C GLU A 354 8.13 19.46 -2.54
N MET A 355 9.15 18.75 -2.06
CA MET A 355 9.01 17.33 -1.77
C MET A 355 8.02 17.14 -0.62
N PRO A 356 6.92 16.42 -0.89
CA PRO A 356 5.76 16.31 0.01
C PRO A 356 6.03 15.48 1.26
N GLY A 357 5.21 15.69 2.28
CA GLY A 357 5.27 14.90 3.49
C GLY A 357 4.14 13.90 3.53
N ASP A 358 3.51 13.77 4.69
CA ASP A 358 2.40 12.83 4.87
C ASP A 358 1.15 13.28 4.12
N GLU A 359 0.57 12.36 3.36
CA GLU A 359 -0.67 12.59 2.61
C GLU A 359 -0.61 13.82 1.72
N GLY A 360 0.56 14.09 1.14
CA GLY A 360 0.70 15.21 0.23
C GLY A 360 0.90 16.55 0.91
N TYR A 361 0.65 16.60 2.21
CA TYR A 361 0.87 17.81 2.99
C TYR A 361 2.36 18.14 3.02
N PRO A 362 2.70 19.43 3.19
CA PRO A 362 4.10 19.82 3.31
C PRO A 362 4.75 19.21 4.54
N ALA A 363 6.08 19.13 4.55
CA ALA A 363 6.80 18.57 5.68
C ALA A 363 6.82 19.53 6.85
N TYR A 364 6.39 20.76 6.61
CA TYR A 364 6.37 21.80 7.64
C TYR A 364 4.96 22.09 8.13
N LEU A 365 4.04 21.17 7.87
CA LEU A 365 2.65 21.34 8.31
C LEU A 365 2.55 21.47 9.82
N GLY A 366 3.32 20.65 10.52
CA GLY A 366 3.34 20.68 11.98
C GLY A 366 3.90 21.97 12.52
N SER A 367 5.03 22.40 11.95
CA SER A 367 5.67 23.65 12.35
C SER A 367 4.76 24.84 12.08
N ARG A 368 4.17 24.86 10.89
CA ARG A 368 3.27 25.93 10.49
C ARG A 368 2.07 26.00 11.42
N LEU A 369 1.59 24.84 11.84
CA LEU A 369 0.48 24.75 12.79
C LEU A 369 0.93 25.15 14.19
N ALA A 370 2.15 24.74 14.56
CA ALA A 370 2.69 25.07 15.87
C ALA A 370 2.93 26.56 16.01
N GLU A 371 3.44 27.18 14.95
CA GLU A 371 3.68 28.63 14.93
C GLU A 371 2.40 29.41 15.22
N TYR A 372 1.28 28.88 14.73
CA TYR A 372 -0.01 29.53 14.90
C TYR A 372 -0.51 29.49 16.35
N TYR A 373 -0.71 28.28 16.87
CA TYR A 373 -1.31 28.11 18.18
C TYR A 373 -0.44 28.63 19.32
N GLU A 374 0.87 28.71 19.09
CA GLU A 374 1.79 29.23 20.10
C GLU A 374 1.70 30.74 20.21
N ARG A 375 1.00 31.36 19.27
CA ARG A 375 0.79 32.81 19.31
C ARG A 375 -0.45 33.15 20.13
N SER A 376 -1.22 32.11 20.47
CA SER A 376 -2.35 32.28 21.37
C SER A 376 -1.91 31.93 22.80
N GLY A 377 -2.54 32.56 23.78
CA GLY A 377 -2.22 32.31 25.16
C GLY A 377 -2.27 33.55 26.04
N ARG A 378 -2.19 33.35 27.35
CA ARG A 378 -2.14 34.47 28.28
C ARG A 378 -0.75 35.08 28.30
N VAL A 379 -0.67 36.37 28.02
CA VAL A 379 0.62 37.05 27.95
C VAL A 379 0.63 38.34 28.76
N ILE A 380 1.83 38.87 28.99
CA ILE A 380 2.00 40.20 29.55
C ILE A 380 2.37 41.16 28.42
N ALA A 381 1.44 42.03 28.06
CA ALA A 381 1.63 42.93 26.93
C ALA A 381 2.72 43.96 27.21
N LEU A 382 3.39 44.40 26.14
CA LEU A 382 4.43 45.41 26.24
C LEU A 382 3.87 46.74 26.78
N GLY A 383 4.71 47.47 27.50
CA GLY A 383 4.30 48.73 28.09
C GLY A 383 4.54 48.75 29.58
N SER A 384 4.80 49.94 30.12
CA SER A 384 5.08 50.09 31.55
C SER A 384 3.86 49.73 32.40
N ASP A 385 2.68 49.79 31.79
CA ASP A 385 1.45 49.42 32.46
C ASP A 385 1.44 47.93 32.79
N GLN A 386 2.14 47.15 31.96
CA GLN A 386 2.29 45.71 32.15
C GLN A 386 0.95 44.99 32.27
N ARG A 387 -0.04 45.48 31.53
CA ARG A 387 -1.36 44.85 31.49
C ARG A 387 -1.27 43.49 30.80
N GLU A 388 -2.18 42.59 31.14
CA GLU A 388 -2.17 41.28 30.52
C GLU A 388 -3.43 41.07 29.67
N GLY A 389 -3.25 40.36 28.55
CA GLY A 389 -4.36 40.02 27.68
C GLY A 389 -4.30 38.55 27.36
N SER A 390 -5.28 38.04 26.62
CA SER A 390 -5.32 36.62 26.30
C SER A 390 -5.96 36.35 24.95
N ILE A 391 -5.45 35.33 24.27
CA ILE A 391 -6.06 34.84 23.04
C ILE A 391 -6.42 33.37 23.21
N THR A 392 -7.72 33.08 23.26
CA THR A 392 -8.19 31.72 23.38
C THR A 392 -8.61 31.19 22.02
N ALA A 393 -7.88 30.20 21.52
CA ALA A 393 -8.09 29.71 20.15
C ALA A 393 -9.05 28.53 20.10
N ILE A 394 -10.10 28.68 19.30
CA ILE A 394 -11.02 27.58 19.00
C ILE A 394 -10.92 27.27 17.51
N SER A 395 -10.43 26.08 17.19
CA SER A 395 -10.24 25.70 15.79
C SER A 395 -11.05 24.45 15.44
N ALA A 396 -11.65 24.47 14.25
CA ALA A 396 -12.44 23.34 13.80
C ALA A 396 -11.71 22.56 12.71
N VAL A 397 -11.84 21.23 12.75
CA VAL A 397 -11.25 20.36 11.74
C VAL A 397 -12.33 19.50 11.10
N SER A 398 -12.11 19.11 9.85
CA SER A 398 -13.05 18.25 9.15
C SER A 398 -12.33 17.04 8.57
N PRO A 399 -12.06 16.04 9.41
CA PRO A 399 -11.36 14.80 9.03
C PRO A 399 -11.95 14.11 7.81
N SER A 400 -11.13 13.29 7.15
CA SER A 400 -11.50 12.65 5.90
C SER A 400 -12.62 11.62 6.07
N GLY A 401 -12.47 10.75 7.08
CA GLY A 401 -13.45 9.72 7.34
C GLY A 401 -13.81 9.63 8.81
N GLY A 402 -13.80 10.78 9.48
CA GLY A 402 -13.98 10.83 10.91
C GLY A 402 -12.72 10.38 11.61
N ASP A 403 -11.66 10.20 10.82
CA ASP A 403 -10.38 9.71 11.32
C ASP A 403 -9.57 10.83 11.95
N ILE A 404 -9.17 10.65 13.20
CA ILE A 404 -8.41 11.66 13.91
C ILE A 404 -6.90 11.41 13.82
N SER A 405 -6.51 10.39 13.06
CA SER A 405 -5.10 10.08 12.88
C SER A 405 -4.56 10.75 11.63
N GLU A 406 -5.42 11.52 10.96
CA GLU A 406 -5.01 12.30 9.79
C GLU A 406 -4.07 13.42 10.23
N PRO A 407 -3.11 13.77 9.37
CA PRO A 407 -2.02 14.72 9.69
C PRO A 407 -2.46 16.03 10.33
N VAL A 408 -3.55 16.63 9.83
CA VAL A 408 -4.00 17.92 10.34
C VAL A 408 -4.45 17.85 11.79
N THR A 409 -5.39 16.96 12.08
CA THR A 409 -5.91 16.78 13.43
C THR A 409 -4.79 16.34 14.38
N GLN A 410 -3.97 15.41 13.92
CA GLN A 410 -2.86 14.88 14.69
C GLN A 410 -1.89 15.96 15.13
N ASN A 411 -1.45 16.78 14.18
CA ASN A 411 -0.51 17.86 14.47
C ASN A 411 -1.13 18.94 15.35
N THR A 412 -2.46 19.07 15.28
CA THR A 412 -3.17 20.05 16.09
C THR A 412 -3.18 19.64 17.55
N LEU A 413 -3.54 18.39 17.80
CA LEU A 413 -3.60 17.85 19.16
C LEU A 413 -2.22 17.78 19.80
N ARG A 414 -1.19 17.88 18.98
CA ARG A 414 0.19 17.85 19.46
C ARG A 414 0.55 19.14 20.19
N VAL A 415 -0.18 20.21 19.88
CA VAL A 415 0.12 21.52 20.45
C VAL A 415 -1.08 22.18 21.14
N VAL A 416 -2.18 21.44 21.27
CA VAL A 416 -3.33 21.94 22.02
C VAL A 416 -3.64 20.99 23.17
N LYS A 417 -4.43 21.46 24.14
CA LYS A 417 -4.66 20.69 25.36
C LYS A 417 -6.14 20.36 25.58
N VAL A 418 -7.00 20.79 24.66
CA VAL A 418 -8.43 20.54 24.77
C VAL A 418 -9.01 19.93 23.50
N PHE A 419 -9.77 18.85 23.64
CA PHE A 419 -10.40 18.20 22.50
C PHE A 419 -11.89 17.96 22.73
N TRP A 420 -12.72 18.65 21.96
CA TRP A 420 -14.17 18.47 22.03
C TRP A 420 -14.66 17.68 20.81
N GLY A 421 -14.79 16.37 20.97
CA GLY A 421 -15.20 15.51 19.86
C GLY A 421 -16.69 15.52 19.60
N LEU A 422 -17.08 16.03 18.44
CA LEU A 422 -18.49 16.04 18.05
C LEU A 422 -18.86 14.75 17.32
N ASP A 423 -19.75 13.98 17.91
CA ASP A 423 -20.11 12.67 17.37
C ASP A 423 -21.44 12.71 16.63
N SER A 424 -21.46 12.13 15.44
CA SER A 424 -22.68 12.05 14.65
C SER A 424 -23.63 11.01 15.25
N SER A 425 -23.07 10.00 15.89
CA SER A 425 -23.86 8.95 16.52
C SER A 425 -24.73 9.49 17.65
N LEU A 426 -24.28 10.59 18.26
CA LEU A 426 -25.02 11.21 19.35
C LEU A 426 -26.01 12.25 18.83
N ALA A 427 -25.89 12.58 17.55
CA ALA A 427 -26.70 13.63 16.95
C ALA A 427 -28.17 13.24 16.82
N GLN A 428 -28.43 12.09 16.20
CA GLN A 428 -29.80 11.61 16.04
C GLN A 428 -30.31 11.00 17.34
N LYS A 429 -29.42 10.86 18.31
CA LYS A 429 -29.81 10.49 19.67
C LYS A 429 -30.32 11.73 20.39
N ARG A 430 -30.31 12.85 19.66
CA ARG A 430 -30.79 14.14 20.15
C ARG A 430 -29.99 14.59 21.38
N HIS A 431 -28.71 14.27 21.38
CA HIS A 431 -27.81 14.69 22.45
C HIS A 431 -27.20 16.04 22.10
N PHE A 432 -27.69 17.10 22.74
CA PHE A 432 -27.20 18.45 22.47
C PHE A 432 -26.57 19.08 23.71
N PRO A 433 -25.29 19.48 23.61
CA PRO A 433 -24.42 19.36 22.45
C PRO A 433 -23.92 17.94 22.21
N SER A 434 -23.66 17.59 20.96
CA SER A 434 -23.22 16.25 20.60
C SER A 434 -21.73 16.04 20.85
N ILE A 435 -21.32 16.05 22.10
CA ILE A 435 -19.92 15.85 22.45
C ILE A 435 -19.69 14.51 23.15
N ASN A 436 -18.93 13.63 22.50
CA ASN A 436 -18.58 12.35 23.08
C ASN A 436 -17.73 12.52 24.34
N TRP A 437 -18.33 12.27 25.49
CA TRP A 437 -17.68 12.49 26.77
C TRP A 437 -16.51 11.53 27.03
N ILE A 438 -16.42 10.48 26.22
CA ILE A 438 -15.37 9.48 26.39
C ILE A 438 -14.08 9.88 25.67
N GLN A 439 -14.18 10.11 24.38
CA GLN A 439 -13.00 10.44 23.57
C GLN A 439 -12.50 11.85 23.82
N SER A 440 -13.39 12.73 24.27
CA SER A 440 -13.02 14.11 24.58
C SER A 440 -12.12 14.17 25.80
N TYR A 441 -11.27 15.19 25.85
CA TYR A 441 -10.39 15.40 26.99
C TYR A 441 -9.96 16.86 27.13
N SER A 442 -9.47 17.22 28.31
CA SER A 442 -8.93 18.55 28.56
C SER A 442 -7.83 18.49 29.60
N LEU A 443 -6.65 18.94 29.22
CA LEU A 443 -5.48 18.89 30.09
C LEU A 443 -5.49 20.03 31.10
N TYR A 444 -6.42 20.97 30.93
CA TYR A 444 -6.57 22.07 31.87
C TYR A 444 -7.47 21.69 33.05
N SER A 445 -8.10 20.53 32.93
CA SER A 445 -9.12 20.09 33.90
C SER A 445 -8.62 20.09 35.34
N THR A 446 -7.39 19.64 35.55
CA THR A 446 -6.81 19.58 36.88
C THR A 446 -6.54 20.99 37.43
N GLU A 447 -5.95 21.84 36.59
CA GLU A 447 -5.65 23.21 36.99
C GLU A 447 -6.93 24.00 37.21
N VAL A 448 -7.91 23.78 36.35
CA VAL A 448 -9.22 24.42 36.49
C VAL A 448 -9.89 23.95 37.78
N GLY A 449 -9.73 22.65 38.08
CA GLY A 449 -10.28 22.07 39.30
C GLY A 449 -9.81 22.78 40.55
N ARG A 450 -8.51 23.08 40.60
CA ARG A 450 -7.95 23.80 41.75
C ARG A 450 -8.48 25.23 41.80
N TYR A 451 -8.76 25.79 40.63
CA TYR A 451 -9.29 27.14 40.54
C TYR A 451 -10.72 27.20 41.04
N MET A 452 -11.56 26.32 40.49
CA MET A 452 -12.98 26.31 40.85
C MET A 452 -13.23 25.76 42.24
N ASP A 453 -12.26 25.04 42.79
CA ASP A 453 -12.37 24.56 44.16
C ASP A 453 -12.26 25.73 45.13
N GLN A 454 -11.30 26.61 44.87
CA GLN A 454 -11.03 27.74 45.76
C GLN A 454 -12.07 28.85 45.62
N ILE A 455 -12.29 29.30 44.39
CA ILE A 455 -13.16 30.44 44.13
C ILE A 455 -14.62 30.15 44.53
N LEU A 456 -15.00 28.88 44.45
CA LEU A 456 -16.35 28.48 44.85
C LEU A 456 -16.37 28.08 46.32
N GLN A 457 -15.22 27.63 46.81
CA GLN A 457 -15.03 27.16 48.20
C GLN A 457 -15.74 25.85 48.49
N GLN A 458 -15.92 25.02 47.46
CA GLN A 458 -16.45 23.68 47.64
C GLN A 458 -15.48 22.66 47.05
N ASP A 459 -15.78 21.37 47.21
CA ASP A 459 -14.97 20.32 46.61
C ASP A 459 -15.48 20.02 45.21
N TRP A 460 -15.36 21.00 44.31
CA TRP A 460 -15.89 20.88 42.96
C TRP A 460 -15.11 19.86 42.12
N SER A 461 -13.80 19.86 42.25
CA SER A 461 -12.95 18.94 41.50
C SER A 461 -13.27 17.49 41.84
N ASP A 462 -13.60 17.23 43.10
CA ASP A 462 -13.98 15.89 43.54
C ASP A 462 -15.29 15.47 42.90
N MET A 463 -16.19 16.42 42.70
CA MET A 463 -17.49 16.16 42.08
C MET A 463 -17.34 15.83 40.61
N VAL A 464 -16.45 16.54 39.93
CA VAL A 464 -16.19 16.31 38.52
C VAL A 464 -15.50 14.97 38.30
N THR A 465 -14.48 14.70 39.11
CA THR A 465 -13.76 13.43 39.07
C THR A 465 -14.73 12.27 39.28
N GLU A 466 -15.70 12.49 40.17
CA GLU A 466 -16.74 11.49 40.43
C GLU A 466 -17.67 11.36 39.24
N GLY A 467 -17.97 12.49 38.60
CA GLY A 467 -18.86 12.50 37.46
C GLY A 467 -18.34 11.69 36.29
N MET A 468 -17.08 11.91 35.95
CA MET A 468 -16.46 11.22 34.81
C MET A 468 -16.24 9.74 35.11
N ARG A 469 -15.93 9.42 36.36
CA ARG A 469 -15.69 8.04 36.76
C ARG A 469 -16.96 7.20 36.62
N ILE A 470 -18.11 7.81 36.93
CA ILE A 470 -19.38 7.12 36.80
C ILE A 470 -19.71 6.87 35.33
N LEU A 471 -19.53 7.89 34.50
CA LEU A 471 -19.82 7.81 33.08
C LEU A 471 -18.93 6.79 32.37
N GLN A 472 -17.66 6.75 32.76
CA GLN A 472 -16.72 5.79 32.21
C GLN A 472 -17.17 4.37 32.53
N GLU A 473 -17.70 4.18 33.74
CA GLU A 473 -18.22 2.88 34.15
C GLU A 473 -19.48 2.51 33.37
N GLU A 474 -20.26 3.52 33.01
CA GLU A 474 -21.45 3.30 32.18
C GLU A 474 -21.05 2.65 30.86
N GLU A 475 -19.97 3.15 30.27
CA GLU A 475 -19.45 2.60 29.02
C GLU A 475 -19.16 1.11 29.15
N GLN A 476 -18.29 0.75 30.08
CA GLN A 476 -17.93 -0.64 30.33
C GLN A 476 -19.15 -1.49 30.68
N LEU A 477 -20.07 -0.92 31.45
CA LEU A 477 -21.32 -1.61 31.77
C LEU A 477 -22.13 -1.87 30.51
N ASN A 478 -22.18 -0.88 29.62
CA ASN A 478 -22.91 -1.01 28.37
C ASN A 478 -22.34 -2.10 27.46
N GLU A 479 -21.01 -2.27 27.51
CA GLU A 479 -20.34 -3.30 26.74
C GLU A 479 -20.75 -4.69 27.22
N ILE A 480 -20.84 -4.83 28.55
CA ILE A 480 -21.12 -6.10 29.19
C ILE A 480 -22.63 -6.34 29.32
N VAL A 481 -23.41 -5.26 29.42
CA VAL A 481 -24.86 -5.38 29.43
C VAL A 481 -25.36 -5.75 28.03
N ARG A 482 -24.50 -5.54 27.03
CA ARG A 482 -24.78 -5.98 25.66
C ARG A 482 -24.82 -7.50 25.63
N LEU A 483 -24.15 -8.12 26.60
CA LEU A 483 -24.16 -9.56 26.76
C LEU A 483 -25.18 -9.96 27.84
N VAL A 484 -25.89 -11.06 27.61
CA VAL A 484 -26.88 -11.60 28.55
C VAL A 484 -27.97 -10.55 28.90
N GLY A 485 -28.09 -9.52 28.07
CA GLY A 485 -29.08 -8.48 28.27
C GLY A 485 -28.93 -7.74 29.60
N ILE A 486 -30.06 -7.44 30.23
CA ILE A 486 -30.04 -6.78 31.54
C ILE A 486 -29.36 -7.69 32.56
N ASP A 487 -29.60 -9.00 32.45
CA ASP A 487 -28.93 -9.98 33.30
C ASP A 487 -27.42 -9.99 33.04
N SER A 488 -26.60 -10.15 34.08
CA SER A 488 -27.06 -10.22 35.46
C SER A 488 -27.53 -8.86 35.93
N LEU A 489 -28.67 -8.84 36.62
CA LEU A 489 -29.33 -7.61 37.06
C LEU A 489 -28.32 -6.62 37.63
N SER A 490 -27.47 -7.12 38.51
CA SER A 490 -26.39 -6.32 39.10
C SER A 490 -26.90 -4.98 39.60
N ASP A 491 -27.84 -5.02 40.54
CA ASP A 491 -28.48 -3.83 41.06
C ASP A 491 -27.46 -2.82 41.57
N ASN A 492 -26.35 -3.34 42.08
CA ASN A 492 -25.24 -2.50 42.52
C ASN A 492 -24.58 -1.79 41.34
N ASP A 493 -24.54 -2.47 40.19
CA ASP A 493 -24.06 -1.87 38.96
C ASP A 493 -25.19 -1.10 38.28
N ARG A 494 -26.37 -1.71 38.28
CA ARG A 494 -27.57 -1.13 37.67
C ARG A 494 -27.89 0.24 38.25
N LEU A 495 -27.55 0.43 39.52
CA LEU A 495 -27.73 1.71 40.18
C LEU A 495 -26.89 2.80 39.53
N THR A 496 -25.62 2.49 39.29
CA THR A 496 -24.69 3.44 38.68
C THR A 496 -25.14 3.83 37.28
N LEU A 497 -25.89 2.95 36.62
CA LEU A 497 -26.45 3.24 35.31
C LEU A 497 -27.52 4.32 35.39
N GLU A 498 -28.41 4.20 36.38
CA GLU A 498 -29.46 5.18 36.58
C GLU A 498 -28.90 6.53 36.98
N VAL A 499 -27.74 6.51 37.64
CA VAL A 499 -27.02 7.73 37.96
C VAL A 499 -26.40 8.29 36.69
N ALA A 500 -25.75 7.41 35.93
CA ALA A 500 -25.10 7.81 34.67
C ALA A 500 -26.13 8.23 33.63
N LYS A 501 -27.26 7.53 33.57
CA LYS A 501 -28.35 7.90 32.68
C LYS A 501 -28.84 9.30 33.05
N SER A 502 -28.91 9.56 34.34
CA SER A 502 -29.26 10.88 34.83
C SER A 502 -28.21 11.88 34.39
N ILE A 503 -26.96 11.63 34.78
CA ILE A 503 -25.82 12.49 34.43
C ILE A 503 -25.79 12.81 32.93
N ARG A 504 -26.26 11.87 32.11
CA ARG A 504 -26.36 12.08 30.67
C ARG A 504 -27.39 13.14 30.29
N GLU A 505 -28.52 13.16 30.99
CA GLU A 505 -29.64 14.01 30.61
C GLU A 505 -29.61 15.38 31.28
N ASP A 506 -29.38 15.38 32.59
CA ASP A 506 -29.43 16.60 33.40
C ASP A 506 -28.37 17.63 33.01
N TYR A 507 -27.19 17.14 32.65
CA TYR A 507 -26.00 17.98 32.56
C TYR A 507 -25.44 18.06 31.15
N LEU A 508 -25.12 16.90 30.58
CA LEU A 508 -24.51 16.83 29.26
C LEU A 508 -25.47 17.30 28.17
N GLN A 509 -26.76 17.09 28.40
CA GLN A 509 -27.78 17.56 27.46
C GLN A 509 -28.30 18.93 27.87
N GLN A 510 -28.30 19.87 26.92
CA GLN A 510 -28.84 21.20 27.17
C GLN A 510 -29.25 21.89 25.87
N ASN A 511 -30.56 22.14 25.73
CA ASN A 511 -31.08 22.85 24.58
C ASN A 511 -30.65 24.31 24.62
N ALA A 512 -29.83 24.71 23.65
CA ALA A 512 -29.25 26.06 23.64
C ALA A 512 -30.25 27.12 23.17
N PHE A 513 -31.48 26.68 22.88
CA PHE A 513 -32.51 27.61 22.44
C PHE A 513 -33.50 27.90 23.56
N ASP A 514 -33.47 27.06 24.59
CA ASP A 514 -34.27 27.29 25.79
C ASP A 514 -33.64 28.44 26.57
N ASP A 515 -34.47 29.41 26.98
CA ASP A 515 -33.99 30.66 27.57
C ASP A 515 -33.14 30.46 28.82
N VAL A 516 -33.31 29.32 29.49
CA VAL A 516 -32.55 29.03 30.71
C VAL A 516 -31.52 27.94 30.46
N ASP A 517 -31.88 27.01 29.58
CA ASP A 517 -31.02 25.85 29.30
C ASP A 517 -29.90 26.18 28.32
N THR A 518 -29.65 27.47 28.13
CA THR A 518 -28.63 27.91 27.17
C THR A 518 -27.40 28.50 27.87
N PHE A 519 -27.56 28.85 29.15
CA PHE A 519 -26.48 29.44 29.92
C PHE A 519 -26.55 28.98 31.38
N THR A 520 -25.40 28.70 31.98
CA THR A 520 -25.34 28.21 33.34
C THR A 520 -24.08 28.68 34.05
N SER A 521 -24.24 29.55 35.05
CA SER A 521 -23.11 30.05 35.82
C SER A 521 -22.53 28.96 36.71
N ARG A 522 -21.43 29.29 37.37
CA ARG A 522 -20.68 28.32 38.18
C ARG A 522 -21.50 27.75 39.34
N GLU A 523 -22.06 28.64 40.16
CA GLU A 523 -22.82 28.22 41.33
C GLU A 523 -24.05 27.39 40.94
N LYS A 524 -24.57 27.64 39.75
CA LYS A 524 -25.68 26.86 39.23
C LYS A 524 -25.22 25.44 38.90
N GLN A 525 -24.09 25.35 38.19
CA GLN A 525 -23.52 24.06 37.81
C GLN A 525 -23.17 23.23 39.04
N PHE A 526 -22.63 23.90 40.06
CA PHE A 526 -22.27 23.24 41.31
C PHE A 526 -23.48 22.62 41.97
N ASN A 527 -24.53 23.42 42.15
CA ASN A 527 -25.76 22.95 42.78
C ASN A 527 -26.39 21.80 42.00
N MET A 528 -26.39 21.91 40.67
CA MET A 528 -26.98 20.88 39.82
C MET A 528 -26.30 19.52 40.00
N LEU A 529 -24.99 19.47 39.75
CA LEU A 529 -24.24 18.23 39.83
C LEU A 529 -24.27 17.63 41.24
N LYS A 530 -24.43 18.50 42.24
CA LYS A 530 -24.48 18.07 43.62
C LYS A 530 -25.70 17.20 43.91
N VAL A 531 -26.81 17.52 43.25
CA VAL A 531 -28.04 16.72 43.40
C VAL A 531 -27.82 15.28 42.96
N ILE A 532 -27.48 15.14 41.69
CA ILE A 532 -27.33 13.84 41.05
C ILE A 532 -26.27 12.98 41.73
N LEU A 533 -25.23 13.63 42.24
CA LEU A 533 -24.18 12.93 42.95
C LEU A 533 -24.69 12.38 44.28
N THR A 534 -25.37 13.22 45.04
CA THR A 534 -25.89 12.83 46.35
C THR A 534 -27.07 11.86 46.22
N PHE A 535 -27.72 11.86 45.06
CA PHE A 535 -28.77 10.89 44.80
C PHE A 535 -28.18 9.49 44.80
N GLY A 536 -27.25 9.25 43.90
CA GLY A 536 -26.59 7.96 43.77
C GLY A 536 -25.76 7.58 44.98
N LYS A 537 -25.48 8.56 45.84
CA LYS A 537 -24.76 8.30 47.09
C LYS A 537 -25.73 7.78 48.15
N GLU A 538 -26.86 8.45 48.30
CA GLU A 538 -27.90 8.01 49.22
C GLU A 538 -28.60 6.78 48.65
N ALA A 539 -28.54 6.62 47.34
CA ALA A 539 -29.05 5.43 46.68
C ALA A 539 -28.14 4.25 46.96
N ARG A 540 -26.85 4.53 47.11
CA ARG A 540 -25.87 3.50 47.42
C ARG A 540 -25.96 3.13 48.91
N LYS A 541 -26.51 4.04 49.70
CA LYS A 541 -26.68 3.81 51.13
C LYS A 541 -27.73 2.72 51.37
N ALA A 542 -28.93 2.93 50.82
CA ALA A 542 -30.02 1.99 50.99
C ALA A 542 -29.72 0.66 50.27
N LEU A 543 -28.76 0.69 49.37
CA LEU A 543 -28.31 -0.51 48.67
C LEU A 543 -27.55 -1.43 49.62
N SER A 544 -26.70 -0.85 50.44
CA SER A 544 -25.86 -1.61 51.36
C SER A 544 -26.60 -1.97 52.65
N LEU A 545 -27.82 -1.47 52.80
CA LEU A 545 -28.60 -1.70 54.02
C LEU A 545 -29.58 -2.85 53.86
N GLY A 546 -29.60 -3.46 52.69
CA GLY A 546 -30.39 -4.66 52.47
C GLY A 546 -31.72 -4.45 51.77
N ALA A 547 -31.94 -3.24 51.27
CA ALA A 547 -33.17 -2.92 50.56
C ALA A 547 -32.98 -3.04 49.04
N TYR A 548 -33.75 -3.93 48.42
CA TYR A 548 -33.73 -4.04 46.96
C TYR A 548 -34.33 -2.76 46.40
N PHE A 549 -33.89 -2.35 45.21
CA PHE A 549 -33.94 -0.92 44.87
C PHE A 549 -34.93 -0.46 43.80
N ASN A 550 -35.56 -1.37 43.08
CA ASN A 550 -36.64 -0.94 42.19
C ASN A 550 -37.81 -0.44 43.02
N GLU A 551 -37.86 -0.91 44.26
CA GLU A 551 -38.84 -0.43 45.24
C GLU A 551 -38.54 1.02 45.64
N ILE A 552 -37.32 1.47 45.35
CA ILE A 552 -36.92 2.85 45.61
C ILE A 552 -37.04 3.67 44.32
N MET A 553 -36.79 3.02 43.19
CA MET A 553 -36.95 3.65 41.88
C MET A 553 -38.37 4.19 41.70
N GLU A 554 -39.33 3.51 42.34
CA GLU A 554 -40.71 3.95 42.31
C GLU A 554 -40.97 5.07 43.30
N GLY A 555 -40.23 5.05 44.41
CA GLY A 555 -40.33 6.09 45.42
C GLY A 555 -39.61 7.35 44.98
N THR A 556 -38.65 7.20 44.09
CA THR A 556 -37.86 8.33 43.60
C THR A 556 -38.39 8.87 42.28
N VAL A 557 -39.63 8.52 41.94
CA VAL A 557 -40.29 9.10 40.78
C VAL A 557 -40.54 10.58 41.05
N ALA A 558 -40.75 10.90 42.32
CA ALA A 558 -41.09 12.25 42.74
C ALA A 558 -39.88 13.19 42.77
N VAL A 559 -38.68 12.64 42.65
CA VAL A 559 -37.48 13.48 42.66
C VAL A 559 -36.85 13.59 41.29
N ARG A 560 -37.08 12.59 40.44
CA ARG A 560 -36.55 12.59 39.09
C ARG A 560 -37.31 13.60 38.23
N GLU A 561 -38.45 14.05 38.73
CA GLU A 561 -39.25 15.06 38.08
C GLU A 561 -38.68 16.45 38.35
N ARG A 562 -37.76 16.53 39.30
CA ARG A 562 -37.21 17.81 39.74
C ARG A 562 -35.73 17.96 39.41
N ILE A 563 -35.05 16.85 39.17
CA ILE A 563 -33.62 16.88 38.88
C ILE A 563 -33.34 17.50 37.50
N SER A 564 -34.34 17.44 36.62
CA SER A 564 -34.19 18.00 35.28
C SER A 564 -35.04 19.27 35.13
N ARG A 565 -35.92 19.50 36.09
CA ARG A 565 -36.61 20.77 36.18
C ARG A 565 -35.64 21.80 36.75
N SER A 566 -34.64 21.28 37.48
CA SER A 566 -33.55 22.10 38.00
C SER A 566 -32.70 22.64 36.87
N LYS A 567 -32.67 21.89 35.76
CA LYS A 567 -31.95 22.30 34.57
C LYS A 567 -32.50 23.62 34.03
N TYR A 568 -33.83 23.76 34.11
CA TYR A 568 -34.49 24.96 33.61
C TYR A 568 -34.75 25.97 34.72
N ILE A 569 -34.21 25.70 35.90
CA ILE A 569 -34.39 26.59 37.05
C ILE A 569 -33.66 27.91 36.84
N PRO A 570 -34.39 29.03 36.98
CA PRO A 570 -33.87 30.40 36.76
C PRO A 570 -32.65 30.75 37.60
N GLU A 571 -32.04 31.89 37.30
CA GLU A 571 -30.80 32.30 37.94
C GLU A 571 -30.97 32.61 39.43
N GLU A 572 -31.95 33.44 39.76
CA GLU A 572 -32.15 33.87 41.14
C GLU A 572 -32.68 32.75 42.02
N GLU A 573 -33.49 31.87 41.45
CA GLU A 573 -34.15 30.82 42.23
C GLU A 573 -33.33 29.54 42.30
N LEU A 574 -32.19 29.61 42.99
CA LEU A 574 -31.37 28.44 43.24
C LEU A 574 -31.79 27.80 44.57
N ALA A 575 -32.71 28.45 45.27
CA ALA A 575 -33.23 27.95 46.53
C ALA A 575 -33.93 26.61 46.32
N LYS A 576 -34.67 26.51 45.22
CA LYS A 576 -35.29 25.26 44.82
C LYS A 576 -34.22 24.29 44.37
N ILE A 577 -33.17 24.82 43.75
CA ILE A 577 -32.06 24.02 43.25
C ILE A 577 -31.06 23.71 44.36
N SER A 578 -31.52 23.80 45.61
CA SER A 578 -30.72 23.41 46.76
C SER A 578 -31.54 22.48 47.64
N SER A 579 -32.85 22.68 47.66
CA SER A 579 -33.76 21.87 48.46
C SER A 579 -34.02 20.52 47.81
N ILE A 580 -33.67 20.41 46.53
CA ILE A 580 -33.72 19.14 45.80
C ILE A 580 -32.82 18.08 46.43
N ASN A 581 -31.86 18.54 47.22
CA ASN A 581 -30.72 17.72 47.63
C ASN A 581 -30.86 17.08 49.01
N GLU A 582 -31.52 17.77 49.93
CA GLU A 582 -31.81 17.18 51.23
C GLU A 582 -33.22 16.58 51.21
N GLU A 583 -33.90 16.77 50.08
CA GLU A 583 -35.20 16.13 49.86
C GLU A 583 -34.99 14.67 49.49
N ILE A 584 -33.98 14.41 48.67
CA ILE A 584 -33.65 13.06 48.25
C ILE A 584 -33.24 12.18 49.43
N LYS A 585 -32.85 12.82 50.53
CA LYS A 585 -32.47 12.12 51.74
C LYS A 585 -33.67 11.41 52.38
N GLU A 586 -34.80 12.12 52.46
CA GLU A 586 -35.98 11.59 53.12
C GLU A 586 -36.71 10.55 52.27
N THR A 587 -36.56 10.64 50.96
CA THR A 587 -37.26 9.75 50.04
C THR A 587 -36.81 8.31 50.21
N ILE A 588 -35.51 8.08 50.04
CA ILE A 588 -34.93 6.76 50.23
C ILE A 588 -35.13 6.30 51.67
N GLN A 589 -35.07 7.25 52.61
CA GLN A 589 -35.27 6.95 54.02
C GLN A 589 -36.67 6.44 54.29
N LEU A 590 -37.67 7.06 53.65
CA LEU A 590 -39.04 6.61 53.76
C LEU A 590 -39.21 5.24 53.11
N ILE A 591 -38.40 4.98 52.10
CA ILE A 591 -38.42 3.69 51.41
C ILE A 591 -37.48 2.70 52.11
N VAL A 592 -36.58 3.22 52.94
CA VAL A 592 -35.67 2.37 53.71
C VAL A 592 -36.38 1.80 54.93
N SER A 593 -37.55 2.36 55.25
CA SER A 593 -38.33 1.90 56.39
C SER A 593 -39.14 0.67 56.03
N GLU A 594 -39.16 0.33 54.74
CA GLU A 594 -39.90 -0.83 54.25
C GLU A 594 -38.95 -1.95 53.85
N SER B 2 57.18 22.95 -12.31
CA SER B 2 56.76 24.19 -11.66
C SER B 2 57.84 24.70 -10.71
N SER B 3 58.21 25.97 -10.89
CA SER B 3 59.23 26.62 -10.07
C SER B 3 60.58 25.90 -10.10
N GLY B 4 60.83 25.16 -11.18
CA GLY B 4 62.13 24.53 -11.40
C GLY B 4 62.26 23.10 -10.90
N SER B 5 61.26 22.60 -10.19
CA SER B 5 61.33 21.25 -9.65
C SER B 5 60.09 20.42 -10.00
N SER B 6 60.29 19.12 -10.13
CA SER B 6 59.19 18.20 -10.45
C SER B 6 58.80 17.37 -9.23
N GLY B 7 57.50 17.07 -9.13
CA GLY B 7 56.99 16.27 -8.03
C GLY B 7 55.84 15.40 -8.49
N MET B 8 55.17 14.75 -7.54
CA MET B 8 54.02 13.90 -7.86
C MET B 8 52.83 14.78 -8.20
N GLN B 9 51.85 14.20 -8.88
CA GLN B 9 50.63 14.92 -9.22
C GLN B 9 49.79 15.17 -7.97
N ILE B 10 49.32 16.40 -7.82
CA ILE B 10 48.48 16.75 -6.68
C ILE B 10 47.13 17.27 -7.13
N GLY B 11 46.07 16.60 -6.69
CA GLY B 11 44.71 17.01 -7.02
C GLY B 11 44.31 18.27 -6.30
N LYS B 12 43.09 18.73 -6.56
CA LYS B 12 42.58 19.93 -5.92
C LYS B 12 41.07 19.81 -5.71
N ILE B 13 40.63 19.89 -4.45
CA ILE B 13 39.22 19.80 -4.12
C ILE B 13 38.43 20.93 -4.79
N ILE B 14 37.37 20.56 -5.49
CA ILE B 14 36.51 21.55 -6.13
C ILE B 14 35.09 21.52 -5.57
N LYS B 15 34.77 20.46 -4.82
CA LYS B 15 33.45 20.33 -4.23
C LYS B 15 33.44 19.36 -3.05
N VAL B 16 32.73 19.73 -1.99
CA VAL B 16 32.54 18.86 -0.83
C VAL B 16 31.09 18.86 -0.37
N SER B 17 30.50 17.67 -0.28
CA SER B 17 29.16 17.52 0.27
C SER B 17 29.02 16.17 0.94
N GLY B 18 28.96 16.15 2.26
CA GLY B 18 28.88 14.92 3.02
C GLY B 18 30.13 14.09 2.83
N PRO B 19 29.96 12.79 2.58
CA PRO B 19 31.08 11.86 2.38
C PRO B 19 31.52 11.80 0.92
N LEU B 20 31.16 12.81 0.14
CA LEU B 20 31.48 12.85 -1.28
C LEU B 20 32.29 14.09 -1.64
N VAL B 21 33.52 13.87 -2.09
CA VAL B 21 34.41 14.97 -2.44
C VAL B 21 34.84 14.91 -3.90
N MET B 22 34.63 16.02 -4.62
CA MET B 22 35.05 16.13 -6.01
C MET B 22 36.40 16.85 -6.09
N ALA B 23 37.35 16.27 -6.80
CA ALA B 23 38.69 16.85 -6.89
C ALA B 23 39.21 16.87 -8.33
N GLU B 24 39.70 18.03 -8.76
CA GLU B 24 40.23 18.18 -10.11
C GLU B 24 41.72 17.82 -10.15
N ASN B 25 42.24 17.67 -11.37
CA ASN B 25 43.64 17.30 -11.60
C ASN B 25 44.01 15.98 -10.93
N MET B 26 43.25 14.93 -11.24
CA MET B 26 43.55 13.58 -10.76
C MET B 26 43.82 12.68 -11.96
N SER B 27 44.43 13.26 -12.98
CA SER B 27 44.63 12.59 -14.28
C SER B 27 45.34 11.25 -14.17
N GLU B 28 46.35 11.18 -13.30
CA GLU B 28 47.16 9.97 -13.19
C GLU B 28 46.51 8.91 -12.31
N ALA B 29 45.44 9.28 -11.62
CA ALA B 29 44.75 8.35 -10.73
C ALA B 29 43.80 7.45 -11.50
N SER B 30 43.55 6.26 -10.95
CA SER B 30 42.62 5.32 -11.56
C SER B 30 41.37 5.16 -10.69
N ILE B 31 40.39 4.44 -11.21
CA ILE B 31 39.21 4.11 -10.43
C ILE B 31 39.61 3.14 -9.31
N GLN B 32 38.86 3.17 -8.21
CA GLN B 32 39.07 2.29 -7.05
C GLN B 32 40.35 2.63 -6.28
N ASP B 33 41.10 3.60 -6.76
CA ASP B 33 42.35 3.98 -6.11
C ASP B 33 42.12 4.77 -4.82
N MET B 34 42.95 4.49 -3.82
CA MET B 34 42.84 5.16 -2.53
C MET B 34 43.61 6.49 -2.56
N CYS B 35 43.15 7.46 -1.76
CA CYS B 35 43.77 8.77 -1.76
C CYS B 35 43.62 9.49 -0.43
N LEU B 36 44.50 10.46 -0.20
CA LEU B 36 44.47 11.28 1.01
C LEU B 36 43.84 12.64 0.71
N VAL B 37 42.62 12.84 1.20
CA VAL B 37 41.84 14.02 0.85
C VAL B 37 42.02 15.18 1.84
N GLY B 38 42.20 16.37 1.30
CA GLY B 38 42.24 17.58 2.11
C GLY B 38 43.55 17.80 2.85
N ASP B 39 43.61 18.88 3.61
CA ASP B 39 44.80 19.23 4.38
C ASP B 39 45.10 18.18 5.44
N LEU B 40 44.05 17.69 6.09
CA LEU B 40 44.19 16.68 7.13
C LEU B 40 44.62 15.34 6.54
N GLY B 41 44.32 15.14 5.26
CA GLY B 41 44.67 13.90 4.60
C GLY B 41 43.77 12.76 5.02
N VAL B 42 42.47 13.02 5.05
CA VAL B 42 41.51 11.98 5.40
C VAL B 42 41.47 10.92 4.29
N ILE B 43 41.31 9.66 4.70
CA ILE B 43 41.33 8.55 3.76
C ILE B 43 40.07 8.57 2.88
N GLY B 44 40.25 8.33 1.59
CA GLY B 44 39.13 8.33 0.66
C GLY B 44 39.41 7.48 -0.57
N GLU B 45 38.34 6.98 -1.18
CA GLU B 45 38.46 6.11 -2.35
C GLU B 45 37.80 6.73 -3.58
N ILE B 46 38.52 6.70 -4.70
CA ILE B 46 37.98 7.20 -5.96
C ILE B 46 37.00 6.21 -6.56
N ILE B 47 35.76 6.66 -6.78
CA ILE B 47 34.73 5.78 -7.29
C ILE B 47 34.33 6.11 -8.74
N GLU B 48 34.43 7.39 -9.09
CA GLU B 48 34.07 7.82 -10.45
C GLU B 48 35.14 8.71 -11.05
N MET B 49 34.94 9.11 -12.31
CA MET B 49 35.86 10.01 -12.98
C MET B 49 35.24 10.66 -14.22
N ARG B 50 35.20 11.99 -14.21
CA ARG B 50 34.85 12.75 -15.40
C ARG B 50 36.03 13.64 -15.78
N GLN B 51 36.55 13.45 -16.98
CA GLN B 51 37.75 14.15 -17.45
C GLN B 51 38.91 13.92 -16.48
N ASP B 52 39.39 14.99 -15.86
CA ASP B 52 40.44 14.89 -14.86
C ASP B 52 39.85 14.99 -13.45
N VAL B 53 38.53 15.09 -13.38
CA VAL B 53 37.84 15.23 -12.11
C VAL B 53 37.43 13.87 -11.56
N ALA B 54 37.80 13.60 -10.32
CA ALA B 54 37.48 12.33 -9.67
C ALA B 54 36.45 12.51 -8.57
N SER B 55 35.45 11.65 -8.55
CA SER B 55 34.49 11.60 -7.45
C SER B 55 35.05 10.69 -6.36
N ILE B 56 35.27 11.24 -5.18
CA ILE B 56 35.93 10.50 -4.12
C ILE B 56 34.97 10.14 -2.98
N GLN B 57 35.03 8.87 -2.56
CA GLN B 57 34.24 8.38 -1.45
C GLN B 57 35.08 8.37 -0.17
N VAL B 58 34.77 9.30 0.74
CA VAL B 58 35.58 9.47 1.94
C VAL B 58 35.14 8.56 3.09
N TYR B 59 36.10 7.82 3.64
CA TYR B 59 35.80 6.89 4.73
C TYR B 59 35.92 7.54 6.10
N GLU B 60 36.00 8.86 6.12
CA GLU B 60 36.07 9.61 7.37
C GLU B 60 35.19 10.86 7.30
N GLU B 61 35.09 11.58 8.41
CA GLU B 61 34.28 12.79 8.48
C GLU B 61 34.88 13.91 7.64
N THR B 62 34.04 14.62 6.90
CA THR B 62 34.50 15.68 6.01
C THR B 62 34.14 17.07 6.54
N SER B 63 33.61 17.13 7.76
CA SER B 63 33.24 18.39 8.36
C SER B 63 34.48 19.27 8.60
N GLY B 64 34.53 20.40 7.91
CA GLY B 64 35.66 21.31 8.05
C GLY B 64 36.56 21.31 6.83
N ILE B 65 36.15 20.58 5.80
CA ILE B 65 36.91 20.51 4.57
C ILE B 65 36.19 21.29 3.45
N GLY B 66 36.96 21.97 2.63
CA GLY B 66 36.41 22.74 1.53
C GLY B 66 37.30 22.74 0.30
N PRO B 67 36.87 23.43 -0.76
CA PRO B 67 37.63 23.54 -2.01
C PRO B 67 38.98 24.24 -1.80
N GLY B 68 39.94 23.93 -2.67
CA GLY B 68 41.26 24.55 -2.59
C GLY B 68 42.30 23.64 -1.96
N GLU B 69 41.84 22.72 -1.12
CA GLU B 69 42.73 21.79 -0.42
C GLU B 69 43.25 20.71 -1.36
N PRO B 70 44.49 20.24 -1.14
CA PRO B 70 45.12 19.24 -2.01
C PRO B 70 44.60 17.82 -1.81
N VAL B 71 44.75 16.98 -2.83
CA VAL B 71 44.38 15.58 -2.75
C VAL B 71 45.47 14.70 -3.35
N ARG B 72 46.12 13.89 -2.52
CA ARG B 72 47.21 13.04 -2.97
C ARG B 72 46.78 11.58 -3.04
N SER B 73 47.00 10.94 -4.18
CA SER B 73 46.66 9.54 -4.37
C SER B 73 47.71 8.63 -3.75
N THR B 74 47.35 7.35 -3.59
CA THR B 74 48.27 6.38 -3.02
C THR B 74 48.71 5.35 -4.08
N GLY B 75 47.95 5.26 -5.16
CA GLY B 75 48.31 4.38 -6.26
C GLY B 75 47.61 3.04 -6.27
N GLU B 76 47.46 2.44 -5.08
CA GLU B 76 46.83 1.13 -4.97
C GLU B 76 45.42 1.24 -4.41
N ALA B 77 44.63 0.19 -4.61
CA ALA B 77 43.23 0.18 -4.18
C ALA B 77 43.08 -0.18 -2.70
N LEU B 78 41.83 -0.37 -2.28
CA LEU B 78 41.54 -0.73 -0.90
C LEU B 78 42.07 -2.12 -0.58
N SER B 79 43.21 -2.16 0.10
CA SER B 79 43.90 -3.42 0.37
C SER B 79 44.08 -3.67 1.85
N VAL B 80 44.39 -4.92 2.20
CA VAL B 80 44.64 -5.31 3.57
C VAL B 80 46.04 -5.90 3.74
N GLU B 81 46.67 -5.64 4.88
CA GLU B 81 47.94 -6.25 5.20
C GLU B 81 47.71 -7.64 5.79
N LEU B 82 48.32 -8.65 5.18
CA LEU B 82 48.11 -10.03 5.60
C LEU B 82 49.43 -10.68 6.03
N GLY B 83 49.51 -11.02 7.31
CA GLY B 83 50.71 -11.63 7.86
C GLY B 83 50.71 -11.62 9.38
N PRO B 84 51.81 -12.10 9.98
CA PRO B 84 51.98 -12.19 11.44
C PRO B 84 51.73 -10.86 12.16
N GLY B 85 50.76 -10.86 13.07
CA GLY B 85 50.40 -9.67 13.81
C GLY B 85 48.96 -9.28 13.58
N ILE B 86 48.21 -10.19 12.94
CA ILE B 86 46.83 -9.91 12.58
C ILE B 86 45.86 -10.60 13.55
N ILE B 87 46.29 -11.70 14.14
CA ILE B 87 45.47 -12.44 15.11
C ILE B 87 45.36 -11.66 16.41
N SER B 88 44.21 -11.80 17.08
CA SER B 88 43.97 -11.17 18.38
C SER B 88 44.04 -9.66 18.29
N GLN B 89 43.53 -9.11 17.20
CA GLN B 89 43.58 -7.67 16.96
C GLN B 89 42.19 -7.09 16.72
N MET B 90 42.00 -5.83 17.09
CA MET B 90 40.77 -5.12 16.77
C MET B 90 41.03 -4.04 15.73
N PHE B 91 40.47 -4.23 14.54
CA PHE B 91 40.63 -3.28 13.45
C PHE B 91 39.35 -2.49 13.23
N ASP B 92 39.47 -1.33 12.60
CA ASP B 92 38.29 -0.59 12.16
C ASP B 92 38.00 -0.97 10.70
N GLY B 93 37.10 -0.23 10.07
CA GLY B 93 36.66 -0.54 8.71
C GLY B 93 37.76 -0.70 7.69
N ILE B 94 38.78 0.14 7.77
CA ILE B 94 39.87 0.12 6.79
C ILE B 94 41.16 -0.46 7.38
N GLN B 95 40.99 -1.34 8.37
CA GLN B 95 42.10 -2.07 8.99
C GLN B 95 43.15 -1.16 9.63
N ARG B 96 42.73 -0.41 10.65
CA ARG B 96 43.67 0.30 11.50
C ARG B 96 43.57 -0.25 12.92
N PRO B 97 44.72 -0.63 13.51
CA PRO B 97 44.72 -1.15 14.88
C PRO B 97 44.24 -0.10 15.89
N LEU B 98 43.04 -0.29 16.41
CA LEU B 98 42.46 0.66 17.36
C LEU B 98 43.27 0.71 18.66
N ASP B 99 43.95 -0.39 18.96
CA ASP B 99 44.85 -0.42 20.12
C ASP B 99 45.98 0.57 19.90
N THR B 100 46.61 0.48 18.73
CA THR B 100 47.72 1.35 18.37
C THR B 100 47.24 2.76 18.08
N PHE B 101 46.07 2.86 17.44
CA PHE B 101 45.43 4.14 17.14
C PHE B 101 45.35 5.00 18.40
N MET B 102 44.95 4.36 19.49
CA MET B 102 44.78 5.02 20.78
C MET B 102 46.09 5.60 21.31
N GLU B 103 47.12 4.75 21.38
CA GLU B 103 48.41 5.16 21.95
C GLU B 103 49.09 6.24 21.13
N VAL B 104 49.06 6.11 19.80
CA VAL B 104 49.72 7.06 18.91
C VAL B 104 49.13 8.46 19.04
N THR B 105 47.81 8.55 18.96
CA THR B 105 47.12 9.83 19.05
C THR B 105 47.01 10.31 20.49
N GLN B 106 47.28 9.40 21.43
CA GLN B 106 47.17 9.69 22.86
C GLN B 106 45.77 10.21 23.18
N SER B 107 44.76 9.56 22.62
CA SER B 107 43.38 10.01 22.76
C SER B 107 42.39 8.86 22.81
N ASN B 108 41.37 9.01 23.65
CA ASN B 108 40.31 8.00 23.77
C ASN B 108 39.30 8.07 22.64
N PHE B 109 39.49 9.04 21.74
CA PHE B 109 38.52 9.27 20.68
C PHE B 109 39.13 9.10 19.30
N LEU B 110 38.29 8.74 18.33
CA LEU B 110 38.74 8.50 16.97
C LEU B 110 38.82 9.79 16.17
N GLY B 111 40.04 10.29 15.98
CA GLY B 111 40.26 11.48 15.17
C GLY B 111 40.31 11.11 13.69
N ARG B 112 40.82 12.02 12.88
CA ARG B 112 40.95 11.78 11.45
C ARG B 112 42.30 12.28 10.95
N GLY B 113 42.68 11.86 9.75
CA GLY B 113 43.98 12.22 9.20
C GLY B 113 45.10 11.51 9.92
N VAL B 114 44.79 10.33 10.46
CA VAL B 114 45.79 9.52 11.16
C VAL B 114 45.91 8.15 10.52
N GLN B 115 46.83 8.01 9.58
CA GLN B 115 47.05 6.74 8.90
C GLN B 115 48.05 5.88 9.65
N LEU B 116 47.73 4.60 9.80
CA LEU B 116 48.58 3.69 10.55
C LEU B 116 48.68 2.32 9.89
N PRO B 117 49.89 1.75 9.87
CA PRO B 117 50.11 0.38 9.37
C PRO B 117 49.30 -0.62 10.18
N ALA B 118 48.59 -1.51 9.48
CA ALA B 118 47.72 -2.48 10.12
C ALA B 118 48.49 -3.42 11.05
N LEU B 119 49.68 -3.82 10.62
CA LEU B 119 50.46 -4.80 11.36
C LEU B 119 51.71 -4.19 11.98
N ASP B 120 52.35 -4.94 12.86
CA ASP B 120 53.57 -4.47 13.53
C ASP B 120 54.80 -4.79 12.68
N HIS B 121 55.37 -3.75 12.08
CA HIS B 121 56.54 -3.92 11.23
C HIS B 121 57.82 -4.01 12.07
N GLU B 122 57.70 -3.70 13.36
CA GLU B 122 58.85 -3.70 14.26
C GLU B 122 59.03 -5.05 14.94
N LYS B 123 57.92 -5.68 15.30
CA LYS B 123 57.92 -6.90 16.11
C LYS B 123 58.70 -8.04 15.47
N GLN B 124 59.55 -8.69 16.26
CA GLN B 124 60.36 -9.80 15.78
C GLN B 124 59.59 -11.11 15.76
N TRP B 125 59.46 -11.69 14.57
CA TRP B 125 58.80 -12.98 14.41
C TRP B 125 59.82 -14.02 13.97
N TRP B 126 59.70 -15.23 14.52
CA TRP B 126 60.59 -16.32 14.11
C TRP B 126 60.00 -17.09 12.94
N PHE B 127 60.59 -16.88 11.76
CA PHE B 127 60.19 -17.61 10.57
C PHE B 127 60.96 -18.92 10.47
N GLU B 128 60.24 -20.00 10.19
CA GLU B 128 60.86 -21.31 10.06
C GLU B 128 60.59 -21.90 8.68
N ALA B 129 61.61 -21.88 7.83
CA ALA B 129 61.49 -22.38 6.46
C ALA B 129 61.20 -23.88 6.45
N THR B 130 60.38 -24.30 5.50
CA THR B 130 60.02 -25.72 5.37
C THR B 130 60.22 -26.23 3.95
N ILE B 131 60.41 -25.31 3.02
CA ILE B 131 60.62 -25.67 1.62
C ILE B 131 62.12 -25.77 1.32
N GLU B 132 62.47 -26.54 0.31
CA GLU B 132 63.88 -26.71 -0.06
C GLU B 132 64.27 -25.74 -1.16
N GLU B 133 65.54 -25.37 -1.19
CA GLU B 133 66.04 -24.44 -2.19
C GLU B 133 66.05 -25.09 -3.57
N GLY B 134 65.80 -24.28 -4.60
CA GLY B 134 65.75 -24.80 -5.96
C GLY B 134 64.47 -25.57 -6.23
N THR B 135 63.37 -25.12 -5.63
CA THR B 135 62.08 -25.75 -5.81
C THR B 135 61.15 -24.85 -6.62
N GLU B 136 60.42 -25.44 -7.56
CA GLU B 136 59.48 -24.69 -8.40
C GLU B 136 58.22 -24.34 -7.62
N VAL B 137 58.19 -23.14 -7.05
CA VAL B 137 57.05 -22.71 -6.26
C VAL B 137 56.05 -21.91 -7.10
N SER B 138 54.78 -22.32 -7.06
CA SER B 138 53.72 -21.59 -7.74
C SER B 138 52.98 -20.72 -6.75
N ALA B 139 51.96 -20.03 -7.23
CA ALA B 139 51.15 -19.16 -6.36
C ALA B 139 50.38 -19.99 -5.34
N GLY B 140 50.63 -19.73 -4.06
CA GLY B 140 49.93 -20.40 -2.99
C GLY B 140 50.76 -21.41 -2.22
N ASP B 141 51.82 -21.89 -2.86
CA ASP B 141 52.71 -22.86 -2.23
C ASP B 141 53.34 -22.32 -0.96
N ILE B 142 53.39 -23.15 0.09
CA ILE B 142 53.90 -22.73 1.39
C ILE B 142 55.43 -22.84 1.46
N ILE B 143 56.06 -21.81 2.01
CA ILE B 143 57.52 -21.79 2.11
C ILE B 143 57.98 -21.94 3.56
N GLY B 144 57.06 -21.76 4.51
CA GLY B 144 57.39 -21.87 5.92
C GLY B 144 56.23 -21.46 6.79
N TYR B 145 56.51 -21.17 8.07
CA TYR B 145 55.45 -20.78 8.98
C TYR B 145 55.95 -19.95 10.16
N VAL B 146 55.02 -19.25 10.80
CA VAL B 146 55.27 -18.56 12.06
C VAL B 146 54.19 -18.92 13.06
N ASP B 147 54.59 -19.47 14.20
CA ASP B 147 53.63 -19.79 15.25
C ASP B 147 53.14 -18.50 15.91
N GLU B 148 52.20 -17.83 15.25
CA GLU B 148 51.66 -16.56 15.73
C GLU B 148 51.00 -16.75 17.09
N THR B 149 50.21 -17.81 17.21
CA THR B 149 49.67 -18.24 18.49
C THR B 149 50.03 -19.70 18.69
N LYS B 150 49.92 -20.18 19.93
CA LYS B 150 50.16 -21.59 20.21
C LYS B 150 49.08 -22.44 19.54
N ILE B 151 47.91 -21.86 19.37
CA ILE B 151 46.79 -22.53 18.73
C ILE B 151 46.92 -22.55 17.21
N ILE B 152 47.14 -21.38 16.63
CA ILE B 152 47.12 -21.22 15.18
C ILE B 152 48.49 -21.00 14.58
N GLN B 153 48.81 -21.79 13.55
CA GLN B 153 50.09 -21.71 12.85
C GLN B 153 49.93 -20.84 11.60
N HIS B 154 50.68 -19.74 11.53
CA HIS B 154 50.59 -18.81 10.41
C HIS B 154 51.53 -19.20 9.27
N LYS B 155 50.97 -19.80 8.23
CA LYS B 155 51.76 -20.28 7.10
C LYS B 155 52.10 -19.16 6.13
N ILE B 156 53.37 -19.09 5.72
CA ILE B 156 53.80 -18.10 4.73
C ILE B 156 53.69 -18.69 3.33
N MET B 157 52.73 -18.18 2.57
CA MET B 157 52.47 -18.69 1.22
C MET B 157 53.03 -17.77 0.15
N VAL B 158 53.26 -18.33 -1.04
CA VAL B 158 53.77 -17.55 -2.16
C VAL B 158 52.68 -16.64 -2.72
N PRO B 159 52.94 -15.33 -2.74
CA PRO B 159 52.00 -14.32 -3.24
C PRO B 159 51.54 -14.60 -4.67
N ASN B 160 50.31 -14.23 -5.00
CA ASN B 160 49.77 -14.43 -6.34
C ASN B 160 50.58 -13.69 -7.39
N GLY B 161 50.58 -14.22 -8.61
CA GLY B 161 51.32 -13.61 -9.70
C GLY B 161 52.82 -13.82 -9.56
N ILE B 162 53.20 -14.79 -8.74
CA ILE B 162 54.61 -15.12 -8.54
C ILE B 162 54.87 -16.60 -8.81
N LYS B 163 55.70 -16.85 -9.82
CA LYS B 163 56.09 -18.21 -10.18
C LYS B 163 57.58 -18.24 -10.51
N GLY B 164 58.31 -19.13 -9.84
CA GLY B 164 59.74 -19.22 -10.08
C GLY B 164 60.47 -20.33 -9.33
N THR B 165 61.67 -19.99 -8.84
CA THR B 165 62.54 -20.97 -8.21
C THR B 165 63.21 -20.39 -6.97
N VAL B 166 63.03 -21.06 -5.83
CA VAL B 166 63.61 -20.61 -4.58
C VAL B 166 65.14 -20.65 -4.64
N GLN B 167 65.75 -19.48 -4.46
CA GLN B 167 67.19 -19.35 -4.55
C GLN B 167 67.86 -19.31 -3.18
N LYS B 168 67.36 -18.44 -2.31
CA LYS B 168 67.94 -18.27 -0.98
C LYS B 168 66.86 -18.20 0.10
N ILE B 169 66.74 -19.28 0.87
CA ILE B 169 65.79 -19.31 1.97
C ILE B 169 66.45 -19.90 3.22
N GLU B 170 66.14 -19.32 4.38
CA GLU B 170 66.72 -19.76 5.64
C GLU B 170 65.87 -19.30 6.81
N SER B 171 65.80 -20.12 7.85
CA SER B 171 65.03 -19.79 9.05
C SER B 171 65.68 -18.67 9.83
N GLY B 172 64.96 -18.11 10.80
CA GLY B 172 65.50 -17.06 11.63
C GLY B 172 64.45 -16.06 12.08
N SER B 173 64.85 -15.16 12.98
CA SER B 173 63.96 -14.12 13.48
C SER B 173 64.00 -12.89 12.57
N PHE B 174 62.84 -12.54 12.01
CA PHE B 174 62.75 -11.40 11.11
C PHE B 174 61.55 -10.52 11.42
N THR B 175 61.34 -9.52 10.56
CA THR B 175 60.13 -8.72 10.59
C THR B 175 59.41 -8.94 9.27
N ILE B 176 58.19 -8.42 9.15
CA ILE B 176 57.41 -8.63 7.93
C ILE B 176 57.86 -7.70 6.81
N ASP B 177 58.88 -6.89 7.09
CA ASP B 177 59.48 -6.04 6.06
C ASP B 177 60.78 -6.67 5.54
N ASP B 178 61.34 -7.60 6.31
CA ASP B 178 62.59 -8.24 5.94
C ASP B 178 62.39 -9.34 4.92
N PRO B 179 63.26 -9.40 3.90
CA PRO B 179 63.24 -10.46 2.90
C PRO B 179 63.64 -11.81 3.49
N ILE B 180 62.81 -12.83 3.29
CA ILE B 180 63.10 -14.15 3.84
C ILE B 180 63.24 -15.21 2.75
N CYS B 181 62.99 -14.82 1.51
CA CYS B 181 63.04 -15.75 0.39
C CYS B 181 63.29 -15.04 -0.93
N VAL B 182 64.17 -15.61 -1.75
CA VAL B 182 64.45 -15.06 -3.08
C VAL B 182 63.95 -16.01 -4.16
N ILE B 183 62.90 -15.59 -4.87
CA ILE B 183 62.30 -16.42 -5.90
C ILE B 183 62.76 -16.00 -7.29
N GLU B 184 63.45 -16.89 -7.98
CA GLU B 184 63.99 -16.61 -9.31
C GLU B 184 62.91 -16.76 -10.38
N THR B 185 62.36 -15.63 -10.83
CA THR B 185 61.29 -15.64 -11.81
C THR B 185 61.81 -15.33 -13.21
N GLU B 186 60.90 -15.33 -14.19
CA GLU B 186 61.25 -14.99 -15.56
C GLU B 186 61.67 -13.54 -15.68
N GLN B 187 61.03 -12.68 -14.89
CA GLN B 187 61.33 -11.25 -14.89
C GLN B 187 62.66 -10.97 -14.19
N GLY B 188 63.11 -11.90 -13.37
CA GLY B 188 64.36 -11.76 -12.64
C GLY B 188 64.26 -12.30 -11.23
N LEU B 189 64.75 -11.52 -10.27
CA LEU B 189 64.71 -11.92 -8.87
C LEU B 189 63.68 -11.12 -8.09
N LYS B 190 62.86 -11.81 -7.30
CA LYS B 190 61.84 -11.17 -6.48
C LYS B 190 61.98 -11.57 -5.02
N GLU B 191 62.09 -10.57 -4.14
CA GLU B 191 62.17 -10.83 -2.71
C GLU B 191 60.79 -10.98 -2.10
N LEU B 192 60.61 -12.03 -1.31
CA LEU B 192 59.35 -12.28 -0.63
C LEU B 192 59.49 -12.11 0.88
N THR B 193 58.55 -11.37 1.48
CA THR B 193 58.53 -11.20 2.92
C THR B 193 57.36 -11.97 3.51
N MET B 194 57.22 -11.92 4.83
CA MET B 194 56.15 -12.65 5.51
C MET B 194 54.78 -11.99 5.28
N MET B 195 54.79 -10.72 4.89
CA MET B 195 53.55 -9.99 4.68
C MET B 195 53.25 -9.76 3.21
N GLN B 196 52.03 -10.04 2.82
CA GLN B 196 51.54 -9.70 1.48
C GLN B 196 50.30 -8.82 1.62
N LYS B 197 49.95 -8.11 0.56
CA LYS B 197 48.74 -7.29 0.57
C LYS B 197 47.76 -7.78 -0.48
N TRP B 198 46.49 -7.37 -0.36
CA TRP B 198 45.47 -7.81 -1.29
C TRP B 198 44.25 -6.89 -1.28
N PRO B 199 43.79 -6.51 -2.48
CA PRO B 199 42.60 -5.67 -2.64
C PRO B 199 41.34 -6.34 -2.09
N VAL B 200 40.64 -5.67 -1.18
CA VAL B 200 39.51 -6.27 -0.48
C VAL B 200 38.31 -6.51 -1.38
N ARG B 201 38.28 -5.83 -2.52
CA ARG B 201 37.11 -5.89 -3.40
C ARG B 201 37.21 -7.03 -4.40
N ARG B 202 38.43 -7.52 -4.63
CA ARG B 202 38.63 -8.68 -5.48
C ARG B 202 38.88 -9.91 -4.61
N GLY B 203 38.07 -10.95 -4.81
CA GLY B 203 38.20 -12.17 -4.04
C GLY B 203 39.51 -12.89 -4.34
N ARG B 204 40.10 -13.48 -3.30
CA ARG B 204 41.33 -14.23 -3.46
C ARG B 204 41.09 -15.49 -4.29
N PRO B 205 41.99 -15.77 -5.23
CA PRO B 205 41.85 -16.89 -6.17
C PRO B 205 41.89 -18.26 -5.48
N ILE B 206 41.15 -19.21 -6.06
CA ILE B 206 41.16 -20.60 -5.60
C ILE B 206 41.25 -21.53 -6.80
N LYS B 207 41.52 -22.81 -6.54
CA LYS B 207 41.52 -23.79 -7.62
C LYS B 207 40.09 -24.06 -8.05
N GLN B 208 39.27 -24.56 -7.14
CA GLN B 208 37.86 -24.83 -7.41
C GLN B 208 37.06 -24.86 -6.12
N LYS B 209 35.75 -24.71 -6.24
CA LYS B 209 34.87 -24.79 -5.09
C LYS B 209 34.45 -26.23 -4.82
N LEU B 210 34.04 -26.51 -3.58
CA LEU B 210 33.56 -27.83 -3.20
C LEU B 210 32.21 -27.70 -2.51
N ASN B 211 31.41 -28.77 -2.56
CA ASN B 211 30.15 -28.81 -1.86
C ASN B 211 30.36 -28.90 -0.34
N PRO B 212 29.80 -27.94 0.40
CA PRO B 212 29.85 -28.01 1.87
C PRO B 212 28.95 -29.13 2.39
N ASP B 213 29.57 -30.22 2.86
CA ASP B 213 28.80 -31.38 3.29
C ASP B 213 29.04 -31.73 4.76
N VAL B 214 29.99 -31.06 5.39
CA VAL B 214 30.28 -31.30 6.80
C VAL B 214 29.63 -30.24 7.69
N PRO B 215 28.68 -30.68 8.53
CA PRO B 215 27.96 -29.77 9.43
C PRO B 215 28.87 -29.16 10.51
N MET B 216 28.55 -27.94 10.91
CA MET B 216 29.31 -27.25 11.95
C MET B 216 28.68 -27.48 13.32
N ILE B 217 29.52 -27.68 14.33
CA ILE B 217 29.04 -27.87 15.70
C ILE B 217 29.02 -26.55 16.45
N THR B 218 27.83 -25.98 16.61
CA THR B 218 27.69 -24.67 17.24
C THR B 218 27.39 -24.80 18.73
N GLY B 219 26.91 -25.96 19.15
CA GLY B 219 26.56 -26.18 20.54
C GLY B 219 25.17 -25.68 20.86
N GLN B 220 24.49 -25.15 19.86
CA GLN B 220 23.11 -24.70 20.01
C GLN B 220 22.17 -25.80 19.52
N ARG B 221 21.38 -26.34 20.45
CA ARG B 221 20.51 -27.48 20.16
C ARG B 221 19.56 -27.25 18.99
N VAL B 222 18.92 -26.08 18.97
CA VAL B 222 17.94 -25.76 17.94
C VAL B 222 18.59 -25.70 16.55
N ILE B 223 19.80 -25.18 16.48
CA ILE B 223 20.49 -25.02 15.20
C ILE B 223 21.07 -26.33 14.69
N ASP B 224 21.98 -26.93 15.47
CA ASP B 224 22.71 -28.11 15.03
C ASP B 224 21.80 -29.30 14.73
N THR B 225 20.59 -29.30 15.28
CA THR B 225 19.67 -30.40 15.09
C THR B 225 18.67 -30.16 13.96
N PHE B 226 17.95 -29.06 14.03
CA PHE B 226 16.84 -28.83 13.11
C PHE B 226 17.21 -27.99 11.88
N PHE B 227 18.03 -26.96 12.06
CA PHE B 227 18.46 -26.14 10.94
C PHE B 227 19.98 -25.96 10.92
N PRO B 228 20.72 -27.04 10.65
CA PRO B 228 22.18 -27.00 10.74
C PRO B 228 22.83 -26.22 9.61
N VAL B 229 24.07 -25.78 9.83
CA VAL B 229 24.85 -25.11 8.80
C VAL B 229 26.17 -25.83 8.59
N THR B 230 26.53 -26.06 7.33
CA THR B 230 27.76 -26.78 7.01
C THR B 230 28.95 -25.84 6.93
N LYS B 231 30.15 -26.39 7.01
CA LYS B 231 31.36 -25.60 6.86
C LYS B 231 31.54 -25.17 5.42
N GLY B 232 31.31 -23.89 5.16
CA GLY B 232 31.32 -23.37 3.80
C GLY B 232 29.94 -22.87 3.42
N GLY B 233 28.94 -23.28 4.19
CA GLY B 233 27.59 -22.82 3.97
C GLY B 233 27.41 -21.40 4.48
N ALA B 234 26.28 -20.80 4.17
CA ALA B 234 25.98 -19.45 4.64
C ALA B 234 24.61 -19.40 5.31
N ALA B 235 24.50 -18.65 6.39
CA ALA B 235 23.26 -18.56 7.14
C ALA B 235 22.89 -17.11 7.41
N ALA B 236 21.61 -16.78 7.22
CA ALA B 236 21.11 -15.44 7.49
C ALA B 236 20.26 -15.44 8.76
N VAL B 237 20.45 -14.43 9.59
CA VAL B 237 19.67 -14.31 10.82
C VAL B 237 18.86 -13.02 10.86
N PRO B 238 17.73 -12.98 10.15
CA PRO B 238 16.85 -11.80 10.18
C PRO B 238 15.98 -11.79 11.43
N GLY B 239 15.84 -10.63 12.05
CA GLY B 239 15.03 -10.51 13.25
C GLY B 239 14.95 -9.07 13.76
N PRO B 240 13.89 -8.76 14.51
CA PRO B 240 13.69 -7.45 15.13
C PRO B 240 14.69 -7.21 16.26
N PHE B 241 14.71 -6.00 16.81
CA PHE B 241 15.66 -5.68 17.87
C PHE B 241 15.32 -6.44 19.15
N GLY B 242 16.34 -6.97 19.80
CA GLY B 242 16.15 -7.69 21.06
C GLY B 242 15.79 -9.15 20.88
N ALA B 243 15.81 -9.61 19.63
CA ALA B 243 15.45 -11.00 19.33
C ALA B 243 16.61 -11.94 19.64
N GLY B 244 17.83 -11.49 19.39
CA GLY B 244 19.01 -12.26 19.74
C GLY B 244 19.96 -12.49 18.58
N LYS B 245 19.96 -11.58 17.61
CA LYS B 245 20.85 -11.67 16.47
C LYS B 245 22.32 -11.67 16.89
N THR B 246 22.66 -10.75 17.78
CA THR B 246 24.04 -10.61 18.25
C THR B 246 24.45 -11.76 19.16
N VAL B 247 23.56 -12.16 20.06
CA VAL B 247 23.83 -13.23 20.99
C VAL B 247 24.11 -14.55 20.26
N VAL B 248 23.28 -14.85 19.27
CA VAL B 248 23.47 -16.04 18.45
C VAL B 248 24.83 -16.03 17.78
N GLN B 249 25.18 -14.90 17.17
CA GLN B 249 26.46 -14.78 16.48
C GLN B 249 27.65 -14.86 17.44
N HIS B 250 27.46 -14.42 18.67
CA HIS B 250 28.51 -14.54 19.68
C HIS B 250 28.71 -15.99 20.08
N GLN B 251 27.62 -16.75 20.11
CA GLN B 251 27.69 -18.17 20.46
C GLN B 251 28.47 -18.95 19.42
N ILE B 252 28.26 -18.63 18.14
CA ILE B 252 28.97 -19.30 17.07
C ILE B 252 30.45 -18.94 17.13
N ALA B 253 30.74 -17.71 17.50
CA ALA B 253 32.12 -17.26 17.63
C ALA B 253 32.82 -17.95 18.80
N LYS B 254 32.04 -18.42 19.76
CA LYS B 254 32.58 -19.01 20.98
C LYS B 254 32.79 -20.51 20.91
N TRP B 255 31.87 -21.23 20.27
CA TRP B 255 31.83 -22.68 20.41
C TRP B 255 31.96 -23.46 19.11
N SER B 256 31.88 -22.78 17.97
CA SER B 256 31.92 -23.47 16.68
C SER B 256 33.25 -24.19 16.45
N ASP B 257 33.20 -25.37 15.85
CA ASP B 257 34.39 -26.16 15.59
C ASP B 257 35.14 -25.65 14.35
N VAL B 258 35.66 -24.44 14.44
CA VAL B 258 36.44 -23.86 13.36
C VAL B 258 37.83 -23.49 13.86
N ASP B 259 38.74 -23.22 12.93
CA ASP B 259 40.10 -22.84 13.28
C ASP B 259 40.19 -21.36 13.64
N LEU B 260 39.49 -20.52 12.86
CA LEU B 260 39.50 -19.09 13.09
C LEU B 260 38.11 -18.47 13.00
N VAL B 261 37.91 -17.39 13.74
CA VAL B 261 36.66 -16.64 13.71
C VAL B 261 36.91 -15.17 13.42
N VAL B 262 36.27 -14.64 12.38
CA VAL B 262 36.40 -13.23 12.04
C VAL B 262 35.08 -12.50 12.26
N TYR B 263 35.03 -11.69 13.30
CA TYR B 263 33.80 -10.99 13.67
C TYR B 263 33.80 -9.56 13.11
N VAL B 264 32.73 -9.22 12.41
CA VAL B 264 32.60 -7.88 11.82
C VAL B 264 31.49 -7.07 12.50
N GLY B 265 31.87 -5.98 13.15
CA GLY B 265 30.90 -5.08 13.76
C GLY B 265 30.49 -4.01 12.77
N CYS B 266 29.53 -4.35 11.92
CA CYS B 266 29.11 -3.46 10.84
C CYS B 266 27.97 -2.54 11.27
N GLY B 267 28.32 -1.31 11.64
CA GLY B 267 27.34 -0.28 11.95
C GLY B 267 26.43 -0.56 13.13
N GLU B 268 26.95 -1.26 14.14
CA GLU B 268 26.17 -1.58 15.32
C GLU B 268 26.78 -0.96 16.57
N ARG B 269 26.33 -1.43 17.73
CA ARG B 269 26.73 -0.83 19.01
C ARG B 269 28.20 -1.03 19.32
N GLY B 270 28.81 0.02 19.90
CA GLY B 270 30.21 -0.02 20.26
C GLY B 270 30.49 -0.87 21.48
N ASN B 271 29.54 -0.88 22.42
CA ASN B 271 29.67 -1.69 23.62
C ASN B 271 29.72 -3.18 23.30
N GLU B 272 29.06 -3.55 22.20
CA GLU B 272 28.98 -4.95 21.79
C GLU B 272 30.33 -5.47 21.28
N MET B 273 31.21 -4.55 20.90
CA MET B 273 32.55 -4.92 20.48
C MET B 273 33.51 -4.84 21.66
N THR B 274 33.24 -3.90 22.56
CA THR B 274 34.04 -3.76 23.77
C THR B 274 33.81 -4.96 24.67
N ASP B 275 32.60 -5.51 24.60
CA ASP B 275 32.23 -6.69 25.37
C ASP B 275 33.04 -7.91 24.91
N VAL B 276 33.48 -7.89 23.66
CA VAL B 276 34.19 -9.03 23.09
C VAL B 276 35.68 -9.00 23.40
N VAL B 277 36.33 -7.85 23.21
CA VAL B 277 37.76 -7.73 23.46
C VAL B 277 38.12 -7.92 24.93
N ASN B 278 37.11 -7.86 25.80
CA ASN B 278 37.32 -8.06 27.22
C ASN B 278 37.08 -9.50 27.65
N GLU B 279 35.96 -10.06 27.21
CA GLU B 279 35.52 -11.38 27.66
C GLU B 279 36.24 -12.52 26.95
N PHE B 280 36.48 -12.36 25.65
CA PHE B 280 37.12 -13.40 24.85
C PHE B 280 38.53 -13.82 25.33
N PRO B 281 39.39 -12.85 25.73
CA PRO B 281 40.69 -13.31 26.22
C PRO B 281 40.62 -14.07 27.54
N GLU B 282 39.44 -14.07 28.16
CA GLU B 282 39.24 -14.77 29.43
C GLU B 282 38.45 -16.06 29.26
N LEU B 283 38.21 -16.44 28.00
CA LEU B 283 37.50 -17.68 27.70
C LEU B 283 38.44 -18.71 27.11
N ILE B 284 38.86 -19.65 27.96
CA ILE B 284 39.86 -20.66 27.58
C ILE B 284 39.23 -22.05 27.43
N ASP B 285 39.47 -22.71 26.31
CA ASP B 285 38.99 -24.08 26.16
C ASP B 285 40.04 -25.02 26.78
N PRO B 286 39.55 -26.09 27.44
CA PRO B 286 40.36 -26.93 28.34
C PRO B 286 41.57 -27.61 27.71
N ASN B 287 41.55 -27.82 26.40
CA ASN B 287 42.58 -28.62 25.74
C ASN B 287 43.85 -27.84 25.42
N THR B 288 43.69 -26.67 24.81
CA THR B 288 44.83 -25.90 24.32
C THR B 288 45.63 -25.23 25.44
N GLY B 289 44.94 -24.77 26.48
CA GLY B 289 45.55 -23.98 27.52
C GLY B 289 45.50 -22.50 27.18
N GLU B 290 45.23 -22.20 25.92
CA GLU B 290 45.21 -20.82 25.41
C GLU B 290 43.79 -20.30 25.23
N SER B 291 43.63 -18.97 25.20
CA SER B 291 42.32 -18.34 25.18
C SER B 291 41.65 -18.34 23.81
N LEU B 292 40.43 -17.82 23.76
CA LEU B 292 39.63 -17.74 22.54
C LEU B 292 40.08 -16.58 21.67
N MET B 293 40.65 -15.56 22.31
CA MET B 293 41.10 -14.36 21.59
C MET B 293 42.28 -14.67 20.68
N GLU B 294 42.89 -15.84 20.87
CA GLU B 294 44.05 -16.22 20.08
C GLU B 294 43.66 -16.99 18.81
N ARG B 295 42.39 -16.88 18.43
CA ARG B 295 41.92 -17.47 17.18
C ARG B 295 40.96 -16.53 16.45
N THR B 296 40.79 -15.33 16.99
CA THR B 296 39.81 -14.39 16.45
C THR B 296 40.44 -13.13 15.88
N VAL B 297 39.75 -12.53 14.92
CA VAL B 297 40.15 -11.25 14.34
C VAL B 297 38.93 -10.33 14.29
N LEU B 298 39.01 -9.22 15.02
CA LEU B 298 37.87 -8.32 15.16
C LEU B 298 37.94 -7.10 14.25
N ILE B 299 36.84 -6.83 13.55
CA ILE B 299 36.69 -5.63 12.76
C ILE B 299 35.49 -4.85 13.26
N ALA B 300 35.70 -3.61 13.68
CA ALA B 300 34.64 -2.85 14.34
C ALA B 300 34.45 -1.45 13.76
N ASN B 301 33.42 -1.30 12.93
CA ASN B 301 33.00 0.01 12.46
C ASN B 301 31.60 0.30 12.96
N THR B 302 31.52 0.93 14.12
CA THR B 302 30.24 1.11 14.82
C THR B 302 29.28 2.02 14.07
N SER B 303 28.08 2.17 14.62
CA SER B 303 27.02 2.93 13.98
C SER B 303 27.36 4.41 13.82
N ASN B 304 27.92 5.02 14.86
CA ASN B 304 28.25 6.44 14.82
C ASN B 304 29.59 6.69 14.14
N MET B 305 30.26 5.62 13.74
CA MET B 305 31.48 5.73 12.94
C MET B 305 31.10 5.96 11.48
N PRO B 306 31.99 6.62 10.70
CA PRO B 306 31.73 7.01 9.31
C PRO B 306 31.03 5.93 8.47
N VAL B 307 29.85 6.29 7.95
CA VAL B 307 28.98 5.35 7.25
C VAL B 307 29.66 4.60 6.10
N ALA B 308 30.46 5.32 5.32
CA ALA B 308 31.12 4.74 4.15
C ALA B 308 32.04 3.59 4.52
N ALA B 309 32.59 3.64 5.73
CA ALA B 309 33.53 2.62 6.18
C ALA B 309 32.84 1.34 6.62
N ARG B 310 31.52 1.33 6.62
CA ARG B 310 30.76 0.12 6.93
C ARG B 310 30.98 -0.93 5.84
N GLU B 311 30.94 -0.48 4.59
CA GLU B 311 31.18 -1.37 3.46
C GLU B 311 32.60 -1.93 3.49
N ALA B 312 33.54 -1.07 3.89
CA ALA B 312 34.94 -1.46 3.97
C ALA B 312 35.14 -2.53 5.04
N SER B 313 34.38 -2.43 6.12
CA SER B 313 34.47 -3.39 7.21
C SER B 313 34.05 -4.78 6.77
N ILE B 314 33.01 -4.83 5.94
CA ILE B 314 32.51 -6.09 5.40
C ILE B 314 33.55 -6.74 4.49
N TYR B 315 34.13 -5.94 3.60
CA TYR B 315 35.08 -6.46 2.63
C TYR B 315 36.47 -6.73 3.23
N THR B 316 36.79 -6.03 4.32
CA THR B 316 38.06 -6.24 5.00
C THR B 316 38.08 -7.59 5.71
N GLY B 317 36.98 -7.89 6.42
CA GLY B 317 36.88 -9.13 7.18
C GLY B 317 36.85 -10.37 6.32
N ILE B 318 36.10 -10.32 5.22
CA ILE B 318 35.93 -11.48 4.36
C ILE B 318 37.24 -11.81 3.63
N THR B 319 38.04 -10.78 3.37
CA THR B 319 39.32 -10.97 2.68
C THR B 319 40.34 -11.60 3.62
N ILE B 320 40.35 -11.15 4.86
CA ILE B 320 41.18 -11.75 5.90
C ILE B 320 40.77 -13.21 6.11
N ALA B 321 39.47 -13.45 6.07
CA ALA B 321 38.92 -14.80 6.20
C ALA B 321 39.37 -15.69 5.05
N GLU B 322 39.57 -15.08 3.87
CA GLU B 322 40.04 -15.81 2.70
C GLU B 322 41.53 -16.14 2.83
N TYR B 323 42.26 -15.23 3.49
CA TYR B 323 43.70 -15.38 3.66
C TYR B 323 44.05 -16.63 4.45
N PHE B 324 43.32 -16.88 5.52
CA PHE B 324 43.54 -18.06 6.34
C PHE B 324 42.84 -19.29 5.75
N ARG B 325 41.86 -19.04 4.89
CA ARG B 325 41.22 -20.11 4.13
C ARG B 325 42.23 -20.76 3.20
N ASP B 326 43.12 -19.93 2.65
CA ASP B 326 44.15 -20.41 1.74
C ASP B 326 45.24 -21.18 2.49
N MET B 327 45.27 -21.05 3.81
CA MET B 327 46.20 -21.80 4.63
C MET B 327 45.65 -23.19 4.95
N GLY B 328 44.46 -23.48 4.43
CA GLY B 328 43.83 -24.77 4.64
C GLY B 328 42.99 -24.81 5.90
N TYR B 329 42.82 -23.66 6.53
CA TYR B 329 42.04 -23.55 7.76
C TYR B 329 40.55 -23.44 7.50
N ASP B 330 39.75 -23.84 8.48
CA ASP B 330 38.31 -23.60 8.43
C ASP B 330 37.97 -22.33 9.19
N VAL B 331 37.56 -21.31 8.45
CA VAL B 331 37.25 -20.02 9.05
C VAL B 331 35.74 -19.78 9.06
N ALA B 332 35.28 -18.99 10.01
CA ALA B 332 33.88 -18.60 10.08
C ALA B 332 33.77 -17.08 10.30
N ILE B 333 33.06 -16.40 9.41
CA ILE B 333 32.95 -14.95 9.50
C ILE B 333 31.54 -14.52 9.93
N MET B 334 31.47 -13.59 10.87
CA MET B 334 30.21 -13.06 11.34
C MET B 334 30.03 -11.62 10.89
N ALA B 335 28.89 -11.32 10.29
CA ALA B 335 28.58 -9.96 9.87
C ALA B 335 27.41 -9.40 10.66
N ASP B 336 27.65 -8.33 11.40
CA ASP B 336 26.64 -7.76 12.29
C ASP B 336 26.70 -6.24 12.28
N SER B 337 25.82 -5.60 11.50
CA SER B 337 24.84 -6.30 10.69
C SER B 337 24.99 -5.94 9.21
N THR B 338 24.53 -6.83 8.33
CA THR B 338 24.62 -6.59 6.89
C THR B 338 23.63 -5.52 6.45
N SER B 339 22.62 -5.26 7.27
CA SER B 339 21.63 -4.24 6.96
C SER B 339 22.28 -2.85 6.97
N ARG B 340 23.18 -2.64 7.92
CA ARG B 340 23.87 -1.35 8.05
C ARG B 340 24.79 -1.12 6.86
N TRP B 341 25.25 -2.21 6.25
CA TRP B 341 26.04 -2.16 5.03
C TRP B 341 25.17 -1.66 3.88
N ALA B 342 23.99 -2.26 3.73
CA ALA B 342 23.05 -1.86 2.69
C ALA B 342 22.58 -0.42 2.90
N GLU B 343 22.45 -0.02 4.16
CA GLU B 343 22.06 1.35 4.49
C GLU B 343 23.17 2.32 4.10
N ALA B 344 24.41 1.84 4.13
CA ALA B 344 25.55 2.65 3.72
C ALA B 344 25.55 2.83 2.21
N LEU B 345 25.20 1.77 1.49
CA LEU B 345 25.13 1.81 0.03
C LEU B 345 24.06 2.81 -0.43
N ARG B 346 22.94 2.84 0.30
CA ARG B 346 21.83 3.72 -0.03
C ARG B 346 22.18 5.19 0.22
N GLU B 347 22.97 5.44 1.26
CA GLU B 347 23.42 6.79 1.58
C GLU B 347 24.27 7.38 0.46
N MET B 348 25.29 6.63 0.05
CA MET B 348 26.21 7.08 -0.99
C MET B 348 25.50 7.13 -2.35
N SER B 349 24.50 6.28 -2.52
CA SER B 349 23.71 6.25 -3.74
C SER B 349 22.98 7.58 -3.96
N GLY B 350 22.30 8.05 -2.92
CA GLY B 350 21.57 9.30 -2.98
C GLY B 350 22.48 10.49 -3.20
N ARG B 351 23.66 10.44 -2.59
CA ARG B 351 24.68 11.48 -2.78
C ARG B 351 25.16 11.50 -4.22
N LEU B 352 25.29 10.32 -4.81
CA LEU B 352 25.74 10.21 -6.20
C LEU B 352 24.60 10.45 -7.17
N GLU B 353 23.43 10.77 -6.63
CA GLU B 353 22.23 11.05 -7.40
C GLU B 353 21.86 9.88 -8.32
N GLU B 354 22.17 8.67 -7.88
CA GLU B 354 21.75 7.47 -8.59
C GLU B 354 20.24 7.29 -8.46
N MET B 355 19.70 6.33 -9.20
CA MET B 355 18.27 6.06 -9.12
C MET B 355 18.00 4.70 -8.50
N PRO B 356 16.93 4.62 -7.69
CA PRO B 356 16.43 3.34 -7.17
C PRO B 356 15.89 2.49 -8.32
N GLY B 357 15.92 1.16 -8.18
CA GLY B 357 16.33 0.51 -6.96
C GLY B 357 15.11 0.23 -6.11
N ASP B 358 15.23 -0.68 -5.15
CA ASP B 358 14.09 -1.04 -4.32
C ASP B 358 14.23 -0.48 -2.90
N GLU B 359 13.19 0.21 -2.45
CA GLU B 359 13.14 0.85 -1.14
C GLU B 359 14.31 1.80 -0.88
N GLY B 360 14.75 2.50 -1.92
CA GLY B 360 15.82 3.47 -1.78
C GLY B 360 17.19 2.89 -2.02
N TYR B 361 17.33 1.59 -1.75
CA TYR B 361 18.59 0.88 -2.00
C TYR B 361 18.91 0.92 -3.49
N PRO B 362 20.19 0.95 -3.85
CA PRO B 362 20.57 0.99 -5.28
C PRO B 362 20.20 -0.29 -6.02
N ALA B 363 20.25 -0.25 -7.35
CA ALA B 363 19.85 -1.40 -8.16
C ALA B 363 20.85 -2.54 -8.06
N TYR B 364 22.08 -2.22 -7.65
CA TYR B 364 23.14 -3.20 -7.60
C TYR B 364 23.33 -3.81 -6.21
N LEU B 365 22.32 -3.64 -5.35
CA LEU B 365 22.38 -4.18 -3.99
C LEU B 365 22.50 -5.70 -3.98
N GLY B 366 21.60 -6.34 -4.70
CA GLY B 366 21.57 -7.80 -4.78
C GLY B 366 22.88 -8.40 -5.27
N SER B 367 23.47 -7.75 -6.27
CA SER B 367 24.75 -8.19 -6.83
C SER B 367 25.84 -8.16 -5.76
N ARG B 368 25.97 -7.03 -5.08
CA ARG B 368 26.95 -6.89 -3.99
C ARG B 368 26.79 -7.98 -2.94
N LEU B 369 25.54 -8.30 -2.63
CA LEU B 369 25.25 -9.36 -1.67
C LEU B 369 25.61 -10.73 -2.25
N ALA B 370 25.17 -10.97 -3.49
CA ALA B 370 25.47 -12.22 -4.17
C ALA B 370 26.97 -12.41 -4.34
N GLU B 371 27.68 -11.33 -4.64
CA GLU B 371 29.13 -11.38 -4.77
C GLU B 371 29.78 -11.71 -3.44
N TYR B 372 29.20 -11.21 -2.35
CA TYR B 372 29.78 -11.38 -1.02
C TYR B 372 29.72 -12.83 -0.55
N TYR B 373 28.52 -13.40 -0.54
CA TYR B 373 28.32 -14.76 -0.04
C TYR B 373 28.95 -15.82 -0.94
N GLU B 374 29.20 -15.46 -2.19
CA GLU B 374 29.82 -16.39 -3.13
C GLU B 374 31.32 -16.51 -2.87
N ARG B 375 31.85 -15.63 -2.02
CA ARG B 375 33.26 -15.66 -1.66
C ARG B 375 33.51 -16.68 -0.55
N SER B 376 32.42 -17.16 0.06
CA SER B 376 32.51 -18.20 1.08
C SER B 376 32.31 -19.57 0.45
N GLY B 377 32.58 -20.63 1.21
CA GLY B 377 32.38 -21.98 0.73
C GLY B 377 33.60 -22.86 0.89
N ARG B 378 33.42 -24.15 0.64
CA ARG B 378 34.53 -25.09 0.62
C ARG B 378 35.34 -24.93 -0.66
N VAL B 379 36.61 -24.62 -0.52
CA VAL B 379 37.48 -24.41 -1.67
C VAL B 379 38.70 -25.33 -1.63
N ILE B 380 39.39 -25.40 -2.76
CA ILE B 380 40.72 -25.99 -2.80
C ILE B 380 41.71 -24.86 -3.05
N ALA B 381 42.48 -24.51 -2.02
CA ALA B 381 43.42 -23.40 -2.11
C ALA B 381 44.47 -23.66 -3.18
N LEU B 382 45.01 -22.58 -3.74
CA LEU B 382 46.04 -22.70 -4.77
C LEU B 382 47.32 -23.27 -4.18
N GLY B 383 48.02 -24.08 -4.98
CA GLY B 383 49.24 -24.71 -4.54
C GLY B 383 49.28 -26.18 -4.91
N SER B 384 50.48 -26.76 -4.88
CA SER B 384 50.66 -28.17 -5.23
C SER B 384 50.01 -29.09 -4.21
N ASP B 385 49.90 -28.62 -2.97
CA ASP B 385 49.30 -29.38 -1.90
C ASP B 385 47.83 -29.69 -2.18
N GLN B 386 47.17 -28.75 -2.86
CA GLN B 386 45.72 -28.79 -3.08
C GLN B 386 45.00 -28.95 -1.75
N ARG B 387 45.44 -28.19 -0.75
CA ARG B 387 44.85 -28.25 0.57
C ARG B 387 43.43 -27.71 0.54
N GLU B 388 42.61 -28.16 1.49
CA GLU B 388 41.22 -27.73 1.56
C GLU B 388 40.99 -26.75 2.69
N GLY B 389 40.27 -25.68 2.39
CA GLY B 389 39.88 -24.70 3.39
C GLY B 389 38.43 -24.31 3.16
N SER B 390 37.86 -23.56 4.11
CA SER B 390 36.47 -23.16 3.98
C SER B 390 36.17 -21.87 4.73
N ILE B 391 35.12 -21.19 4.28
CA ILE B 391 34.62 -20.01 4.98
C ILE B 391 33.12 -20.15 5.20
N THR B 392 32.72 -20.16 6.47
CA THR B 392 31.30 -20.21 6.79
C THR B 392 30.82 -18.81 7.14
N ALA B 393 29.80 -18.34 6.42
CA ALA B 393 29.34 -16.97 6.57
C ALA B 393 28.05 -16.86 7.36
N ILE B 394 28.12 -16.28 8.54
CA ILE B 394 26.94 -15.99 9.34
C ILE B 394 26.65 -14.49 9.29
N SER B 395 25.47 -14.14 8.81
CA SER B 395 25.12 -12.74 8.64
C SER B 395 23.80 -12.37 9.32
N ALA B 396 23.84 -11.33 10.13
CA ALA B 396 22.65 -10.84 10.81
C ALA B 396 21.98 -9.76 9.97
N VAL B 397 20.72 -9.98 9.61
CA VAL B 397 19.94 -8.97 8.90
C VAL B 397 18.98 -8.31 9.89
N SER B 398 18.89 -6.99 9.82
CA SER B 398 18.05 -6.24 10.76
C SER B 398 16.89 -5.55 10.04
N PRO B 399 15.82 -6.32 9.76
CA PRO B 399 14.69 -5.78 8.99
C PRO B 399 13.91 -4.74 9.80
N SER B 400 13.48 -3.68 9.12
CA SER B 400 12.71 -2.62 9.76
C SER B 400 11.37 -3.13 10.25
N GLY B 401 11.17 -3.13 11.57
CA GLY B 401 9.92 -3.56 12.15
C GLY B 401 9.73 -5.07 12.15
N GLY B 402 10.76 -5.79 11.74
CA GLY B 402 10.72 -7.24 11.73
C GLY B 402 10.21 -7.83 10.43
N ASP B 403 9.67 -6.98 9.57
CA ASP B 403 9.14 -7.40 8.29
C ASP B 403 10.26 -7.91 7.38
N ILE B 404 10.25 -9.20 7.07
CA ILE B 404 11.29 -9.79 6.24
C ILE B 404 10.98 -9.67 4.75
N SER B 405 10.06 -8.79 4.40
CA SER B 405 9.81 -8.45 3.00
C SER B 405 10.86 -7.47 2.52
N GLU B 406 11.67 -7.00 3.48
CA GLU B 406 12.80 -6.11 3.23
C GLU B 406 13.73 -6.66 2.15
N PRO B 407 14.19 -5.78 1.25
CA PRO B 407 15.11 -6.16 0.17
C PRO B 407 16.39 -6.84 0.66
N VAL B 408 16.94 -6.38 1.78
CA VAL B 408 18.18 -6.94 2.29
C VAL B 408 18.02 -8.39 2.73
N THR B 409 16.89 -8.70 3.36
CA THR B 409 16.61 -10.07 3.76
C THR B 409 16.35 -10.95 2.55
N GLN B 410 15.53 -10.45 1.63
CA GLN B 410 15.12 -11.20 0.45
C GLN B 410 16.30 -11.56 -0.45
N ASN B 411 17.13 -10.58 -0.77
CA ASN B 411 18.28 -10.82 -1.65
C ASN B 411 19.28 -11.78 -1.03
N THR B 412 19.38 -11.76 0.29
CA THR B 412 20.27 -12.67 1.00
C THR B 412 19.74 -14.10 0.95
N LEU B 413 18.42 -14.24 1.02
CA LEU B 413 17.79 -15.56 1.01
C LEU B 413 17.82 -16.21 -0.38
N ARG B 414 18.21 -15.46 -1.40
CA ARG B 414 18.26 -16.00 -2.75
C ARG B 414 19.63 -16.59 -3.07
N VAL B 415 20.54 -16.58 -2.09
CA VAL B 415 21.88 -17.10 -2.29
C VAL B 415 22.39 -17.93 -1.12
N VAL B 416 21.65 -17.92 -0.01
CA VAL B 416 22.03 -18.74 1.14
C VAL B 416 21.02 -19.86 1.34
N LYS B 417 21.48 -20.98 1.89
CA LYS B 417 20.64 -22.17 2.02
C LYS B 417 20.16 -22.37 3.46
N VAL B 418 20.56 -21.47 4.35
CA VAL B 418 20.17 -21.55 5.75
C VAL B 418 19.49 -20.26 6.22
N PHE B 419 18.35 -20.39 6.88
CA PHE B 419 17.57 -19.24 7.31
C PHE B 419 17.07 -19.39 8.74
N TRP B 420 17.74 -18.72 9.67
CA TRP B 420 17.35 -18.74 11.08
C TRP B 420 16.46 -17.54 11.40
N GLY B 421 15.16 -17.70 11.27
CA GLY B 421 14.23 -16.61 11.49
C GLY B 421 13.89 -16.40 12.95
N LEU B 422 14.19 -15.21 13.47
CA LEU B 422 13.92 -14.88 14.85
C LEU B 422 12.51 -14.30 15.01
N ASP B 423 11.79 -14.78 16.02
CA ASP B 423 10.41 -14.34 16.25
C ASP B 423 10.33 -13.44 17.47
N SER B 424 9.77 -12.25 17.28
CA SER B 424 9.63 -11.28 18.36
C SER B 424 8.68 -11.77 19.44
N SER B 425 7.72 -12.59 19.05
CA SER B 425 6.75 -13.15 19.99
C SER B 425 7.45 -14.07 20.98
N LEU B 426 8.33 -14.92 20.46
CA LEU B 426 9.08 -15.86 21.30
C LEU B 426 10.03 -15.11 22.24
N ALA B 427 10.68 -14.08 21.71
CA ALA B 427 11.65 -13.31 22.49
C ALA B 427 10.99 -12.63 23.68
N GLN B 428 9.73 -12.24 23.51
CA GLN B 428 8.97 -11.61 24.58
C GLN B 428 8.56 -12.66 25.60
N LYS B 429 8.36 -13.89 25.13
CA LYS B 429 8.04 -15.01 26.02
C LYS B 429 9.30 -15.56 26.68
N ARG B 430 10.42 -14.86 26.49
CA ARG B 430 11.73 -15.27 26.97
C ARG B 430 12.08 -16.65 26.44
N HIS B 431 11.77 -16.87 25.16
CA HIS B 431 12.06 -18.12 24.49
C HIS B 431 13.29 -17.97 23.60
N PHE B 432 14.46 -18.16 24.18
CA PHE B 432 15.71 -17.99 23.45
C PHE B 432 16.45 -19.32 23.27
N PRO B 433 17.02 -19.55 22.08
CA PRO B 433 17.05 -18.66 20.90
C PRO B 433 15.68 -18.48 20.26
N SER B 434 15.38 -17.25 19.84
CA SER B 434 14.05 -16.89 19.36
C SER B 434 13.71 -17.43 17.96
N ILE B 435 14.46 -18.44 17.53
CA ILE B 435 14.28 -19.00 16.19
C ILE B 435 12.90 -19.65 16.01
N ASN B 436 12.13 -19.14 15.06
CA ASN B 436 10.84 -19.71 14.70
C ASN B 436 11.03 -21.06 14.02
N TRP B 437 10.69 -22.15 14.71
CA TRP B 437 10.95 -23.49 14.20
C TRP B 437 10.06 -23.86 13.01
N ILE B 438 9.03 -23.06 12.76
CA ILE B 438 8.12 -23.32 11.65
C ILE B 438 8.62 -22.70 10.35
N GLN B 439 8.89 -21.39 10.39
CA GLN B 439 9.26 -20.66 9.19
C GLN B 439 10.72 -20.88 8.80
N SER B 440 11.59 -21.06 9.79
CA SER B 440 13.01 -21.24 9.54
C SER B 440 13.27 -22.55 8.79
N TYR B 441 14.39 -22.60 8.07
CA TYR B 441 14.74 -23.79 7.31
C TYR B 441 16.23 -23.88 7.01
N SER B 442 16.69 -25.09 6.70
CA SER B 442 18.06 -25.31 6.27
C SER B 442 18.07 -26.37 5.17
N LEU B 443 18.57 -25.99 4.00
CA LEU B 443 18.61 -26.91 2.86
C LEU B 443 19.83 -27.82 2.94
N TYR B 444 20.46 -27.85 4.11
CA TYR B 444 21.58 -28.73 4.37
C TYR B 444 21.15 -29.91 5.23
N SER B 445 19.94 -29.83 5.77
CA SER B 445 19.42 -30.81 6.72
C SER B 445 19.47 -32.24 6.18
N THR B 446 19.10 -32.41 4.92
CA THR B 446 19.10 -33.73 4.31
C THR B 446 20.50 -34.33 4.29
N GLU B 447 21.47 -33.56 3.81
CA GLU B 447 22.85 -34.02 3.72
C GLU B 447 23.49 -34.17 5.09
N VAL B 448 23.15 -33.29 6.02
CA VAL B 448 23.67 -33.35 7.38
C VAL B 448 23.18 -34.62 8.06
N GLY B 449 21.91 -34.96 7.86
CA GLY B 449 21.32 -36.15 8.44
C GLY B 449 22.09 -37.41 8.13
N ARG B 450 22.56 -37.52 6.89
CA ARG B 450 23.38 -38.66 6.47
C ARG B 450 24.70 -38.69 7.22
N TYR B 451 25.37 -37.54 7.27
CA TYR B 451 26.64 -37.40 7.99
C TYR B 451 26.45 -37.72 9.47
N MET B 452 25.30 -37.33 10.00
CA MET B 452 24.99 -37.57 11.41
C MET B 452 24.74 -39.05 11.68
N ASP B 453 23.99 -39.70 10.79
CA ASP B 453 23.61 -41.10 10.97
C ASP B 453 24.83 -42.02 11.01
N GLN B 454 25.89 -41.59 10.32
CA GLN B 454 27.12 -42.36 10.22
C GLN B 454 28.02 -42.14 11.44
N ILE B 455 28.30 -40.88 11.73
CA ILE B 455 29.25 -40.51 12.76
C ILE B 455 28.73 -40.87 14.16
N LEU B 456 27.45 -41.19 14.29
CA LEU B 456 26.88 -41.51 15.60
C LEU B 456 26.36 -42.97 15.73
N GLN B 457 26.20 -43.62 14.59
CA GLN B 457 25.44 -44.87 14.45
C GLN B 457 24.03 -44.83 15.11
N GLN B 458 23.29 -43.77 14.85
CA GLN B 458 21.94 -43.81 15.34
C GLN B 458 21.10 -43.25 14.24
N ASP B 459 19.79 -43.41 14.35
CA ASP B 459 18.93 -42.85 13.34
C ASP B 459 18.63 -41.41 13.70
N TRP B 460 19.63 -40.55 13.52
CA TRP B 460 19.48 -39.13 13.85
C TRP B 460 18.48 -38.45 12.95
N SER B 461 18.59 -38.69 11.64
CA SER B 461 17.73 -38.06 10.65
C SER B 461 16.25 -38.31 10.93
N ASP B 462 15.92 -39.53 11.31
CA ASP B 462 14.55 -39.92 11.56
C ASP B 462 14.04 -39.36 12.89
N MET B 463 14.97 -39.20 13.84
CA MET B 463 14.63 -38.58 15.12
C MET B 463 14.27 -37.12 14.92
N VAL B 464 15.08 -36.41 14.13
CA VAL B 464 14.85 -35.02 13.82
C VAL B 464 13.55 -34.85 13.04
N THR B 465 13.32 -35.74 12.07
CA THR B 465 12.13 -35.70 11.24
C THR B 465 10.88 -35.84 12.11
N GLU B 466 10.90 -36.80 13.02
CA GLU B 466 9.78 -37.03 13.93
C GLU B 466 9.61 -35.85 14.89
N GLY B 467 10.73 -35.29 15.33
CA GLY B 467 10.72 -34.16 16.23
C GLY B 467 10.05 -32.93 15.61
N MET B 468 10.34 -32.70 14.34
CA MET B 468 9.75 -31.58 13.62
C MET B 468 8.29 -31.85 13.29
N ARG B 469 7.97 -33.12 13.04
CA ARG B 469 6.61 -33.54 12.71
C ARG B 469 5.65 -33.25 13.87
N ILE B 470 6.15 -33.40 15.08
CA ILE B 470 5.35 -33.13 16.28
C ILE B 470 5.11 -31.63 16.44
N LEU B 471 6.16 -30.85 16.20
CA LEU B 471 6.10 -29.39 16.31
C LEU B 471 5.09 -28.80 15.31
N GLN B 472 4.94 -29.46 14.17
CA GLN B 472 4.03 -28.99 13.13
C GLN B 472 2.59 -29.31 13.49
N GLU B 473 2.37 -30.49 14.07
CA GLU B 473 1.04 -30.85 14.55
C GLU B 473 0.62 -29.93 15.69
N GLU B 474 1.60 -29.51 16.49
CA GLU B 474 1.35 -28.62 17.61
C GLU B 474 0.78 -27.29 17.13
N GLU B 475 1.27 -26.81 16.00
CA GLU B 475 0.78 -25.56 15.43
C GLU B 475 -0.66 -25.70 14.96
N GLN B 476 -0.98 -26.85 14.40
CA GLN B 476 -2.33 -27.11 13.89
C GLN B 476 -3.31 -27.41 15.02
N LEU B 477 -2.84 -28.14 16.02
CA LEU B 477 -3.67 -28.50 17.17
C LEU B 477 -4.04 -27.27 17.98
N ASN B 478 -3.09 -26.35 18.15
CA ASN B 478 -3.32 -25.13 18.90
C ASN B 478 -4.41 -24.26 18.28
N GLU B 479 -4.56 -24.34 16.97
CA GLU B 479 -5.63 -23.63 16.28
C GLU B 479 -6.98 -24.25 16.61
N ILE B 480 -6.99 -25.58 16.72
CA ILE B 480 -8.19 -26.30 17.12
C ILE B 480 -8.53 -25.96 18.57
N VAL B 481 -7.49 -25.77 19.38
CA VAL B 481 -7.66 -25.47 20.80
C VAL B 481 -8.39 -24.14 21.03
N ARG B 482 -7.95 -23.10 20.33
CA ARG B 482 -8.42 -21.74 20.62
C ARG B 482 -9.85 -21.46 20.18
N LEU B 483 -10.47 -22.40 19.47
CA LEU B 483 -11.85 -22.19 19.03
C LEU B 483 -12.76 -23.36 19.39
N VAL B 484 -12.18 -24.45 19.89
CA VAL B 484 -12.99 -25.58 20.36
C VAL B 484 -12.73 -25.86 21.84
N GLY B 485 -11.47 -25.76 22.25
CA GLY B 485 -11.10 -26.03 23.62
C GLY B 485 -10.24 -27.28 23.74
N ILE B 486 -9.27 -27.24 24.64
CA ILE B 486 -8.34 -28.35 24.82
C ILE B 486 -9.04 -29.61 25.33
N ASP B 487 -10.16 -29.42 26.03
CA ASP B 487 -10.90 -30.54 26.60
C ASP B 487 -11.61 -31.35 25.51
N SER B 488 -11.71 -30.78 24.32
CA SER B 488 -12.35 -31.45 23.20
C SER B 488 -11.35 -32.26 22.38
N LEU B 489 -10.10 -32.25 22.83
CA LEU B 489 -9.04 -32.97 22.14
C LEU B 489 -8.94 -34.42 22.61
N SER B 490 -8.48 -35.29 21.73
CA SER B 490 -8.23 -36.68 22.07
C SER B 490 -7.06 -36.78 23.05
N ASP B 491 -7.00 -37.88 23.78
CA ASP B 491 -5.90 -38.11 24.71
C ASP B 491 -4.58 -38.29 23.93
N ASN B 492 -4.70 -38.82 22.72
CA ASN B 492 -3.54 -38.98 21.86
C ASN B 492 -3.06 -37.63 21.33
N ASP B 493 -4.02 -36.71 21.16
CA ASP B 493 -3.71 -35.36 20.74
C ASP B 493 -3.07 -34.56 21.87
N ARG B 494 -3.60 -34.74 23.08
CA ARG B 494 -3.06 -34.05 24.25
C ARG B 494 -1.66 -34.55 24.58
N LEU B 495 -1.40 -35.81 24.25
CA LEU B 495 -0.06 -36.37 24.40
C LEU B 495 0.89 -35.69 23.44
N THR B 496 0.44 -35.51 22.21
CA THR B 496 1.22 -34.84 21.18
C THR B 496 1.59 -33.42 21.59
N LEU B 497 0.69 -32.77 22.33
CA LEU B 497 0.93 -31.41 22.81
C LEU B 497 2.02 -31.37 23.89
N GLU B 498 1.88 -32.23 24.89
CA GLU B 498 2.82 -32.26 26.01
C GLU B 498 4.20 -32.74 25.57
N VAL B 499 4.26 -33.53 24.51
CA VAL B 499 5.53 -33.95 23.94
C VAL B 499 6.14 -32.76 23.20
N ALA B 500 5.31 -32.03 22.46
CA ALA B 500 5.74 -30.83 21.74
C ALA B 500 6.22 -29.78 22.73
N LYS B 501 5.51 -29.67 23.85
CA LYS B 501 5.90 -28.75 24.92
C LYS B 501 7.29 -29.10 25.44
N SER B 502 7.53 -30.40 25.61
CA SER B 502 8.82 -30.90 26.08
C SER B 502 9.93 -30.55 25.09
N ILE B 503 9.61 -30.60 23.80
CA ILE B 503 10.59 -30.26 22.77
C ILE B 503 10.98 -28.79 22.85
N ARG B 504 9.99 -27.92 23.00
CA ARG B 504 10.24 -26.48 23.05
C ARG B 504 11.03 -26.08 24.29
N GLU B 505 10.50 -26.42 25.47
CA GLU B 505 11.05 -25.95 26.73
C GLU B 505 12.31 -26.68 27.18
N ASP B 506 12.39 -27.98 26.89
CA ASP B 506 13.49 -28.79 27.40
C ASP B 506 14.62 -29.00 26.39
N TYR B 507 14.35 -28.70 25.12
CA TYR B 507 15.38 -28.90 24.08
C TYR B 507 15.67 -27.62 23.30
N LEU B 508 14.63 -27.00 22.77
CA LEU B 508 14.79 -25.82 21.92
C LEU B 508 15.27 -24.60 22.71
N GLN B 509 14.62 -24.34 23.85
CA GLN B 509 15.02 -23.23 24.71
C GLN B 509 16.42 -23.47 25.27
N GLN B 510 17.30 -22.50 25.07
CA GLN B 510 18.70 -22.66 25.43
C GLN B 510 19.33 -21.34 25.87
N ASN B 511 19.57 -21.20 27.17
CA ASN B 511 20.15 -19.99 27.73
C ASN B 511 21.64 -19.88 27.40
N ALA B 512 22.00 -18.82 26.69
CA ALA B 512 23.38 -18.61 26.28
C ALA B 512 24.24 -18.08 27.42
N PHE B 513 23.59 -17.67 28.51
CA PHE B 513 24.29 -17.06 29.64
C PHE B 513 24.41 -18.02 30.83
N ASP B 514 23.99 -19.26 30.64
CA ASP B 514 24.18 -20.29 31.64
C ASP B 514 25.43 -21.09 31.32
N ASP B 515 26.30 -21.29 32.31
CA ASP B 515 27.62 -21.84 32.08
C ASP B 515 27.64 -23.28 31.57
N VAL B 516 26.55 -24.01 31.75
CA VAL B 516 26.49 -25.40 31.31
C VAL B 516 25.49 -25.56 30.16
N ASP B 517 24.57 -24.61 30.03
CA ASP B 517 23.52 -24.70 29.02
C ASP B 517 23.88 -23.92 27.76
N THR B 518 24.94 -23.11 27.85
CA THR B 518 25.36 -22.29 26.71
C THR B 518 25.94 -23.13 25.57
N PHE B 519 26.41 -24.33 25.91
CA PHE B 519 26.95 -25.25 24.91
C PHE B 519 26.45 -26.65 25.14
N THR B 520 26.14 -27.35 24.06
CA THR B 520 25.66 -28.73 24.16
C THR B 520 26.29 -29.58 23.06
N SER B 521 27.22 -30.44 23.46
CA SER B 521 27.97 -31.28 22.51
C SER B 521 27.03 -32.17 21.69
N ARG B 522 27.54 -32.62 20.55
CA ARG B 522 26.75 -33.38 19.60
C ARG B 522 26.16 -34.65 20.20
N GLU B 523 26.97 -35.33 21.02
CA GLU B 523 26.54 -36.57 21.66
C GLU B 523 25.51 -36.29 22.75
N LYS B 524 25.64 -35.15 23.42
CA LYS B 524 24.69 -34.76 24.45
C LYS B 524 23.34 -34.42 23.83
N GLN B 525 23.37 -33.82 22.64
CA GLN B 525 22.16 -33.50 21.91
C GLN B 525 21.38 -34.75 21.54
N PHE B 526 22.10 -35.83 21.24
CA PHE B 526 21.46 -37.07 20.86
C PHE B 526 20.70 -37.70 22.03
N ASN B 527 21.35 -37.77 23.18
CA ASN B 527 20.74 -38.35 24.36
C ASN B 527 19.49 -37.59 24.79
N MET B 528 19.60 -36.27 24.83
CA MET B 528 18.48 -35.42 25.23
C MET B 528 17.27 -35.62 24.33
N LEU B 529 17.50 -35.59 23.03
CA LEU B 529 16.41 -35.75 22.05
C LEU B 529 15.80 -37.14 22.13
N LYS B 530 16.65 -38.15 22.38
CA LYS B 530 16.17 -39.52 22.48
C LYS B 530 15.26 -39.70 23.69
N VAL B 531 15.67 -39.13 24.83
CA VAL B 531 14.89 -39.19 26.06
C VAL B 531 13.51 -38.56 25.86
N ILE B 532 13.48 -37.40 25.22
CA ILE B 532 12.23 -36.70 24.94
C ILE B 532 11.34 -37.50 23.99
N LEU B 533 11.96 -38.11 22.98
CA LEU B 533 11.22 -38.87 21.98
C LEU B 533 10.69 -40.19 22.54
N THR B 534 11.47 -40.83 23.41
CA THR B 534 11.06 -42.11 24.00
C THR B 534 9.88 -41.94 24.95
N PHE B 535 9.72 -40.73 25.48
CA PHE B 535 8.58 -40.45 26.35
C PHE B 535 7.29 -40.44 25.55
N GLY B 536 7.37 -39.93 24.32
CA GLY B 536 6.21 -39.89 23.44
C GLY B 536 5.84 -41.27 22.92
N LYS B 537 6.83 -42.10 22.69
CA LYS B 537 6.62 -43.45 22.17
C LYS B 537 5.99 -44.37 23.21
N GLU B 538 6.52 -44.33 24.43
CA GLU B 538 6.00 -45.15 25.51
C GLU B 538 4.60 -44.71 25.90
N ALA B 539 4.35 -43.40 25.86
CA ALA B 539 3.04 -42.87 26.18
C ALA B 539 2.04 -43.18 25.08
N ARG B 540 2.53 -43.24 23.83
CA ARG B 540 1.69 -43.62 22.70
C ARG B 540 1.30 -45.09 22.81
N LYS B 541 2.24 -45.90 23.27
CA LYS B 541 1.98 -47.33 23.48
C LYS B 541 1.05 -47.54 24.67
N ALA B 542 1.25 -46.75 25.72
CA ALA B 542 0.44 -46.85 26.93
C ALA B 542 -1.01 -46.50 26.63
N LEU B 543 -1.22 -45.48 25.80
CA LEU B 543 -2.56 -45.08 25.39
C LEU B 543 -3.21 -46.16 24.55
N SER B 544 -2.41 -46.88 23.77
CA SER B 544 -2.90 -47.95 22.92
C SER B 544 -3.38 -49.13 23.77
N LEU B 545 -2.75 -49.31 24.93
CA LEU B 545 -3.12 -50.39 25.84
C LEU B 545 -4.41 -50.06 26.57
N GLY B 546 -4.75 -48.78 26.61
CA GLY B 546 -6.00 -48.34 27.21
C GLY B 546 -5.84 -47.42 28.41
N ALA B 547 -4.60 -46.99 28.66
CA ALA B 547 -4.32 -46.09 29.78
C ALA B 547 -4.88 -44.70 29.52
N TYR B 548 -5.10 -43.94 30.58
CA TYR B 548 -5.63 -42.59 30.46
C TYR B 548 -4.53 -41.55 30.45
N PHE B 549 -4.78 -40.44 29.77
CA PHE B 549 -3.80 -39.36 29.64
C PHE B 549 -3.45 -38.73 30.98
N ASN B 550 -4.46 -38.49 31.81
CA ASN B 550 -4.25 -37.89 33.11
C ASN B 550 -3.41 -38.77 34.03
N GLU B 551 -3.62 -40.09 33.95
CA GLU B 551 -2.85 -41.02 34.76
C GLU B 551 -1.38 -41.03 34.37
N ILE B 552 -1.11 -41.05 33.06
CA ILE B 552 0.26 -41.03 32.56
C ILE B 552 0.95 -39.74 32.97
N MET B 553 0.23 -38.62 32.90
CA MET B 553 0.80 -37.32 33.21
C MET B 553 1.05 -37.16 34.70
N GLU B 554 0.10 -37.59 35.53
CA GLU B 554 0.21 -37.47 36.97
C GLU B 554 1.20 -38.46 37.57
N GLY B 555 1.50 -39.51 36.82
CA GLY B 555 2.43 -40.53 37.27
C GLY B 555 3.80 -40.39 36.63
N THR B 556 4.11 -39.20 36.11
CA THR B 556 5.39 -38.97 35.46
C THR B 556 6.01 -37.64 35.87
N VAL B 557 5.53 -37.06 36.97
CA VAL B 557 6.05 -35.80 37.48
C VAL B 557 7.55 -35.91 37.77
N ALA B 558 7.98 -37.09 38.21
CA ALA B 558 9.39 -37.33 38.54
C ALA B 558 10.29 -37.26 37.31
N VAL B 559 10.02 -38.12 36.33
CA VAL B 559 10.86 -38.20 35.14
C VAL B 559 10.81 -36.94 34.29
N ARG B 560 9.62 -36.36 34.15
CA ARG B 560 9.45 -35.18 33.30
C ARG B 560 10.22 -33.97 33.83
N GLU B 561 10.47 -33.96 35.14
CA GLU B 561 11.29 -32.92 35.73
C GLU B 561 12.76 -33.22 35.47
N ARG B 562 13.12 -34.50 35.53
CA ARG B 562 14.48 -34.94 35.23
C ARG B 562 14.81 -34.65 33.77
N ILE B 563 13.82 -34.83 32.89
CA ILE B 563 13.99 -34.52 31.49
C ILE B 563 14.20 -33.02 31.28
N SER B 564 13.51 -32.23 32.10
CA SER B 564 13.64 -30.78 32.03
C SER B 564 15.03 -30.31 32.44
N ARG B 565 15.52 -30.86 33.55
CA ARG B 565 16.82 -30.47 34.09
C ARG B 565 17.98 -31.14 33.36
N SER B 566 17.65 -32.00 32.40
CA SER B 566 18.65 -32.77 31.67
C SER B 566 19.62 -31.88 30.89
N LYS B 567 19.15 -30.70 30.50
CA LYS B 567 19.98 -29.76 29.75
C LYS B 567 21.16 -29.26 30.61
N TYR B 568 21.00 -29.35 31.92
CA TYR B 568 22.02 -28.85 32.85
C TYR B 568 22.98 -29.96 33.29
N ILE B 569 22.77 -31.16 32.79
CA ILE B 569 23.66 -32.28 33.11
C ILE B 569 24.99 -32.13 32.39
N PRO B 570 26.10 -32.17 33.15
CA PRO B 570 27.47 -31.98 32.66
C PRO B 570 27.84 -32.90 31.49
N GLU B 571 28.90 -32.53 30.76
CA GLU B 571 29.31 -33.24 29.57
C GLU B 571 29.96 -34.59 29.87
N GLU B 572 30.34 -34.79 31.13
CA GLU B 572 31.00 -36.03 31.53
C GLU B 572 29.97 -37.05 32.01
N GLU B 573 28.84 -36.55 32.46
CA GLU B 573 27.83 -37.41 33.08
C GLU B 573 26.63 -37.64 32.16
N LEU B 574 26.91 -37.86 30.88
CA LEU B 574 25.87 -38.11 29.89
C LEU B 574 25.15 -39.43 30.17
N ALA B 575 25.81 -40.30 30.92
CA ALA B 575 25.24 -41.58 31.30
C ALA B 575 24.01 -41.40 32.19
N LYS B 576 23.90 -40.24 32.81
CA LYS B 576 22.75 -39.92 33.65
C LYS B 576 21.55 -39.54 32.78
N ILE B 577 21.82 -39.04 31.58
CA ILE B 577 20.77 -38.63 30.66
C ILE B 577 20.15 -39.83 29.94
N SER B 578 21.00 -40.69 29.41
CA SER B 578 20.53 -41.87 28.69
C SER B 578 19.84 -42.87 29.62
N SER B 579 20.15 -42.77 30.91
CA SER B 579 19.57 -43.69 31.90
C SER B 579 18.12 -43.34 32.20
N ILE B 580 17.66 -42.19 31.72
CA ILE B 580 16.28 -41.77 31.89
C ILE B 580 15.36 -42.69 31.09
N ASN B 581 15.87 -43.18 29.96
CA ASN B 581 15.14 -44.14 29.13
C ASN B 581 14.71 -45.36 29.94
N GLU B 582 15.59 -45.81 30.83
CA GLU B 582 15.30 -46.91 31.72
C GLU B 582 14.19 -46.53 32.71
N GLU B 583 14.31 -45.34 33.28
CA GLU B 583 13.36 -44.87 34.28
C GLU B 583 12.01 -44.55 33.63
N ILE B 584 12.02 -44.20 32.35
CA ILE B 584 10.79 -43.94 31.62
C ILE B 584 10.03 -45.23 31.33
N LYS B 585 10.73 -46.22 30.78
CA LYS B 585 10.11 -47.48 30.39
C LYS B 585 9.58 -48.27 31.58
N GLU B 586 10.10 -47.99 32.77
CA GLU B 586 9.68 -48.70 33.96
C GLU B 586 8.57 -47.96 34.70
N THR B 587 8.42 -46.68 34.39
CA THR B 587 7.42 -45.86 35.08
C THR B 587 6.04 -45.99 34.43
N ILE B 588 6.02 -46.06 33.11
CA ILE B 588 4.76 -46.13 32.38
C ILE B 588 4.12 -47.51 32.43
N GLN B 589 4.94 -48.54 32.64
CA GLN B 589 4.45 -49.90 32.69
C GLN B 589 3.70 -50.16 34.00
N LEU B 590 3.99 -49.34 35.01
CA LEU B 590 3.28 -49.41 36.28
C LEU B 590 1.92 -48.70 36.15
N ILE B 591 1.88 -47.69 35.28
CA ILE B 591 0.66 -46.94 35.03
C ILE B 591 -0.38 -47.82 34.34
N VAL B 592 0.09 -48.67 33.43
CA VAL B 592 -0.77 -49.63 32.75
C VAL B 592 -1.30 -50.64 33.77
N SER B 593 -0.49 -50.95 34.77
CA SER B 593 -0.85 -51.91 35.80
C SER B 593 -1.33 -51.21 37.07
N MET C 8 14.41 16.30 -52.94
CA MET C 8 15.45 15.32 -52.67
C MET C 8 16.44 15.83 -51.64
N GLN C 9 15.97 16.07 -50.42
CA GLN C 9 16.83 16.50 -49.34
C GLN C 9 17.28 15.31 -48.50
N ILE C 10 18.57 15.02 -48.54
CA ILE C 10 19.13 13.88 -47.81
C ILE C 10 19.61 14.30 -46.42
N GLY C 11 18.91 13.83 -45.39
CA GLY C 11 19.24 14.15 -44.02
C GLY C 11 20.41 13.33 -43.50
N LYS C 12 20.93 13.71 -42.34
CA LYS C 12 22.07 13.03 -41.76
C LYS C 12 21.84 12.69 -40.29
N ILE C 13 22.10 11.45 -39.92
CA ILE C 13 21.93 10.98 -38.55
C ILE C 13 22.99 11.58 -37.64
N ILE C 14 22.56 12.06 -36.47
CA ILE C 14 23.48 12.60 -35.48
C ILE C 14 23.37 11.88 -34.13
N LYS C 15 22.38 10.99 -34.03
CA LYS C 15 22.18 10.24 -32.79
C LYS C 15 21.32 8.99 -32.99
N VAL C 16 21.76 7.89 -32.38
CA VAL C 16 21.00 6.65 -32.39
C VAL C 16 20.92 6.07 -30.99
N SER C 17 19.70 5.85 -30.50
CA SER C 17 19.49 5.26 -29.19
C SER C 17 18.33 4.27 -29.21
N GLY C 18 18.62 3.03 -29.58
CA GLY C 18 17.59 2.02 -29.69
C GLY C 18 16.67 2.28 -30.85
N PRO C 19 15.37 2.48 -30.57
CA PRO C 19 14.37 2.74 -31.60
C PRO C 19 14.26 4.22 -31.97
N LEU C 20 15.08 5.07 -31.34
CA LEU C 20 15.04 6.50 -31.60
C LEU C 20 16.25 6.98 -32.38
N VAL C 21 15.98 7.60 -33.53
CA VAL C 21 17.04 8.15 -34.37
C VAL C 21 16.86 9.64 -34.60
N MET C 22 17.86 10.43 -34.21
CA MET C 22 17.83 11.87 -34.43
C MET C 22 18.62 12.22 -35.67
N ALA C 23 17.99 12.94 -36.60
CA ALA C 23 18.64 13.27 -37.87
C ALA C 23 18.49 14.75 -38.22
N GLU C 24 19.61 15.37 -38.59
CA GLU C 24 19.60 16.77 -39.01
C GLU C 24 19.38 16.88 -40.52
N ASN C 25 19.30 18.12 -41.01
CA ASN C 25 19.00 18.40 -42.41
C ASN C 25 17.68 17.75 -42.82
N MET C 26 16.61 18.12 -42.12
CA MET C 26 15.28 17.57 -42.39
C MET C 26 14.22 18.66 -42.39
N SER C 27 14.66 19.90 -42.59
CA SER C 27 13.76 21.05 -42.49
C SER C 27 12.65 21.04 -43.54
N GLU C 28 12.87 20.31 -44.63
CA GLU C 28 11.85 20.21 -45.68
C GLU C 28 10.78 19.20 -45.31
N ALA C 29 11.14 18.21 -44.51
CA ALA C 29 10.22 17.16 -44.12
C ALA C 29 9.14 17.68 -43.17
N SER C 30 8.07 16.90 -43.01
CA SER C 30 6.99 17.27 -42.11
C SER C 30 6.76 16.18 -41.06
N ILE C 31 5.99 16.53 -40.03
CA ILE C 31 5.77 15.64 -38.89
C ILE C 31 4.94 14.41 -39.27
N GLN C 32 5.34 13.26 -38.71
CA GLN C 32 4.69 11.98 -38.97
C GLN C 32 4.76 11.58 -40.44
N ASP C 33 5.82 12.00 -41.11
CA ASP C 33 6.17 11.49 -42.43
C ASP C 33 7.00 10.23 -42.25
N MET C 34 6.89 9.30 -43.20
CA MET C 34 7.70 8.09 -43.16
C MET C 34 9.08 8.38 -43.75
N CYS C 35 10.08 7.62 -43.30
CA CYS C 35 11.45 7.83 -43.75
C CYS C 35 12.17 6.52 -44.04
N LEU C 36 13.34 6.63 -44.68
CA LEU C 36 14.24 5.50 -44.81
C LEU C 36 15.55 5.86 -44.13
N VAL C 37 15.91 5.10 -43.10
CA VAL C 37 17.02 5.47 -42.22
C VAL C 37 18.25 4.60 -42.43
N GLY C 38 19.40 5.25 -42.62
CA GLY C 38 20.68 4.57 -42.71
C GLY C 38 21.01 4.05 -44.09
N ASP C 39 22.09 3.28 -44.18
CA ASP C 39 22.50 2.67 -45.44
C ASP C 39 21.60 1.50 -45.79
N LEU C 40 20.92 0.96 -44.78
CA LEU C 40 20.00 -0.15 -44.97
C LEU C 40 18.62 0.37 -45.38
N GLY C 41 18.35 1.62 -45.04
CA GLY C 41 17.09 2.25 -45.41
C GLY C 41 15.89 1.66 -44.68
N VAL C 42 16.07 1.38 -43.39
CA VAL C 42 15.01 0.79 -42.58
C VAL C 42 13.83 1.76 -42.44
N ILE C 43 12.63 1.21 -42.31
CA ILE C 43 11.42 2.01 -42.27
C ILE C 43 11.25 2.71 -40.93
N GLY C 44 11.23 4.04 -40.96
CA GLY C 44 11.06 4.83 -39.76
C GLY C 44 10.04 5.94 -39.96
N GLU C 45 9.76 6.68 -38.90
CA GLU C 45 8.77 7.76 -38.95
C GLU C 45 9.17 8.93 -38.07
N ILE C 46 9.11 10.14 -38.62
CA ILE C 46 9.32 11.35 -37.84
C ILE C 46 8.23 11.52 -36.79
N ILE C 47 8.61 11.75 -35.55
CA ILE C 47 7.61 11.95 -34.49
C ILE C 47 7.60 13.40 -34.01
N GLU C 48 8.76 14.04 -34.03
CA GLU C 48 8.85 15.45 -33.65
C GLU C 48 10.01 16.12 -34.37
N MET C 49 9.94 17.45 -34.46
CA MET C 49 10.93 18.22 -35.19
C MET C 49 11.37 19.44 -34.40
N ARG C 50 12.61 19.43 -33.94
CA ARG C 50 13.19 20.61 -33.30
C ARG C 50 14.12 21.33 -34.27
N GLN C 51 13.65 22.46 -34.80
CA GLN C 51 14.43 23.28 -35.73
C GLN C 51 14.81 22.47 -36.97
N ASP C 52 16.12 22.37 -37.21
CA ASP C 52 16.64 21.57 -38.32
C ASP C 52 16.54 20.07 -38.04
N VAL C 53 16.75 19.68 -36.79
CA VAL C 53 16.85 18.28 -36.42
C VAL C 53 15.49 17.63 -36.19
N ALA C 54 15.27 16.48 -36.83
CA ALA C 54 14.05 15.71 -36.64
C ALA C 54 14.30 14.45 -35.81
N SER C 55 13.31 14.05 -35.03
CA SER C 55 13.39 12.82 -34.24
C SER C 55 12.58 11.72 -34.90
N ILE C 56 13.18 10.55 -35.07
CA ILE C 56 12.56 9.46 -35.81
C ILE C 56 12.46 8.18 -34.99
N GLN C 57 11.25 7.65 -34.86
CA GLN C 57 11.08 6.32 -34.28
C GLN C 57 11.14 5.30 -35.41
N VAL C 58 11.82 4.19 -35.18
CA VAL C 58 12.05 3.22 -36.24
C VAL C 58 11.21 1.96 -36.04
N TYR C 59 10.59 1.50 -37.12
CA TYR C 59 9.71 0.34 -37.08
C TYR C 59 10.49 -0.95 -37.32
N GLU C 60 11.81 -0.87 -37.27
CA GLU C 60 12.67 -2.04 -37.39
C GLU C 60 13.86 -1.91 -36.44
N GLU C 61 14.60 -3.00 -36.26
CA GLU C 61 15.75 -3.00 -35.36
C GLU C 61 16.87 -2.13 -35.91
N THR C 62 17.44 -1.29 -35.06
CA THR C 62 18.47 -0.34 -35.49
C THR C 62 19.88 -0.80 -35.11
N SER C 63 20.02 -2.09 -34.84
CA SER C 63 21.33 -2.64 -34.49
C SER C 63 22.32 -2.50 -35.64
N GLY C 64 23.29 -1.60 -35.46
CA GLY C 64 24.32 -1.41 -36.47
C GLY C 64 24.23 -0.08 -37.19
N ILE C 65 23.29 0.76 -36.77
CA ILE C 65 23.11 2.08 -37.37
C ILE C 65 23.85 3.15 -36.57
N GLY C 66 24.56 4.03 -37.27
CA GLY C 66 25.31 5.08 -36.61
C GLY C 66 25.21 6.42 -37.29
N PRO C 67 25.67 7.48 -36.62
CA PRO C 67 25.67 8.85 -37.13
C PRO C 67 26.44 8.99 -38.44
N GLY C 68 26.04 9.96 -39.27
CA GLY C 68 26.68 10.18 -40.56
C GLY C 68 25.88 9.57 -41.70
N GLU C 69 25.21 8.46 -41.41
CA GLU C 69 24.41 7.75 -42.40
C GLU C 69 23.22 8.61 -42.83
N PRO C 70 22.81 8.47 -44.11
CA PRO C 70 21.76 9.32 -44.70
C PRO C 70 20.34 8.98 -44.25
N VAL C 71 19.45 9.97 -44.34
CA VAL C 71 18.02 9.75 -44.09
C VAL C 71 17.20 10.52 -45.12
N ARG C 72 16.39 9.79 -45.89
CA ARG C 72 15.57 10.41 -46.93
C ARG C 72 14.08 10.30 -46.62
N SER C 73 13.38 11.43 -46.67
CA SER C 73 11.95 11.46 -46.41
C SER C 73 11.17 10.93 -47.60
N THR C 74 9.91 10.55 -47.37
CA THR C 74 9.05 10.04 -48.44
C THR C 74 7.95 11.03 -48.75
N GLY C 75 7.73 11.98 -47.85
CA GLY C 75 6.75 13.04 -48.06
C GLY C 75 5.33 12.69 -47.69
N GLU C 76 5.07 11.40 -47.43
CA GLU C 76 3.73 10.96 -47.09
C GLU C 76 3.70 10.24 -45.74
N ALA C 77 2.55 10.26 -45.10
CA ALA C 77 2.38 9.62 -43.79
C ALA C 77 2.13 8.13 -43.93
N LEU C 78 2.00 7.44 -42.79
CA LEU C 78 1.73 6.01 -42.78
C LEU C 78 0.35 5.72 -43.36
N SER C 79 0.32 4.97 -44.46
CA SER C 79 -0.93 4.70 -45.16
C SER C 79 -1.05 3.24 -45.60
N VAL C 80 -2.28 2.81 -45.85
CA VAL C 80 -2.55 1.44 -46.28
C VAL C 80 -3.25 1.43 -47.63
N GLU C 81 -2.90 0.47 -48.49
CA GLU C 81 -3.55 0.36 -49.78
C GLU C 81 -4.76 -0.56 -49.71
N LEU C 82 -5.85 -0.12 -50.32
CA LEU C 82 -7.13 -0.80 -50.23
C LEU C 82 -7.63 -1.23 -51.60
N GLY C 83 -7.47 -2.51 -51.91
CA GLY C 83 -7.89 -3.05 -53.18
C GLY C 83 -7.85 -4.57 -53.21
N PRO C 84 -8.13 -5.17 -54.37
CA PRO C 84 -8.13 -6.63 -54.56
C PRO C 84 -6.83 -7.29 -54.14
N GLY C 85 -6.93 -8.39 -53.40
CA GLY C 85 -5.76 -9.10 -52.91
C GLY C 85 -5.49 -8.83 -51.45
N ILE C 86 -6.45 -8.18 -50.79
CA ILE C 86 -6.28 -7.77 -49.40
C ILE C 86 -6.87 -8.79 -48.44
N ILE C 87 -7.73 -9.67 -48.95
CA ILE C 87 -8.38 -10.69 -48.13
C ILE C 87 -7.56 -11.98 -48.13
N SER C 88 -7.72 -12.78 -47.08
CA SER C 88 -7.06 -14.08 -46.92
C SER C 88 -5.54 -13.94 -46.81
N GLN C 89 -5.09 -12.73 -46.47
CA GLN C 89 -3.66 -12.45 -46.37
C GLN C 89 -3.28 -11.96 -44.98
N MET C 90 -2.21 -12.53 -44.43
CA MET C 90 -1.64 -12.05 -43.17
C MET C 90 -0.62 -10.95 -43.45
N PHE C 91 -0.88 -9.77 -42.92
CA PHE C 91 0.00 -8.64 -43.11
C PHE C 91 0.73 -8.25 -41.83
N ASP C 92 1.75 -7.41 -41.97
CA ASP C 92 2.48 -6.90 -40.82
C ASP C 92 1.78 -5.65 -40.31
N GLY C 93 2.30 -5.07 -39.22
CA GLY C 93 1.74 -3.86 -38.65
C GLY C 93 1.79 -2.68 -39.59
N ILE C 94 2.72 -2.74 -40.55
CA ILE C 94 2.84 -1.71 -41.57
C ILE C 94 2.38 -2.25 -42.92
N GLN C 95 1.63 -3.34 -42.87
CA GLN C 95 1.03 -3.96 -44.06
C GLN C 95 2.08 -4.41 -45.08
N ARG C 96 2.73 -5.53 -44.78
CA ARG C 96 3.63 -6.20 -45.71
C ARG C 96 3.31 -7.68 -45.71
N PRO C 97 2.98 -8.24 -46.89
CA PRO C 97 2.64 -9.67 -47.01
C PRO C 97 3.77 -10.56 -46.54
N LEU C 98 3.57 -11.23 -45.40
CA LEU C 98 4.59 -12.09 -44.81
C LEU C 98 4.90 -13.28 -45.70
N ASP C 99 3.88 -13.79 -46.40
CA ASP C 99 4.07 -14.90 -47.32
C ASP C 99 4.92 -14.46 -48.51
N THR C 100 4.64 -13.27 -49.02
CA THR C 100 5.43 -12.69 -50.10
C THR C 100 6.82 -12.33 -49.59
N PHE C 101 6.86 -11.80 -48.37
CA PHE C 101 8.11 -11.45 -47.71
C PHE C 101 9.03 -12.67 -47.63
N MET C 102 8.44 -13.82 -47.30
CA MET C 102 9.18 -15.07 -47.24
C MET C 102 9.60 -15.52 -48.64
N GLU C 103 8.85 -15.09 -49.64
CA GLU C 103 9.10 -15.48 -51.02
C GLU C 103 10.05 -14.51 -51.72
N VAL C 104 10.27 -13.35 -51.11
CA VAL C 104 11.17 -12.36 -51.69
C VAL C 104 12.54 -12.38 -50.98
N THR C 105 12.54 -12.68 -49.68
CA THR C 105 13.76 -12.68 -48.89
C THR C 105 14.41 -14.06 -48.81
N GLN C 106 13.65 -15.09 -49.13
CA GLN C 106 14.10 -16.49 -49.11
C GLN C 106 14.63 -16.93 -47.76
N SER C 107 13.97 -16.51 -46.68
CA SER C 107 14.35 -16.96 -45.35
C SER C 107 13.12 -17.17 -44.47
N ASN C 108 13.28 -17.96 -43.41
CA ASN C 108 12.20 -18.20 -42.49
C ASN C 108 12.05 -17.08 -41.46
N PHE C 109 12.92 -16.08 -41.57
CA PHE C 109 12.96 -15.00 -40.60
C PHE C 109 12.67 -13.65 -41.24
N LEU C 110 12.45 -12.64 -40.41
CA LEU C 110 12.16 -11.29 -40.89
C LEU C 110 13.44 -10.48 -41.06
N GLY C 111 13.71 -10.06 -42.29
CA GLY C 111 14.91 -9.29 -42.59
C GLY C 111 14.74 -7.81 -42.28
N ARG C 112 15.69 -7.02 -42.76
CA ARG C 112 15.67 -5.58 -42.52
C ARG C 112 15.86 -4.79 -43.81
N GLY C 113 15.26 -3.60 -43.88
CA GLY C 113 15.44 -2.71 -45.00
C GLY C 113 14.95 -3.27 -46.33
N VAL C 114 14.04 -4.23 -46.27
CA VAL C 114 13.48 -4.84 -47.47
C VAL C 114 12.08 -4.32 -47.73
N GLN C 115 11.96 -3.38 -48.67
CA GLN C 115 10.66 -2.82 -49.02
C GLN C 115 9.85 -3.80 -49.85
N LEU C 116 8.53 -3.70 -49.77
CA LEU C 116 7.64 -4.61 -50.46
C LEU C 116 6.22 -4.03 -50.54
N PRO C 117 5.65 -3.97 -51.76
CA PRO C 117 4.28 -3.50 -51.96
C PRO C 117 3.24 -4.49 -51.40
N ALA C 118 2.33 -3.98 -50.58
CA ALA C 118 1.42 -4.84 -49.82
C ALA C 118 0.46 -5.67 -50.66
N LEU C 119 0.28 -5.30 -51.93
CA LEU C 119 -0.63 -6.03 -52.79
C LEU C 119 0.05 -6.50 -54.08
N ASP C 120 -0.51 -7.55 -54.68
CA ASP C 120 0.04 -8.08 -55.92
C ASP C 120 -0.34 -7.18 -57.09
N HIS C 121 0.59 -6.32 -57.49
CA HIS C 121 0.36 -5.42 -58.61
C HIS C 121 0.54 -6.15 -59.94
N GLU C 122 0.91 -7.42 -59.87
CA GLU C 122 1.10 -8.23 -61.07
C GLU C 122 0.05 -9.33 -61.17
N LYS C 123 -1.15 -9.05 -60.67
CA LYS C 123 -2.24 -10.02 -60.72
C LYS C 123 -3.43 -9.46 -61.50
N GLN C 124 -4.05 -10.32 -62.31
CA GLN C 124 -5.20 -9.92 -63.10
C GLN C 124 -6.51 -10.13 -62.34
N TRP C 125 -7.32 -9.08 -62.26
CA TRP C 125 -8.62 -9.16 -61.61
C TRP C 125 -9.72 -8.72 -62.56
N TRP C 126 -10.72 -9.58 -62.77
CA TRP C 126 -11.85 -9.21 -63.60
C TRP C 126 -12.71 -8.16 -62.89
N PHE C 127 -12.99 -7.07 -63.58
CA PHE C 127 -13.73 -5.96 -62.99
C PHE C 127 -14.99 -5.66 -63.79
N GLU C 128 -16.15 -6.06 -63.25
CA GLU C 128 -17.43 -5.78 -63.89
C GLU C 128 -17.93 -4.39 -63.54
N ALA C 129 -17.88 -3.48 -64.51
CA ALA C 129 -18.36 -2.13 -64.31
C ALA C 129 -19.88 -2.11 -64.17
N THR C 130 -20.38 -1.48 -63.12
CA THR C 130 -21.81 -1.46 -62.84
C THR C 130 -22.38 -0.04 -62.76
N ILE C 131 -21.65 0.91 -63.35
CA ILE C 131 -22.15 2.27 -63.45
C ILE C 131 -22.07 2.73 -64.90
N GLU C 132 -22.98 3.61 -65.30
CA GLU C 132 -23.03 4.02 -66.69
C GLU C 132 -22.33 5.36 -66.90
N GLU C 133 -21.78 5.54 -68.09
CA GLU C 133 -20.96 6.70 -68.42
C GLU C 133 -21.77 8.00 -68.45
N GLY C 134 -21.13 9.09 -68.04
CA GLY C 134 -21.79 10.39 -68.03
C GLY C 134 -22.59 10.62 -66.76
N THR C 135 -22.23 9.92 -65.69
CA THR C 135 -22.92 10.04 -64.42
C THR C 135 -22.21 11.02 -63.49
N GLU C 136 -22.96 11.95 -62.93
CA GLU C 136 -22.41 12.93 -62.00
C GLU C 136 -22.18 12.31 -60.63
N VAL C 137 -21.07 11.60 -60.48
CA VAL C 137 -20.76 10.88 -59.24
C VAL C 137 -20.11 11.77 -58.20
N SER C 138 -20.09 11.30 -56.96
CA SER C 138 -19.41 11.99 -55.87
C SER C 138 -18.52 11.01 -55.12
N ALA C 139 -17.95 11.45 -54.00
CA ALA C 139 -17.07 10.62 -53.21
C ALA C 139 -17.81 9.45 -52.57
N GLY C 140 -17.31 8.23 -52.80
CA GLY C 140 -17.87 7.06 -52.16
C GLY C 140 -18.73 6.19 -53.06
N ASP C 141 -19.22 6.77 -54.15
CA ASP C 141 -20.10 6.06 -55.08
C ASP C 141 -19.41 4.86 -55.75
N ILE C 142 -20.12 3.75 -55.81
CA ILE C 142 -19.61 2.53 -56.43
C ILE C 142 -19.64 2.62 -57.95
N ILE C 143 -18.58 2.14 -58.59
CA ILE C 143 -18.52 2.16 -60.05
C ILE C 143 -18.46 0.75 -60.63
N GLY C 144 -18.26 -0.24 -59.77
CA GLY C 144 -18.17 -1.62 -60.21
C GLY C 144 -17.63 -2.52 -59.10
N TYR C 145 -17.73 -3.84 -59.29
CA TYR C 145 -17.26 -4.78 -58.29
C TYR C 145 -16.33 -5.85 -58.86
N VAL C 146 -15.48 -6.38 -57.98
CA VAL C 146 -14.59 -7.48 -58.33
C VAL C 146 -14.76 -8.62 -57.34
N ASP C 147 -15.19 -9.77 -57.83
CA ASP C 147 -15.40 -10.93 -56.98
C ASP C 147 -14.06 -11.52 -56.51
N GLU C 148 -13.52 -10.95 -55.44
CA GLU C 148 -12.27 -11.42 -54.86
C GLU C 148 -12.46 -12.80 -54.25
N THR C 149 -13.56 -12.98 -53.54
CA THR C 149 -13.92 -14.28 -52.99
C THR C 149 -15.24 -14.73 -53.60
N LYS C 150 -15.59 -16.00 -53.40
CA LYS C 150 -16.84 -16.54 -53.91
C LYS C 150 -18.03 -16.04 -53.09
N ILE C 151 -17.72 -15.44 -51.94
CA ILE C 151 -18.73 -15.04 -50.97
C ILE C 151 -18.83 -13.52 -50.82
N ILE C 152 -17.73 -12.83 -51.09
CA ILE C 152 -17.67 -11.38 -50.93
C ILE C 152 -17.15 -10.71 -52.21
N GLN C 153 -17.81 -9.64 -52.62
CA GLN C 153 -17.37 -8.89 -53.79
C GLN C 153 -16.74 -7.55 -53.38
N HIS C 154 -15.63 -7.22 -54.01
CA HIS C 154 -14.87 -6.02 -53.69
C HIS C 154 -15.38 -4.82 -54.47
N LYS C 155 -16.32 -4.09 -53.89
CA LYS C 155 -16.92 -2.93 -54.55
C LYS C 155 -15.94 -1.75 -54.63
N ILE C 156 -15.53 -1.41 -55.85
CA ILE C 156 -14.64 -0.28 -56.07
C ILE C 156 -15.40 1.03 -55.91
N MET C 157 -14.88 1.91 -55.05
CA MET C 157 -15.54 3.17 -54.75
C MET C 157 -14.73 4.37 -55.27
N VAL C 158 -15.38 5.51 -55.37
CA VAL C 158 -14.71 6.74 -55.78
C VAL C 158 -13.99 7.37 -54.60
N PRO C 159 -12.66 7.50 -54.71
CA PRO C 159 -11.82 8.11 -53.65
C PRO C 159 -12.28 9.52 -53.29
N ASN C 160 -12.13 9.89 -52.03
CA ASN C 160 -12.57 11.19 -51.53
C ASN C 160 -11.89 12.36 -52.24
N GLY C 161 -12.52 13.53 -52.17
CA GLY C 161 -12.00 14.73 -52.79
C GLY C 161 -12.21 14.76 -54.29
N ILE C 162 -12.93 13.76 -54.80
CA ILE C 162 -13.15 13.65 -56.23
C ILE C 162 -14.64 13.63 -56.57
N LYS C 163 -15.12 14.70 -57.19
CA LYS C 163 -16.46 14.68 -57.78
C LYS C 163 -16.41 15.28 -59.17
N GLY C 164 -17.00 14.56 -60.12
CA GLY C 164 -17.02 14.97 -61.52
C GLY C 164 -17.94 14.05 -62.28
N THR C 165 -17.78 14.01 -63.60
CA THR C 165 -18.62 13.16 -64.43
C THR C 165 -17.78 12.09 -65.13
N VAL C 166 -18.27 10.85 -65.08
CA VAL C 166 -17.55 9.73 -65.67
C VAL C 166 -17.44 9.87 -67.18
N GLN C 167 -16.23 9.72 -67.70
CA GLN C 167 -15.99 9.79 -69.14
C GLN C 167 -16.08 8.42 -69.77
N LYS C 168 -15.27 7.49 -69.26
CA LYS C 168 -15.23 6.13 -69.81
C LYS C 168 -15.14 5.08 -68.69
N ILE C 169 -15.65 3.90 -68.97
CA ILE C 169 -15.60 2.77 -68.04
C ILE C 169 -16.00 1.49 -68.75
N GLU C 170 -15.30 0.40 -68.46
CA GLU C 170 -15.61 -0.87 -69.11
C GLU C 170 -15.13 -2.08 -68.31
N SER C 171 -15.85 -3.18 -68.46
CA SER C 171 -15.46 -4.44 -67.86
C SER C 171 -14.21 -4.99 -68.54
N GLY C 172 -13.48 -5.85 -67.85
CA GLY C 172 -12.26 -6.41 -68.38
C GLY C 172 -11.23 -6.68 -67.31
N SER C 173 -10.20 -7.46 -67.66
CA SER C 173 -9.16 -7.82 -66.71
C SER C 173 -8.07 -6.75 -66.63
N PHE C 174 -7.85 -6.23 -65.43
CA PHE C 174 -6.76 -5.28 -65.19
C PHE C 174 -6.01 -5.61 -63.91
N THR C 175 -4.97 -4.83 -63.64
CA THR C 175 -4.34 -4.82 -62.33
C THR C 175 -4.84 -3.58 -61.60
N ILE C 176 -4.31 -3.32 -60.42
CA ILE C 176 -4.73 -2.13 -59.67
C ILE C 176 -3.89 -0.92 -60.04
N ASP C 177 -2.93 -1.11 -60.94
CA ASP C 177 -2.08 -0.02 -61.40
C ASP C 177 -2.68 0.73 -62.58
N ASP C 178 -3.08 -0.01 -63.61
CA ASP C 178 -3.60 0.59 -64.82
C ASP C 178 -5.01 1.14 -64.63
N PRO C 179 -5.30 2.30 -65.25
CA PRO C 179 -6.58 3.01 -65.15
C PRO C 179 -7.79 2.18 -65.57
N ILE C 180 -8.83 2.18 -64.75
CA ILE C 180 -10.05 1.46 -65.05
C ILE C 180 -11.21 2.44 -65.29
N CYS C 181 -10.95 3.72 -65.03
CA CYS C 181 -11.98 4.75 -65.17
C CYS C 181 -11.37 6.15 -65.32
N VAL C 182 -12.18 7.08 -65.81
CA VAL C 182 -11.77 8.48 -65.93
C VAL C 182 -12.91 9.40 -65.49
N ILE C 183 -12.62 10.28 -64.55
CA ILE C 183 -13.61 11.25 -64.08
C ILE C 183 -13.23 12.67 -64.49
N GLU C 184 -14.23 13.45 -64.89
CA GLU C 184 -13.99 14.82 -65.33
C GLU C 184 -14.18 15.81 -64.20
N THR C 185 -13.12 16.04 -63.42
CA THR C 185 -13.17 16.97 -62.31
C THR C 185 -12.93 18.40 -62.78
N GLU C 186 -13.23 19.37 -61.91
CA GLU C 186 -13.04 20.77 -62.25
C GLU C 186 -11.56 21.13 -62.23
N GLN C 187 -10.82 20.53 -61.30
CA GLN C 187 -9.40 20.79 -61.16
C GLN C 187 -8.59 20.18 -62.31
N GLY C 188 -9.29 19.48 -63.19
CA GLY C 188 -8.66 18.84 -64.33
C GLY C 188 -9.19 17.44 -64.55
N LEU C 189 -8.68 16.75 -65.55
CA LEU C 189 -9.10 15.38 -65.82
C LEU C 189 -8.39 14.40 -64.89
N LYS C 190 -9.18 13.62 -64.14
CA LYS C 190 -8.62 12.65 -63.21
C LYS C 190 -9.07 11.22 -63.54
N GLU C 191 -8.11 10.34 -63.74
CA GLU C 191 -8.40 8.94 -63.98
C GLU C 191 -8.18 8.12 -62.70
N LEU C 192 -9.02 7.11 -62.51
CA LEU C 192 -8.99 6.32 -61.28
C LEU C 192 -8.55 4.89 -61.53
N THR C 193 -8.23 4.18 -60.44
CA THR C 193 -7.87 2.77 -60.52
C THR C 193 -8.53 2.01 -59.37
N MET C 194 -8.34 0.70 -59.35
CA MET C 194 -9.00 -0.15 -58.36
C MET C 194 -8.44 0.03 -56.96
N MET C 195 -7.21 0.53 -56.86
CA MET C 195 -6.56 0.73 -55.57
C MET C 195 -6.60 2.18 -55.12
N GLN C 196 -6.96 2.38 -53.86
CA GLN C 196 -6.83 3.70 -53.24
C GLN C 196 -6.10 3.57 -51.91
N LYS C 197 -5.27 4.55 -51.60
CA LYS C 197 -4.46 4.50 -50.38
C LYS C 197 -4.90 5.59 -49.40
N TRP C 198 -4.93 5.25 -48.12
CA TRP C 198 -5.47 6.15 -47.10
C TRP C 198 -4.61 6.15 -45.82
N PRO C 199 -4.34 7.34 -45.27
CA PRO C 199 -3.57 7.47 -44.03
C PRO C 199 -4.28 6.83 -42.84
N VAL C 200 -3.56 6.03 -42.07
CA VAL C 200 -4.16 5.20 -41.03
C VAL C 200 -4.67 5.98 -39.82
N ARG C 201 -4.03 7.10 -39.51
CA ARG C 201 -4.42 7.90 -38.35
C ARG C 201 -5.40 9.01 -38.74
N ARG C 202 -6.26 8.70 -39.71
CA ARG C 202 -7.28 9.63 -40.16
C ARG C 202 -8.59 8.88 -40.41
N GLY C 203 -9.63 9.25 -39.67
CA GLY C 203 -10.91 8.59 -39.79
C GLY C 203 -11.56 8.80 -41.14
N ARG C 204 -11.91 7.71 -41.81
CA ARG C 204 -12.56 7.78 -43.11
C ARG C 204 -13.93 8.42 -42.99
N PRO C 205 -14.19 9.46 -43.81
CA PRO C 205 -15.40 10.28 -43.75
C PRO C 205 -16.69 9.48 -43.95
N ILE C 206 -17.76 9.95 -43.33
CA ILE C 206 -19.07 9.32 -43.45
C ILE C 206 -20.16 10.38 -43.62
N LYS C 207 -21.35 9.95 -44.04
CA LYS C 207 -22.49 10.84 -44.12
C LYS C 207 -22.96 11.18 -42.71
N GLN C 208 -23.47 10.16 -42.02
CA GLN C 208 -23.77 10.28 -40.60
C GLN C 208 -23.57 8.91 -39.95
N LYS C 209 -23.94 8.78 -38.69
CA LYS C 209 -23.61 7.59 -37.93
C LYS C 209 -24.81 7.09 -37.12
N LEU C 210 -25.00 5.77 -37.10
CA LEU C 210 -26.22 5.18 -36.52
C LEU C 210 -25.99 4.46 -35.19
N ASN C 211 -27.09 4.21 -34.49
CA ASN C 211 -27.07 3.39 -33.28
C ASN C 211 -27.13 1.90 -33.64
N PRO C 212 -26.16 1.13 -33.15
CA PRO C 212 -26.12 -0.32 -33.42
C PRO C 212 -27.27 -1.05 -32.75
N ASP C 213 -28.13 -1.69 -33.57
CA ASP C 213 -29.33 -2.34 -33.04
C ASP C 213 -29.27 -3.85 -33.13
N VAL C 214 -28.75 -4.37 -34.24
CA VAL C 214 -28.73 -5.81 -34.49
C VAL C 214 -27.69 -6.54 -33.66
N PRO C 215 -28.13 -7.49 -32.83
CA PRO C 215 -27.26 -8.36 -32.04
C PRO C 215 -26.40 -9.26 -32.91
N MET C 216 -25.19 -9.55 -32.47
CA MET C 216 -24.29 -10.42 -33.21
C MET C 216 -24.38 -11.86 -32.72
N ILE C 217 -24.02 -12.80 -33.58
CA ILE C 217 -23.98 -14.21 -33.20
C ILE C 217 -22.57 -14.63 -32.85
N THR C 218 -22.28 -14.74 -31.56
CA THR C 218 -20.97 -15.17 -31.12
C THR C 218 -20.91 -16.70 -31.08
N GLY C 219 -22.01 -17.30 -30.66
CA GLY C 219 -22.06 -18.75 -30.48
C GLY C 219 -21.75 -19.10 -29.05
N GLN C 220 -21.16 -18.16 -28.33
CA GLN C 220 -20.87 -18.33 -26.91
C GLN C 220 -22.09 -17.96 -26.09
N ARG C 221 -22.65 -18.95 -25.40
CA ARG C 221 -23.92 -18.80 -24.68
C ARG C 221 -23.87 -17.72 -23.60
N VAL C 222 -22.70 -17.55 -22.98
CA VAL C 222 -22.55 -16.59 -21.89
C VAL C 222 -22.80 -15.16 -22.35
N ILE C 223 -22.16 -14.76 -23.44
CA ILE C 223 -22.22 -13.38 -23.90
C ILE C 223 -23.42 -13.10 -24.80
N ASP C 224 -23.81 -14.06 -25.62
CA ASP C 224 -24.95 -13.88 -26.51
C ASP C 224 -26.26 -13.74 -25.73
N THR C 225 -26.27 -14.22 -24.50
CA THR C 225 -27.48 -14.22 -23.68
C THR C 225 -27.53 -13.05 -22.70
N PHE C 226 -26.55 -13.00 -21.80
CA PHE C 226 -26.59 -12.05 -20.70
C PHE C 226 -25.86 -10.74 -20.99
N PHE C 227 -24.78 -10.80 -21.77
CA PHE C 227 -23.99 -9.61 -22.05
C PHE C 227 -23.73 -9.42 -23.54
N PRO C 228 -24.79 -9.12 -24.30
CA PRO C 228 -24.73 -9.10 -25.76
C PRO C 228 -24.13 -7.82 -26.34
N VAL C 229 -23.43 -7.96 -27.47
CA VAL C 229 -22.87 -6.82 -28.17
C VAL C 229 -23.51 -6.70 -29.56
N THR C 230 -24.02 -5.50 -29.86
CA THR C 230 -24.68 -5.25 -31.13
C THR C 230 -23.68 -5.13 -32.28
N LYS C 231 -24.19 -5.13 -33.50
CA LYS C 231 -23.36 -4.96 -34.69
C LYS C 231 -22.91 -3.50 -34.82
N GLY C 232 -21.68 -3.23 -34.41
CA GLY C 232 -21.15 -1.88 -34.38
C GLY C 232 -20.99 -1.41 -32.95
N GLY C 233 -20.93 -2.36 -32.04
CA GLY C 233 -20.77 -2.05 -30.63
C GLY C 233 -19.31 -2.18 -30.20
N ALA C 234 -19.01 -1.69 -29.00
CA ALA C 234 -17.65 -1.74 -28.48
C ALA C 234 -17.57 -2.64 -27.26
N ALA C 235 -16.88 -3.77 -27.40
CA ALA C 235 -16.73 -4.72 -26.31
C ALA C 235 -15.28 -4.83 -25.86
N ALA C 236 -15.08 -4.91 -24.55
CA ALA C 236 -13.75 -5.07 -23.98
C ALA C 236 -13.65 -6.36 -23.19
N VAL C 237 -12.52 -7.06 -23.31
CA VAL C 237 -12.32 -8.30 -22.59
C VAL C 237 -11.09 -8.23 -21.68
N PRO C 238 -11.23 -7.58 -20.52
CA PRO C 238 -10.12 -7.50 -19.55
C PRO C 238 -9.98 -8.79 -18.74
N GLY C 239 -8.74 -9.23 -18.53
CA GLY C 239 -8.47 -10.43 -17.78
C GLY C 239 -7.00 -10.77 -17.73
N PRO C 240 -6.55 -11.40 -16.64
CA PRO C 240 -5.16 -11.80 -16.46
C PRO C 240 -4.77 -12.91 -17.44
N PHE C 241 -3.49 -13.25 -17.51
CA PHE C 241 -3.03 -14.27 -18.44
C PHE C 241 -3.58 -15.65 -18.07
N GLY C 242 -4.15 -16.33 -19.06
CA GLY C 242 -4.70 -17.65 -18.84
C GLY C 242 -6.20 -17.68 -18.68
N ALA C 243 -6.83 -16.51 -18.81
CA ALA C 243 -8.27 -16.40 -18.63
C ALA C 243 -9.03 -16.76 -19.91
N GLY C 244 -8.34 -16.69 -21.04
CA GLY C 244 -8.91 -17.08 -22.31
C GLY C 244 -9.36 -15.93 -23.19
N LYS C 245 -8.67 -14.81 -23.10
CA LYS C 245 -9.01 -13.63 -23.88
C LYS C 245 -8.83 -13.89 -25.38
N THR C 246 -7.74 -14.57 -25.74
CA THR C 246 -7.46 -14.89 -27.13
C THR C 246 -8.43 -15.96 -27.65
N VAL C 247 -8.71 -16.94 -26.82
CA VAL C 247 -9.64 -18.01 -27.16
C VAL C 247 -11.01 -17.45 -27.52
N VAL C 248 -11.51 -16.54 -26.69
CA VAL C 248 -12.80 -15.90 -26.92
C VAL C 248 -12.82 -15.18 -28.26
N GLN C 249 -11.80 -14.38 -28.53
CA GLN C 249 -11.72 -13.63 -29.78
C GLN C 249 -11.57 -14.56 -30.98
N HIS C 250 -10.94 -15.73 -30.76
CA HIS C 250 -10.86 -16.73 -31.81
C HIS C 250 -12.23 -17.35 -32.06
N GLN C 251 -12.97 -17.59 -30.98
CA GLN C 251 -14.30 -18.18 -31.09
C GLN C 251 -15.30 -17.22 -31.74
N ILE C 252 -15.11 -15.93 -31.51
CA ILE C 252 -15.96 -14.92 -32.13
C ILE C 252 -15.63 -14.78 -33.60
N ALA C 253 -14.34 -14.81 -33.92
CA ALA C 253 -13.88 -14.70 -35.30
C ALA C 253 -14.37 -15.88 -36.14
N LYS C 254 -14.49 -17.04 -35.53
CA LYS C 254 -14.89 -18.25 -36.24
C LYS C 254 -16.38 -18.27 -36.60
N TRP C 255 -17.23 -17.93 -35.64
CA TRP C 255 -18.67 -18.14 -35.80
C TRP C 255 -19.50 -16.87 -35.71
N SER C 256 -18.97 -15.76 -36.21
CA SER C 256 -19.71 -14.51 -36.18
C SER C 256 -20.61 -14.38 -37.40
N ASP C 257 -21.75 -13.72 -37.23
CA ASP C 257 -22.72 -13.56 -38.32
C ASP C 257 -22.42 -12.33 -39.18
N VAL C 258 -21.22 -11.79 -39.03
CA VAL C 258 -20.79 -10.63 -39.81
C VAL C 258 -20.31 -11.06 -41.18
N ASP C 259 -19.91 -10.09 -42.00
CA ASP C 259 -19.52 -10.38 -43.39
C ASP C 259 -18.01 -10.36 -43.58
N LEU C 260 -17.30 -9.77 -42.63
CA LEU C 260 -15.84 -9.68 -42.71
C LEU C 260 -15.24 -9.48 -41.33
N VAL C 261 -14.06 -10.04 -41.10
CA VAL C 261 -13.39 -9.89 -39.80
C VAL C 261 -11.92 -9.55 -39.96
N VAL C 262 -11.44 -8.64 -39.12
CA VAL C 262 -10.03 -8.23 -39.14
C VAL C 262 -9.38 -8.54 -37.80
N TYR C 263 -8.75 -9.72 -37.71
CA TYR C 263 -8.08 -10.12 -36.48
C TYR C 263 -6.72 -9.46 -36.38
N VAL C 264 -6.61 -8.48 -35.49
CA VAL C 264 -5.37 -7.75 -35.29
C VAL C 264 -4.62 -8.25 -34.06
N GLY C 265 -3.50 -8.94 -34.30
CA GLY C 265 -2.70 -9.48 -33.22
C GLY C 265 -1.42 -8.71 -33.01
N CYS C 266 -1.43 -7.78 -32.05
CA CYS C 266 -0.24 -6.98 -31.77
C CYS C 266 0.34 -7.28 -30.39
N GLY C 267 1.66 -7.42 -30.34
CA GLY C 267 2.36 -7.62 -29.08
C GLY C 267 2.09 -8.95 -28.41
N GLU C 268 1.45 -9.87 -29.14
CA GLU C 268 1.12 -11.17 -28.57
C GLU C 268 1.75 -12.31 -29.39
N ARG C 269 1.67 -13.52 -28.85
CA ARG C 269 2.43 -14.68 -29.34
C ARG C 269 2.32 -14.94 -30.84
N GLY C 270 3.40 -15.44 -31.41
CA GLY C 270 3.47 -15.74 -32.82
C GLY C 270 2.69 -16.98 -33.20
N ASN C 271 2.83 -18.03 -32.39
CA ASN C 271 2.13 -19.29 -32.62
C ASN C 271 0.62 -19.10 -32.74
N GLU C 272 0.10 -18.10 -32.02
CA GLU C 272 -1.32 -17.79 -32.06
C GLU C 272 -1.77 -17.39 -33.46
N MET C 273 -0.85 -16.80 -34.23
CA MET C 273 -1.16 -16.36 -35.58
C MET C 273 -0.97 -17.47 -36.61
N THR C 274 0.09 -18.26 -36.44
CA THR C 274 0.35 -19.39 -37.32
C THR C 274 -0.75 -20.44 -37.11
N ASP C 275 -1.34 -20.45 -35.93
CA ASP C 275 -2.46 -21.31 -35.62
C ASP C 275 -3.66 -20.94 -36.50
N VAL C 276 -3.87 -19.64 -36.66
CA VAL C 276 -5.00 -19.12 -37.41
C VAL C 276 -4.89 -19.43 -38.90
N VAL C 277 -3.71 -19.21 -39.48
CA VAL C 277 -3.52 -19.45 -40.91
C VAL C 277 -3.48 -20.94 -41.24
N ASN C 278 -3.21 -21.79 -40.25
CA ASN C 278 -3.20 -23.23 -40.47
C ASN C 278 -4.60 -23.83 -40.47
N GLU C 279 -5.51 -23.20 -39.73
CA GLU C 279 -6.84 -23.78 -39.51
C GLU C 279 -7.95 -23.08 -40.29
N PHE C 280 -7.98 -21.74 -40.25
CA PHE C 280 -9.05 -20.97 -40.89
C PHE C 280 -9.30 -21.32 -42.37
N PRO C 281 -8.25 -21.66 -43.14
CA PRO C 281 -8.56 -22.16 -44.48
C PRO C 281 -9.30 -23.49 -44.49
N GLU C 282 -9.23 -24.23 -43.39
CA GLU C 282 -9.83 -25.56 -43.34
C GLU C 282 -11.21 -25.55 -42.70
N LEU C 283 -11.55 -24.47 -42.00
CA LEU C 283 -12.87 -24.35 -41.39
C LEU C 283 -13.86 -23.72 -42.34
N ILE C 284 -15.11 -24.19 -42.28
CA ILE C 284 -16.17 -23.70 -43.16
C ILE C 284 -17.44 -23.40 -42.35
N ASP C 285 -18.01 -22.21 -42.54
CA ASP C 285 -19.19 -21.82 -41.79
C ASP C 285 -19.96 -20.65 -42.42
N PRO C 286 -21.29 -20.81 -42.57
CA PRO C 286 -22.24 -19.75 -42.94
C PRO C 286 -22.09 -18.51 -42.05
N ASN C 287 -22.54 -17.33 -42.48
CA ASN C 287 -23.36 -17.11 -43.69
C ASN C 287 -22.64 -17.32 -45.02
N THR C 288 -21.34 -17.54 -44.95
CA THR C 288 -20.56 -17.87 -46.13
C THR C 288 -20.50 -19.38 -46.35
N GLY C 289 -20.79 -19.81 -47.58
CA GLY C 289 -20.71 -21.21 -47.92
C GLY C 289 -19.28 -21.69 -48.04
N GLU C 290 -18.36 -20.73 -48.19
CA GLU C 290 -16.95 -21.04 -48.37
C GLU C 290 -16.17 -20.98 -47.06
N SER C 291 -14.85 -21.00 -47.17
CA SER C 291 -13.98 -21.01 -46.00
C SER C 291 -13.99 -19.66 -45.26
N LEU C 292 -13.31 -19.64 -44.12
CA LEU C 292 -13.29 -18.45 -43.27
C LEU C 292 -12.19 -17.48 -43.68
N MET C 293 -11.18 -17.98 -44.38
CA MET C 293 -10.10 -17.14 -44.85
C MET C 293 -10.58 -16.20 -45.94
N GLU C 294 -11.65 -16.58 -46.62
CA GLU C 294 -12.25 -15.73 -47.64
C GLU C 294 -13.13 -14.66 -46.98
N ARG C 295 -12.98 -14.52 -45.67
CA ARG C 295 -13.76 -13.55 -44.90
C ARG C 295 -12.86 -12.75 -43.95
N THR C 296 -11.68 -13.29 -43.63
CA THR C 296 -10.83 -12.68 -42.61
C THR C 296 -9.60 -11.98 -43.17
N VAL C 297 -9.09 -11.03 -42.40
CA VAL C 297 -7.86 -10.31 -42.72
C VAL C 297 -6.97 -10.26 -41.48
N LEU C 298 -5.75 -10.75 -41.61
CA LEU C 298 -4.84 -10.84 -40.46
C LEU C 298 -3.77 -9.76 -40.46
N ILE C 299 -3.55 -9.17 -39.30
CA ILE C 299 -2.47 -8.20 -39.11
C ILE C 299 -1.61 -8.64 -37.92
N ALA C 300 -0.51 -9.33 -38.23
CA ALA C 300 0.30 -9.97 -37.21
C ALA C 300 1.45 -9.10 -36.72
N ASN C 301 1.57 -9.01 -35.40
CA ASN C 301 2.68 -8.32 -34.76
C ASN C 301 3.09 -9.04 -33.48
N THR C 302 4.10 -9.89 -33.57
CA THR C 302 4.55 -10.66 -32.42
C THR C 302 5.14 -9.75 -31.36
N SER C 303 5.31 -10.28 -30.15
CA SER C 303 5.79 -9.50 -29.03
C SER C 303 7.26 -9.10 -29.18
N ASN C 304 8.01 -9.90 -29.95
CA ASN C 304 9.42 -9.60 -30.19
C ASN C 304 9.65 -8.82 -31.48
N MET C 305 8.55 -8.45 -32.13
CA MET C 305 8.61 -7.52 -33.26
C MET C 305 8.85 -6.10 -32.72
N PRO C 306 9.38 -5.21 -33.58
CA PRO C 306 9.60 -3.80 -33.22
C PRO C 306 8.40 -3.16 -32.51
N VAL C 307 8.69 -2.38 -31.47
CA VAL C 307 7.67 -1.86 -30.58
C VAL C 307 6.80 -0.77 -31.23
N ALA C 308 7.42 0.08 -32.03
CA ALA C 308 6.70 1.16 -32.69
C ALA C 308 5.68 0.64 -33.70
N ALA C 309 5.90 -0.58 -34.17
CA ALA C 309 5.04 -1.19 -35.17
C ALA C 309 3.73 -1.70 -34.57
N ARG C 310 3.65 -1.69 -33.24
CA ARG C 310 2.45 -2.16 -32.55
C ARG C 310 1.30 -1.18 -32.74
N GLU C 311 1.57 0.11 -32.56
CA GLU C 311 0.57 1.14 -32.76
C GLU C 311 0.10 1.15 -34.21
N ALA C 312 1.02 0.87 -35.12
CA ALA C 312 0.69 0.81 -36.54
C ALA C 312 -0.31 -0.30 -36.82
N SER C 313 -0.06 -1.49 -36.26
CA SER C 313 -0.90 -2.65 -36.48
C SER C 313 -2.36 -2.39 -36.11
N ILE C 314 -2.57 -1.66 -35.02
CA ILE C 314 -3.92 -1.29 -34.59
C ILE C 314 -4.57 -0.34 -35.59
N TYR C 315 -3.83 0.70 -35.97
CA TYR C 315 -4.37 1.74 -36.83
C TYR C 315 -4.52 1.30 -38.30
N THR C 316 -3.85 0.21 -38.66
CA THR C 316 -3.98 -0.32 -40.01
C THR C 316 -5.17 -1.28 -40.09
N GLY C 317 -5.38 -2.05 -39.02
CA GLY C 317 -6.48 -2.99 -38.97
C GLY C 317 -7.84 -2.33 -38.91
N ILE C 318 -7.87 -1.12 -38.37
CA ILE C 318 -9.11 -0.38 -38.24
C ILE C 318 -9.42 0.40 -39.52
N THR C 319 -8.38 0.75 -40.26
CA THR C 319 -8.54 1.48 -41.51
C THR C 319 -9.04 0.55 -42.61
N ILE C 320 -8.55 -0.69 -42.59
CA ILE C 320 -9.02 -1.72 -43.51
C ILE C 320 -10.48 -2.04 -43.19
N ALA C 321 -10.82 -2.00 -41.91
CA ALA C 321 -12.18 -2.23 -41.45
C ALA C 321 -13.11 -1.12 -41.93
N GLU C 322 -12.66 0.12 -41.79
CA GLU C 322 -13.42 1.28 -42.26
C GLU C 322 -13.62 1.23 -43.77
N TYR C 323 -12.66 0.63 -44.46
CA TYR C 323 -12.70 0.50 -45.91
C TYR C 323 -13.87 -0.37 -46.36
N PHE C 324 -13.96 -1.57 -45.81
CA PHE C 324 -15.06 -2.48 -46.13
C PHE C 324 -16.37 -2.01 -45.52
N ARG C 325 -16.27 -1.17 -44.48
CA ARG C 325 -17.44 -0.56 -43.88
C ARG C 325 -18.11 0.39 -44.87
N ASP C 326 -17.28 1.11 -45.61
CA ASP C 326 -17.76 2.06 -46.60
C ASP C 326 -18.46 1.38 -47.77
N MET C 327 -18.18 0.08 -47.94
CA MET C 327 -18.85 -0.69 -48.98
C MET C 327 -20.29 -1.02 -48.55
N GLY C 328 -20.47 -1.21 -47.25
CA GLY C 328 -21.78 -1.54 -46.72
C GLY C 328 -21.79 -2.86 -45.96
N TYR C 329 -20.62 -3.47 -45.87
CA TYR C 329 -20.47 -4.76 -45.18
C TYR C 329 -20.41 -4.56 -43.68
N ASP C 330 -20.86 -5.57 -42.94
CA ASP C 330 -20.71 -5.58 -41.49
C ASP C 330 -19.37 -6.23 -41.12
N VAL C 331 -18.52 -5.47 -40.45
CA VAL C 331 -17.18 -5.94 -40.15
C VAL C 331 -16.89 -5.90 -38.65
N ALA C 332 -16.10 -6.88 -38.19
CA ALA C 332 -15.68 -6.95 -36.80
C ALA C 332 -14.16 -6.99 -36.70
N ILE C 333 -13.59 -6.13 -35.85
CA ILE C 333 -12.15 -6.07 -35.69
C ILE C 333 -11.73 -6.49 -34.29
N MET C 334 -10.86 -7.50 -34.21
CA MET C 334 -10.39 -8.02 -32.93
C MET C 334 -9.00 -7.52 -32.61
N ALA C 335 -8.88 -6.67 -31.59
CA ALA C 335 -7.59 -6.15 -31.18
C ALA C 335 -7.02 -6.95 -30.01
N ASP C 336 -5.97 -7.73 -30.28
CA ASP C 336 -5.37 -8.58 -29.27
C ASP C 336 -3.84 -8.43 -29.25
N SER C 337 -3.32 -7.72 -28.26
CA SER C 337 -4.14 -7.12 -27.21
C SER C 337 -3.95 -5.61 -27.17
N THR C 338 -4.98 -4.90 -26.74
CA THR C 338 -4.95 -3.44 -26.69
C THR C 338 -3.97 -2.92 -25.64
N SER C 339 -3.69 -3.73 -24.62
CA SER C 339 -2.74 -3.34 -23.58
C SER C 339 -1.33 -3.22 -24.14
N ARG C 340 -1.02 -4.07 -25.12
CA ARG C 340 0.29 -4.05 -25.76
C ARG C 340 0.53 -2.73 -26.48
N TRP C 341 -0.53 -2.19 -27.07
CA TRP C 341 -0.49 -0.88 -27.72
C TRP C 341 -0.11 0.18 -26.69
N ALA C 342 -0.74 0.11 -25.52
CA ALA C 342 -0.48 1.06 -24.45
C ALA C 342 0.94 0.90 -23.91
N GLU C 343 1.35 -0.35 -23.72
CA GLU C 343 2.70 -0.64 -23.22
C GLU C 343 3.75 -0.21 -24.23
N ALA C 344 3.37 -0.24 -25.51
CA ALA C 344 4.24 0.24 -26.58
C ALA C 344 4.39 1.75 -26.48
N LEU C 345 3.28 2.43 -26.19
CA LEU C 345 3.28 3.88 -26.05
C LEU C 345 4.02 4.30 -24.78
N ARG C 346 4.04 3.42 -23.79
CA ARG C 346 4.69 3.73 -22.51
C ARG C 346 6.21 3.79 -22.66
N GLU C 347 6.76 2.88 -23.46
CA GLU C 347 8.19 2.88 -23.75
C GLU C 347 8.61 4.16 -24.44
N MET C 348 7.93 4.47 -25.54
CA MET C 348 8.25 5.65 -26.34
C MET C 348 8.06 6.93 -25.54
N SER C 349 7.12 6.90 -24.59
CA SER C 349 6.90 8.04 -23.72
C SER C 349 8.07 8.17 -22.74
N GLY C 350 8.55 7.03 -22.27
CA GLY C 350 9.68 7.00 -21.35
C GLY C 350 10.98 7.37 -22.05
N ARG C 351 11.17 6.82 -23.25
CA ARG C 351 12.37 7.10 -24.03
C ARG C 351 12.45 8.57 -24.44
N LEU C 352 11.29 9.21 -24.55
CA LEU C 352 11.24 10.64 -24.87
C LEU C 352 11.31 11.48 -23.60
N GLU C 353 11.41 10.79 -22.46
CA GLU C 353 11.48 11.43 -21.15
C GLU C 353 10.31 12.39 -20.92
N GLU C 354 9.14 12.01 -21.42
CA GLU C 354 7.93 12.79 -21.23
C GLU C 354 7.37 12.59 -19.82
N MET C 355 6.65 13.58 -19.33
CA MET C 355 6.01 13.48 -18.02
C MET C 355 4.88 12.45 -18.08
N PRO C 356 5.06 11.32 -17.39
CA PRO C 356 4.11 10.20 -17.49
C PRO C 356 2.84 10.40 -16.67
N GLY C 357 1.79 9.68 -17.02
CA GLY C 357 0.56 9.69 -16.25
C GLY C 357 0.51 8.51 -15.31
N ASP C 358 -0.69 7.96 -15.10
CA ASP C 358 -0.87 6.81 -14.22
C ASP C 358 -0.08 5.59 -14.71
N GLU C 359 0.61 4.95 -13.77
CA GLU C 359 1.41 3.75 -14.04
C GLU C 359 2.43 3.92 -15.16
N GLY C 360 2.89 5.16 -15.37
CA GLY C 360 3.89 5.43 -16.37
C GLY C 360 3.33 5.66 -17.76
N TYR C 361 2.07 5.26 -17.97
CA TYR C 361 1.40 5.47 -19.25
C TYR C 361 1.33 6.96 -19.57
N PRO C 362 1.38 7.30 -20.86
CA PRO C 362 1.23 8.70 -21.29
C PRO C 362 -0.10 9.27 -20.84
N ALA C 363 -0.13 10.58 -20.59
CA ALA C 363 -1.36 11.24 -20.16
C ALA C 363 -2.37 11.32 -21.29
N TYR C 364 -1.90 11.11 -22.52
CA TYR C 364 -2.77 11.17 -23.68
C TYR C 364 -3.26 9.77 -24.08
N LEU C 365 -3.18 8.83 -23.15
CA LEU C 365 -3.63 7.47 -23.42
C LEU C 365 -5.15 7.39 -23.55
N GLY C 366 -5.85 8.07 -22.64
CA GLY C 366 -7.29 8.07 -22.64
C GLY C 366 -7.88 8.72 -23.88
N SER C 367 -7.19 9.73 -24.40
CA SER C 367 -7.65 10.42 -25.59
C SER C 367 -7.34 9.64 -26.86
N ARG C 368 -6.21 8.94 -26.85
CA ARG C 368 -5.79 8.17 -28.02
C ARG C 368 -6.63 6.91 -28.18
N LEU C 369 -7.09 6.36 -27.06
CA LEU C 369 -7.96 5.19 -27.10
C LEU C 369 -9.37 5.56 -27.57
N ALA C 370 -9.83 6.73 -27.16
CA ALA C 370 -11.15 7.22 -27.55
C ALA C 370 -11.25 7.40 -29.05
N GLU C 371 -10.14 7.82 -29.66
CA GLU C 371 -10.08 8.01 -31.11
C GLU C 371 -10.27 6.69 -31.85
N TYR C 372 -9.79 5.60 -31.25
CA TYR C 372 -9.87 4.29 -31.88
C TYR C 372 -11.31 3.75 -31.86
N TYR C 373 -12.03 3.99 -30.77
CA TYR C 373 -13.38 3.47 -30.62
C TYR C 373 -14.43 4.37 -31.25
N GLU C 374 -14.13 5.66 -31.36
CA GLU C 374 -15.03 6.60 -32.02
C GLU C 374 -14.80 6.56 -33.53
N ARG C 375 -14.09 5.55 -33.99
CA ARG C 375 -13.90 5.29 -35.41
C ARG C 375 -14.57 3.97 -35.80
N SER C 376 -15.49 3.53 -34.97
CA SER C 376 -16.25 2.30 -35.22
C SER C 376 -17.74 2.58 -35.11
N GLY C 377 -18.55 1.52 -35.20
CA GLY C 377 -19.99 1.63 -35.07
C GLY C 377 -20.71 1.65 -36.40
N ARG C 378 -22.03 1.48 -36.35
CA ARG C 378 -22.84 1.48 -37.56
C ARG C 378 -23.03 2.89 -38.09
N VAL C 379 -22.69 3.09 -39.36
CA VAL C 379 -22.82 4.39 -40.01
C VAL C 379 -23.38 4.20 -41.42
N ILE C 380 -23.62 5.30 -42.13
CA ILE C 380 -23.88 5.22 -43.56
C ILE C 380 -22.72 5.85 -44.32
N ALA C 381 -22.28 5.16 -45.38
CA ALA C 381 -21.13 5.59 -46.15
C ALA C 381 -21.41 6.86 -46.94
N LEU C 382 -20.41 7.31 -47.69
CA LEU C 382 -20.55 8.52 -48.49
C LEU C 382 -21.21 8.23 -49.84
N GLY C 383 -21.37 9.28 -50.64
CA GLY C 383 -22.16 9.18 -51.85
C GLY C 383 -23.62 9.36 -51.47
N SER C 384 -24.52 8.86 -52.29
CA SER C 384 -25.95 8.95 -51.97
C SER C 384 -26.63 7.60 -52.12
N ASP C 385 -25.82 6.56 -52.32
CA ASP C 385 -26.33 5.19 -52.33
C ASP C 385 -26.79 4.84 -50.92
N GLN C 386 -26.17 5.48 -49.94
CA GLN C 386 -26.55 5.39 -48.53
C GLN C 386 -26.57 3.96 -48.01
N ARG C 387 -25.48 3.23 -48.27
CA ARG C 387 -25.32 1.90 -47.71
C ARG C 387 -24.93 2.01 -46.24
N GLU C 388 -25.48 1.12 -45.41
CA GLU C 388 -25.11 1.11 -44.00
C GLU C 388 -23.97 0.14 -43.74
N GLY C 389 -23.00 0.57 -42.95
CA GLY C 389 -21.86 -0.26 -42.59
C GLY C 389 -21.55 -0.14 -41.12
N SER C 390 -21.20 -1.26 -40.48
CA SER C 390 -20.93 -1.27 -39.05
C SER C 390 -19.56 -1.83 -38.73
N ILE C 391 -18.90 -1.23 -37.74
CA ILE C 391 -17.62 -1.73 -37.25
C ILE C 391 -17.75 -2.11 -35.78
N THR C 392 -17.66 -3.41 -35.49
CA THR C 392 -17.72 -3.87 -34.11
C THR C 392 -16.32 -4.06 -33.55
N ALA C 393 -16.08 -3.50 -32.37
CA ALA C 393 -14.76 -3.58 -31.75
C ALA C 393 -14.74 -4.57 -30.60
N ILE C 394 -13.98 -5.64 -30.77
CA ILE C 394 -13.76 -6.61 -29.70
C ILE C 394 -12.33 -6.48 -29.18
N SER C 395 -12.15 -5.61 -28.19
CA SER C 395 -10.82 -5.32 -27.67
C SER C 395 -10.44 -6.23 -26.53
N ALA C 396 -9.22 -6.74 -26.58
CA ALA C 396 -8.67 -7.55 -25.50
C ALA C 396 -7.76 -6.72 -24.63
N VAL C 397 -8.20 -6.44 -23.41
CA VAL C 397 -7.37 -5.73 -22.44
C VAL C 397 -6.74 -6.73 -21.48
N SER C 398 -5.47 -6.56 -21.18
CA SER C 398 -4.75 -7.48 -20.31
C SER C 398 -4.10 -6.75 -19.14
N PRO C 399 -4.89 -6.44 -18.10
CA PRO C 399 -4.42 -5.70 -16.93
C PRO C 399 -3.40 -6.50 -16.12
N SER C 400 -2.37 -5.81 -15.62
CA SER C 400 -1.34 -6.45 -14.82
C SER C 400 -1.90 -6.92 -13.47
N GLY C 401 -1.66 -8.18 -13.15
CA GLY C 401 -2.11 -8.76 -11.90
C GLY C 401 -3.59 -9.10 -11.88
N GLY C 402 -4.33 -8.63 -12.87
CA GLY C 402 -5.75 -8.86 -12.95
C GLY C 402 -6.54 -7.69 -12.40
N ASP C 403 -5.82 -6.67 -11.94
CA ASP C 403 -6.45 -5.48 -11.37
C ASP C 403 -7.01 -4.59 -12.48
N ILE C 404 -8.33 -4.44 -12.51
CA ILE C 404 -9.01 -3.71 -13.56
C ILE C 404 -9.03 -2.20 -13.31
N SER C 405 -8.32 -1.75 -12.27
CA SER C 405 -8.26 -0.33 -11.96
C SER C 405 -7.13 0.35 -12.72
N GLU C 406 -6.49 -0.41 -13.60
CA GLU C 406 -5.38 0.12 -14.42
C GLU C 406 -5.89 1.17 -15.40
N PRO C 407 -4.99 2.06 -15.87
CA PRO C 407 -5.34 3.12 -16.81
C PRO C 407 -5.98 2.61 -18.11
N VAL C 408 -5.49 1.49 -18.62
CA VAL C 408 -5.98 0.94 -19.88
C VAL C 408 -7.43 0.49 -19.78
N THR C 409 -7.71 -0.35 -18.79
CA THR C 409 -9.06 -0.88 -18.58
C THR C 409 -10.02 0.25 -18.22
N GLN C 410 -9.54 1.20 -17.43
CA GLN C 410 -10.37 2.29 -16.95
C GLN C 410 -10.80 3.23 -18.08
N ASN C 411 -9.84 3.62 -18.92
CA ASN C 411 -10.13 4.51 -20.04
C ASN C 411 -10.90 3.81 -21.15
N THR C 412 -10.84 2.48 -21.17
CA THR C 412 -11.59 1.71 -22.15
C THR C 412 -13.05 1.62 -21.75
N LEU C 413 -13.30 1.34 -20.47
CA LEU C 413 -14.66 1.19 -19.95
C LEU C 413 -15.43 2.51 -19.92
N ARG C 414 -14.78 3.59 -20.34
CA ARG C 414 -15.40 4.89 -20.36
C ARG C 414 -15.95 5.20 -21.75
N VAL C 415 -15.42 4.51 -22.76
CA VAL C 415 -15.83 4.71 -24.14
C VAL C 415 -16.31 3.43 -24.81
N VAL C 416 -16.74 2.46 -24.01
CA VAL C 416 -17.37 1.26 -24.54
C VAL C 416 -18.73 1.03 -23.88
N LYS C 417 -19.53 0.15 -24.45
CA LYS C 417 -20.85 -0.13 -23.93
C LYS C 417 -20.96 -1.58 -23.48
N VAL C 418 -19.89 -2.35 -23.72
CA VAL C 418 -19.87 -3.78 -23.39
C VAL C 418 -18.56 -4.16 -22.71
N PHE C 419 -18.65 -4.92 -21.62
CA PHE C 419 -17.47 -5.35 -20.87
C PHE C 419 -17.63 -6.76 -20.32
N TRP C 420 -16.76 -7.65 -20.77
CA TRP C 420 -16.77 -9.05 -20.34
C TRP C 420 -15.60 -9.32 -19.40
N GLY C 421 -15.80 -9.05 -18.13
CA GLY C 421 -14.75 -9.22 -17.14
C GLY C 421 -14.43 -10.68 -16.87
N LEU C 422 -13.18 -11.06 -17.12
CA LEU C 422 -12.74 -12.41 -16.83
C LEU C 422 -12.05 -12.42 -15.46
N ASP C 423 -12.04 -13.58 -14.82
CA ASP C 423 -11.37 -13.71 -13.53
C ASP C 423 -10.64 -15.05 -13.42
N SER C 424 -9.48 -15.03 -12.78
CA SER C 424 -8.64 -16.21 -12.68
C SER C 424 -9.29 -17.32 -11.86
N SER C 425 -10.24 -16.94 -11.00
CA SER C 425 -10.92 -17.89 -10.14
C SER C 425 -11.73 -18.91 -10.94
N LEU C 426 -12.38 -18.46 -12.00
CA LEU C 426 -13.17 -19.35 -12.85
C LEU C 426 -12.27 -20.16 -13.78
N ALA C 427 -11.22 -19.53 -14.29
CA ALA C 427 -10.24 -20.23 -15.11
C ALA C 427 -9.50 -21.27 -14.28
N GLN C 428 -9.47 -21.05 -12.97
CA GLN C 428 -8.89 -21.99 -12.03
C GLN C 428 -9.75 -23.26 -11.98
N LYS C 429 -11.05 -23.06 -11.86
CA LYS C 429 -12.02 -24.17 -11.83
C LYS C 429 -12.22 -24.77 -13.21
N ARG C 430 -11.50 -24.22 -14.19
CA ARG C 430 -11.70 -24.54 -15.60
C ARG C 430 -13.15 -24.26 -16.02
N HIS C 431 -13.70 -23.18 -15.46
CA HIS C 431 -15.01 -22.69 -15.85
C HIS C 431 -14.86 -21.86 -17.12
N PHE C 432 -14.95 -22.50 -18.26
CA PHE C 432 -14.74 -21.83 -19.54
C PHE C 432 -16.02 -21.67 -20.33
N PRO C 433 -16.25 -20.48 -20.92
CA PRO C 433 -15.35 -19.32 -20.81
C PRO C 433 -15.53 -18.57 -19.50
N SER C 434 -14.42 -18.09 -18.94
CA SER C 434 -14.42 -17.54 -17.59
C SER C 434 -14.90 -16.09 -17.50
N ILE C 435 -16.14 -15.83 -17.89
CA ILE C 435 -16.72 -14.51 -17.73
C ILE C 435 -17.46 -14.38 -16.41
N ASN C 436 -17.04 -13.44 -15.57
CA ASN C 436 -17.71 -13.19 -14.30
C ASN C 436 -19.07 -12.55 -14.50
N TRP C 437 -20.13 -13.35 -14.31
CA TRP C 437 -21.48 -12.91 -14.63
C TRP C 437 -22.04 -11.86 -13.67
N ILE C 438 -21.44 -11.72 -12.49
CA ILE C 438 -21.91 -10.75 -11.50
C ILE C 438 -21.54 -9.31 -11.87
N GLN C 439 -20.35 -9.11 -12.44
CA GLN C 439 -19.89 -7.76 -12.74
C GLN C 439 -19.95 -7.42 -14.23
N SER C 440 -19.69 -8.41 -15.09
CA SER C 440 -19.76 -8.20 -16.53
C SER C 440 -21.11 -7.59 -16.90
N TYR C 441 -21.11 -6.70 -17.89
CA TYR C 441 -22.32 -5.95 -18.19
C TYR C 441 -22.36 -5.45 -19.63
N SER C 442 -23.57 -5.35 -20.17
CA SER C 442 -23.76 -4.84 -21.51
C SER C 442 -24.91 -3.83 -21.53
N LEU C 443 -24.63 -2.62 -21.98
CA LEU C 443 -25.63 -1.56 -22.03
C LEU C 443 -26.57 -1.75 -23.21
N TYR C 444 -26.29 -2.75 -24.03
CA TYR C 444 -27.13 -3.08 -25.18
C TYR C 444 -28.15 -4.16 -24.81
N SER C 445 -28.18 -4.52 -23.52
CA SER C 445 -29.01 -5.62 -23.03
C SER C 445 -30.49 -5.48 -23.39
N THR C 446 -31.10 -4.38 -22.98
CA THR C 446 -32.53 -4.17 -23.16
C THR C 446 -32.96 -4.18 -24.64
N GLU C 447 -32.18 -3.55 -25.50
CA GLU C 447 -32.52 -3.47 -26.91
C GLU C 447 -32.27 -4.78 -27.67
N VAL C 448 -31.22 -5.49 -27.28
CA VAL C 448 -30.94 -6.80 -27.87
C VAL C 448 -32.06 -7.76 -27.52
N GLY C 449 -32.56 -7.66 -26.29
CA GLY C 449 -33.67 -8.48 -25.84
C GLY C 449 -34.92 -8.24 -26.65
N ARG C 450 -35.17 -6.99 -27.03
CA ARG C 450 -36.33 -6.64 -27.83
C ARG C 450 -36.27 -7.27 -29.22
N TYR C 451 -35.12 -7.10 -29.88
CA TYR C 451 -34.88 -7.67 -31.20
C TYR C 451 -35.09 -9.18 -31.20
N MET C 452 -34.59 -9.83 -30.16
CA MET C 452 -34.52 -11.28 -30.13
C MET C 452 -35.85 -11.94 -29.71
N ASP C 453 -36.66 -11.22 -28.94
CA ASP C 453 -37.97 -11.77 -28.56
C ASP C 453 -38.94 -11.65 -29.73
N GLN C 454 -38.63 -10.74 -30.65
CA GLN C 454 -39.40 -10.60 -31.89
C GLN C 454 -39.05 -11.71 -32.87
N ILE C 455 -37.74 -11.90 -33.06
CA ILE C 455 -37.24 -12.85 -34.05
C ILE C 455 -37.60 -14.30 -33.71
N LEU C 456 -37.40 -14.68 -32.46
CA LEU C 456 -37.68 -16.05 -32.03
C LEU C 456 -39.12 -16.23 -31.57
N GLN C 457 -39.78 -15.12 -31.25
CA GLN C 457 -41.17 -15.10 -30.81
C GLN C 457 -41.42 -15.89 -29.53
N GLN C 458 -40.35 -16.16 -28.79
CA GLN C 458 -40.48 -16.74 -27.46
C GLN C 458 -40.23 -15.65 -26.43
N ASP C 459 -40.74 -15.82 -25.22
CA ASP C 459 -40.60 -14.81 -24.19
C ASP C 459 -39.15 -14.71 -23.69
N TRP C 460 -38.25 -14.33 -24.58
CA TRP C 460 -36.82 -14.34 -24.28
C TRP C 460 -36.42 -13.25 -23.28
N SER C 461 -37.04 -12.10 -23.40
CA SER C 461 -36.74 -10.97 -22.51
C SER C 461 -37.03 -11.30 -21.06
N ASP C 462 -38.13 -12.00 -20.82
CA ASP C 462 -38.53 -12.39 -19.47
C ASP C 462 -37.65 -13.51 -18.94
N MET C 463 -37.12 -14.33 -19.84
CA MET C 463 -36.35 -15.50 -19.46
C MET C 463 -34.92 -15.17 -19.03
N VAL C 464 -34.27 -14.28 -19.78
CA VAL C 464 -32.87 -13.95 -19.50
C VAL C 464 -32.74 -13.11 -18.23
N THR C 465 -33.78 -12.37 -17.89
CA THR C 465 -33.74 -11.50 -16.72
C THR C 465 -33.88 -12.32 -15.44
N GLU C 466 -34.76 -13.30 -15.46
CA GLU C 466 -34.99 -14.16 -14.30
C GLU C 466 -33.90 -15.23 -14.19
N GLY C 467 -33.32 -15.59 -15.33
CA GLY C 467 -32.21 -16.52 -15.35
C GLY C 467 -31.00 -15.89 -14.69
N MET C 468 -30.91 -14.57 -14.80
CA MET C 468 -29.83 -13.81 -14.16
C MET C 468 -30.11 -13.66 -12.66
N ARG C 469 -31.39 -13.63 -12.30
CA ARG C 469 -31.79 -13.48 -10.91
C ARG C 469 -31.45 -14.71 -10.08
N ILE C 470 -31.62 -15.89 -10.67
CA ILE C 470 -31.27 -17.13 -10.02
C ILE C 470 -29.75 -17.18 -9.79
N LEU C 471 -29.01 -16.53 -10.68
CA LEU C 471 -27.56 -16.37 -10.50
C LEU C 471 -27.24 -15.36 -9.40
N GLN C 472 -27.93 -14.22 -9.44
CA GLN C 472 -27.77 -13.17 -8.42
C GLN C 472 -28.09 -13.70 -7.03
N GLU C 473 -29.13 -14.53 -6.94
CA GLU C 473 -29.53 -15.14 -5.67
C GLU C 473 -28.51 -16.18 -5.22
N GLU C 474 -27.95 -16.90 -6.19
CA GLU C 474 -26.92 -17.90 -5.91
C GLU C 474 -25.73 -17.29 -5.18
N GLU C 475 -25.38 -16.07 -5.58
CA GLU C 475 -24.23 -15.38 -5.00
C GLU C 475 -24.49 -14.97 -3.55
N GLN C 476 -25.71 -14.49 -3.30
CA GLN C 476 -26.07 -14.00 -1.97
C GLN C 476 -26.33 -15.16 -1.01
N LEU C 477 -26.49 -16.36 -1.55
CA LEU C 477 -26.88 -17.52 -0.75
C LEU C 477 -25.71 -18.43 -0.42
N ASN C 478 -24.54 -18.16 -0.99
CA ASN C 478 -23.33 -18.86 -0.57
C ASN C 478 -22.64 -18.04 0.49
N GLU C 479 -23.02 -16.77 0.58
CA GLU C 479 -22.53 -15.86 1.60
C GLU C 479 -22.91 -16.36 2.99
N ILE C 480 -24.02 -17.10 3.06
CA ILE C 480 -24.48 -17.63 4.34
C ILE C 480 -24.04 -19.08 4.57
N VAL C 481 -23.82 -19.82 3.48
CA VAL C 481 -23.40 -21.22 3.58
C VAL C 481 -22.12 -21.35 4.40
N ARG C 482 -21.23 -20.38 4.23
CA ARG C 482 -20.01 -20.33 5.03
C ARG C 482 -20.36 -20.11 6.50
N LEU C 483 -21.42 -19.34 6.76
CA LEU C 483 -21.80 -18.96 8.11
C LEU C 483 -22.73 -19.96 8.79
N VAL C 484 -23.82 -20.32 8.12
CA VAL C 484 -24.86 -21.13 8.75
C VAL C 484 -24.82 -22.61 8.36
N GLY C 485 -24.37 -22.89 7.14
CA GLY C 485 -24.35 -24.26 6.65
C GLY C 485 -25.33 -24.48 5.51
N ILE C 486 -25.30 -25.67 4.94
CA ILE C 486 -26.12 -25.97 3.76
C ILE C 486 -27.56 -26.32 4.13
N ASP C 487 -27.74 -27.18 5.13
CA ASP C 487 -29.07 -27.65 5.53
C ASP C 487 -29.69 -26.75 6.59
N SER C 488 -29.02 -25.65 6.89
CA SER C 488 -29.37 -24.83 8.04
C SER C 488 -30.73 -24.15 7.88
N LEU C 489 -30.93 -23.46 6.77
CA LEU C 489 -32.18 -22.75 6.54
C LEU C 489 -32.39 -22.40 5.07
N SER C 490 -33.55 -21.82 4.79
CA SER C 490 -33.97 -21.49 3.42
C SER C 490 -33.86 -22.72 2.53
N ASP C 491 -34.59 -23.77 2.90
CA ASP C 491 -34.48 -25.05 2.22
C ASP C 491 -34.92 -24.99 0.76
N ASN C 492 -35.88 -24.11 0.47
CA ASN C 492 -36.35 -23.93 -0.89
C ASN C 492 -35.31 -23.20 -1.73
N ASP C 493 -34.41 -22.49 -1.06
CA ASP C 493 -33.32 -21.81 -1.73
C ASP C 493 -32.24 -22.78 -2.21
N ARG C 494 -32.26 -24.00 -1.66
CA ARG C 494 -31.31 -25.01 -2.11
C ARG C 494 -31.58 -25.40 -3.55
N LEU C 495 -32.85 -25.43 -3.91
CA LEU C 495 -33.26 -25.69 -5.29
C LEU C 495 -32.72 -24.58 -6.19
N THR C 496 -32.75 -23.35 -5.68
CA THR C 496 -32.19 -22.21 -6.40
C THR C 496 -30.70 -22.42 -6.65
N LEU C 497 -30.02 -23.00 -5.67
CA LEU C 497 -28.59 -23.23 -5.77
C LEU C 497 -28.26 -24.40 -6.69
N GLU C 498 -29.17 -25.37 -6.79
CA GLU C 498 -28.91 -26.56 -7.60
C GLU C 498 -29.51 -26.46 -8.99
N VAL C 499 -30.16 -25.33 -9.29
CA VAL C 499 -30.58 -25.07 -10.66
C VAL C 499 -29.68 -23.99 -11.25
N ALA C 500 -29.15 -23.12 -10.38
CA ALA C 500 -28.12 -22.18 -10.78
C ALA C 500 -26.82 -22.94 -10.98
N LYS C 501 -26.66 -24.01 -10.20
CA LYS C 501 -25.57 -24.94 -10.38
C LYS C 501 -25.60 -25.48 -11.79
N SER C 502 -26.80 -25.75 -12.29
CA SER C 502 -26.95 -26.24 -13.66
C SER C 502 -26.85 -25.09 -14.66
N ILE C 503 -27.22 -23.88 -14.24
CA ILE C 503 -27.10 -22.71 -15.09
C ILE C 503 -25.65 -22.46 -15.47
N ARG C 504 -24.78 -22.48 -14.46
CA ARG C 504 -23.37 -22.16 -14.66
C ARG C 504 -22.58 -23.35 -15.21
N GLU C 505 -23.10 -24.55 -15.02
CA GLU C 505 -22.38 -25.77 -15.37
C GLU C 505 -22.90 -26.43 -16.65
N ASP C 506 -24.19 -26.25 -16.94
CA ASP C 506 -24.75 -26.84 -18.15
C ASP C 506 -25.01 -25.79 -19.24
N TYR C 507 -25.23 -24.54 -18.86
CA TYR C 507 -25.52 -23.50 -19.84
C TYR C 507 -24.33 -22.56 -20.05
N LEU C 508 -23.74 -22.09 -18.95
CA LEU C 508 -22.65 -21.11 -19.03
C LEU C 508 -21.32 -21.75 -19.44
N GLN C 509 -20.96 -22.86 -18.79
CA GLN C 509 -19.71 -23.54 -19.11
C GLN C 509 -19.69 -24.04 -20.55
N GLN C 510 -19.08 -23.25 -21.43
CA GLN C 510 -19.06 -23.56 -22.85
C GLN C 510 -17.64 -23.84 -23.35
N ASN C 511 -17.26 -25.10 -23.31
CA ASN C 511 -15.97 -25.52 -23.84
C ASN C 511 -15.92 -25.28 -25.34
N ALA C 512 -14.80 -24.75 -25.82
CA ALA C 512 -14.67 -24.36 -27.21
C ALA C 512 -13.91 -25.41 -28.01
N PHE C 513 -13.79 -26.61 -27.44
CA PHE C 513 -12.87 -27.64 -27.96
C PHE C 513 -13.66 -28.78 -28.58
N ASP C 514 -14.80 -29.08 -27.97
CA ASP C 514 -15.66 -30.14 -28.49
C ASP C 514 -16.27 -29.73 -29.82
N ASP C 515 -16.55 -30.73 -30.65
CA ASP C 515 -16.92 -30.50 -32.03
C ASP C 515 -18.36 -30.00 -32.22
N VAL C 516 -19.11 -29.86 -31.13
CA VAL C 516 -20.50 -29.43 -31.24
C VAL C 516 -20.82 -28.25 -30.32
N ASP C 517 -20.16 -28.17 -29.16
CA ASP C 517 -20.41 -27.08 -28.23
C ASP C 517 -19.44 -25.94 -28.51
N THR C 518 -18.72 -26.04 -29.61
CA THR C 518 -17.88 -24.94 -30.08
C THR C 518 -18.78 -23.78 -30.48
N PHE C 519 -19.95 -24.12 -31.02
CA PHE C 519 -20.93 -23.13 -31.46
C PHE C 519 -22.34 -23.61 -31.15
N THR C 520 -23.15 -22.74 -30.55
CA THR C 520 -24.54 -23.05 -30.27
C THR C 520 -25.45 -22.02 -30.92
N SER C 521 -26.27 -22.47 -31.88
CA SER C 521 -27.18 -21.57 -32.59
C SER C 521 -28.21 -21.00 -31.63
N ARG C 522 -28.71 -19.81 -31.95
CA ARG C 522 -29.69 -19.10 -31.14
C ARG C 522 -30.90 -19.95 -30.78
N GLU C 523 -31.39 -20.72 -31.75
CA GLU C 523 -32.58 -21.55 -31.56
C GLU C 523 -32.33 -22.68 -30.57
N LYS C 524 -31.16 -23.31 -30.66
CA LYS C 524 -30.75 -24.35 -29.73
C LYS C 524 -30.39 -23.72 -28.39
N GLN C 525 -29.82 -22.52 -28.45
CA GLN C 525 -29.46 -21.75 -27.27
C GLN C 525 -30.70 -21.42 -26.43
N PHE C 526 -31.86 -21.49 -27.07
CA PHE C 526 -33.13 -21.22 -26.43
C PHE C 526 -33.57 -22.35 -25.50
N ASN C 527 -33.47 -23.57 -25.99
CA ASN C 527 -33.97 -24.75 -25.29
C ASN C 527 -33.33 -24.99 -23.93
N MET C 528 -32.00 -24.90 -23.88
CA MET C 528 -31.27 -25.08 -22.62
C MET C 528 -31.73 -24.09 -21.56
N LEU C 529 -31.79 -22.81 -21.95
CA LEU C 529 -32.31 -21.78 -21.08
C LEU C 529 -33.73 -22.13 -20.68
N LYS C 530 -34.55 -22.50 -21.65
CA LYS C 530 -35.95 -22.88 -21.42
C LYS C 530 -36.10 -24.01 -20.41
N VAL C 531 -35.37 -25.11 -20.64
CA VAL C 531 -35.48 -26.30 -19.80
C VAL C 531 -35.20 -26.04 -18.32
N ILE C 532 -34.20 -25.21 -18.03
CA ILE C 532 -33.74 -25.04 -16.65
C ILE C 532 -34.67 -24.22 -15.75
N LEU C 533 -35.29 -23.17 -16.27
CA LEU C 533 -36.17 -22.36 -15.42
C LEU C 533 -37.59 -22.92 -15.38
N THR C 534 -37.93 -23.78 -16.34
CA THR C 534 -39.16 -24.55 -16.21
C THR C 534 -39.02 -25.34 -14.93
N PHE C 535 -37.98 -26.16 -14.87
CA PHE C 535 -37.64 -26.91 -13.67
C PHE C 535 -37.52 -26.00 -12.46
N GLY C 536 -36.99 -24.79 -12.68
CA GLY C 536 -36.82 -23.82 -11.62
C GLY C 536 -38.13 -23.47 -10.94
N LYS C 537 -39.21 -23.48 -11.71
CA LYS C 537 -40.54 -23.24 -11.17
C LYS C 537 -41.26 -24.55 -10.91
N GLU C 538 -40.92 -25.60 -11.67
CA GLU C 538 -41.50 -26.92 -11.42
C GLU C 538 -41.05 -27.43 -10.06
N ALA C 539 -39.84 -27.04 -9.66
CA ALA C 539 -39.37 -27.32 -8.31
C ALA C 539 -40.25 -26.58 -7.32
N ARG C 540 -40.43 -25.29 -7.56
CA ARG C 540 -41.27 -24.45 -6.71
C ARG C 540 -42.72 -24.96 -6.66
N LYS C 541 -43.11 -25.69 -7.71
CA LYS C 541 -44.45 -26.26 -7.77
C LYS C 541 -44.61 -27.42 -6.79
N ALA C 542 -43.52 -28.13 -6.54
CA ALA C 542 -43.54 -29.29 -5.66
C ALA C 542 -43.36 -28.88 -4.19
N LEU C 543 -42.59 -27.83 -3.96
CA LEU C 543 -42.35 -27.34 -2.60
C LEU C 543 -43.53 -26.52 -2.11
N SER C 544 -44.43 -26.17 -3.04
CA SER C 544 -45.66 -25.49 -2.70
C SER C 544 -46.70 -26.50 -2.24
N LEU C 545 -46.71 -27.65 -2.90
CA LEU C 545 -47.62 -28.74 -2.53
C LEU C 545 -47.15 -29.44 -1.26
N GLY C 546 -45.85 -29.71 -1.17
CA GLY C 546 -45.27 -30.26 0.03
C GLY C 546 -44.31 -31.41 -0.18
N ALA C 547 -44.07 -31.76 -1.44
CA ALA C 547 -43.14 -32.85 -1.77
C ALA C 547 -41.72 -32.48 -1.34
N TYR C 548 -41.12 -33.32 -0.50
CA TYR C 548 -39.77 -33.09 -0.01
C TYR C 548 -38.78 -32.93 -1.16
N PHE C 549 -37.78 -32.10 -0.94
CA PHE C 549 -36.87 -31.68 -2.01
C PHE C 549 -35.89 -32.77 -2.38
N ASN C 550 -35.53 -33.61 -1.41
CA ASN C 550 -34.65 -34.75 -1.66
C ASN C 550 -35.29 -35.69 -2.68
N GLU C 551 -36.60 -35.88 -2.58
CA GLU C 551 -37.34 -36.71 -3.52
C GLU C 551 -37.21 -36.17 -4.95
N ILE C 552 -37.44 -34.87 -5.09
CA ILE C 552 -37.39 -34.20 -6.38
C ILE C 552 -35.99 -34.21 -6.96
N MET C 553 -34.99 -34.09 -6.08
CA MET C 553 -33.60 -34.05 -6.50
C MET C 553 -33.22 -35.38 -7.14
N GLU C 554 -33.82 -36.46 -6.65
CA GLU C 554 -33.65 -37.77 -7.26
C GLU C 554 -34.30 -37.78 -8.63
N GLY C 555 -35.46 -37.12 -8.74
CA GLY C 555 -36.14 -36.97 -10.01
C GLY C 555 -35.32 -36.13 -10.97
N THR C 556 -34.61 -35.15 -10.42
CA THR C 556 -33.68 -34.35 -11.20
C THR C 556 -32.59 -35.27 -11.76
N VAL C 557 -31.76 -35.79 -10.85
CA VAL C 557 -30.64 -36.69 -11.19
C VAL C 557 -30.96 -37.66 -12.33
N ALA C 558 -32.18 -38.20 -12.33
CA ALA C 558 -32.62 -39.06 -13.42
C ALA C 558 -32.69 -38.30 -14.74
N VAL C 559 -33.17 -37.06 -14.70
CA VAL C 559 -33.34 -36.26 -15.92
C VAL C 559 -32.25 -35.19 -16.04
N ARG C 560 -31.58 -34.90 -14.92
CA ARG C 560 -30.51 -33.90 -14.92
C ARG C 560 -29.32 -34.36 -15.75
N GLU C 561 -29.10 -35.67 -15.77
CA GLU C 561 -28.03 -36.25 -16.58
C GLU C 561 -28.24 -35.91 -18.05
N ARG C 562 -29.50 -35.90 -18.46
CA ARG C 562 -29.87 -35.60 -19.84
C ARG C 562 -29.52 -34.16 -20.24
N ILE C 563 -29.82 -33.20 -19.37
CA ILE C 563 -29.56 -31.79 -19.67
C ILE C 563 -28.07 -31.48 -19.57
N SER C 564 -27.36 -32.25 -18.76
CA SER C 564 -25.90 -32.16 -18.71
C SER C 564 -25.34 -32.45 -20.10
N ARG C 565 -26.05 -33.29 -20.83
CA ARG C 565 -25.66 -33.69 -22.18
C ARG C 565 -26.19 -32.75 -23.25
N SER C 566 -27.23 -32.00 -22.89
CA SER C 566 -27.96 -31.15 -23.85
C SER C 566 -27.05 -30.23 -24.64
N LYS C 567 -25.87 -29.95 -24.11
CA LYS C 567 -24.87 -29.18 -24.83
C LYS C 567 -24.36 -29.95 -26.04
N TYR C 568 -24.33 -31.28 -25.90
CA TYR C 568 -23.62 -32.12 -26.86
C TYR C 568 -24.50 -32.59 -28.02
N ILE C 569 -25.81 -32.45 -27.88
CA ILE C 569 -26.71 -32.85 -28.95
C ILE C 569 -26.61 -31.87 -30.12
N PRO C 570 -26.60 -32.39 -31.35
CA PRO C 570 -26.48 -31.60 -32.59
C PRO C 570 -27.58 -30.55 -32.74
N GLU C 571 -27.36 -29.59 -33.64
CA GLU C 571 -28.27 -28.47 -33.84
C GLU C 571 -29.62 -28.88 -34.43
N GLU C 572 -29.56 -29.69 -35.48
CA GLU C 572 -30.75 -30.07 -36.25
C GLU C 572 -31.85 -30.70 -35.41
N GLU C 573 -31.47 -31.60 -34.51
CA GLU C 573 -32.44 -32.29 -33.66
C GLU C 573 -32.66 -31.55 -32.33
N LEU C 574 -33.32 -30.41 -32.40
CA LEU C 574 -33.58 -29.60 -31.22
C LEU C 574 -34.75 -30.17 -30.41
N ALA C 575 -35.54 -31.02 -31.04
CA ALA C 575 -36.72 -31.63 -30.42
C ALA C 575 -36.35 -32.43 -29.17
N LYS C 576 -35.14 -32.98 -29.17
CA LYS C 576 -34.62 -33.70 -28.01
C LYS C 576 -34.60 -32.82 -26.77
N ILE C 577 -34.14 -31.59 -26.95
CA ILE C 577 -34.11 -30.61 -25.87
C ILE C 577 -35.50 -30.03 -25.64
N SER C 578 -36.38 -30.20 -26.63
CA SER C 578 -37.76 -29.76 -26.52
C SER C 578 -38.61 -30.80 -25.80
N SER C 579 -38.24 -32.06 -25.95
CA SER C 579 -39.02 -33.17 -25.40
C SER C 579 -38.60 -33.53 -23.98
N ILE C 580 -37.33 -33.29 -23.66
CA ILE C 580 -36.82 -33.53 -22.32
C ILE C 580 -37.54 -32.59 -21.35
N ASN C 581 -37.94 -31.43 -21.87
CA ASN C 581 -38.81 -30.52 -21.14
C ASN C 581 -40.11 -31.21 -20.74
N GLU C 582 -40.65 -32.04 -21.64
CA GLU C 582 -41.89 -32.76 -21.36
C GLU C 582 -41.69 -33.87 -20.32
N GLU C 583 -40.46 -34.36 -20.21
CA GLU C 583 -40.14 -35.40 -19.25
C GLU C 583 -40.05 -34.83 -17.82
N ILE C 584 -39.67 -33.56 -17.70
CA ILE C 584 -39.61 -32.94 -16.39
C ILE C 584 -40.98 -32.39 -15.99
N LYS C 585 -41.88 -32.28 -16.96
CA LYS C 585 -43.28 -31.98 -16.67
C LYS C 585 -43.93 -33.25 -16.12
N GLU C 586 -43.31 -34.38 -16.40
CA GLU C 586 -43.84 -35.69 -16.07
C GLU C 586 -43.53 -36.13 -14.64
N THR C 587 -42.30 -35.90 -14.20
CA THR C 587 -41.78 -36.51 -12.98
C THR C 587 -42.60 -36.24 -11.71
N ILE C 588 -42.92 -34.97 -11.45
CA ILE C 588 -43.66 -34.62 -10.23
C ILE C 588 -45.16 -34.93 -10.44
N GLN C 589 -45.50 -35.53 -11.56
CA GLN C 589 -46.81 -36.15 -11.69
C GLN C 589 -46.72 -37.60 -11.21
N LEU C 590 -45.53 -38.18 -11.36
CA LEU C 590 -45.28 -39.56 -10.97
C LEU C 590 -44.49 -39.64 -9.65
N ILE C 591 -44.07 -38.50 -9.14
CA ILE C 591 -43.30 -38.47 -7.90
C ILE C 591 -44.04 -37.75 -6.76
N VAL C 592 -45.20 -37.18 -7.07
CA VAL C 592 -46.01 -36.52 -6.04
C VAL C 592 -47.10 -37.46 -5.55
N SER C 593 -47.33 -38.53 -6.30
CA SER C 593 -48.35 -39.51 -5.95
C SER C 593 -48.13 -40.82 -6.69
N LYS D 10 -1.01 40.10 -38.38
CA LYS D 10 0.34 39.85 -37.91
C LYS D 10 0.62 38.35 -37.78
N GLU D 11 0.98 37.72 -38.89
CA GLU D 11 1.26 36.29 -38.90
C GLU D 11 2.75 36.01 -38.85
N TYR D 12 3.19 35.31 -37.81
CA TYR D 12 4.60 34.95 -37.66
C TYR D 12 4.90 33.62 -38.35
N ARG D 13 6.03 33.57 -39.05
CA ARG D 13 6.47 32.34 -39.70
C ARG D 13 7.68 31.79 -38.94
N THR D 14 7.69 32.00 -37.63
CA THR D 14 8.83 31.62 -36.80
C THR D 14 8.50 30.46 -35.86
N ILE D 15 8.38 29.26 -36.41
CA ILE D 15 8.17 28.07 -35.60
C ILE D 15 9.49 27.34 -35.40
N LYS D 16 9.93 27.26 -34.16
CA LYS D 16 11.24 26.71 -33.85
C LYS D 16 11.19 25.23 -33.45
N GLU D 17 10.25 24.89 -32.56
CA GLU D 17 10.17 23.52 -32.07
C GLU D 17 8.78 22.91 -32.23
N VAL D 18 8.74 21.59 -32.33
CA VAL D 18 7.51 20.83 -32.21
C VAL D 18 7.76 19.57 -31.38
N VAL D 19 7.26 19.56 -30.15
CA VAL D 19 7.33 18.37 -29.32
C VAL D 19 5.92 18.00 -28.89
N GLY D 20 5.54 16.75 -29.12
CA GLY D 20 4.18 16.30 -28.88
C GLY D 20 3.14 17.23 -29.47
N PRO D 21 2.09 17.54 -28.69
CA PRO D 21 1.10 18.54 -29.08
C PRO D 21 1.61 19.97 -28.89
N LEU D 22 2.69 20.10 -28.12
CA LEU D 22 3.29 21.41 -27.85
C LEU D 22 4.02 21.93 -29.07
N MET D 23 3.97 23.25 -29.27
CA MET D 23 4.70 23.89 -30.36
C MET D 23 5.36 25.16 -29.87
N ALA D 24 6.53 25.47 -30.40
CA ALA D 24 7.27 26.65 -29.97
C ALA D 24 7.34 27.72 -31.06
N VAL D 25 6.92 28.93 -30.71
CA VAL D 25 6.99 30.05 -31.63
C VAL D 25 7.99 31.08 -31.11
N GLU D 26 8.88 31.54 -31.98
CA GLU D 26 9.93 32.47 -31.59
C GLU D 26 9.68 33.87 -32.16
N LYS D 27 10.48 34.83 -31.71
CA LYS D 27 10.45 36.21 -32.23
C LYS D 27 9.06 36.82 -32.19
N VAL D 28 8.51 36.95 -30.98
CA VAL D 28 7.18 37.51 -30.80
C VAL D 28 7.16 38.57 -29.70
N SER D 29 6.04 39.27 -29.59
CA SER D 29 5.88 40.29 -28.55
C SER D 29 4.40 40.57 -28.28
N GLY D 30 4.11 41.05 -27.07
CA GLY D 30 2.74 41.38 -26.71
C GLY D 30 1.85 40.17 -26.58
N VAL D 31 2.46 38.99 -26.49
CA VAL D 31 1.73 37.75 -26.38
C VAL D 31 1.37 37.47 -24.92
N LYS D 32 0.13 37.07 -24.68
CA LYS D 32 -0.36 36.88 -23.33
C LYS D 32 -0.58 35.41 -22.99
N TYR D 33 -0.65 35.10 -21.71
CA TYR D 33 -0.87 33.74 -21.24
C TYR D 33 -2.30 33.29 -21.56
N GLU D 34 -2.43 32.05 -22.01
CA GLU D 34 -3.72 31.46 -22.42
C GLU D 34 -4.38 32.23 -23.55
N GLU D 35 -3.58 32.99 -24.31
CA GLU D 35 -4.09 33.69 -25.49
C GLU D 35 -4.34 32.70 -26.62
N LEU D 36 -5.48 32.83 -27.28
CA LEU D 36 -5.84 31.93 -28.37
C LEU D 36 -5.03 32.20 -29.63
N ILE D 37 -4.57 31.13 -30.27
CA ILE D 37 -3.81 31.25 -31.51
C ILE D 37 -4.40 30.34 -32.58
N GLU D 38 -4.01 30.58 -33.82
CA GLU D 38 -4.35 29.69 -34.93
C GLU D 38 -3.18 29.60 -35.89
N VAL D 39 -2.92 28.40 -36.40
CA VAL D 39 -1.75 28.16 -37.24
C VAL D 39 -2.14 27.82 -38.68
N ARG D 40 -1.67 28.64 -39.61
CA ARG D 40 -1.90 28.39 -41.03
C ARG D 40 -0.81 27.50 -41.60
N MET D 41 -1.18 26.29 -42.02
CA MET D 41 -0.23 25.35 -42.56
C MET D 41 0.17 25.68 -44.00
N GLN D 42 1.12 24.93 -44.53
CA GLN D 42 1.57 25.09 -45.90
C GLN D 42 0.51 24.59 -46.88
N ASN D 43 -0.25 23.57 -46.47
CA ASN D 43 -1.29 23.01 -47.31
C ASN D 43 -2.54 23.90 -47.29
N GLY D 44 -2.63 24.73 -46.27
CA GLY D 44 -3.75 25.65 -46.13
C GLY D 44 -4.66 25.28 -44.96
N GLU D 45 -4.47 24.08 -44.42
CA GLU D 45 -5.28 23.63 -43.28
C GLU D 45 -5.08 24.53 -42.08
N ILE D 46 -6.18 24.88 -41.43
CA ILE D 46 -6.14 25.81 -40.31
C ILE D 46 -6.48 25.13 -38.98
N ARG D 47 -5.55 25.21 -38.04
CA ARG D 47 -5.76 24.63 -36.72
C ARG D 47 -5.65 25.68 -35.63
N ARG D 48 -6.41 25.52 -34.55
CA ARG D 48 -6.36 26.45 -33.44
C ARG D 48 -5.38 25.97 -32.37
N GLY D 49 -5.00 26.87 -31.48
CA GLY D 49 -4.08 26.55 -30.41
C GLY D 49 -4.24 27.46 -29.21
N GLN D 50 -3.38 27.30 -28.21
CA GLN D 50 -3.43 28.13 -27.01
C GLN D 50 -2.06 28.26 -26.37
N VAL D 51 -1.71 29.47 -25.96
CA VAL D 51 -0.42 29.72 -25.33
C VAL D 51 -0.36 29.13 -23.93
N LEU D 52 0.44 28.07 -23.76
CA LEU D 52 0.60 27.41 -22.47
C LEU D 52 1.70 28.06 -21.64
N GLU D 53 2.62 28.75 -22.33
CA GLU D 53 3.75 29.38 -21.67
C GLU D 53 4.40 30.39 -22.62
N VAL D 54 4.74 31.57 -22.10
CA VAL D 54 5.35 32.61 -22.92
C VAL D 54 6.56 33.23 -22.22
N GLN D 55 7.69 33.26 -22.91
CA GLN D 55 8.90 33.86 -22.38
C GLN D 55 9.15 35.20 -23.05
N GLU D 56 10.32 35.78 -22.81
CA GLU D 56 10.60 37.15 -23.24
C GLU D 56 10.59 37.32 -24.76
N ASP D 57 11.12 36.34 -25.48
CA ASP D 57 11.20 36.44 -26.94
C ASP D 57 10.63 35.22 -27.64
N LYS D 58 9.81 34.45 -26.94
CA LYS D 58 9.19 33.26 -27.51
C LYS D 58 7.99 32.80 -26.69
N ALA D 59 7.24 31.83 -27.22
CA ALA D 59 6.04 31.34 -26.56
C ALA D 59 5.71 29.90 -26.96
N MET D 60 5.25 29.12 -25.99
CA MET D 60 4.84 27.74 -26.24
C MET D 60 3.33 27.65 -26.43
N VAL D 61 2.91 26.93 -27.47
CA VAL D 61 1.48 26.77 -27.75
C VAL D 61 1.10 25.32 -27.98
N GLN D 62 -0.11 24.94 -27.55
CA GLN D 62 -0.62 23.60 -27.76
C GLN D 62 -1.76 23.60 -28.76
N ILE D 63 -1.60 22.84 -29.84
CA ILE D 63 -2.61 22.76 -30.88
C ILE D 63 -3.73 21.81 -30.50
N PHE D 64 -4.98 22.29 -30.60
CA PHE D 64 -6.14 21.46 -30.30
C PHE D 64 -6.23 20.28 -31.27
N GLU D 65 -6.12 20.57 -32.56
CA GLU D 65 -6.35 19.58 -33.61
C GLU D 65 -5.13 18.70 -33.90
N GLY D 66 -4.18 18.65 -32.96
CA GLY D 66 -3.02 17.82 -33.12
C GLY D 66 -1.89 18.49 -33.88
N THR D 67 -0.78 17.78 -34.04
CA THR D 67 0.40 18.34 -34.68
C THR D 67 0.82 17.57 -35.93
N SER D 68 -0.04 16.67 -36.38
CA SER D 68 0.28 15.80 -37.52
C SER D 68 0.47 16.57 -38.83
N GLY D 69 1.58 16.27 -39.51
CA GLY D 69 1.82 16.78 -40.85
C GLY D 69 2.07 18.27 -40.96
N ILE D 70 2.90 18.81 -40.08
CA ILE D 70 3.23 20.23 -40.12
C ILE D 70 4.69 20.47 -40.51
N ASN D 71 4.89 21.31 -41.52
CA ASN D 71 6.23 21.75 -41.88
C ASN D 71 6.56 23.07 -41.18
N LEU D 72 7.53 23.03 -40.27
CA LEU D 72 7.86 24.19 -39.45
C LEU D 72 8.31 25.39 -40.27
N LYS D 73 9.12 25.13 -41.29
CA LYS D 73 9.66 26.20 -42.13
C LYS D 73 8.56 26.92 -42.91
N ASN D 74 7.62 26.17 -43.48
CA ASN D 74 6.61 26.75 -44.35
C ASN D 74 5.21 26.83 -43.72
N SER D 75 5.17 26.99 -42.40
CA SER D 75 3.90 27.22 -41.71
C SER D 75 3.94 28.54 -40.95
N SER D 76 2.78 29.08 -40.64
CA SER D 76 2.70 30.37 -39.96
C SER D 76 1.72 30.34 -38.79
N VAL D 77 1.96 31.20 -37.80
CA VAL D 77 1.12 31.27 -36.61
C VAL D 77 0.57 32.68 -36.41
N ARG D 78 -0.70 32.77 -36.05
CA ARG D 78 -1.32 34.08 -35.80
C ARG D 78 -1.85 34.16 -34.36
N PHE D 79 -1.61 35.29 -33.72
CA PHE D 79 -2.07 35.51 -32.35
C PHE D 79 -3.31 36.39 -32.35
N LEU D 80 -4.40 35.88 -31.79
CA LEU D 80 -5.71 36.55 -31.90
C LEU D 80 -5.93 37.59 -30.80
N GLY D 81 -5.04 37.62 -29.82
CA GLY D 81 -5.09 38.64 -28.78
C GLY D 81 -6.29 38.56 -27.86
N HIS D 82 -6.78 37.36 -27.60
CA HIS D 82 -7.90 37.16 -26.69
C HIS D 82 -7.99 35.71 -26.21
N PRO D 83 -8.40 35.51 -24.94
CA PRO D 83 -8.59 34.16 -24.39
C PRO D 83 -9.84 33.48 -24.95
N LEU D 84 -10.15 32.29 -24.45
CA LEU D 84 -11.36 31.59 -24.86
C LEU D 84 -12.60 32.33 -24.40
N GLN D 85 -13.30 32.96 -25.34
CA GLN D 85 -14.51 33.70 -25.01
C GLN D 85 -15.75 33.00 -25.53
N LEU D 86 -16.91 33.44 -25.05
CA LEU D 86 -18.19 32.84 -25.44
C LEU D 86 -19.17 33.91 -25.91
N GLY D 87 -19.87 33.62 -27.01
CA GLY D 87 -20.85 34.54 -27.54
C GLY D 87 -22.16 34.49 -26.78
N VAL D 88 -22.43 35.55 -26.02
CA VAL D 88 -23.65 35.62 -25.22
C VAL D 88 -24.78 36.27 -26.00
N SER D 89 -25.94 35.60 -26.03
CA SER D 89 -27.09 36.10 -26.76
C SER D 89 -28.39 35.60 -26.16
N GLU D 90 -29.44 36.41 -26.26
CA GLU D 90 -30.76 36.03 -25.78
C GLU D 90 -31.29 34.86 -26.60
N ASP D 91 -31.04 34.90 -27.91
CA ASP D 91 -31.41 33.82 -28.79
C ASP D 91 -30.37 32.72 -28.74
N MET D 92 -30.35 31.98 -27.64
CA MET D 92 -29.38 30.92 -27.44
C MET D 92 -30.09 29.61 -27.08
N ILE D 93 -31.20 29.74 -26.35
CA ILE D 93 -31.99 28.60 -25.93
C ILE D 93 -32.57 27.87 -27.14
N GLY D 94 -32.45 26.55 -27.14
CA GLY D 94 -33.00 25.73 -28.21
C GLY D 94 -31.94 25.13 -29.12
N ARG D 95 -30.78 25.77 -29.17
CA ARG D 95 -29.73 25.34 -30.07
C ARG D 95 -28.66 24.51 -29.36
N VAL D 96 -27.98 23.66 -30.13
CA VAL D 96 -26.94 22.79 -29.60
C VAL D 96 -25.55 23.26 -30.03
N PHE D 97 -24.64 23.39 -29.08
CA PHE D 97 -23.29 23.87 -29.36
C PHE D 97 -22.23 22.82 -29.06
N ASP D 98 -20.98 23.14 -29.41
CA ASP D 98 -19.86 22.28 -29.09
C ASP D 98 -19.20 22.75 -27.80
N GLY D 99 -18.02 22.20 -27.51
CA GLY D 99 -17.29 22.58 -26.31
C GLY D 99 -16.78 24.00 -26.36
N LEU D 100 -16.60 24.53 -27.57
CA LEU D 100 -16.05 25.87 -27.75
C LEU D 100 -17.13 26.92 -27.94
N GLY D 101 -18.36 26.48 -28.24
CA GLY D 101 -19.47 27.39 -28.41
C GLY D 101 -20.01 27.44 -29.82
N ARG D 102 -19.29 26.81 -30.75
CA ARG D 102 -19.72 26.74 -32.14
C ARG D 102 -20.97 25.87 -32.28
N PRO D 103 -21.93 26.30 -33.11
CA PRO D 103 -23.18 25.57 -33.33
C PRO D 103 -22.96 24.17 -33.93
N LYS D 104 -23.80 23.22 -33.51
CA LYS D 104 -23.73 21.85 -34.02
C LYS D 104 -25.08 21.41 -34.57
N ASP D 105 -26.03 22.33 -34.61
CA ASP D 105 -27.42 21.99 -34.86
C ASP D 105 -27.91 22.37 -36.26
N ASN D 106 -27.02 22.92 -37.07
CA ASN D 106 -27.37 23.45 -38.38
C ASN D 106 -28.50 24.48 -38.30
N GLY D 107 -28.32 25.48 -37.45
CA GLY D 107 -29.29 26.55 -37.31
C GLY D 107 -28.67 27.88 -37.70
N PRO D 108 -29.47 28.95 -37.64
CA PRO D 108 -28.97 30.28 -37.98
C PRO D 108 -27.92 30.75 -36.98
N GLU D 109 -26.68 30.94 -37.43
CA GLU D 109 -25.59 31.36 -36.57
C GLU D 109 -25.94 32.65 -35.83
N ILE D 110 -25.83 32.61 -34.51
CA ILE D 110 -26.28 33.70 -33.67
C ILE D 110 -25.33 34.90 -33.69
N LEU D 111 -25.91 36.09 -33.57
CA LEU D 111 -25.14 37.30 -33.33
C LEU D 111 -25.14 37.59 -31.84
N PRO D 112 -23.99 37.43 -31.18
CA PRO D 112 -23.88 37.58 -29.73
C PRO D 112 -24.03 39.02 -29.25
N GLU D 113 -24.64 39.18 -28.09
CA GLU D 113 -24.77 40.49 -27.45
C GLU D 113 -23.39 41.00 -27.02
N LYS D 114 -22.58 40.11 -26.48
CA LYS D 114 -21.24 40.45 -26.03
C LYS D 114 -20.43 39.17 -25.78
N TYR D 115 -19.10 39.29 -25.84
CA TYR D 115 -18.23 38.16 -25.55
C TYR D 115 -17.67 38.26 -24.13
N LEU D 116 -17.74 37.15 -23.39
CA LEU D 116 -17.25 37.12 -22.02
C LEU D 116 -16.25 35.99 -21.79
N ASP D 117 -15.30 36.23 -20.90
CA ASP D 117 -14.33 35.20 -20.54
C ASP D 117 -15.02 34.07 -19.79
N ILE D 118 -14.77 32.84 -20.21
CA ILE D 118 -15.46 31.69 -19.66
C ILE D 118 -15.04 31.37 -18.23
N ASN D 119 -13.94 31.96 -17.78
CA ASN D 119 -13.47 31.76 -16.42
C ASN D 119 -14.41 32.40 -15.39
N GLY D 120 -14.99 33.53 -15.77
CA GLY D 120 -15.89 34.24 -14.88
C GLY D 120 -15.17 34.89 -13.73
N GLU D 121 -15.90 35.33 -12.71
CA GLU D 121 -15.30 35.94 -11.55
C GLU D 121 -15.86 35.36 -10.25
N VAL D 122 -15.13 35.57 -9.16
CA VAL D 122 -15.57 35.09 -7.84
C VAL D 122 -16.64 36.00 -7.26
N ILE D 123 -17.74 35.40 -6.81
CA ILE D 123 -18.86 36.15 -6.26
C ILE D 123 -18.62 36.53 -4.80
N ASN D 124 -18.78 37.82 -4.51
CA ASN D 124 -18.58 38.36 -3.17
C ASN D 124 -19.41 37.63 -2.11
N PRO D 125 -18.75 37.13 -1.05
CA PRO D 125 -19.42 36.43 0.05
C PRO D 125 -20.59 37.21 0.64
N ILE D 126 -20.44 38.53 0.77
CA ILE D 126 -21.50 39.37 1.31
C ILE D 126 -22.62 39.57 0.28
N ALA D 127 -22.29 39.36 -0.99
CA ALA D 127 -23.27 39.50 -2.07
C ALA D 127 -24.20 38.29 -2.14
N ARG D 128 -23.68 37.13 -1.74
CA ARG D 128 -24.43 35.88 -1.81
C ARG D 128 -25.72 35.92 -1.00
N ASP D 129 -26.80 35.46 -1.62
CA ASP D 129 -28.07 35.27 -0.94
C ASP D 129 -28.42 33.78 -0.95
N TYR D 130 -28.71 33.24 0.23
CA TYR D 130 -28.90 31.80 0.36
C TYR D 130 -30.26 31.35 -0.12
N PRO D 131 -30.31 30.12 -0.69
CA PRO D 131 -31.50 29.63 -1.38
C PRO D 131 -32.57 29.05 -0.47
N ASP D 132 -33.84 29.25 -0.85
CA ASP D 132 -34.96 28.76 -0.07
C ASP D 132 -35.92 27.95 -0.93
N GLU D 133 -36.01 28.30 -2.22
CA GLU D 133 -37.00 27.70 -3.10
C GLU D 133 -36.74 26.23 -3.40
N PHE D 134 -37.77 25.42 -3.21
CA PHE D 134 -37.74 24.00 -3.55
C PHE D 134 -37.81 23.82 -5.06
N ILE D 135 -37.03 22.87 -5.58
CA ILE D 135 -37.06 22.55 -7.00
C ILE D 135 -37.46 21.10 -7.23
N GLN D 136 -38.45 20.90 -8.10
CA GLN D 136 -38.99 19.58 -8.36
C GLN D 136 -38.30 18.90 -9.53
N THR D 137 -37.81 17.69 -9.32
CA THR D 137 -37.08 16.96 -10.35
C THR D 137 -37.89 15.78 -10.89
N GLY D 138 -39.03 15.52 -10.26
CA GLY D 138 -39.90 14.44 -10.70
C GLY D 138 -39.54 13.07 -10.13
N ILE D 139 -38.35 12.96 -9.56
CA ILE D 139 -37.88 11.70 -9.01
C ILE D 139 -38.09 11.66 -7.50
N SER D 140 -38.83 10.65 -7.04
CA SER D 140 -39.23 10.54 -5.64
C SER D 140 -38.05 10.51 -4.67
N ALA D 141 -37.04 9.70 -4.99
CA ALA D 141 -35.87 9.55 -4.13
C ALA D 141 -35.11 10.86 -3.99
N ILE D 142 -35.20 11.70 -5.02
CA ILE D 142 -34.52 12.98 -5.02
C ILE D 142 -35.42 14.12 -4.53
N ASP D 143 -36.71 14.02 -4.80
CA ASP D 143 -37.63 15.12 -4.50
C ASP D 143 -38.29 15.03 -3.13
N HIS D 144 -37.97 13.98 -2.37
CA HIS D 144 -38.62 13.78 -1.07
C HIS D 144 -37.61 13.51 0.04
N LEU D 145 -36.69 12.59 -0.21
CA LEU D 145 -35.74 12.16 0.80
C LEU D 145 -34.46 13.00 0.79
N ASN D 146 -34.03 13.40 -0.40
CA ASN D 146 -32.84 14.22 -0.56
C ASN D 146 -33.16 15.46 -1.39
N THR D 147 -34.17 16.22 -0.97
CA THR D 147 -34.77 17.26 -1.78
C THR D 147 -33.80 18.32 -2.31
N LEU D 148 -33.95 18.63 -3.60
CA LEU D 148 -33.13 19.63 -4.26
C LEU D 148 -33.71 21.02 -4.04
N VAL D 149 -32.85 21.95 -3.67
CA VAL D 149 -33.23 23.34 -3.48
C VAL D 149 -32.49 24.16 -4.52
N ARG D 150 -33.09 25.27 -4.97
CA ARG D 150 -32.42 26.17 -5.92
C ARG D 150 -31.02 26.53 -5.45
N GLY D 151 -30.17 26.96 -6.38
CA GLY D 151 -28.82 27.39 -6.03
C GLY D 151 -27.96 26.39 -5.28
N GLN D 152 -28.44 25.15 -5.12
CA GLN D 152 -27.67 24.13 -4.42
C GLN D 152 -26.69 23.48 -5.40
N LYS D 153 -25.73 22.76 -4.86
CA LYS D 153 -24.76 22.05 -5.67
C LYS D 153 -24.77 20.57 -5.32
N LEU D 154 -25.72 19.84 -5.92
CA LEU D 154 -25.91 18.43 -5.61
C LEU D 154 -25.44 17.54 -6.76
N PRO D 155 -24.39 16.74 -6.51
CA PRO D 155 -23.81 15.85 -7.52
C PRO D 155 -24.49 14.50 -7.60
N VAL D 156 -24.09 13.69 -8.58
CA VAL D 156 -24.59 12.32 -8.70
C VAL D 156 -23.42 11.36 -8.87
N PHE D 157 -23.33 10.37 -7.99
CA PHE D 157 -22.25 9.40 -8.04
C PHE D 157 -22.70 8.11 -8.69
N SER D 158 -22.06 7.76 -9.80
CA SER D 158 -22.41 6.56 -10.55
C SER D 158 -21.19 5.72 -10.87
N GLY D 159 -21.38 4.73 -11.74
CA GLY D 159 -20.30 3.88 -12.18
C GLY D 159 -20.44 3.57 -13.65
N SER D 160 -19.46 2.90 -14.22
CA SER D 160 -19.53 2.52 -15.62
C SER D 160 -20.67 1.53 -15.84
N GLY D 161 -21.75 2.01 -16.46
CA GLY D 161 -22.86 1.15 -16.80
C GLY D 161 -24.09 1.30 -15.92
N LEU D 162 -23.92 1.97 -14.78
CA LEU D 162 -25.08 2.39 -14.01
C LEU D 162 -25.78 3.48 -14.82
N PRO D 163 -27.09 3.33 -15.02
CA PRO D 163 -27.86 4.21 -15.89
C PRO D 163 -27.86 5.67 -15.43
N HIS D 164 -26.70 6.30 -15.47
CA HIS D 164 -26.58 7.69 -15.08
C HIS D 164 -26.91 8.63 -16.23
N LYS D 165 -27.05 8.06 -17.43
CA LYS D 165 -27.39 8.86 -18.59
C LYS D 165 -28.91 8.96 -18.74
N GLU D 166 -29.63 7.93 -18.32
CA GLU D 166 -31.09 7.97 -18.32
C GLU D 166 -31.59 8.95 -17.27
N LEU D 167 -31.00 8.86 -16.08
CA LEU D 167 -31.37 9.75 -14.99
C LEU D 167 -31.04 11.20 -15.34
N ALA D 168 -29.93 11.40 -16.03
CA ALA D 168 -29.51 12.74 -16.45
C ALA D 168 -30.55 13.34 -17.40
N ALA D 169 -31.05 12.52 -18.31
CA ALA D 169 -32.09 12.95 -19.24
C ALA D 169 -33.40 13.17 -18.49
N GLN D 170 -33.70 12.27 -17.55
CA GLN D 170 -34.96 12.30 -16.82
C GLN D 170 -35.08 13.56 -15.96
N ILE D 171 -33.97 14.01 -15.39
CA ILE D 171 -33.99 15.19 -14.53
C ILE D 171 -34.40 16.44 -15.30
N ALA D 172 -33.61 16.80 -16.31
CA ALA D 172 -33.85 18.02 -17.07
C ALA D 172 -35.24 18.05 -17.72
N ARG D 173 -35.73 16.88 -18.11
CA ARG D 173 -37.07 16.78 -18.68
C ARG D 173 -38.13 17.12 -17.66
N GLN D 174 -37.94 16.66 -16.43
CA GLN D 174 -38.96 16.77 -15.39
C GLN D 174 -38.69 17.92 -14.44
N ALA D 175 -37.46 18.43 -14.44
CA ALA D 175 -37.09 19.55 -13.58
C ALA D 175 -37.91 20.78 -13.91
N THR D 176 -38.62 21.30 -12.92
CA THR D 176 -39.46 22.47 -13.12
C THR D 176 -39.64 23.28 -11.85
N VAL D 177 -39.54 24.59 -11.99
CA VAL D 177 -39.87 25.49 -10.88
C VAL D 177 -41.38 25.47 -10.70
N LEU D 178 -41.85 25.67 -9.47
CA LEU D 178 -43.28 25.66 -9.21
C LEU D 178 -43.84 27.05 -8.95
N ASP D 179 -45.01 27.34 -9.54
CA ASP D 179 -45.68 28.64 -9.43
C ASP D 179 -44.90 29.81 -10.04
N SER D 180 -43.68 30.04 -9.53
CA SER D 180 -42.86 31.20 -9.89
C SER D 180 -42.97 31.62 -11.37
N SER D 181 -43.36 32.87 -11.58
CA SER D 181 -43.67 33.37 -12.92
C SER D 181 -42.43 33.45 -13.81
N ASP D 182 -41.27 33.21 -13.22
CA ASP D 182 -40.02 33.21 -13.96
C ASP D 182 -39.88 31.98 -14.83
N ASP D 183 -39.40 32.19 -16.06
CA ASP D 183 -39.14 31.10 -16.98
C ASP D 183 -38.01 30.22 -16.45
N PHE D 184 -37.88 29.01 -17.00
CA PHE D 184 -36.92 28.04 -16.50
C PHE D 184 -35.88 27.66 -17.54
N ALA D 185 -34.63 27.95 -17.25
CA ALA D 185 -33.53 27.61 -18.15
C ALA D 185 -32.79 26.37 -17.67
N VAL D 186 -32.39 25.51 -18.61
CA VAL D 186 -31.63 24.32 -18.27
C VAL D 186 -30.38 24.21 -19.14
N VAL D 187 -29.26 24.73 -18.64
CA VAL D 187 -28.01 24.66 -19.39
C VAL D 187 -27.36 23.30 -19.21
N PHE D 188 -27.53 22.43 -20.20
CA PHE D 188 -26.92 21.11 -20.15
C PHE D 188 -25.52 21.15 -20.74
N ALA D 189 -24.60 20.44 -20.11
CA ALA D 189 -23.24 20.36 -20.61
C ALA D 189 -22.76 18.92 -20.66
N ALA D 190 -22.15 18.54 -21.77
CA ALA D 190 -21.67 17.18 -21.98
C ALA D 190 -20.16 17.16 -22.14
N ILE D 191 -19.50 16.23 -21.45
CA ILE D 191 -18.05 16.21 -21.42
C ILE D 191 -17.45 14.85 -21.79
N GLY D 192 -16.72 14.82 -22.90
CA GLY D 192 -15.99 13.65 -23.33
C GLY D 192 -16.79 12.36 -23.39
N ILE D 193 -17.94 12.41 -24.06
CA ILE D 193 -18.83 11.24 -24.13
C ILE D 193 -18.84 10.59 -25.50
N THR D 194 -19.08 9.27 -25.50
CA THR D 194 -19.24 8.49 -26.72
C THR D 194 -20.38 9.08 -27.56
N PHE D 195 -20.30 8.95 -28.88
CA PHE D 195 -21.31 9.51 -29.75
C PHE D 195 -22.72 9.05 -29.39
N GLU D 196 -22.87 7.75 -29.17
CA GLU D 196 -24.18 7.18 -28.84
C GLU D 196 -24.79 7.90 -27.66
N GLU D 197 -23.97 8.14 -26.64
CA GLU D 197 -24.40 8.86 -25.45
C GLU D 197 -24.74 10.31 -25.79
N ALA D 198 -23.99 10.90 -26.71
CA ALA D 198 -24.26 12.26 -27.15
C ALA D 198 -25.53 12.32 -27.99
N GLU D 199 -25.66 11.38 -28.92
CA GLU D 199 -26.84 11.30 -29.77
C GLU D 199 -28.09 10.99 -28.95
N PHE D 200 -27.92 10.15 -27.93
CA PHE D 200 -28.99 9.80 -27.01
C PHE D 200 -29.60 11.05 -26.38
N PHE D 201 -28.74 11.88 -25.82
CA PHE D 201 -29.18 13.07 -25.08
C PHE D 201 -29.83 14.13 -25.97
N MET D 202 -29.23 14.38 -27.13
CA MET D 202 -29.75 15.40 -28.04
C MET D 202 -31.12 15.02 -28.60
N GLU D 203 -31.25 13.76 -28.99
CA GLU D 203 -32.52 13.26 -29.50
C GLU D 203 -33.59 13.31 -28.42
N ASP D 204 -33.23 12.86 -27.22
CA ASP D 204 -34.17 12.77 -26.11
C ASP D 204 -34.67 14.14 -25.66
N PHE D 205 -33.85 15.16 -25.83
CA PHE D 205 -34.25 16.53 -25.49
C PHE D 205 -35.12 17.13 -26.59
N ARG D 206 -34.92 16.65 -27.81
CA ARG D 206 -35.71 17.13 -28.94
C ARG D 206 -37.18 16.70 -28.86
N GLN D 207 -37.38 15.40 -28.69
CA GLN D 207 -38.73 14.82 -28.68
C GLN D 207 -39.57 15.29 -27.49
N THR D 208 -38.93 15.47 -26.35
CA THR D 208 -39.65 15.86 -25.12
C THR D 208 -39.97 17.35 -25.10
N GLY D 209 -39.46 18.08 -26.09
CA GLY D 209 -39.68 19.51 -26.16
C GLY D 209 -38.80 20.26 -25.18
N ALA D 210 -37.96 19.52 -24.47
CA ALA D 210 -37.06 20.11 -23.48
C ALA D 210 -35.94 20.88 -24.18
N ILE D 211 -35.74 20.59 -25.46
CA ILE D 211 -34.71 21.27 -26.24
C ILE D 211 -35.03 22.76 -26.34
N ASP D 212 -36.31 23.09 -26.45
CA ASP D 212 -36.74 24.47 -26.56
C ASP D 212 -36.79 25.12 -25.18
N ARG D 213 -36.47 24.32 -24.17
CA ARG D 213 -36.49 24.79 -22.79
C ARG D 213 -35.10 24.65 -22.17
N SER D 214 -34.12 24.30 -22.99
CA SER D 214 -32.77 24.07 -22.51
C SER D 214 -31.68 24.49 -23.49
N VAL D 215 -30.48 24.72 -22.97
CA VAL D 215 -29.32 25.00 -23.81
C VAL D 215 -28.35 23.82 -23.71
N MET D 216 -27.77 23.44 -24.85
CA MET D 216 -26.93 22.24 -24.90
C MET D 216 -25.49 22.51 -25.34
N PHE D 217 -24.55 22.03 -24.53
CA PHE D 217 -23.14 22.07 -24.88
C PHE D 217 -22.60 20.65 -24.99
N MET D 218 -22.28 20.23 -26.20
CA MET D 218 -21.85 18.86 -26.44
C MET D 218 -20.35 18.75 -26.72
N ASN D 219 -19.72 17.75 -26.11
CA ASN D 219 -18.30 17.51 -26.31
C ASN D 219 -17.98 16.02 -26.37
N LEU D 220 -17.69 15.53 -27.57
CA LEU D 220 -17.41 14.11 -27.78
C LEU D 220 -16.10 13.68 -27.13
N ALA D 221 -15.88 12.37 -27.07
CA ALA D 221 -14.68 11.82 -26.45
C ALA D 221 -13.44 12.09 -27.29
N ASN D 222 -13.58 11.95 -28.61
CA ASN D 222 -12.45 12.16 -29.51
C ASN D 222 -12.11 13.63 -29.68
N ASP D 223 -12.98 14.51 -29.21
CA ASP D 223 -12.72 15.95 -29.20
C ASP D 223 -11.47 16.23 -28.36
N PRO D 224 -10.68 17.24 -28.77
CA PRO D 224 -9.41 17.57 -28.11
C PRO D 224 -9.57 17.79 -26.60
N ALA D 225 -8.57 17.37 -25.84
CA ALA D 225 -8.63 17.42 -24.38
C ALA D 225 -8.67 18.84 -23.85
N ILE D 226 -8.06 19.76 -24.59
CA ILE D 226 -7.94 21.15 -24.14
C ILE D 226 -9.30 21.85 -24.17
N GLU D 227 -10.23 21.34 -24.97
CA GLU D 227 -11.57 21.92 -25.02
C GLU D 227 -12.55 21.10 -24.16
N ARG D 228 -12.12 19.90 -23.76
CA ARG D 228 -12.88 19.10 -22.80
C ARG D 228 -12.91 19.81 -21.46
N ILE D 229 -11.84 20.56 -21.19
CA ILE D 229 -11.70 21.30 -19.94
C ILE D 229 -12.46 22.62 -20.01
N ALA D 230 -12.63 23.14 -21.22
CA ALA D 230 -13.32 24.41 -21.42
C ALA D 230 -14.84 24.23 -21.47
N THR D 231 -15.27 23.00 -21.75
CA THR D 231 -16.70 22.70 -21.90
C THR D 231 -17.56 23.12 -20.69
N PRO D 232 -17.15 22.78 -19.45
CA PRO D 232 -18.00 23.24 -18.35
C PRO D 232 -17.96 24.75 -18.19
N ARG D 233 -16.79 25.35 -18.36
CA ARG D 233 -16.60 26.78 -18.19
C ARG D 233 -17.48 27.58 -19.15
N MET D 234 -17.72 27.01 -20.32
CA MET D 234 -18.63 27.61 -21.29
C MET D 234 -20.06 27.57 -20.78
N ALA D 235 -20.48 26.39 -20.33
CA ALA D 235 -21.84 26.19 -19.85
C ALA D 235 -22.15 27.04 -18.62
N LEU D 236 -21.22 27.05 -17.67
CA LEU D 236 -21.39 27.84 -16.45
C LEU D 236 -21.48 29.32 -16.77
N THR D 237 -20.70 29.77 -17.75
CA THR D 237 -20.71 31.16 -18.17
C THR D 237 -22.04 31.48 -18.86
N ALA D 238 -22.55 30.50 -19.60
CA ALA D 238 -23.84 30.65 -20.26
C ALA D 238 -24.97 30.62 -19.23
N ALA D 239 -24.82 29.76 -18.23
CA ALA D 239 -25.79 29.66 -17.16
C ALA D 239 -25.82 30.94 -16.32
N GLU D 240 -24.64 31.53 -16.11
CA GLU D 240 -24.55 32.79 -15.38
C GLU D 240 -25.09 33.93 -16.22
N TYR D 241 -25.12 33.75 -17.54
CA TYR D 241 -25.64 34.75 -18.45
C TYR D 241 -27.17 34.71 -18.47
N LEU D 242 -27.74 33.58 -18.07
CA LEU D 242 -29.18 33.40 -18.08
C LEU D 242 -29.81 33.77 -16.74
N ALA D 243 -29.05 33.62 -15.67
CA ALA D 243 -29.58 33.86 -14.34
C ALA D 243 -29.37 35.28 -13.85
N TYR D 244 -28.12 35.72 -13.84
CA TYR D 244 -27.74 36.97 -13.21
C TYR D 244 -28.01 38.19 -14.08
N GLU D 245 -28.14 37.99 -15.38
CA GLU D 245 -28.36 39.11 -16.30
C GLU D 245 -29.66 38.96 -17.07
N LYS D 246 -30.47 37.97 -16.69
CA LYS D 246 -31.77 37.77 -17.32
C LYS D 246 -32.82 37.35 -16.29
N GLY D 247 -32.39 37.15 -15.05
CA GLY D 247 -33.29 36.87 -13.94
C GLY D 247 -33.98 35.51 -14.00
N MET D 248 -33.37 34.56 -14.69
CA MET D 248 -33.97 33.24 -14.86
C MET D 248 -33.42 32.23 -13.87
N HIS D 249 -34.25 31.27 -13.48
CA HIS D 249 -33.79 30.17 -12.64
C HIS D 249 -33.16 29.10 -13.53
N VAL D 250 -31.86 28.88 -13.37
CA VAL D 250 -31.12 27.98 -14.25
C VAL D 250 -30.72 26.68 -13.55
N LEU D 251 -30.81 25.57 -14.27
CA LEU D 251 -30.34 24.29 -13.78
C LEU D 251 -29.26 23.74 -14.71
N VAL D 252 -28.10 23.42 -14.15
CA VAL D 252 -26.97 22.95 -14.94
C VAL D 252 -26.68 21.47 -14.69
N ILE D 253 -26.49 20.72 -15.77
CA ILE D 253 -26.15 19.30 -15.67
C ILE D 253 -24.89 19.00 -16.48
N MET D 254 -23.90 18.38 -15.84
CA MET D 254 -22.62 18.10 -16.49
C MET D 254 -22.24 16.63 -16.40
N THR D 255 -21.83 16.06 -17.54
CA THR D 255 -21.49 14.65 -17.66
C THR D 255 -20.56 14.44 -18.86
N ASP D 256 -19.42 13.79 -18.67
CA ASP D 256 -19.01 13.20 -17.40
C ASP D 256 -18.00 14.11 -16.70
N MET D 257 -17.95 14.05 -15.38
CA MET D 257 -16.98 14.82 -14.61
C MET D 257 -15.68 14.06 -14.40
N THR D 258 -15.76 12.73 -14.52
CA THR D 258 -14.56 11.90 -14.44
C THR D 258 -13.74 12.10 -15.71
N ASN D 259 -14.43 12.28 -16.83
CA ASN D 259 -13.78 12.57 -18.10
C ASN D 259 -13.09 13.93 -18.10
N TYR D 260 -13.65 14.86 -17.34
CA TYR D 260 -13.08 16.20 -17.21
C TYR D 260 -11.72 16.14 -16.55
N ALA D 261 -11.59 15.27 -15.55
CA ALA D 261 -10.34 15.12 -14.80
C ALA D 261 -9.26 14.44 -15.64
N GLU D 262 -9.67 13.42 -16.40
CA GLU D 262 -8.74 12.69 -17.26
C GLU D 262 -8.13 13.61 -18.31
N ALA D 263 -8.94 14.55 -18.79
CA ALA D 263 -8.48 15.54 -19.75
C ALA D 263 -7.69 16.64 -19.06
N LEU D 264 -8.02 16.90 -17.79
CA LEU D 264 -7.32 17.90 -17.00
C LEU D 264 -5.90 17.42 -16.70
N ARG D 265 -5.76 16.10 -16.58
CA ARG D 265 -4.47 15.49 -16.31
C ARG D 265 -3.56 15.58 -17.53
N GLU D 266 -4.15 15.50 -18.71
CA GLU D 266 -3.39 15.45 -19.95
C GLU D 266 -2.62 16.74 -20.24
N ILE D 267 -3.24 17.88 -19.98
CA ILE D 267 -2.60 19.16 -20.26
C ILE D 267 -1.63 19.55 -19.16
N SER D 268 -1.66 18.82 -18.04
CA SER D 268 -0.72 19.06 -16.96
C SER D 268 0.62 18.44 -17.30
N ALA D 269 0.59 17.22 -17.84
CA ALA D 269 1.79 16.54 -18.32
C ALA D 269 2.34 17.28 -19.52
N ALA D 270 1.47 17.99 -20.23
CA ALA D 270 1.87 18.84 -21.34
C ALA D 270 2.71 19.99 -20.84
N ARG D 271 2.29 20.60 -19.73
CA ARG D 271 3.06 21.65 -19.08
C ARG D 271 4.21 21.05 -18.28
N ARG D 272 4.32 19.72 -18.33
CA ARG D 272 5.33 18.98 -17.58
C ARG D 272 5.20 19.19 -16.07
N GLU D 273 4.02 19.60 -15.63
CA GLU D 273 3.75 19.75 -14.21
C GLU D 273 3.67 18.37 -13.55
N VAL D 274 4.26 18.25 -12.38
CA VAL D 274 4.26 16.99 -11.65
C VAL D 274 2.92 16.80 -10.91
N PRO D 275 2.27 15.64 -11.13
CA PRO D 275 0.98 15.34 -10.51
C PRO D 275 1.09 15.28 -8.99
N GLY D 276 0.03 15.69 -8.30
CA GLY D 276 0.04 15.75 -6.85
C GLY D 276 -0.31 14.42 -6.21
N ARG D 277 -1.52 13.94 -6.46
CA ARG D 277 -2.02 12.73 -5.83
C ARG D 277 -2.80 11.84 -6.80
N ARG D 278 -2.54 10.53 -6.74
CA ARG D 278 -3.27 9.53 -7.53
C ARG D 278 -3.18 9.83 -9.03
N GLY D 279 -2.11 10.52 -9.43
CA GLY D 279 -1.90 10.85 -10.83
C GLY D 279 -2.61 12.12 -11.25
N TYR D 280 -3.53 12.59 -10.42
CA TYR D 280 -4.24 13.84 -10.70
C TYR D 280 -3.44 15.03 -10.18
N PRO D 281 -3.51 16.16 -10.89
CA PRO D 281 -2.74 17.37 -10.55
C PRO D 281 -3.02 17.91 -9.15
N GLY D 282 -2.18 18.84 -8.70
CA GLY D 282 -2.28 19.36 -7.35
C GLY D 282 -3.34 20.43 -7.16
N TYR D 283 -3.95 20.86 -8.25
CA TYR D 283 -4.97 21.90 -8.19
C TYR D 283 -6.36 21.36 -8.50
N LEU D 284 -6.51 20.04 -8.45
CA LEU D 284 -7.76 19.38 -8.78
C LEU D 284 -8.92 19.87 -7.91
N TYR D 285 -8.70 19.89 -6.60
CA TYR D 285 -9.71 20.36 -5.66
C TYR D 285 -10.10 21.81 -5.94
N THR D 286 -9.10 22.65 -6.20
CA THR D 286 -9.32 24.06 -6.46
C THR D 286 -9.96 24.27 -7.83
N ASN D 287 -9.47 23.52 -8.81
CA ASN D 287 -10.00 23.63 -10.18
C ASN D 287 -11.45 23.20 -10.25
N LEU D 288 -11.82 22.25 -9.40
CA LEU D 288 -13.21 21.81 -9.29
C LEU D 288 -14.06 22.88 -8.63
N ALA D 289 -13.53 23.47 -7.56
CA ALA D 289 -14.23 24.50 -6.82
C ALA D 289 -14.48 25.75 -7.65
N THR D 290 -13.57 26.01 -8.59
CA THR D 290 -13.70 27.19 -9.46
C THR D 290 -14.96 27.12 -10.33
N LEU D 291 -15.33 25.91 -10.75
CA LEU D 291 -16.49 25.76 -11.61
C LEU D 291 -17.67 25.13 -10.87
N PHE D 292 -17.46 24.69 -9.64
CA PHE D 292 -18.55 24.18 -8.82
C PHE D 292 -19.18 25.29 -8.00
N GLU D 293 -18.34 26.04 -7.29
CA GLU D 293 -18.82 27.06 -6.35
C GLU D 293 -19.47 28.26 -7.04
N ARG D 294 -19.61 28.20 -8.35
CA ARG D 294 -20.31 29.25 -9.09
C ARG D 294 -21.78 28.88 -9.27
N ALA D 295 -22.53 28.97 -8.18
CA ALA D 295 -23.95 28.64 -8.18
C ALA D 295 -24.63 29.26 -6.96
N GLY D 296 -25.91 29.61 -7.11
CA GLY D 296 -26.67 30.18 -6.02
C GLY D 296 -27.29 31.53 -6.33
N ARG D 297 -28.18 31.97 -5.45
CA ARG D 297 -28.82 33.27 -5.62
C ARG D 297 -27.87 34.40 -5.25
N ILE D 298 -28.22 35.62 -5.63
CA ILE D 298 -27.45 36.81 -5.27
C ILE D 298 -28.40 37.89 -4.74
N ARG D 299 -27.94 38.66 -3.77
CA ARG D 299 -28.76 39.72 -3.18
C ARG D 299 -29.16 40.77 -4.20
N GLY D 300 -30.45 41.05 -4.27
CA GLY D 300 -30.98 42.07 -5.15
C GLY D 300 -31.44 41.56 -6.50
N LEU D 301 -30.89 40.43 -6.91
CA LEU D 301 -31.19 39.86 -8.23
C LEU D 301 -32.08 38.64 -8.13
N LYS D 302 -32.93 38.45 -9.14
CA LYS D 302 -33.90 37.35 -9.13
C LYS D 302 -33.39 36.13 -9.90
N GLY D 303 -32.08 36.01 -10.01
CA GLY D 303 -31.47 34.89 -10.73
C GLY D 303 -31.28 33.67 -9.87
N SER D 304 -30.90 32.56 -10.50
CA SER D 304 -30.68 31.30 -9.80
C SER D 304 -29.86 30.33 -10.64
N VAL D 305 -28.77 29.83 -10.06
CA VAL D 305 -27.92 28.84 -10.73
C VAL D 305 -27.79 27.58 -9.87
N THR D 306 -28.25 26.46 -10.41
CA THR D 306 -28.19 25.19 -9.68
C THR D 306 -27.47 24.12 -10.51
N GLN D 307 -26.52 23.43 -9.88
CA GLN D 307 -25.71 22.44 -10.58
C GLN D 307 -26.00 21.01 -10.15
N ILE D 308 -26.08 20.11 -11.13
CA ILE D 308 -26.14 18.68 -10.85
C ILE D 308 -25.04 17.96 -11.61
N PRO D 309 -23.81 18.01 -11.10
CA PRO D 309 -22.67 17.37 -11.77
C PRO D 309 -22.70 15.85 -11.61
N ILE D 310 -22.46 15.13 -12.70
CA ILE D 310 -22.46 13.67 -12.65
C ILE D 310 -21.07 13.12 -12.91
N LEU D 311 -20.66 12.14 -12.11
CA LEU D 311 -19.35 11.53 -12.25
C LEU D 311 -19.40 10.04 -11.99
N THR D 312 -18.57 9.28 -12.71
CA THR D 312 -18.47 7.85 -12.49
C THR D 312 -17.29 7.52 -11.60
N MET D 313 -17.58 7.07 -10.38
CA MET D 313 -16.54 6.63 -9.46
C MET D 313 -15.83 5.41 -10.04
N PRO D 314 -14.50 5.52 -10.22
CA PRO D 314 -13.73 4.39 -10.72
C PRO D 314 -13.85 3.16 -9.82
N GLU D 315 -14.51 2.13 -10.35
CA GLU D 315 -14.71 0.86 -9.65
C GLU D 315 -15.48 1.03 -8.34
N ASP D 316 -16.50 1.89 -8.37
CA ASP D 316 -17.44 2.05 -7.27
C ASP D 316 -16.76 2.36 -5.93
N ASP D 317 -15.91 3.38 -5.92
CA ASP D 317 -15.20 3.74 -4.71
C ASP D 317 -15.30 5.24 -4.45
N LYS D 318 -15.76 5.60 -3.26
CA LYS D 318 -15.95 7.01 -2.89
C LYS D 318 -14.63 7.66 -2.48
N THR D 319 -13.72 6.86 -1.93
CA THR D 319 -12.43 7.37 -1.44
C THR D 319 -11.54 7.80 -2.60
N HIS D 320 -11.94 7.48 -3.82
CA HIS D 320 -11.25 7.94 -5.01
C HIS D 320 -11.25 9.47 -5.04
N PRO D 321 -10.14 10.07 -5.53
CA PRO D 321 -10.01 11.53 -5.59
C PRO D 321 -11.15 12.28 -6.29
N ILE D 322 -11.80 11.65 -7.26
CA ILE D 322 -12.84 12.35 -8.02
C ILE D 322 -14.11 12.57 -7.19
N PRO D 323 -14.67 11.50 -6.56
CA PRO D 323 -15.87 11.81 -5.76
C PRO D 323 -15.54 12.32 -4.35
N ASP D 324 -14.36 12.00 -3.84
CA ASP D 324 -13.97 12.44 -2.49
C ASP D 324 -13.78 13.95 -2.42
N LEU D 325 -12.92 14.48 -3.28
CA LEU D 325 -12.66 15.91 -3.31
C LEU D 325 -13.92 16.70 -3.67
N THR D 326 -14.78 16.08 -4.49
CA THR D 326 -16.04 16.70 -4.89
C THR D 326 -16.93 16.93 -3.67
N GLY D 327 -16.87 16.01 -2.71
CA GLY D 327 -17.66 16.09 -1.50
C GLY D 327 -17.36 17.30 -0.64
N TYR D 328 -16.11 17.75 -0.67
CA TYR D 328 -15.70 18.91 0.11
C TYR D 328 -16.20 20.22 -0.49
N ILE D 329 -16.76 20.13 -1.69
CA ILE D 329 -17.21 21.32 -2.41
C ILE D 329 -18.73 21.36 -2.54
N THR D 330 -19.30 20.24 -2.93
CA THR D 330 -20.74 20.15 -3.14
C THR D 330 -21.48 19.83 -1.85
N GLU D 331 -22.74 20.24 -1.77
CA GLU D 331 -23.57 19.96 -0.61
C GLU D 331 -24.40 18.70 -0.81
N GLY D 332 -23.90 17.58 -0.32
CA GLY D 332 -24.60 16.32 -0.41
C GLY D 332 -24.17 15.49 -1.60
N GLN D 333 -24.89 14.39 -1.85
CA GLN D 333 -24.60 13.49 -2.95
C GLN D 333 -25.74 12.52 -3.23
N ILE D 334 -25.94 12.18 -4.50
CA ILE D 334 -26.90 11.16 -4.88
C ILE D 334 -26.16 9.97 -5.47
N ILE D 335 -26.22 8.83 -4.79
CA ILE D 335 -25.41 7.68 -5.17
C ILE D 335 -26.23 6.54 -5.77
N LEU D 336 -25.83 6.10 -6.96
CA LEU D 336 -26.45 4.96 -7.62
C LEU D 336 -25.72 3.67 -7.24
N THR D 337 -26.46 2.59 -7.07
CA THR D 337 -25.88 1.34 -6.59
C THR D 337 -25.98 0.22 -7.62
N ARG D 338 -24.88 -0.49 -7.82
CA ARG D 338 -24.82 -1.62 -8.74
C ARG D 338 -25.79 -2.73 -8.33
N GLU D 339 -25.87 -2.99 -7.04
CA GLU D 339 -26.77 -4.01 -6.50
C GLU D 339 -28.22 -3.70 -6.83
N LEU D 340 -28.57 -2.42 -6.85
CA LEU D 340 -29.93 -2.00 -7.14
C LEU D 340 -30.25 -2.13 -8.62
N TYR D 341 -29.35 -1.64 -9.47
CA TYR D 341 -29.55 -1.68 -10.91
C TYR D 341 -29.58 -3.11 -11.43
N LYS D 342 -28.86 -4.00 -10.77
CA LYS D 342 -28.83 -5.40 -11.18
C LYS D 342 -30.03 -6.15 -10.59
N SER D 343 -30.84 -5.44 -9.82
CA SER D 343 -32.07 -6.00 -9.28
C SER D 343 -33.28 -5.39 -9.97
N GLY D 344 -33.03 -4.54 -10.97
CA GLY D 344 -34.09 -3.96 -11.77
C GLY D 344 -34.65 -2.65 -11.25
N ILE D 345 -33.94 -2.03 -10.31
CA ILE D 345 -34.40 -0.78 -9.72
C ILE D 345 -34.04 0.42 -10.60
N GLN D 346 -35.04 1.18 -11.01
CA GLN D 346 -34.83 2.32 -11.89
C GLN D 346 -35.59 3.56 -11.42
N PRO D 347 -34.86 4.60 -10.99
CA PRO D 347 -33.41 4.67 -10.93
C PRO D 347 -32.83 3.94 -9.72
N PRO D 348 -31.64 3.34 -9.87
CA PRO D 348 -31.00 2.55 -8.81
C PRO D 348 -30.38 3.41 -7.70
N ILE D 349 -31.14 4.37 -7.20
CA ILE D 349 -30.66 5.27 -6.16
C ILE D 349 -30.80 4.64 -4.77
N ASP D 350 -29.70 4.56 -4.04
CA ASP D 350 -29.74 4.11 -2.65
C ASP D 350 -29.75 5.31 -1.73
N VAL D 351 -30.81 5.44 -0.95
CA VAL D 351 -31.06 6.66 -0.18
C VAL D 351 -30.25 6.75 1.11
N LEU D 352 -29.76 5.62 1.59
CA LEU D 352 -28.98 5.61 2.83
C LEU D 352 -27.65 6.36 2.68
N PRO D 353 -26.83 6.03 1.66
CA PRO D 353 -25.58 6.80 1.55
C PRO D 353 -25.82 8.16 0.91
N SER D 354 -26.96 8.31 0.25
CA SER D 354 -27.32 9.58 -0.39
C SER D 354 -27.60 10.65 0.66
N LEU D 355 -27.44 11.91 0.29
CA LEU D 355 -27.57 13.00 1.24
C LEU D 355 -27.78 14.35 0.55
N SER D 356 -28.57 15.21 1.19
CA SER D 356 -28.73 16.58 0.75
C SER D 356 -28.64 17.50 1.96
N ARG D 357 -27.61 18.32 2.01
CA ARG D 357 -27.30 19.11 3.21
C ARG D 357 -28.27 20.28 3.43
N LEU D 358 -28.96 20.71 2.37
CA LEU D 358 -29.87 21.83 2.46
C LEU D 358 -31.31 21.44 2.13
N LYS D 359 -31.67 20.20 2.45
CA LYS D 359 -32.98 19.66 2.10
C LYS D 359 -34.13 20.34 2.85
N ASP D 360 -33.92 20.66 4.11
CA ASP D 360 -34.98 21.21 4.96
C ASP D 360 -35.35 22.63 4.55
N LYS D 361 -34.53 23.24 3.70
CA LYS D 361 -34.75 24.61 3.27
C LYS D 361 -35.86 24.68 2.23
N GLY D 362 -36.12 23.55 1.57
CA GLY D 362 -37.15 23.49 0.55
C GLY D 362 -38.34 22.63 0.95
N THR D 363 -38.43 22.31 2.23
CA THR D 363 -39.55 21.51 2.74
C THR D 363 -40.44 22.34 3.66
N GLY D 364 -41.65 21.84 3.90
CA GLY D 364 -42.59 22.52 4.76
C GLY D 364 -43.60 23.36 3.98
N ALA D 365 -44.60 23.88 4.69
CA ALA D 365 -45.65 24.68 4.07
C ALA D 365 -45.08 25.91 3.38
N GLY D 366 -45.59 26.20 2.20
CA GLY D 366 -45.10 27.32 1.40
C GLY D 366 -44.25 26.82 0.25
N LYS D 367 -43.63 25.66 0.44
CA LYS D 367 -42.80 25.05 -0.59
C LYS D 367 -43.31 23.66 -0.93
N THR D 368 -43.69 22.90 0.09
CA THR D 368 -44.25 21.57 -0.08
C THR D 368 -45.29 21.27 0.98
N ARG D 369 -45.75 20.03 1.03
CA ARG D 369 -46.73 19.60 2.03
C ARG D 369 -46.13 19.71 3.44
N GLU D 370 -46.99 19.95 4.42
CA GLU D 370 -46.56 20.25 5.78
C GLU D 370 -46.00 19.04 6.53
N ASP D 371 -46.08 17.86 5.93
CA ASP D 371 -45.56 16.65 6.57
C ASP D 371 -44.24 16.20 5.95
N HIS D 372 -43.69 17.01 5.06
CA HIS D 372 -42.53 16.64 4.25
C HIS D 372 -41.35 16.16 5.10
N ALA D 373 -40.89 17.02 6.01
CA ALA D 373 -39.76 16.69 6.86
C ALA D 373 -40.11 15.52 7.80
N ALA D 374 -41.29 15.59 8.41
CA ALA D 374 -41.73 14.58 9.37
C ALA D 374 -41.78 13.18 8.74
N THR D 375 -42.38 13.09 7.56
CA THR D 375 -42.46 11.83 6.84
C THR D 375 -41.08 11.30 6.48
N MET D 376 -40.30 12.15 5.81
CA MET D 376 -38.98 11.81 5.29
C MET D 376 -38.12 10.98 6.25
N ASN D 377 -38.04 11.43 7.49
CA ASN D 377 -37.24 10.72 8.49
C ASN D 377 -37.86 9.39 8.90
N GLN D 378 -39.18 9.29 8.80
CA GLN D 378 -39.89 8.07 9.17
C GLN D 378 -39.62 6.96 8.16
N LEU D 379 -39.80 7.26 6.88
CA LEU D 379 -39.50 6.31 5.81
C LEU D 379 -38.04 5.89 5.84
N PHE D 380 -37.18 6.84 6.20
CA PHE D 380 -35.74 6.62 6.20
C PHE D 380 -35.31 5.65 7.30
N ALA D 381 -35.76 5.91 8.53
CA ALA D 381 -35.42 5.07 9.67
C ALA D 381 -36.03 3.68 9.53
N ALA D 382 -37.23 3.62 8.95
CA ALA D 382 -37.94 2.36 8.78
C ALA D 382 -37.28 1.49 7.71
N TYR D 383 -36.63 2.13 6.74
CA TYR D 383 -35.92 1.40 5.69
C TYR D 383 -34.72 0.64 6.26
N ALA D 384 -33.90 1.35 7.03
CA ALA D 384 -32.72 0.75 7.64
C ALA D 384 -33.11 -0.43 8.52
N GLN D 385 -34.14 -0.22 9.34
CA GLN D 385 -34.65 -1.27 10.22
C GLN D 385 -35.17 -2.46 9.42
N GLY D 386 -35.80 -2.17 8.29
CA GLY D 386 -36.32 -3.21 7.41
C GLY D 386 -35.21 -3.97 6.73
N LYS D 387 -34.14 -3.27 6.38
CA LYS D 387 -32.98 -3.90 5.76
C LYS D 387 -32.26 -4.80 6.75
N GLN D 388 -32.23 -4.38 8.01
CA GLN D 388 -31.60 -5.16 9.06
C GLN D 388 -32.45 -6.38 9.42
N ALA D 389 -33.77 -6.24 9.29
CA ALA D 389 -34.68 -7.36 9.50
C ALA D 389 -34.49 -8.37 8.38
N LYS D 390 -34.23 -7.85 7.18
CA LYS D 390 -34.03 -8.69 6.01
C LYS D 390 -32.74 -9.50 6.12
N GLU D 391 -31.67 -8.87 6.58
CA GLU D 391 -30.37 -9.55 6.67
C GLU D 391 -30.38 -10.63 7.75
N LEU D 392 -31.14 -10.41 8.81
CA LEU D 392 -31.21 -11.39 9.90
C LEU D 392 -32.13 -12.54 9.50
N ALA D 393 -33.06 -12.25 8.59
CA ALA D 393 -34.03 -13.23 8.15
C ALA D 393 -33.39 -14.36 7.36
N VAL D 394 -32.47 -14.01 6.47
CA VAL D 394 -31.82 -14.98 5.59
C VAL D 394 -30.73 -15.76 6.32
N VAL D 395 -30.47 -15.40 7.57
CA VAL D 395 -29.43 -16.06 8.34
C VAL D 395 -30.01 -16.92 9.46
N LEU D 396 -31.21 -16.57 9.92
CA LEU D 396 -31.84 -17.27 11.02
C LEU D 396 -33.20 -17.83 10.64
N GLY D 397 -33.62 -17.61 9.41
CA GLY D 397 -34.91 -18.10 8.94
C GLY D 397 -35.99 -17.04 9.10
N GLU D 398 -37.13 -17.27 8.49
CA GLU D 398 -38.23 -16.31 8.51
C GLU D 398 -38.89 -16.21 9.90
N SER D 399 -38.89 -17.32 10.63
CA SER D 399 -39.64 -17.43 11.87
C SER D 399 -38.98 -16.75 13.07
N ALA D 400 -37.65 -16.59 13.01
CA ALA D 400 -36.91 -15.94 14.09
C ALA D 400 -37.31 -14.49 14.27
N LEU D 401 -37.95 -13.92 13.25
CA LEU D 401 -38.39 -12.54 13.26
C LEU D 401 -39.70 -12.38 14.03
N SER D 402 -39.80 -11.31 14.82
CA SER D 402 -41.11 -10.89 15.30
C SER D 402 -41.88 -10.44 14.07
N ASP D 403 -43.15 -10.82 13.98
CA ASP D 403 -43.91 -10.65 12.74
C ASP D 403 -44.15 -9.18 12.36
N ILE D 404 -43.71 -8.26 13.22
CA ILE D 404 -43.76 -6.84 12.88
C ILE D 404 -42.38 -6.37 12.42
N ASP D 405 -41.36 -7.18 12.72
CA ASP D 405 -40.06 -7.00 12.08
C ASP D 405 -40.14 -7.63 10.71
N LYS D 406 -41.08 -8.57 10.57
CA LYS D 406 -41.35 -9.22 9.30
C LYS D 406 -42.13 -8.29 8.39
N ILE D 407 -42.92 -7.40 8.97
CA ILE D 407 -43.67 -6.43 8.19
C ILE D 407 -42.77 -5.24 7.88
N TYR D 408 -41.73 -5.05 8.69
CA TYR D 408 -40.73 -4.03 8.42
C TYR D 408 -39.86 -4.49 7.25
N ALA D 409 -39.69 -5.81 7.14
CA ALA D 409 -38.98 -6.40 6.02
C ALA D 409 -39.84 -6.34 4.76
N LYS D 410 -41.10 -6.70 4.89
CA LYS D 410 -42.05 -6.61 3.79
C LYS D 410 -42.23 -5.16 3.35
N PHE D 411 -42.05 -4.24 4.30
CA PHE D 411 -42.09 -2.81 4.01
C PHE D 411 -40.89 -2.39 3.17
N ALA D 412 -39.72 -2.92 3.53
CA ALA D 412 -38.45 -2.44 3.00
C ALA D 412 -38.21 -2.82 1.54
N GLU D 413 -38.84 -3.89 1.07
CA GLU D 413 -38.70 -4.27 -0.33
C GLU D 413 -39.83 -3.65 -1.15
N ARG D 414 -40.98 -3.48 -0.52
CA ARG D 414 -42.11 -2.77 -1.12
C ARG D 414 -41.73 -1.31 -1.30
N PHE D 415 -40.90 -0.83 -0.38
CA PHE D 415 -40.40 0.54 -0.42
C PHE D 415 -39.53 0.79 -1.64
N GLU D 416 -38.70 -0.18 -1.98
CA GLU D 416 -37.78 -0.03 -3.12
C GLU D 416 -38.50 -0.24 -4.45
N ASN D 417 -39.40 -1.21 -4.48
CA ASN D 417 -40.04 -1.62 -5.73
C ASN D 417 -41.14 -0.69 -6.22
N GLU D 418 -41.74 0.08 -5.31
CA GLU D 418 -42.89 0.91 -5.67
C GLU D 418 -42.62 2.40 -5.48
N TYR D 419 -41.75 2.74 -4.53
CA TYR D 419 -41.44 4.13 -4.24
C TYR D 419 -40.18 4.59 -4.96
N VAL D 420 -39.07 3.90 -4.71
CA VAL D 420 -37.80 4.22 -5.34
C VAL D 420 -37.85 4.01 -6.85
N ASN D 421 -38.36 2.84 -7.25
CA ASN D 421 -38.45 2.49 -8.66
C ASN D 421 -39.71 3.05 -9.32
N GLN D 422 -39.54 4.15 -10.05
CA GLN D 422 -40.67 4.77 -10.76
C GLN D 422 -40.53 4.58 -12.26
N GLY D 423 -39.30 4.57 -12.75
CA GLY D 423 -39.03 4.47 -14.17
C GLY D 423 -38.37 5.72 -14.71
N PHE D 424 -37.49 5.55 -15.69
CA PHE D 424 -36.73 6.68 -16.23
C PHE D 424 -37.61 7.64 -17.06
N TYR D 425 -38.83 7.21 -17.36
CA TYR D 425 -39.74 8.02 -18.16
C TYR D 425 -41.05 8.29 -17.42
N THR D 426 -41.04 8.02 -16.13
CA THR D 426 -42.24 8.23 -15.30
C THR D 426 -42.05 9.39 -14.34
N ASN D 427 -42.74 10.50 -14.63
CA ASN D 427 -42.69 11.67 -13.77
C ASN D 427 -43.54 11.51 -12.52
N ARG D 428 -43.03 11.99 -11.39
CA ARG D 428 -43.76 11.94 -10.13
C ARG D 428 -43.77 13.32 -9.47
N THR D 429 -44.95 13.94 -9.41
CA THR D 429 -45.06 15.23 -8.75
C THR D 429 -44.95 15.06 -7.24
N ILE D 430 -44.58 16.13 -6.56
CA ILE D 430 -44.27 16.08 -5.13
C ILE D 430 -45.42 15.53 -4.27
N THR D 431 -46.65 15.94 -4.57
CA THR D 431 -47.81 15.49 -3.82
C THR D 431 -48.04 14.00 -4.01
N GLU D 432 -47.85 13.53 -5.24
CA GLU D 432 -48.03 12.12 -5.56
C GLU D 432 -47.02 11.26 -4.82
N THR D 433 -45.86 11.83 -4.51
CA THR D 433 -44.79 11.10 -3.84
C THR D 433 -45.01 11.04 -2.33
N LEU D 434 -45.55 12.12 -1.78
CA LEU D 434 -45.71 12.24 -0.33
C LEU D 434 -46.79 11.32 0.22
N ASP D 435 -47.96 11.31 -0.42
CA ASP D 435 -49.04 10.43 0.02
C ASP D 435 -48.73 8.98 -0.34
N LEU D 436 -47.78 8.78 -1.25
CA LEU D 436 -47.31 7.45 -1.60
C LEU D 436 -46.57 6.86 -0.41
N GLY D 437 -45.81 7.71 0.28
CA GLY D 437 -45.11 7.30 1.48
C GLY D 437 -46.09 6.87 2.57
N TRP D 438 -47.17 7.63 2.70
CA TRP D 438 -48.23 7.29 3.65
C TRP D 438 -48.84 5.94 3.33
N GLU D 439 -49.05 5.69 2.05
CA GLU D 439 -49.62 4.42 1.59
C GLU D 439 -48.71 3.25 1.95
N LEU D 440 -47.40 3.52 2.00
CA LEU D 440 -46.43 2.52 2.41
C LEU D 440 -46.25 2.49 3.92
N LEU D 441 -46.34 3.66 4.55
CA LEU D 441 -46.28 3.74 6.01
C LEU D 441 -47.52 3.11 6.63
N ALA D 442 -48.60 3.05 5.85
CA ALA D 442 -49.86 2.47 6.30
C ALA D 442 -49.73 0.98 6.58
N MET D 443 -48.75 0.34 5.95
CA MET D 443 -48.44 -1.05 6.22
C MET D 443 -48.10 -1.21 7.69
N LEU D 444 -47.18 -0.37 8.17
CA LEU D 444 -46.83 -0.33 9.57
C LEU D 444 -48.02 0.13 10.41
N PRO D 445 -48.22 -0.47 11.58
CA PRO D 445 -49.28 -0.01 12.48
C PRO D 445 -49.03 1.41 12.99
N ARG D 446 -50.00 1.95 13.72
CA ARG D 446 -49.95 3.34 14.16
C ARG D 446 -49.03 3.54 15.38
N THR D 447 -48.40 2.46 15.83
CA THR D 447 -47.70 2.47 17.11
C THR D 447 -46.22 2.87 17.04
N GLU D 448 -45.59 2.66 15.90
CA GLU D 448 -44.14 2.82 15.77
C GLU D 448 -43.73 4.17 15.22
N LEU D 449 -44.70 4.86 14.64
CA LEU D 449 -44.41 6.06 13.86
C LEU D 449 -44.15 7.26 14.78
N LYS D 450 -43.01 7.25 15.46
CA LYS D 450 -42.69 8.22 16.52
C LYS D 450 -41.97 9.47 16.02
N ARG D 451 -42.01 9.69 14.71
CA ARG D 451 -41.39 10.88 14.13
C ARG D 451 -42.45 11.85 13.62
N ILE D 452 -43.72 11.47 13.76
CA ILE D 452 -44.83 12.26 13.22
C ILE D 452 -45.81 12.65 14.34
N LYS D 453 -46.37 13.86 14.25
CA LYS D 453 -47.20 14.40 15.33
C LYS D 453 -48.70 14.29 15.06
N ASP D 454 -49.49 14.61 16.09
CA ASP D 454 -50.93 14.34 16.08
C ASP D 454 -51.74 15.16 15.08
N ASP D 455 -51.16 16.23 14.57
CA ASP D 455 -51.80 16.98 13.49
C ASP D 455 -51.73 16.17 12.20
N LEU D 456 -50.55 15.66 11.90
CA LEU D 456 -50.24 15.13 10.59
C LEU D 456 -50.50 13.63 10.41
N LEU D 457 -50.39 12.86 11.49
CA LEU D 457 -50.50 11.42 11.39
C LEU D 457 -51.91 10.98 10.95
N ASP D 458 -52.95 11.67 11.41
CA ASP D 458 -54.31 11.27 11.08
C ASP D 458 -54.92 12.18 10.03
N LYS D 459 -54.15 13.16 9.59
CA LYS D 459 -54.59 14.07 8.55
C LYS D 459 -54.26 13.51 7.17
N TYR D 460 -53.37 12.53 7.14
CA TYR D 460 -52.87 12.02 5.87
C TYR D 460 -52.84 10.48 5.76
N LEU D 461 -52.76 9.79 6.89
CA LEU D 461 -52.64 8.34 6.87
C LEU D 461 -53.94 7.64 6.48
N PRO D 462 -53.88 6.72 5.50
CA PRO D 462 -55.01 5.89 5.09
C PRO D 462 -55.60 5.09 6.25
N ILE E 9 38.69 39.44 9.22
CA ILE E 9 37.62 38.47 9.00
C ILE E 9 37.06 38.60 7.59
N LYS E 10 36.30 37.61 7.16
CA LYS E 10 35.75 37.58 5.82
C LYS E 10 34.31 38.10 5.78
N GLU E 11 34.09 39.16 5.00
CA GLU E 11 32.75 39.70 4.80
C GLU E 11 32.44 39.86 3.32
N TYR E 12 31.46 39.10 2.84
CA TYR E 12 31.17 39.07 1.40
C TYR E 12 29.77 39.61 1.12
N ARG E 13 29.69 40.53 0.16
CA ARG E 13 28.44 41.22 -0.14
C ARG E 13 27.68 40.58 -1.29
N THR E 14 28.23 39.49 -1.85
CA THR E 14 27.69 38.91 -3.07
C THR E 14 26.87 37.65 -2.85
N ILE E 15 25.57 37.77 -3.00
CA ILE E 15 24.66 36.62 -2.91
C ILE E 15 24.03 36.34 -4.27
N LYS E 16 24.38 35.20 -4.86
CA LYS E 16 23.93 34.86 -6.20
C LYS E 16 22.40 34.76 -6.28
N GLU E 17 21.81 33.99 -5.37
CA GLU E 17 20.36 33.80 -5.38
C GLU E 17 19.82 33.32 -4.04
N VAL E 18 18.53 33.53 -3.84
CA VAL E 18 17.83 33.06 -2.65
C VAL E 18 16.59 32.26 -3.04
N VAL E 19 16.55 30.99 -2.66
CA VAL E 19 15.43 30.12 -2.97
C VAL E 19 14.93 29.40 -1.71
N GLY E 20 13.72 29.73 -1.28
CA GLY E 20 13.16 29.16 -0.07
C GLY E 20 14.03 29.51 1.13
N PRO E 21 14.36 28.50 1.94
CA PRO E 21 15.27 28.69 3.08
C PRO E 21 16.74 28.60 2.67
N LEU E 22 17.00 28.29 1.41
CA LEU E 22 18.36 28.08 0.93
C LEU E 22 18.93 29.31 0.22
N MET E 23 20.18 29.61 0.50
CA MET E 23 20.84 30.80 -0.04
C MET E 23 22.14 30.44 -0.75
N ALA E 24 22.46 31.16 -1.82
CA ALA E 24 23.66 30.88 -2.61
C ALA E 24 24.63 32.06 -2.64
N VAL E 25 25.85 31.82 -2.21
CA VAL E 25 26.87 32.86 -2.13
C VAL E 25 28.00 32.61 -3.13
N GLU E 26 28.37 33.64 -3.88
CA GLU E 26 29.37 33.51 -4.94
C GLU E 26 30.66 34.24 -4.59
N LYS E 27 31.70 34.03 -5.39
CA LYS E 27 33.00 34.68 -5.22
C LYS E 27 33.56 34.44 -3.82
N VAL E 28 33.50 33.21 -3.38
CA VAL E 28 33.90 32.87 -2.02
C VAL E 28 35.14 31.97 -1.99
N SER E 29 35.89 32.03 -0.89
CA SER E 29 37.10 31.24 -0.73
C SER E 29 37.38 30.92 0.74
N GLY E 30 37.98 29.77 0.98
CA GLY E 30 38.35 29.36 2.32
C GLY E 30 37.15 28.93 3.16
N VAL E 31 36.08 28.54 2.49
CA VAL E 31 34.87 28.10 3.17
C VAL E 31 34.77 26.58 3.21
N LYS E 32 34.27 26.06 4.32
CA LYS E 32 34.27 24.62 4.54
C LYS E 32 32.87 24.04 4.67
N TYR E 33 32.79 22.71 4.62
CA TYR E 33 31.53 21.99 4.82
C TYR E 33 31.05 22.16 6.26
N GLU E 34 29.75 22.39 6.42
CA GLU E 34 29.13 22.59 7.74
C GLU E 34 29.67 23.82 8.47
N GLU E 35 30.32 24.73 7.76
CA GLU E 35 30.84 25.95 8.37
C GLU E 35 29.67 26.88 8.73
N LEU E 36 29.82 27.60 9.84
CA LEU E 36 28.76 28.50 10.31
C LEU E 36 28.89 29.88 9.67
N ILE E 37 27.75 30.52 9.44
CA ILE E 37 27.74 31.85 8.82
C ILE E 37 26.87 32.83 9.59
N GLU E 38 26.98 34.11 9.22
CA GLU E 38 26.09 35.15 9.74
C GLU E 38 25.66 36.08 8.62
N VAL E 39 24.34 36.26 8.49
CA VAL E 39 23.80 37.14 7.45
C VAL E 39 23.48 38.53 7.99
N ARG E 40 24.15 39.53 7.45
CA ARG E 40 23.90 40.92 7.83
C ARG E 40 22.85 41.53 6.89
N MET E 41 21.59 41.47 7.30
CA MET E 41 20.50 41.99 6.47
C MET E 41 20.56 43.51 6.35
N GLN E 42 19.79 44.05 5.41
CA GLN E 42 19.81 45.48 5.12
C GLN E 42 19.26 46.30 6.29
N ASN E 43 18.38 45.69 7.09
CA ASN E 43 17.80 46.37 8.23
C ASN E 43 18.63 46.16 9.50
N GLY E 44 19.85 45.68 9.32
CA GLY E 44 20.77 45.50 10.43
C GLY E 44 20.59 44.18 11.16
N GLU E 45 19.48 43.49 10.88
CA GLU E 45 19.19 42.23 11.56
C GLU E 45 20.21 41.16 11.19
N ILE E 46 20.63 40.39 12.19
CA ILE E 46 21.62 39.33 11.98
C ILE E 46 20.99 37.94 12.12
N ARG E 47 21.06 37.16 11.05
CA ARG E 47 20.54 35.80 11.07
C ARG E 47 21.66 34.78 10.87
N ARG E 48 21.61 33.68 11.62
CA ARG E 48 22.62 32.65 11.53
C ARG E 48 22.26 31.59 10.49
N GLY E 49 23.28 30.94 9.94
CA GLY E 49 23.08 29.93 8.93
C GLY E 49 24.19 28.89 8.88
N GLN E 50 24.04 27.89 8.02
CA GLN E 50 24.99 26.79 7.94
C GLN E 50 25.25 26.38 6.49
N VAL E 51 26.52 26.10 6.18
CA VAL E 51 26.91 25.68 4.84
C VAL E 51 26.55 24.22 4.58
N LEU E 52 25.66 23.99 3.62
CA LEU E 52 25.21 22.64 3.30
C LEU E 52 26.17 21.96 2.33
N GLU E 53 26.66 22.72 1.35
CA GLU E 53 27.68 22.23 0.44
C GLU E 53 28.41 23.41 -0.19
N VAL E 54 29.67 23.19 -0.54
CA VAL E 54 30.48 24.24 -1.14
C VAL E 54 31.27 23.71 -2.34
N GLN E 55 31.20 24.44 -3.45
CA GLN E 55 31.97 24.07 -4.62
C GLN E 55 32.59 25.29 -5.29
N GLU E 56 33.91 25.23 -5.50
CA GLU E 56 34.67 26.29 -6.15
C GLU E 56 34.46 27.63 -5.47
N ASP E 57 34.02 28.64 -6.22
CA ASP E 57 33.79 29.97 -5.66
C ASP E 57 32.33 30.15 -5.21
N LYS E 58 31.64 29.04 -5.01
CA LYS E 58 30.23 29.08 -4.60
C LYS E 58 29.96 28.22 -3.39
N ALA E 59 29.14 28.71 -2.46
CA ALA E 59 28.77 27.95 -1.27
C ALA E 59 27.26 28.02 -1.02
N MET E 60 26.63 26.85 -0.89
CA MET E 60 25.21 26.78 -0.59
C MET E 60 24.97 26.76 0.92
N VAL E 61 24.20 27.72 1.40
CA VAL E 61 23.93 27.83 2.83
C VAL E 61 22.44 27.78 3.16
N GLN E 62 22.12 27.42 4.39
CA GLN E 62 20.73 27.40 4.86
C GLN E 62 20.58 28.28 6.09
N ILE E 63 19.59 29.17 6.05
CA ILE E 63 19.38 30.12 7.15
C ILE E 63 18.41 29.56 8.18
N PHE E 64 18.79 29.67 9.46
CA PHE E 64 18.00 29.12 10.55
C PHE E 64 16.67 29.83 10.69
N GLU E 65 16.72 31.14 10.87
CA GLU E 65 15.51 31.95 11.05
C GLU E 65 14.67 32.00 9.78
N GLY E 66 15.32 31.79 8.63
CA GLY E 66 14.63 31.83 7.36
C GLY E 66 15.17 32.95 6.48
N THR E 67 14.78 32.93 5.21
CA THR E 67 15.27 33.91 4.25
C THR E 67 14.26 35.03 4.00
N SER E 68 13.17 35.02 4.77
CA SER E 68 12.09 35.99 4.58
C SER E 68 12.52 37.42 4.92
N GLY E 69 12.28 38.33 3.99
CA GLY E 69 12.52 39.74 4.21
C GLY E 69 13.92 40.21 3.84
N ILE E 70 14.68 39.34 3.19
CA ILE E 70 16.07 39.66 2.85
C ILE E 70 16.21 40.28 1.47
N ASN E 71 16.85 41.45 1.43
CA ASN E 71 17.23 42.06 0.15
C ASN E 71 18.66 41.68 -0.20
N LEU E 72 18.82 40.98 -1.31
CA LEU E 72 20.10 40.39 -1.69
C LEU E 72 21.19 41.41 -1.93
N LYS E 73 20.87 42.44 -2.71
CA LYS E 73 21.85 43.45 -3.11
C LYS E 73 22.44 44.21 -1.94
N ASN E 74 21.70 44.27 -0.83
CA ASN E 74 22.12 45.06 0.32
C ASN E 74 22.32 44.22 1.58
N SER E 75 22.48 42.92 1.41
CA SER E 75 22.80 42.03 2.53
C SER E 75 24.16 41.39 2.33
N SER E 76 24.83 41.07 3.43
CA SER E 76 26.16 40.47 3.36
C SER E 76 26.25 39.20 4.17
N VAL E 77 27.18 38.32 3.78
CA VAL E 77 27.36 37.04 4.45
C VAL E 77 28.77 36.92 5.02
N ARG E 78 28.86 36.67 6.32
CA ARG E 78 30.15 36.48 6.97
C ARG E 78 30.33 35.03 7.41
N PHE E 79 31.48 34.45 7.06
CA PHE E 79 31.77 33.07 7.43
C PHE E 79 32.66 33.02 8.66
N LEU E 80 32.13 32.44 9.73
CA LEU E 80 32.74 32.52 11.05
C LEU E 80 33.98 31.62 11.22
N GLY E 81 34.23 30.77 10.24
CA GLY E 81 35.42 29.94 10.24
C GLY E 81 35.41 28.82 11.27
N HIS E 82 34.22 28.48 11.76
CA HIS E 82 34.07 27.39 12.72
C HIS E 82 32.66 26.82 12.64
N PRO E 83 32.51 25.50 12.89
CA PRO E 83 31.18 24.89 12.88
C PRO E 83 30.36 25.31 14.09
N LEU E 84 29.14 24.78 14.20
CA LEU E 84 28.25 25.12 15.31
C LEU E 84 28.84 24.65 16.64
N GLN E 85 29.24 25.61 17.47
CA GLN E 85 29.93 25.31 18.72
C GLN E 85 29.07 25.51 19.96
N LEU E 86 29.65 25.17 21.11
CA LEU E 86 29.02 25.41 22.41
C LEU E 86 30.04 25.93 23.41
N GLY E 87 29.73 27.06 24.05
CA GLY E 87 30.60 27.61 25.08
C GLY E 87 30.42 26.84 26.38
N VAL E 88 31.44 26.09 26.77
CA VAL E 88 31.33 25.25 27.96
C VAL E 88 32.01 25.86 29.17
N SER E 89 31.41 25.63 30.34
CA SER E 89 31.94 26.08 31.61
C SER E 89 31.32 25.25 32.72
N GLU E 90 31.97 25.24 33.89
CA GLU E 90 31.42 24.55 35.04
C GLU E 90 30.27 25.37 35.63
N ASP E 91 30.18 26.63 35.20
CA ASP E 91 29.14 27.53 35.67
C ASP E 91 27.82 27.30 34.95
N MET E 92 27.76 26.27 34.10
CA MET E 92 26.54 25.97 33.37
C MET E 92 25.51 25.28 34.25
N ILE E 93 25.96 24.77 35.40
CA ILE E 93 25.07 24.10 36.34
C ILE E 93 24.10 25.09 36.97
N GLY E 94 22.82 24.75 36.95
CA GLY E 94 21.80 25.61 37.51
C GLY E 94 21.22 26.58 36.50
N ARG E 95 21.85 26.63 35.32
CA ARG E 95 21.45 27.57 34.28
C ARG E 95 20.45 26.93 33.32
N VAL E 96 19.77 27.77 32.55
CA VAL E 96 18.82 27.31 31.55
C VAL E 96 19.15 27.93 30.20
N PHE E 97 19.26 27.11 29.17
CA PHE E 97 19.61 27.59 27.84
C PHE E 97 18.54 27.24 26.82
N ASP E 98 18.65 27.83 25.63
CA ASP E 98 17.76 27.48 24.52
C ASP E 98 18.38 26.35 23.71
N GLY E 99 17.86 26.12 22.52
CA GLY E 99 18.35 25.05 21.67
C GLY E 99 19.77 25.26 21.17
N LEU E 100 20.22 26.51 21.16
CA LEU E 100 21.55 26.83 20.61
C LEU E 100 22.55 27.25 21.69
N GLY E 101 22.22 26.98 22.95
CA GLY E 101 23.12 27.29 24.05
C GLY E 101 23.06 28.72 24.53
N ARG E 102 22.24 29.53 23.86
CA ARG E 102 22.00 30.90 24.31
C ARG E 102 21.18 30.91 25.59
N PRO E 103 21.60 31.71 26.59
CA PRO E 103 20.94 31.77 27.90
C PRO E 103 19.47 32.18 27.80
N LYS E 104 18.68 31.78 28.78
CA LYS E 104 17.23 31.96 28.73
C LYS E 104 16.67 32.34 30.11
N ASP E 105 17.43 32.02 31.16
CA ASP E 105 16.98 32.30 32.53
C ASP E 105 17.22 33.76 32.94
N ASN E 106 17.66 34.58 31.98
CA ASN E 106 17.93 36.00 32.22
C ASN E 106 18.96 36.26 33.33
N GLY E 107 19.80 35.27 33.61
CA GLY E 107 20.85 35.42 34.60
C GLY E 107 22.08 36.05 33.99
N PRO E 108 23.18 36.11 34.76
CA PRO E 108 24.45 36.64 34.25
C PRO E 108 24.97 35.84 33.07
N GLU E 109 25.65 36.49 32.13
CA GLU E 109 26.24 35.79 31.00
C GLU E 109 27.39 34.91 31.47
N ILE E 110 27.73 33.90 30.67
CA ILE E 110 28.77 32.96 31.04
C ILE E 110 30.00 33.11 30.17
N LEU E 111 31.17 33.26 30.82
CA LEU E 111 32.44 33.25 30.10
C LEU E 111 32.94 31.81 29.95
N PRO E 112 32.86 31.27 28.73
CA PRO E 112 33.19 29.87 28.47
C PRO E 112 34.66 29.56 28.71
N GLU E 113 34.93 28.39 29.29
CA GLU E 113 36.30 27.91 29.41
C GLU E 113 36.88 27.68 28.02
N LYS E 114 36.07 27.10 27.16
CA LYS E 114 36.45 26.85 25.77
C LYS E 114 35.23 26.55 24.92
N TYR E 115 35.44 26.33 23.63
CA TYR E 115 34.34 26.00 22.72
C TYR E 115 34.54 24.62 22.12
N LEU E 116 33.45 23.88 21.95
CA LEU E 116 33.51 22.52 21.43
C LEU E 116 32.48 22.31 20.32
N ASP E 117 32.91 21.60 19.28
CA ASP E 117 31.99 21.17 18.23
C ASP E 117 30.90 20.31 18.84
N ILE E 118 29.65 20.64 18.56
CA ILE E 118 28.53 19.90 19.14
C ILE E 118 28.42 18.50 18.56
N ASN E 119 29.11 18.26 17.45
CA ASN E 119 29.18 16.93 16.87
C ASN E 119 30.03 16.00 17.72
N GLY E 120 31.04 16.56 18.38
CA GLY E 120 31.93 15.79 19.23
C GLY E 120 32.74 14.78 18.44
N GLU E 121 33.37 13.85 19.16
CA GLU E 121 34.13 12.78 18.51
C GLU E 121 33.64 11.41 18.98
N VAL E 122 33.96 10.39 18.21
CA VAL E 122 33.54 9.03 18.52
C VAL E 122 34.51 8.35 19.48
N ILE E 123 33.98 7.76 20.54
CA ILE E 123 34.79 7.03 21.50
C ILE E 123 35.40 5.79 20.86
N ASN E 124 36.72 5.65 20.99
CA ASN E 124 37.42 4.46 20.52
C ASN E 124 36.87 3.22 21.22
N PRO E 125 36.34 2.26 20.44
CA PRO E 125 35.75 1.03 20.96
C PRO E 125 36.68 0.29 21.93
N ILE E 126 37.98 0.37 21.69
CA ILE E 126 38.96 -0.19 22.62
C ILE E 126 38.94 0.57 23.93
N ALA E 127 38.96 1.90 23.83
CA ALA E 127 39.00 2.76 25.01
C ALA E 127 37.69 2.71 25.81
N ARG E 128 36.64 2.17 25.20
CA ARG E 128 35.36 2.05 25.87
C ARG E 128 35.45 1.17 27.11
N ASP E 129 34.64 1.48 28.11
CA ASP E 129 34.56 0.69 29.32
C ASP E 129 33.11 0.28 29.54
N TYR E 130 32.89 -1.02 29.66
CA TYR E 130 31.52 -1.55 29.84
C TYR E 130 30.89 -0.94 31.09
N PRO E 131 29.68 -0.39 30.94
CA PRO E 131 28.91 0.38 31.93
C PRO E 131 29.11 -0.06 33.38
N ASP E 132 28.55 -1.21 33.76
CA ASP E 132 28.96 -1.93 34.98
C ASP E 132 28.77 -1.18 36.32
N GLU E 133 27.89 -0.16 36.37
CA GLU E 133 27.59 0.47 37.66
C GLU E 133 26.13 0.88 37.81
N PHE E 134 25.62 0.81 39.03
CA PHE E 134 24.20 1.03 39.30
C PHE E 134 23.82 2.50 39.52
N ILE E 135 22.66 2.89 38.97
CA ILE E 135 22.08 4.20 39.22
C ILE E 135 20.69 4.04 39.83
N GLN E 136 20.47 4.68 40.96
CA GLN E 136 19.16 4.62 41.62
C GLN E 136 18.25 5.72 41.12
N THR E 137 17.21 5.33 40.38
CA THR E 137 16.25 6.29 39.83
C THR E 137 15.11 6.55 40.80
N GLY E 138 14.91 5.62 41.74
CA GLY E 138 13.83 5.73 42.69
C GLY E 138 12.63 4.91 42.29
N ILE E 139 12.36 4.84 40.99
CA ILE E 139 11.25 4.05 40.47
C ILE E 139 11.57 2.56 40.54
N SER E 140 10.75 1.82 41.28
CA SER E 140 11.00 0.40 41.55
C SER E 140 10.98 -0.46 40.29
N ALA E 141 10.05 -0.19 39.39
CA ALA E 141 9.93 -0.95 38.15
C ALA E 141 11.22 -0.90 37.34
N ILE E 142 11.94 0.21 37.46
CA ILE E 142 13.20 0.39 36.76
C ILE E 142 14.38 -0.15 37.58
N ASP E 143 14.58 0.41 38.77
CA ASP E 143 15.73 0.08 39.60
C ASP E 143 15.90 -1.41 39.90
N HIS E 144 14.83 -2.18 39.74
CA HIS E 144 14.88 -3.60 40.08
C HIS E 144 14.79 -4.51 38.85
N LEU E 145 13.78 -4.29 38.02
CA LEU E 145 13.50 -5.19 36.90
C LEU E 145 14.14 -4.74 35.59
N ASN E 146 14.26 -3.42 35.40
CA ASN E 146 14.88 -2.88 34.20
C ASN E 146 15.96 -1.87 34.55
N THR E 147 16.96 -2.34 35.29
CA THR E 147 17.95 -1.49 35.94
C THR E 147 18.70 -0.55 34.99
N LEU E 148 18.86 0.69 35.42
CA LEU E 148 19.63 1.67 34.67
C LEU E 148 21.09 1.62 35.09
N VAL E 149 21.99 1.59 34.10
CA VAL E 149 23.41 1.44 34.35
C VAL E 149 24.18 2.67 33.87
N ARG E 150 25.24 3.03 34.57
CA ARG E 150 26.05 4.19 34.21
C ARG E 150 26.68 4.03 32.83
N GLY E 151 26.16 4.78 31.86
CA GLY E 151 26.68 4.72 30.50
C GLY E 151 25.75 4.01 29.55
N GLN E 152 24.59 3.60 30.06
CA GLN E 152 23.61 2.86 29.28
C GLN E 152 22.72 3.79 28.47
N LYS E 153 22.24 3.30 27.32
CA LYS E 153 21.22 3.98 26.55
C LYS E 153 19.87 3.34 26.82
N LEU E 154 19.12 3.88 27.78
CA LEU E 154 17.85 3.29 28.18
C LEU E 154 16.70 4.26 27.94
N PRO E 155 15.94 4.05 26.86
CA PRO E 155 14.86 4.94 26.42
C PRO E 155 13.50 4.62 27.04
N VAL E 156 12.58 5.57 26.94
CA VAL E 156 11.21 5.38 27.40
C VAL E 156 10.24 5.49 26.23
N PHE E 157 9.54 4.40 25.92
CA PHE E 157 8.56 4.40 24.84
C PHE E 157 7.18 4.73 25.41
N SER E 158 6.66 5.89 25.03
CA SER E 158 5.38 6.35 25.58
C SER E 158 4.32 6.55 24.50
N GLY E 159 3.33 7.38 24.81
CA GLY E 159 2.27 7.71 23.88
C GLY E 159 1.68 9.06 24.23
N SER E 160 0.75 9.54 23.40
CA SER E 160 0.10 10.83 23.64
C SER E 160 -0.76 10.78 24.89
N GLY E 161 -0.67 11.81 25.72
CA GLY E 161 -1.44 11.88 26.95
C GLY E 161 -0.80 11.13 28.10
N LEU E 162 0.06 10.17 27.77
CA LEU E 162 0.73 9.36 28.79
C LEU E 162 1.70 10.21 29.60
N PRO E 163 1.80 9.91 30.91
CA PRO E 163 2.59 10.74 31.83
C PRO E 163 4.09 10.51 31.74
N HIS E 164 4.66 10.59 30.54
CA HIS E 164 6.10 10.46 30.38
C HIS E 164 6.80 11.74 30.82
N LYS E 165 6.06 12.85 30.81
CA LYS E 165 6.56 14.10 31.34
C LYS E 165 6.80 13.99 32.84
N GLU E 166 5.79 13.49 33.54
CA GLU E 166 5.85 13.32 34.99
C GLU E 166 6.92 12.31 35.38
N LEU E 167 7.13 11.31 34.53
CA LEU E 167 8.12 10.28 34.80
C LEU E 167 9.54 10.82 34.63
N ALA E 168 9.73 11.64 33.59
CA ALA E 168 11.04 12.23 33.31
C ALA E 168 11.47 13.18 34.42
N ALA E 169 10.56 14.06 34.81
CA ALA E 169 10.83 15.03 35.87
C ALA E 169 11.13 14.31 37.18
N GLN E 170 10.42 13.22 37.42
CA GLN E 170 10.62 12.41 38.62
C GLN E 170 12.03 11.87 38.66
N ILE E 171 12.43 11.20 37.58
CA ILE E 171 13.79 10.67 37.47
C ILE E 171 14.81 11.79 37.58
N ALA E 172 14.52 12.93 36.96
CA ALA E 172 15.43 14.06 36.96
C ALA E 172 15.84 14.50 38.37
N ARG E 173 14.90 14.46 39.31
CA ARG E 173 15.17 14.89 40.67
C ARG E 173 15.49 13.74 41.60
N GLN E 174 14.87 12.58 41.37
CA GLN E 174 15.05 11.44 42.25
C GLN E 174 16.36 10.71 41.99
N ALA E 175 16.78 10.65 40.72
CA ALA E 175 17.96 9.88 40.35
C ALA E 175 19.22 10.42 41.00
N THR E 176 19.88 9.54 41.75
CA THR E 176 21.16 9.84 42.33
C THR E 176 22.02 8.60 42.23
N VAL E 177 23.31 8.75 42.50
CA VAL E 177 24.18 7.60 42.50
C VAL E 177 24.58 7.31 43.94
N LEU E 178 24.49 6.04 44.34
CA LEU E 178 24.97 5.66 45.66
C LEU E 178 26.49 5.84 45.75
N ASP E 179 27.05 5.45 46.91
CA ASP E 179 28.50 5.55 47.20
C ASP E 179 28.90 7.02 47.46
N SER E 180 27.89 7.88 47.59
CA SER E 180 28.05 9.26 48.07
C SER E 180 28.91 10.12 47.17
N SER E 181 28.72 9.99 45.86
CA SER E 181 29.45 10.81 44.90
C SER E 181 28.97 12.26 44.98
N ASP E 182 29.87 13.14 45.38
CA ASP E 182 29.55 14.56 45.52
C ASP E 182 29.31 15.22 44.17
N ASP E 183 29.61 14.50 43.10
CA ASP E 183 29.44 15.01 41.74
C ASP E 183 28.49 14.15 40.91
N PHE E 184 27.27 14.62 40.75
CA PHE E 184 26.29 13.96 39.87
C PHE E 184 25.36 15.01 39.28
N ALA E 185 25.39 15.14 37.96
CA ALA E 185 24.61 16.18 37.29
C ALA E 185 23.55 15.59 36.35
N VAL E 186 22.56 16.40 36.04
CA VAL E 186 21.51 16.01 35.11
C VAL E 186 21.40 17.02 33.97
N VAL E 187 21.57 16.56 32.74
CA VAL E 187 21.39 17.42 31.58
C VAL E 187 20.03 17.12 30.93
N PHE E 188 19.09 18.02 31.13
CA PHE E 188 17.73 17.84 30.62
C PHE E 188 17.56 18.55 29.29
N ALA E 189 17.16 17.81 28.27
CA ALA E 189 17.01 18.37 26.93
C ALA E 189 15.56 18.31 26.45
N ALA E 190 15.02 19.47 26.08
CA ALA E 190 13.66 19.55 25.55
C ALA E 190 13.71 19.82 24.04
N ILE E 191 12.95 19.04 23.28
CA ILE E 191 12.94 19.18 21.82
C ILE E 191 11.55 19.45 21.27
N GLY E 192 11.35 20.64 20.72
CA GLY E 192 10.12 21.00 20.03
C GLY E 192 8.85 20.81 20.83
N ILE E 193 8.88 21.18 22.09
CA ILE E 193 7.72 21.03 22.96
C ILE E 193 6.98 22.35 23.11
N THR E 194 5.71 22.29 23.48
CA THR E 194 4.89 23.48 23.64
C THR E 194 5.40 24.35 24.79
N PHE E 195 4.87 25.56 24.88
CA PHE E 195 5.27 26.50 25.93
C PHE E 195 4.99 25.95 27.32
N GLU E 196 3.76 25.48 27.53
CA GLU E 196 3.33 25.00 28.84
C GLU E 196 4.08 23.75 29.27
N GLU E 197 4.40 22.89 28.31
CA GLU E 197 5.18 21.69 28.60
C GLU E 197 6.57 22.08 29.09
N ALA E 198 7.12 23.13 28.50
CA ALA E 198 8.42 23.65 28.91
C ALA E 198 8.35 24.28 30.29
N GLU E 199 7.27 25.01 30.53
CA GLU E 199 7.06 25.65 31.83
C GLU E 199 6.85 24.62 32.94
N PHE E 200 6.23 23.49 32.59
CA PHE E 200 6.03 22.41 33.54
C PHE E 200 7.36 21.93 34.11
N PHE E 201 8.32 21.68 33.22
CA PHE E 201 9.64 21.22 33.62
C PHE E 201 10.37 22.28 34.44
N MET E 202 10.52 23.47 33.87
CA MET E 202 11.27 24.54 34.51
C MET E 202 10.70 24.95 35.87
N GLU E 203 9.40 24.74 36.06
CA GLU E 203 8.77 25.07 37.33
C GLU E 203 9.00 23.96 38.35
N ASP E 204 8.89 22.72 37.91
CA ASP E 204 9.07 21.57 38.80
C ASP E 204 10.53 21.44 39.23
N PHE E 205 11.44 21.82 38.34
CA PHE E 205 12.87 21.76 38.63
C PHE E 205 13.27 22.77 39.71
N ARG E 206 12.69 23.96 39.65
CA ARG E 206 13.02 25.02 40.61
C ARG E 206 12.42 24.73 41.99
N GLN E 207 11.19 24.24 42.01
CA GLN E 207 10.48 24.04 43.27
C GLN E 207 10.98 22.80 44.02
N THR E 208 11.62 21.88 43.30
CA THR E 208 12.18 20.69 43.95
C THR E 208 13.68 20.84 44.13
N GLY E 209 14.22 21.99 43.74
CA GLY E 209 15.64 22.25 43.87
C GLY E 209 16.49 21.41 42.96
N ALA E 210 15.86 20.74 42.01
CA ALA E 210 16.57 19.89 41.06
C ALA E 210 17.33 20.74 40.05
N ILE E 211 16.93 22.01 39.92
CA ILE E 211 17.58 22.93 39.00
C ILE E 211 19.03 23.18 39.42
N ASP E 212 19.27 23.14 40.72
CA ASP E 212 20.61 23.39 41.27
C ASP E 212 21.58 22.27 40.92
N ARG E 213 21.05 21.13 40.49
N ARG E 213 21.03 21.15 40.46
CA ARG E 213 21.88 20.00 40.11
CA ARG E 213 21.81 19.97 40.13
C ARG E 213 21.66 19.61 38.65
C ARG E 213 21.80 19.70 38.62
N SER E 214 21.04 20.52 37.90
CA SER E 214 20.78 20.26 36.48
C SER E 214 21.16 21.40 35.55
N VAL E 215 21.45 21.04 34.30
CA VAL E 215 21.62 21.99 33.21
C VAL E 215 20.50 21.77 32.19
N MET E 216 19.77 22.82 31.86
CA MET E 216 18.59 22.68 31.01
C MET E 216 18.73 23.35 29.65
N PHE E 217 18.42 22.61 28.61
CA PHE E 217 18.32 23.15 27.26
C PHE E 217 16.89 23.05 26.76
N MET E 218 16.22 24.18 26.63
CA MET E 218 14.80 24.19 26.30
C MET E 218 14.54 24.68 24.87
N ASN E 219 13.94 23.80 24.07
CA ASN E 219 13.57 24.14 22.71
C ASN E 219 12.07 23.97 22.48
N LEU E 220 11.47 24.91 21.75
CA LEU E 220 10.02 24.94 21.60
C LEU E 220 9.54 24.48 20.22
N ALA E 221 8.23 24.32 20.07
CA ALA E 221 7.64 23.86 18.82
C ALA E 221 7.71 24.93 17.75
N ASN E 222 7.59 26.19 18.14
CA ASN E 222 7.63 27.30 17.21
C ASN E 222 9.05 27.65 16.79
N ASP E 223 10.02 27.12 17.52
CA ASP E 223 11.44 27.34 17.23
C ASP E 223 11.82 26.74 15.87
N PRO E 224 12.88 27.29 15.25
CA PRO E 224 13.38 26.78 13.96
C PRO E 224 13.70 25.29 14.00
N ALA E 225 13.39 24.59 12.92
CA ALA E 225 13.56 23.14 12.85
C ALA E 225 15.02 22.72 13.02
N ILE E 226 15.94 23.55 12.53
CA ILE E 226 17.36 23.27 12.67
C ILE E 226 17.78 23.35 14.13
N GLU E 227 17.24 24.33 14.84
CA GLU E 227 17.50 24.47 16.27
C GLU E 227 17.00 23.24 17.03
N ARG E 228 15.94 22.64 16.52
CA ARG E 228 15.33 21.48 17.16
C ARG E 228 16.22 20.24 17.04
N ILE E 229 16.97 20.14 15.96
CA ILE E 229 17.83 18.98 15.75
C ILE E 229 19.23 19.21 16.30
N ALA E 230 19.53 20.46 16.66
CA ALA E 230 20.83 20.80 17.23
C ALA E 230 20.75 20.80 18.75
N THR E 231 19.54 20.82 19.28
CA THR E 231 19.30 20.83 20.72
C THR E 231 19.92 19.62 21.46
N PRO E 232 19.71 18.39 20.96
CA PRO E 232 20.30 17.28 21.72
C PRO E 232 21.83 17.27 21.63
N ARG E 233 22.38 17.81 20.55
CA ARG E 233 23.83 17.83 20.37
C ARG E 233 24.48 18.86 21.28
N MET E 234 23.76 19.95 21.54
CA MET E 234 24.20 20.95 22.51
C MET E 234 24.21 20.34 23.91
N ALA E 235 23.18 19.56 24.20
CA ALA E 235 23.03 18.93 25.51
C ALA E 235 24.13 17.90 25.77
N LEU E 236 24.37 17.02 24.81
CA LEU E 236 25.36 15.97 24.95
C LEU E 236 26.78 16.51 25.05
N THR E 237 27.05 17.59 24.32
CA THR E 237 28.36 18.22 24.33
C THR E 237 28.69 18.77 25.72
N ALA E 238 27.65 19.28 26.38
CA ALA E 238 27.79 19.74 27.77
C ALA E 238 28.04 18.55 28.68
N ALA E 239 27.31 17.46 28.43
CA ALA E 239 27.42 16.25 29.23
C ALA E 239 28.82 15.64 29.12
N GLU E 240 29.30 15.50 27.89
CA GLU E 240 30.63 14.93 27.65
C GLU E 240 31.71 15.79 28.30
N TYR E 241 31.48 17.09 28.34
CA TYR E 241 32.40 18.02 29.01
C TYR E 241 32.38 17.79 30.52
N LEU E 242 31.18 17.79 31.10
CA LEU E 242 31.01 17.63 32.53
C LEU E 242 31.50 16.27 33.03
N ALA E 243 31.41 15.26 32.17
CA ALA E 243 31.73 13.89 32.57
C ALA E 243 33.19 13.53 32.32
N TYR E 244 33.69 13.85 31.13
CA TYR E 244 35.02 13.38 30.72
C TYR E 244 36.12 14.40 31.02
N GLU E 245 35.73 15.62 31.38
CA GLU E 245 36.70 16.66 31.65
C GLU E 245 36.55 17.21 33.06
N LYS E 246 35.40 16.97 33.69
CA LYS E 246 35.17 17.39 35.06
C LYS E 246 34.83 16.20 35.95
N GLY E 247 34.87 15.01 35.37
CA GLY E 247 34.76 13.78 36.12
C GLY E 247 33.45 13.53 36.84
N MET E 248 32.36 14.09 36.31
CA MET E 248 31.06 13.92 36.95
C MET E 248 30.26 12.80 36.30
N HIS E 249 29.32 12.24 37.06
CA HIS E 249 28.37 11.28 36.52
C HIS E 249 27.15 12.03 35.99
N VAL E 250 27.03 12.07 34.67
CA VAL E 250 25.99 12.87 34.04
C VAL E 250 24.85 12.03 33.48
N LEU E 251 23.63 12.33 33.89
CA LEU E 251 22.45 11.68 33.35
C LEU E 251 21.74 12.61 32.37
N VAL E 252 21.59 12.16 31.13
CA VAL E 252 20.97 12.98 30.09
C VAL E 252 19.58 12.50 29.73
N ILE E 253 18.60 13.40 29.88
CA ILE E 253 17.23 13.08 29.52
C ILE E 253 16.78 13.94 28.33
N MET E 254 16.26 13.30 27.30
CA MET E 254 15.84 13.99 26.09
C MET E 254 14.41 13.63 25.69
N THR E 255 13.62 14.64 25.36
CA THR E 255 12.21 14.47 25.00
C THR E 255 11.70 15.76 24.37
N ASP E 256 10.82 15.67 23.37
CA ASP E 256 10.34 14.42 22.80
C ASP E 256 11.17 14.05 21.57
N MET E 257 11.72 12.84 21.55
CA MET E 257 12.55 12.40 20.45
C MET E 257 11.77 12.25 19.15
N THR E 258 10.45 12.14 19.27
CA THR E 258 9.58 12.10 18.09
C THR E 258 9.61 13.44 17.38
N ASN E 259 9.63 14.51 18.16
CA ASN E 259 9.72 15.86 17.62
C ASN E 259 11.06 16.09 16.92
N TYR E 260 12.09 15.37 17.36
CA TYR E 260 13.39 15.44 16.73
C TYR E 260 13.34 14.86 15.33
N ALA E 261 12.66 13.73 15.20
CA ALA E 261 12.56 13.03 13.91
C ALA E 261 11.69 13.80 12.92
N GLU E 262 10.62 14.41 13.41
CA GLU E 262 9.73 15.19 12.56
C GLU E 262 10.43 16.44 12.05
N ALA E 263 11.33 16.99 12.86
CA ALA E 263 12.12 18.14 12.46
C ALA E 263 13.18 17.71 11.45
N LEU E 264 13.80 16.57 11.72
CA LEU E 264 14.79 15.99 10.82
C LEU E 264 14.14 15.65 9.48
N ARG E 265 12.86 15.29 9.53
CA ARG E 265 12.09 14.98 8.34
C ARG E 265 11.77 16.25 7.56
N GLU E 266 11.54 17.34 8.28
CA GLU E 266 11.24 18.63 7.66
C GLU E 266 12.46 19.19 6.94
N ILE E 267 13.59 19.18 7.62
CA ILE E 267 14.84 19.71 7.07
C ILE E 267 15.29 18.91 5.85
N SER E 268 15.13 17.59 5.92
CA SER E 268 15.48 16.71 4.81
C SER E 268 14.69 17.08 3.55
N ALA E 269 13.38 17.31 3.73
CA ALA E 269 12.53 17.71 2.61
C ALA E 269 12.88 19.11 2.15
N ALA E 270 13.35 19.94 3.09
CA ALA E 270 13.74 21.31 2.77
C ALA E 270 14.98 21.33 1.88
N ARG E 271 15.79 20.28 1.98
CA ARG E 271 17.01 20.16 1.20
C ARG E 271 16.81 19.22 0.02
N ARG E 272 15.54 18.98 -0.33
CA ARG E 272 15.17 18.19 -1.49
C ARG E 272 15.68 16.75 -1.42
N GLU E 273 15.91 16.26 -0.20
CA GLU E 273 16.39 14.90 -0.01
C GLU E 273 15.26 13.89 -0.14
N VAL E 274 15.50 12.81 -0.88
CA VAL E 274 14.50 11.77 -1.10
C VAL E 274 14.12 11.09 0.22
N PRO E 275 12.81 10.91 0.45
CA PRO E 275 12.33 10.21 1.65
C PRO E 275 12.76 8.76 1.71
N GLY E 276 12.90 8.22 2.91
CA GLY E 276 13.18 6.81 3.10
C GLY E 276 11.91 6.07 3.47
N ARG E 277 12.03 5.00 4.26
CA ARG E 277 10.87 4.22 4.67
C ARG E 277 9.90 5.06 5.50
N ARG E 278 8.63 5.04 5.09
CA ARG E 278 7.56 5.78 5.77
C ARG E 278 7.81 7.29 5.82
N GLY E 279 8.51 7.82 4.82
CA GLY E 279 8.72 9.25 4.72
C GLY E 279 9.89 9.80 5.51
N TYR E 280 10.34 9.07 6.52
CA TYR E 280 11.47 9.50 7.34
C TYR E 280 12.78 9.24 6.60
N PRO E 281 13.76 10.15 6.78
CA PRO E 281 15.06 10.09 6.10
C PRO E 281 15.70 8.71 6.13
N GLY E 282 16.33 8.32 5.04
CA GLY E 282 16.98 7.03 4.94
C GLY E 282 18.18 6.91 5.88
N TYR E 283 18.64 8.05 6.37
CA TYR E 283 19.78 8.09 7.28
C TYR E 283 19.33 8.29 8.73
N LEU E 284 18.05 7.99 9.01
CA LEU E 284 17.49 8.20 10.34
C LEU E 284 18.19 7.34 11.39
N TYR E 285 18.39 6.07 11.07
CA TYR E 285 19.07 5.16 11.99
C TYR E 285 20.47 5.67 12.35
N THR E 286 21.21 6.07 11.32
CA THR E 286 22.56 6.57 11.51
C THR E 286 22.56 7.87 12.31
N ASN E 287 21.62 8.75 11.98
CA ASN E 287 21.53 10.06 12.62
C ASN E 287 21.19 9.94 14.12
N LEU E 288 20.30 9.01 14.45
CA LEU E 288 19.94 8.79 15.85
C LEU E 288 21.10 8.15 16.62
N ALA E 289 21.91 7.37 15.90
CA ALA E 289 23.04 6.69 16.53
C ALA E 289 24.15 7.68 16.88
N THR E 290 24.22 8.79 16.14
CA THR E 290 25.20 9.83 16.42
C THR E 290 24.83 10.58 17.69
N LEU E 291 23.64 10.33 18.20
CA LEU E 291 23.19 10.92 19.45
C LEU E 291 23.33 9.92 20.61
N PHE E 292 22.78 8.73 20.41
CA PHE E 292 22.66 7.75 21.48
C PHE E 292 23.99 7.07 21.83
N GLU E 293 24.91 7.00 20.89
CA GLU E 293 26.20 6.36 21.12
C GLU E 293 27.19 7.31 21.81
N ARG E 294 26.76 8.55 22.03
CA ARG E 294 27.57 9.53 22.74
C ARG E 294 27.69 9.15 24.21
N ALA E 295 26.79 8.28 24.65
CA ALA E 295 26.79 7.78 26.03
C ALA E 295 27.86 6.72 26.23
N GLY E 296 27.94 6.18 27.44
CA GLY E 296 28.94 5.20 27.79
C GLY E 296 29.99 5.76 28.73
N ARG E 297 31.00 4.97 29.05
CA ARG E 297 32.09 5.44 29.88
C ARG E 297 33.43 4.91 29.39
N ILE E 298 34.49 5.66 29.67
CA ILE E 298 35.80 5.41 29.08
C ILE E 298 36.81 4.94 30.13
N ARG E 299 37.70 4.04 29.73
CA ARG E 299 38.74 3.53 30.63
C ARG E 299 39.72 4.63 31.02
N GLY E 300 40.08 4.65 32.30
CA GLY E 300 41.05 5.61 32.80
C GLY E 300 40.45 6.99 33.01
N LEU E 301 39.13 7.07 33.06
CA LEU E 301 38.44 8.34 33.25
C LEU E 301 37.36 8.25 34.32
N LYS E 302 37.44 9.13 35.31
CA LYS E 302 36.35 9.29 36.26
C LYS E 302 35.22 10.03 35.56
N GLY E 303 33.98 9.56 35.76
CA GLY E 303 32.83 10.19 35.15
C GLY E 303 32.26 9.38 34.00
N SER E 304 31.01 9.67 33.65
CA SER E 304 30.31 8.91 32.63
C SER E 304 29.09 9.66 32.10
N VAL E 305 28.57 9.21 30.97
CA VAL E 305 27.38 9.80 30.37
C VAL E 305 26.29 8.75 30.16
N THR E 306 25.15 8.96 30.82
CA THR E 306 24.02 8.04 30.68
C THR E 306 22.84 8.77 30.05
N GLN E 307 22.21 8.15 29.07
CA GLN E 307 21.11 8.78 28.35
C GLN E 307 19.76 8.11 28.58
N ILE E 308 18.73 8.92 28.77
CA ILE E 308 17.36 8.43 28.79
C ILE E 308 16.52 9.21 27.79
N PRO E 309 16.48 8.74 26.53
CA PRO E 309 15.69 9.36 25.47
C PRO E 309 14.22 8.98 25.59
N ILE E 310 13.33 9.97 25.64
CA ILE E 310 11.91 9.67 25.78
C ILE E 310 11.14 10.05 24.52
N LEU E 311 10.37 9.10 23.99
CA LEU E 311 9.65 9.31 22.74
C LEU E 311 8.20 8.83 22.85
N THR E 312 7.36 9.39 21.99
CA THR E 312 5.98 8.96 21.89
C THR E 312 5.77 8.14 20.64
N MET E 313 5.43 6.86 20.81
CA MET E 313 5.18 5.98 19.68
C MET E 313 3.91 6.40 18.93
N PRO E 314 4.06 6.83 17.67
CA PRO E 314 2.93 7.28 16.86
C PRO E 314 1.86 6.20 16.73
N GLU E 315 0.67 6.49 17.23
CA GLU E 315 -0.44 5.53 17.24
C GLU E 315 -0.04 4.26 18.00
N ASP E 316 0.87 4.42 18.95
CA ASP E 316 1.35 3.32 19.79
C ASP E 316 1.96 2.18 18.98
N ASP E 317 2.31 2.46 17.73
CA ASP E 317 2.94 1.48 16.86
C ASP E 317 4.43 1.40 17.17
N LYS E 318 4.86 0.29 17.77
CA LYS E 318 6.26 0.12 18.12
C LYS E 318 7.09 -0.20 16.88
N THR E 319 6.41 -0.59 15.81
CA THR E 319 7.07 -0.89 14.54
C THR E 319 7.24 0.36 13.70
N HIS E 320 6.79 1.49 14.21
CA HIS E 320 7.01 2.78 13.57
C HIS E 320 8.51 3.05 13.52
N PRO E 321 8.98 3.70 12.43
CA PRO E 321 10.41 4.01 12.25
C PRO E 321 11.10 4.64 13.48
N ILE E 322 10.40 5.49 14.21
CA ILE E 322 11.04 6.18 15.33
C ILE E 322 11.31 5.26 16.52
N PRO E 323 10.28 4.54 17.03
CA PRO E 323 10.65 3.63 18.13
C PRO E 323 11.44 2.41 17.68
N ASP E 324 11.21 1.95 16.45
CA ASP E 324 11.87 0.75 15.94
C ASP E 324 13.38 0.95 15.76
N LEU E 325 13.76 2.01 15.07
CA LEU E 325 15.17 2.31 14.84
C LEU E 325 15.88 2.65 16.14
N THR E 326 15.13 3.21 17.09
CA THR E 326 15.68 3.52 18.41
C THR E 326 16.02 2.24 19.15
N GLY E 327 15.12 1.26 19.08
CA GLY E 327 15.33 -0.03 19.70
C GLY E 327 16.51 -0.77 19.11
N TYR E 328 16.82 -0.47 17.86
CA TYR E 328 17.97 -1.08 17.18
C TYR E 328 19.27 -0.44 17.62
N ILE E 329 19.17 0.65 18.38
CA ILE E 329 20.34 1.38 18.85
C ILE E 329 20.52 1.28 20.36
N THR E 330 19.44 1.54 21.10
CA THR E 330 19.51 1.63 22.56
C THR E 330 19.72 0.25 23.22
N GLU E 331 20.06 0.26 24.50
CA GLU E 331 20.32 -0.97 25.25
C GLU E 331 19.12 -1.41 26.10
N GLY E 332 17.92 -1.27 25.54
CA GLY E 332 16.72 -1.68 26.24
C GLY E 332 15.56 -0.76 25.91
N GLN E 333 14.49 -0.82 26.71
CA GLN E 333 13.33 0.03 26.50
C GLN E 333 12.39 0.01 27.70
N ILE E 334 11.86 1.17 28.07
CA ILE E 334 10.85 1.25 29.11
C ILE E 334 9.50 1.57 28.48
N ILE E 335 8.60 0.61 28.49
CA ILE E 335 7.31 0.77 27.82
C ILE E 335 6.21 1.29 28.75
N LEU E 336 5.62 2.42 28.37
CA LEU E 336 4.45 2.94 29.06
C LEU E 336 3.18 2.54 28.31
N THR E 337 2.21 2.01 29.02
CA THR E 337 0.96 1.59 28.40
C THR E 337 -0.23 2.30 29.03
N ARG E 338 -1.12 2.81 28.19
CA ARG E 338 -2.30 3.54 28.67
C ARG E 338 -3.29 2.59 29.35
N GLU E 339 -3.12 1.29 29.12
CA GLU E 339 -3.93 0.28 29.78
C GLU E 339 -3.62 0.28 31.27
N LEU E 340 -2.39 0.63 31.60
CA LEU E 340 -1.96 0.76 32.99
C LEU E 340 -2.16 2.19 33.48
N TYR E 341 -2.18 3.13 32.54
CA TYR E 341 -2.43 4.53 32.87
C TYR E 341 -3.90 4.72 33.25
N LYS E 342 -4.78 4.00 32.57
CA LYS E 342 -6.20 4.00 32.88
C LYS E 342 -6.44 3.38 34.26
N SER E 343 -5.61 2.41 34.61
CA SER E 343 -5.71 1.75 35.90
C SER E 343 -5.15 2.64 37.02
N GLY E 344 -4.54 3.75 36.63
CA GLY E 344 -4.04 4.72 37.58
C GLY E 344 -2.66 4.42 38.10
N ILE E 345 -2.02 3.41 37.53
CA ILE E 345 -0.68 3.01 37.94
C ILE E 345 0.35 4.10 37.62
N GLN E 346 1.08 4.53 38.63
CA GLN E 346 2.07 5.59 38.46
C GLN E 346 3.45 5.15 38.95
N PRO E 347 4.40 4.99 38.01
CA PRO E 347 4.22 5.18 36.57
C PRO E 347 3.60 3.96 35.89
N PRO E 348 2.91 4.18 34.76
CA PRO E 348 2.25 3.09 34.03
C PRO E 348 3.23 2.23 33.23
N ILE E 349 4.15 1.57 33.91
CA ILE E 349 5.17 0.76 33.25
C ILE E 349 4.78 -0.70 33.13
N ASP E 350 4.65 -1.18 31.91
CA ASP E 350 4.44 -2.60 31.66
C ASP E 350 5.80 -3.28 31.64
N VAL E 351 6.03 -4.17 32.59
CA VAL E 351 7.34 -4.79 32.76
C VAL E 351 7.57 -5.96 31.83
N LEU E 352 6.54 -6.32 31.06
CA LEU E 352 6.65 -7.45 30.14
C LEU E 352 7.36 -7.08 28.83
N PRO E 353 6.94 -5.99 28.16
CA PRO E 353 7.72 -5.66 26.97
C PRO E 353 8.96 -4.83 27.31
N SER E 354 8.98 -4.27 28.51
CA SER E 354 10.12 -3.47 28.97
C SER E 354 11.32 -4.37 29.22
N LEU E 355 12.51 -3.83 28.98
CA LEU E 355 13.73 -4.60 29.12
C LEU E 355 14.95 -3.71 29.29
N SER E 356 15.91 -4.20 30.06
CA SER E 356 17.25 -3.63 30.11
C SER E 356 18.22 -4.73 29.71
N ARG E 357 19.21 -4.39 28.89
CA ARG E 357 20.12 -5.41 28.38
C ARG E 357 21.40 -5.52 29.21
N LEU E 358 21.68 -4.49 29.99
CA LEU E 358 22.91 -4.43 30.75
C LEU E 358 22.65 -4.40 32.26
N LYS E 359 21.46 -4.79 32.67
CA LYS E 359 21.07 -4.72 34.08
C LYS E 359 21.92 -5.63 34.98
N ASP E 360 22.37 -6.76 34.44
CA ASP E 360 23.17 -7.71 35.20
C ASP E 360 24.50 -7.07 35.65
N LYS E 361 24.91 -6.03 34.94
CA LYS E 361 26.11 -5.28 35.31
C LYS E 361 25.79 -4.32 36.45
N GLY E 362 24.50 -4.02 36.63
CA GLY E 362 24.07 -3.05 37.62
C GLY E 362 23.59 -3.67 38.91
N THR E 363 23.15 -4.92 38.83
CA THR E 363 22.67 -5.64 40.02
C THR E 363 23.84 -6.28 40.76
N GLY E 364 23.53 -7.13 41.73
CA GLY E 364 24.56 -7.86 42.44
C GLY E 364 25.09 -7.15 43.67
N ALA E 365 25.84 -7.88 44.48
CA ALA E 365 26.39 -7.32 45.72
C ALA E 365 27.50 -6.31 45.43
N GLY E 366 27.59 -5.29 46.27
CA GLY E 366 28.59 -4.24 46.10
C GLY E 366 28.01 -3.00 45.46
N LYS E 367 27.09 -3.21 44.52
CA LYS E 367 26.41 -2.12 43.85
C LYS E 367 24.97 -2.08 44.35
N THR E 368 24.43 -3.27 44.58
CA THR E 368 23.12 -3.47 45.18
C THR E 368 23.31 -4.57 46.22
N ARG E 369 22.24 -5.11 46.79
CA ARG E 369 22.40 -6.23 47.71
C ARG E 369 22.28 -7.55 46.93
N GLU E 370 22.56 -8.65 47.61
CA GLU E 370 22.83 -9.93 46.94
C GLU E 370 21.62 -10.65 46.31
N ASP E 371 20.42 -10.24 46.65
CA ASP E 371 19.23 -10.96 46.17
C ASP E 371 18.54 -10.27 45.00
N HIS E 372 19.21 -9.28 44.43
CA HIS E 372 18.63 -8.47 43.35
C HIS E 372 18.26 -9.32 42.13
N ALA E 373 19.27 -10.01 41.58
CA ALA E 373 19.07 -10.77 40.35
C ALA E 373 18.06 -11.90 40.52
N ALA E 374 18.04 -12.51 41.70
CA ALA E 374 17.15 -13.64 41.97
C ALA E 374 15.69 -13.20 42.02
N THR E 375 15.42 -12.14 42.76
CA THR E 375 14.05 -11.64 42.91
C THR E 375 13.52 -11.07 41.60
N MET E 376 14.42 -10.52 40.79
CA MET E 376 14.04 -9.93 39.51
C MET E 376 13.44 -10.98 38.58
N ASN E 377 14.15 -12.09 38.42
CA ASN E 377 13.69 -13.17 37.55
C ASN E 377 12.40 -13.81 38.06
N GLN E 378 12.26 -13.87 39.39
CA GLN E 378 11.10 -14.51 40.00
C GLN E 378 9.86 -13.64 39.92
N LEU E 379 10.02 -12.35 40.20
CA LEU E 379 8.91 -11.41 40.14
C LEU E 379 8.35 -11.32 38.72
N PHE E 380 9.22 -11.45 37.73
CA PHE E 380 8.80 -11.40 36.34
C PHE E 380 8.03 -12.66 35.95
N ALA E 381 8.61 -13.81 36.26
CA ALA E 381 8.02 -15.10 35.89
C ALA E 381 6.64 -15.29 36.53
N ALA E 382 6.51 -14.87 37.78
CA ALA E 382 5.25 -14.99 38.49
C ALA E 382 4.21 -14.01 37.96
N TYR E 383 4.66 -12.80 37.61
CA TYR E 383 3.78 -11.78 37.08
C TYR E 383 3.24 -12.17 35.72
N ALA E 384 4.13 -12.66 34.86
CA ALA E 384 3.76 -13.12 33.53
C ALA E 384 2.74 -14.26 33.63
N GLN E 385 2.96 -15.15 34.61
CA GLN E 385 2.03 -16.23 34.85
C GLN E 385 0.75 -15.71 35.49
N GLY E 386 0.91 -14.71 36.36
CA GLY E 386 -0.23 -14.09 37.02
C GLY E 386 -1.11 -13.33 36.06
N LYS E 387 -0.48 -12.53 35.20
CA LYS E 387 -1.20 -11.79 34.16
C LYS E 387 -1.90 -12.75 33.20
N GLN E 388 -1.19 -13.80 32.81
CA GLN E 388 -1.74 -14.80 31.90
C GLN E 388 -2.89 -15.56 32.55
N ALA E 389 -2.75 -15.87 33.83
CA ALA E 389 -3.82 -16.55 34.57
C ALA E 389 -5.01 -15.62 34.74
N LYS E 390 -4.74 -14.33 34.90
CA LYS E 390 -5.78 -13.32 35.00
C LYS E 390 -6.59 -13.24 33.70
N GLU E 391 -5.89 -13.23 32.58
CA GLU E 391 -6.52 -13.17 31.27
C GLU E 391 -7.31 -14.45 31.00
N LEU E 392 -6.78 -15.59 31.44
CA LEU E 392 -7.46 -16.87 31.29
C LEU E 392 -8.68 -16.93 32.20
N ALA E 393 -8.62 -16.18 33.30
CA ALA E 393 -9.72 -16.10 34.24
C ALA E 393 -10.91 -15.35 33.63
N VAL E 394 -10.62 -14.15 33.13
CA VAL E 394 -11.65 -13.28 32.57
C VAL E 394 -12.41 -13.95 31.43
N VAL E 395 -11.70 -14.66 30.56
CA VAL E 395 -12.32 -15.30 29.40
C VAL E 395 -13.12 -16.55 29.79
N LEU E 396 -12.70 -17.23 30.87
CA LEU E 396 -13.31 -18.50 31.24
C LEU E 396 -13.97 -18.48 32.62
N GLY E 397 -14.05 -17.32 33.24
CA GLY E 397 -14.62 -17.22 34.58
C GLY E 397 -13.63 -17.63 35.64
N GLU E 398 -13.95 -17.33 36.90
CA GLU E 398 -13.03 -17.64 38.00
C GLU E 398 -13.14 -19.09 38.47
N SER E 399 -13.88 -19.89 37.70
CA SER E 399 -14.04 -21.31 38.02
C SER E 399 -12.94 -22.15 37.36
N ALA E 400 -12.54 -21.74 36.17
CA ALA E 400 -11.57 -22.49 35.37
C ALA E 400 -10.16 -22.42 35.96
N LEU E 401 -9.98 -21.54 36.94
CA LEU E 401 -8.67 -21.35 37.54
C LEU E 401 -8.34 -22.41 38.59
N SER E 402 -7.05 -22.72 38.71
CA SER E 402 -6.58 -23.61 39.75
C SER E 402 -6.52 -22.86 41.08
N ASP E 403 -6.07 -23.54 42.12
CA ASP E 403 -5.92 -22.91 43.43
C ASP E 403 -4.75 -21.92 43.40
N ILE E 404 -3.71 -22.27 42.66
CA ILE E 404 -2.52 -21.43 42.57
C ILE E 404 -2.69 -20.35 41.51
N ASP E 405 -3.52 -20.61 40.51
CA ASP E 405 -3.78 -19.63 39.47
C ASP E 405 -4.52 -18.41 40.04
N LYS E 406 -5.29 -18.66 41.09
CA LYS E 406 -6.03 -17.59 41.75
C LYS E 406 -5.10 -16.67 42.54
N ILE E 407 -4.19 -17.25 43.31
CA ILE E 407 -3.26 -16.47 44.11
C ILE E 407 -2.21 -15.80 43.22
N TYR E 408 -1.96 -16.38 42.06
CA TYR E 408 -1.03 -15.81 41.10
C TYR E 408 -1.65 -14.58 40.42
N ALA E 409 -2.94 -14.68 40.11
CA ALA E 409 -3.67 -13.55 39.54
C ALA E 409 -3.82 -12.45 40.59
N LYS E 410 -4.01 -12.87 41.84
CA LYS E 410 -4.09 -11.94 42.96
C LYS E 410 -2.72 -11.33 43.25
N PHE E 411 -1.67 -12.10 42.96
CA PHE E 411 -0.31 -11.62 43.10
C PHE E 411 -0.03 -10.47 42.14
N ALA E 412 -0.39 -10.67 40.88
CA ALA E 412 -0.15 -9.68 39.84
C ALA E 412 -0.91 -8.38 40.13
N GLU E 413 -2.05 -8.51 40.80
CA GLU E 413 -2.86 -7.36 41.17
C GLU E 413 -2.12 -6.44 42.13
N ARG E 414 -1.57 -7.02 43.20
CA ARG E 414 -0.79 -6.24 44.16
C ARG E 414 0.51 -5.76 43.56
N PHE E 415 1.03 -6.50 42.58
CA PHE E 415 2.29 -6.15 41.93
C PHE E 415 2.14 -4.84 41.15
N GLU E 416 0.97 -4.64 40.56
CA GLU E 416 0.72 -3.43 39.79
C GLU E 416 0.33 -2.26 40.70
N ASN E 417 -0.47 -2.54 41.72
CA ASN E 417 -1.03 -1.50 42.56
C ASN E 417 -0.12 -1.05 43.70
N GLU E 418 0.71 -1.96 44.21
CA GLU E 418 1.55 -1.63 45.36
C GLU E 418 3.03 -1.49 44.98
N TYR E 419 3.51 -2.42 44.16
CA TYR E 419 4.92 -2.45 43.78
C TYR E 419 5.24 -1.42 42.69
N VAL E 420 4.62 -1.58 41.53
CA VAL E 420 4.86 -0.68 40.41
C VAL E 420 4.29 0.71 40.68
N ASN E 421 3.02 0.76 41.09
CA ASN E 421 2.37 2.02 41.44
C ASN E 421 2.92 2.57 42.75
N GLN E 422 3.83 3.54 42.64
CA GLN E 422 4.46 4.14 43.81
C GLN E 422 4.09 5.61 43.94
N GLY E 423 3.91 6.28 42.81
CA GLY E 423 3.59 7.69 42.79
C GLY E 423 4.72 8.51 42.17
N PHE E 424 4.36 9.55 41.43
CA PHE E 424 5.35 10.34 40.70
C PHE E 424 6.18 11.25 41.61
N TYR E 425 5.89 11.22 42.90
CA TYR E 425 6.64 12.01 43.87
C TYR E 425 7.09 11.16 45.04
N THR E 426 7.16 9.86 44.82
CA THR E 426 7.62 8.91 45.82
C THR E 426 8.99 8.34 45.45
N ASN E 427 9.99 8.58 46.30
CA ASN E 427 11.33 8.08 46.06
C ASN E 427 11.60 6.82 46.88
N ARG E 428 11.65 5.69 46.19
CA ARG E 428 12.00 4.43 46.83
C ARG E 428 13.48 4.13 46.62
N THR E 429 14.22 3.98 47.71
CA THR E 429 15.60 3.53 47.63
C THR E 429 15.59 2.08 47.17
N ILE E 430 16.71 1.59 46.68
CA ILE E 430 16.78 0.24 46.13
C ILE E 430 16.51 -0.81 47.21
N THR E 431 16.89 -0.51 48.44
CA THR E 431 16.67 -1.41 49.57
C THR E 431 15.18 -1.55 49.86
N GLU E 432 14.47 -0.42 49.82
CA GLU E 432 13.03 -0.41 50.04
C GLU E 432 12.32 -1.18 48.92
N THR E 433 12.87 -1.07 47.70
CA THR E 433 12.32 -1.75 46.54
C THR E 433 12.42 -3.27 46.69
N LEU E 434 13.61 -3.74 47.04
CA LEU E 434 13.88 -5.17 47.17
C LEU E 434 13.11 -5.80 48.32
N ASP E 435 13.01 -5.08 49.44
CA ASP E 435 12.26 -5.57 50.59
C ASP E 435 10.78 -5.74 50.26
N LEU E 436 10.25 -4.77 49.52
CA LEU E 436 8.86 -4.82 49.08
C LEU E 436 8.63 -6.01 48.17
N GLY E 437 9.63 -6.33 47.35
CA GLY E 437 9.53 -7.45 46.43
C GLY E 437 9.36 -8.78 47.13
N TRP E 438 10.01 -8.94 48.28
CA TRP E 438 9.90 -10.17 49.05
C TRP E 438 8.53 -10.33 49.68
N GLU E 439 7.95 -9.21 50.11
CA GLU E 439 6.63 -9.23 50.73
C GLU E 439 5.55 -9.62 49.72
N LEU E 440 5.89 -9.56 48.44
CA LEU E 440 4.98 -9.98 47.38
C LEU E 440 5.24 -11.43 46.98
N LEU E 441 6.48 -11.89 47.16
CA LEU E 441 6.82 -13.27 46.89
C LEU E 441 6.30 -14.19 47.99
N ALA E 442 6.05 -13.61 49.16
CA ALA E 442 5.52 -14.34 50.29
C ALA E 442 4.09 -14.82 50.02
N MET E 443 3.42 -14.13 49.09
CA MET E 443 2.08 -14.52 48.67
C MET E 443 2.08 -15.90 48.04
N LEU E 444 3.19 -16.25 47.40
CA LEU E 444 3.32 -17.55 46.74
C LEU E 444 3.96 -18.57 47.67
N PRO E 445 3.61 -19.84 47.50
CA PRO E 445 4.25 -20.90 48.29
C PRO E 445 5.73 -21.05 47.93
N ARG E 446 6.55 -21.34 48.92
CA ARG E 446 8.00 -21.45 48.75
C ARG E 446 8.39 -22.45 47.66
N THR E 447 7.57 -23.48 47.51
CA THR E 447 7.83 -24.54 46.53
C THR E 447 7.75 -24.04 45.09
N GLU E 448 7.03 -22.93 44.88
CA GLU E 448 6.84 -22.39 43.54
C GLU E 448 7.99 -21.49 43.10
N LEU E 449 8.77 -21.01 44.06
CA LEU E 449 9.88 -20.12 43.76
C LEU E 449 11.09 -20.90 43.27
N LYS E 450 10.96 -21.50 42.08
CA LYS E 450 12.01 -22.34 41.52
C LYS E 450 13.23 -21.53 41.07
N ARG E 451 13.00 -20.25 40.77
CA ARG E 451 14.06 -19.40 40.22
C ARG E 451 15.02 -18.89 41.30
N ILE E 452 14.71 -19.19 42.56
CA ILE E 452 15.55 -18.75 43.67
C ILE E 452 16.10 -19.94 44.44
N LYS E 453 17.40 -19.95 44.68
CA LYS E 453 18.02 -21.00 45.48
C LYS E 453 17.64 -20.85 46.94
N ASP E 454 17.75 -21.95 47.69
CA ASP E 454 17.23 -22.01 49.05
C ASP E 454 17.97 -21.11 50.04
N ASP E 455 19.26 -20.88 49.80
CA ASP E 455 20.05 -20.06 50.73
C ASP E 455 19.54 -18.62 50.78
N LEU E 456 19.19 -18.08 49.63
CA LEU E 456 18.60 -16.74 49.58
C LEU E 456 17.21 -16.74 50.20
N LEU E 457 16.46 -17.80 49.95
CA LEU E 457 15.10 -17.93 50.48
C LEU E 457 15.09 -17.99 52.01
N ASP E 458 16.03 -18.74 52.58
CA ASP E 458 16.12 -18.87 54.02
C ASP E 458 16.48 -17.56 54.70
N LYS E 459 17.10 -16.65 53.95
CA LYS E 459 17.64 -15.42 54.52
C LYS E 459 16.66 -14.24 54.47
N TYR E 460 15.93 -14.12 53.36
CA TYR E 460 15.12 -12.93 53.14
C TYR E 460 13.61 -13.16 53.15
N LEU E 461 13.18 -14.35 52.75
CA LEU E 461 11.76 -14.66 52.63
C LEU E 461 11.06 -14.69 53.99
N PRO E 462 10.01 -13.86 54.16
CA PRO E 462 9.20 -13.84 55.38
C PRO E 462 8.44 -15.15 55.59
N MET F 8 40.09 -2.15 -38.51
CA MET F 8 41.22 -1.93 -39.41
C MET F 8 42.66 -1.74 -38.82
N ILE F 9 42.90 -1.68 -37.50
CA ILE F 9 41.95 -1.80 -36.40
C ILE F 9 41.48 -0.43 -35.92
N LYS F 10 40.25 -0.38 -35.41
CA LYS F 10 39.65 0.87 -34.97
C LYS F 10 39.79 1.05 -33.47
N GLU F 11 40.63 1.99 -33.06
CA GLU F 11 40.90 2.20 -31.63
C GLU F 11 41.07 3.68 -31.31
N TYR F 12 40.43 4.11 -30.22
CA TYR F 12 40.56 5.49 -29.75
C TYR F 12 41.14 5.53 -28.34
N ARG F 13 41.95 6.55 -28.07
CA ARG F 13 42.55 6.70 -26.75
C ARG F 13 41.92 7.86 -26.00
N THR F 14 40.67 8.17 -26.33
CA THR F 14 39.99 9.34 -25.77
C THR F 14 38.77 8.98 -24.94
N ILE F 15 39.00 8.47 -23.74
CA ILE F 15 37.92 8.17 -22.82
C ILE F 15 37.58 9.39 -21.97
N LYS F 16 36.34 9.86 -22.10
CA LYS F 16 35.91 11.07 -21.41
C LYS F 16 35.49 10.78 -19.96
N GLU F 17 34.61 9.81 -19.79
CA GLU F 17 34.08 9.50 -18.47
C GLU F 17 34.04 8.00 -18.16
N VAL F 18 34.22 7.66 -16.90
CA VAL F 18 34.00 6.29 -16.41
C VAL F 18 33.19 6.35 -15.12
N VAL F 19 31.90 6.04 -15.23
CA VAL F 19 30.99 6.10 -14.09
C VAL F 19 30.23 4.78 -13.94
N GLY F 20 30.66 3.97 -12.98
CA GLY F 20 30.06 2.67 -12.76
C GLY F 20 30.34 1.75 -13.93
N PRO F 21 29.28 1.10 -14.46
CA PRO F 21 29.41 0.20 -15.60
C PRO F 21 29.45 0.94 -16.93
N LEU F 22 29.19 2.25 -16.90
CA LEU F 22 29.11 3.03 -18.13
C LEU F 22 30.42 3.78 -18.40
N MET F 23 30.72 3.97 -19.68
CA MET F 23 31.95 4.63 -20.08
C MET F 23 31.71 5.55 -21.29
N ALA F 24 32.22 6.78 -21.20
CA ALA F 24 32.00 7.76 -22.25
C ALA F 24 33.24 7.96 -23.11
N VAL F 25 33.11 7.69 -24.41
CA VAL F 25 34.22 7.88 -25.34
C VAL F 25 33.85 8.95 -26.37
N GLU F 26 34.67 10.00 -26.45
CA GLU F 26 34.39 11.10 -27.37
C GLU F 26 35.41 11.19 -28.50
N LYS F 27 35.16 12.11 -29.42
CA LYS F 27 36.03 12.33 -30.59
C LYS F 27 36.19 11.06 -31.43
N VAL F 28 35.13 10.23 -31.44
CA VAL F 28 35.10 9.05 -32.29
C VAL F 28 34.35 9.34 -33.58
N SER F 29 34.35 8.38 -34.49
CA SER F 29 33.63 8.52 -35.75
C SER F 29 33.43 7.16 -36.41
N GLY F 30 32.24 6.92 -36.93
CA GLY F 30 31.93 5.67 -37.60
C GLY F 30 31.59 4.55 -36.64
N VAL F 31 31.01 4.91 -35.49
CA VAL F 31 30.60 3.93 -34.51
C VAL F 31 29.11 3.62 -34.69
N LYS F 32 28.75 2.35 -34.51
CA LYS F 32 27.37 1.92 -34.71
C LYS F 32 26.69 1.51 -33.40
N TYR F 33 25.37 1.38 -33.45
CA TYR F 33 24.60 1.00 -32.28
C TYR F 33 24.79 -0.49 -31.95
N GLU F 34 24.84 -0.80 -30.65
CA GLU F 34 25.04 -2.16 -30.16
C GLU F 34 26.35 -2.80 -30.65
N GLU F 35 27.32 -1.97 -31.03
CA GLU F 35 28.59 -2.49 -31.52
C GLU F 35 29.43 -3.03 -30.38
N LEU F 36 30.00 -4.22 -30.58
CA LEU F 36 30.86 -4.84 -29.57
C LEU F 36 32.20 -4.11 -29.51
N ILE F 37 32.62 -3.75 -28.30
CA ILE F 37 33.89 -3.06 -28.13
C ILE F 37 34.82 -3.82 -27.18
N GLU F 38 36.07 -3.37 -27.11
CA GLU F 38 37.03 -3.91 -26.16
C GLU F 38 37.86 -2.82 -25.50
N VAL F 39 37.69 -2.67 -24.19
CA VAL F 39 38.52 -1.76 -23.43
C VAL F 39 39.83 -2.46 -23.07
N ARG F 40 40.95 -1.81 -23.39
CA ARG F 40 42.23 -2.31 -22.91
C ARG F 40 42.85 -1.30 -21.96
N MET F 41 43.09 -1.73 -20.73
CA MET F 41 43.53 -0.83 -19.68
C MET F 41 45.05 -0.63 -19.73
N GLN F 42 45.52 0.31 -18.92
CA GLN F 42 46.94 0.68 -18.90
C GLN F 42 47.84 -0.49 -18.52
N ASN F 43 47.28 -1.47 -17.82
CA ASN F 43 48.03 -2.65 -17.42
C ASN F 43 48.13 -3.67 -18.55
N GLY F 44 47.15 -3.67 -19.44
CA GLY F 44 47.13 -4.57 -20.58
C GLY F 44 45.91 -5.47 -20.61
N GLU F 45 45.10 -5.39 -19.57
CA GLU F 45 43.90 -6.21 -19.43
C GLU F 45 42.84 -5.85 -20.47
N ILE F 46 42.20 -6.86 -21.05
CA ILE F 46 41.14 -6.65 -22.03
C ILE F 46 39.76 -6.85 -21.42
N ARG F 47 38.91 -5.84 -21.53
CA ARG F 47 37.53 -5.94 -21.03
C ARG F 47 36.53 -5.59 -22.13
N ARG F 48 35.70 -6.57 -22.50
CA ARG F 48 34.72 -6.37 -23.55
C ARG F 48 33.60 -5.44 -23.12
N GLY F 49 32.91 -4.86 -24.10
CA GLY F 49 31.82 -3.95 -23.84
C GLY F 49 30.92 -3.78 -25.04
N GLN F 50 29.78 -3.12 -24.84
CA GLN F 50 28.81 -2.91 -25.91
C GLN F 50 28.35 -1.47 -25.97
N VAL F 51 28.19 -0.94 -27.18
CA VAL F 51 27.71 0.42 -27.38
C VAL F 51 26.23 0.53 -27.05
N LEU F 52 25.89 1.45 -26.15
CA LEU F 52 24.50 1.64 -25.74
C LEU F 52 23.85 2.82 -26.47
N GLU F 53 24.66 3.81 -26.81
CA GLU F 53 24.15 5.05 -27.40
C GLU F 53 25.29 5.83 -28.05
N VAL F 54 25.08 6.26 -29.29
CA VAL F 54 26.09 7.04 -30.00
C VAL F 54 25.49 8.30 -30.62
N GLN F 55 25.99 9.46 -30.18
CA GLN F 55 25.56 10.73 -30.73
C GLN F 55 26.77 11.59 -31.12
N GLU F 56 26.73 12.13 -32.34
CA GLU F 56 27.81 12.94 -32.88
C GLU F 56 29.15 12.23 -32.78
N ASP F 57 30.13 12.89 -32.16
CA ASP F 57 31.46 12.30 -32.01
C ASP F 57 31.61 11.63 -30.65
N LYS F 58 30.49 11.33 -30.01
CA LYS F 58 30.49 10.73 -28.69
C LYS F 58 29.80 9.37 -28.70
N ALA F 59 30.09 8.54 -27.70
CA ALA F 59 29.50 7.21 -27.61
C ALA F 59 29.54 6.67 -26.19
N MET F 60 28.39 6.23 -25.69
CA MET F 60 28.30 5.60 -24.38
C MET F 60 28.36 4.09 -24.51
N VAL F 61 29.17 3.46 -23.66
CA VAL F 61 29.32 2.01 -23.72
C VAL F 61 29.17 1.36 -22.34
N GLN F 62 28.64 0.15 -22.32
CA GLN F 62 28.53 -0.62 -21.09
C GLN F 62 29.66 -1.66 -21.04
N ILE F 63 30.36 -1.71 -19.91
CA ILE F 63 31.47 -2.65 -19.77
C ILE F 63 31.05 -3.87 -18.96
N PHE F 64 31.19 -5.04 -19.56
CA PHE F 64 30.74 -6.28 -18.93
C PHE F 64 31.55 -6.63 -17.68
N GLU F 65 32.87 -6.72 -17.84
CA GLU F 65 33.74 -7.17 -16.75
C GLU F 65 33.90 -6.14 -15.63
N GLY F 66 33.34 -4.95 -15.82
CA GLY F 66 33.43 -3.91 -14.81
C GLY F 66 34.51 -2.90 -15.11
N THR F 67 34.55 -1.83 -14.33
CA THR F 67 35.50 -0.74 -14.58
C THR F 67 36.44 -0.48 -13.40
N SER F 68 36.86 -1.55 -12.74
CA SER F 68 37.78 -1.43 -11.62
C SER F 68 39.22 -1.17 -12.08
N GLY F 69 39.86 -0.19 -11.46
CA GLY F 69 41.26 0.10 -11.72
C GLY F 69 41.57 0.60 -13.12
N ILE F 70 40.63 1.33 -13.71
CA ILE F 70 40.86 1.90 -15.04
C ILE F 70 41.41 3.32 -14.96
N ASN F 71 42.53 3.56 -15.64
CA ASN F 71 43.03 4.91 -15.82
C ASN F 71 42.56 5.47 -17.15
N LEU F 72 41.75 6.53 -17.08
CA LEU F 72 41.10 7.08 -18.27
C LEU F 72 42.07 7.54 -19.35
N LYS F 73 43.06 8.33 -18.95
CA LYS F 73 43.98 8.93 -19.90
C LYS F 73 44.85 7.90 -20.62
N ASN F 74 45.27 6.86 -19.89
CA ASN F 74 46.19 5.86 -20.45
C ASN F 74 45.49 4.62 -20.98
N SER F 75 44.17 4.61 -20.99
CA SER F 75 43.42 3.48 -21.53
C SER F 75 42.83 3.82 -22.89
N SER F 76 42.69 2.80 -23.75
CA SER F 76 42.13 2.98 -25.07
C SER F 76 40.94 2.06 -25.29
N VAL F 77 40.10 2.40 -26.26
CA VAL F 77 38.91 1.62 -26.55
C VAL F 77 38.87 1.18 -28.01
N ARG F 78 38.84 -0.12 -28.23
CA ARG F 78 38.80 -0.69 -29.57
C ARG F 78 37.36 -0.94 -30.02
N PHE F 79 37.05 -0.56 -31.25
CA PHE F 79 35.72 -0.80 -31.80
C PHE F 79 35.77 -1.92 -32.84
N LEU F 80 35.22 -3.06 -32.48
CA LEU F 80 35.38 -4.29 -33.27
C LEU F 80 34.62 -4.29 -34.59
N GLY F 81 33.70 -3.33 -34.75
CA GLY F 81 32.99 -3.18 -36.01
C GLY F 81 31.90 -4.20 -36.26
N HIS F 82 31.44 -4.86 -35.20
CA HIS F 82 30.38 -5.85 -35.30
C HIS F 82 29.67 -5.99 -33.96
N PRO F 83 28.38 -6.39 -33.98
CA PRO F 83 27.65 -6.55 -32.72
C PRO F 83 28.15 -7.73 -31.90
N LEU F 84 27.64 -7.87 -30.68
CA LEU F 84 28.01 -9.00 -29.83
C LEU F 84 27.53 -10.30 -30.45
N GLN F 85 28.48 -11.13 -30.88
CA GLN F 85 28.15 -12.35 -31.60
C GLN F 85 28.84 -13.58 -31.03
N LEU F 86 28.24 -14.75 -31.27
CA LEU F 86 28.75 -16.01 -30.76
C LEU F 86 29.37 -16.85 -31.88
N GLY F 87 30.51 -17.47 -31.58
CA GLY F 87 31.14 -18.39 -32.51
C GLY F 87 30.56 -19.77 -32.39
N VAL F 88 29.71 -20.14 -33.35
CA VAL F 88 28.98 -21.40 -33.29
C VAL F 88 29.75 -22.53 -33.95
N SER F 89 29.43 -23.76 -33.52
CA SER F 89 30.08 -24.96 -34.03
C SER F 89 29.34 -26.21 -33.57
N GLU F 90 29.69 -27.35 -34.15
CA GLU F 90 29.13 -28.63 -33.72
C GLU F 90 29.94 -29.15 -32.54
N ASP F 91 31.15 -28.63 -32.40
CA ASP F 91 32.05 -29.03 -31.31
C ASP F 91 31.60 -28.49 -29.96
N MET F 92 30.64 -27.57 -29.98
CA MET F 92 30.12 -26.97 -28.75
C MET F 92 29.49 -28.00 -27.83
N ILE F 93 28.95 -29.06 -28.42
CA ILE F 93 28.32 -30.13 -27.65
C ILE F 93 29.36 -30.87 -26.81
N GLY F 94 29.13 -30.93 -25.50
CA GLY F 94 30.06 -31.56 -24.60
C GLY F 94 30.99 -30.54 -23.95
N ARG F 95 30.79 -29.28 -24.30
CA ARG F 95 31.63 -28.20 -23.80
C ARG F 95 30.83 -27.26 -22.91
N VAL F 96 31.52 -26.51 -22.06
CA VAL F 96 30.88 -25.50 -21.22
C VAL F 96 31.60 -24.16 -21.33
N PHE F 97 30.84 -23.11 -21.62
CA PHE F 97 31.40 -21.78 -21.82
C PHE F 97 30.99 -20.84 -20.69
N ASP F 98 31.57 -19.64 -20.69
CA ASP F 98 31.23 -18.65 -19.67
C ASP F 98 30.01 -17.83 -20.09
N GLY F 99 29.81 -16.68 -19.45
CA GLY F 99 28.69 -15.82 -19.76
C GLY F 99 28.79 -15.19 -21.14
N LEU F 100 29.99 -15.17 -21.70
CA LEU F 100 30.21 -14.55 -23.01
C LEU F 100 30.68 -15.56 -24.06
N GLY F 101 30.41 -16.84 -23.80
CA GLY F 101 30.70 -17.88 -24.77
C GLY F 101 32.16 -18.30 -24.85
N ARG F 102 32.95 -17.91 -23.86
CA ARG F 102 34.36 -18.30 -23.82
C ARG F 102 34.54 -19.61 -23.06
N PRO F 103 35.39 -20.50 -23.59
CA PRO F 103 35.64 -21.83 -23.02
C PRO F 103 36.07 -21.80 -21.55
N LYS F 104 35.50 -22.68 -20.75
CA LYS F 104 35.79 -22.74 -19.32
C LYS F 104 36.18 -24.15 -18.91
N ASP F 105 36.09 -25.08 -19.86
CA ASP F 105 36.30 -26.50 -19.58
C ASP F 105 37.73 -26.99 -19.81
N ASN F 106 38.60 -26.08 -20.23
CA ASN F 106 39.97 -26.40 -20.65
C ASN F 106 40.02 -27.26 -21.91
N GLY F 107 38.92 -27.29 -22.66
CA GLY F 107 38.88 -28.04 -23.91
C GLY F 107 39.73 -27.41 -24.99
N PRO F 108 39.87 -28.10 -26.13
CA PRO F 108 40.71 -27.61 -27.23
C PRO F 108 40.13 -26.35 -27.88
N GLU F 109 40.98 -25.56 -28.52
CA GLU F 109 40.51 -24.35 -29.19
C GLU F 109 39.55 -24.70 -30.31
N ILE F 110 38.35 -24.12 -30.25
CA ILE F 110 37.31 -24.40 -31.22
C ILE F 110 37.49 -23.58 -32.49
N LEU F 111 37.42 -24.26 -33.64
CA LEU F 111 37.36 -23.62 -34.94
C LEU F 111 35.91 -23.28 -35.25
N PRO F 112 35.50 -22.03 -34.98
CA PRO F 112 34.09 -21.69 -35.07
C PRO F 112 33.57 -21.71 -36.51
N GLU F 113 32.36 -22.23 -36.68
CA GLU F 113 31.74 -22.36 -37.98
C GLU F 113 31.35 -21.01 -38.55
N LYS F 114 30.44 -20.32 -37.87
CA LYS F 114 30.03 -18.96 -38.26
C LYS F 114 30.04 -18.04 -37.04
N TYR F 115 29.87 -16.75 -37.28
CA TYR F 115 29.68 -15.78 -36.20
C TYR F 115 28.27 -15.21 -36.28
N LEU F 116 27.43 -15.57 -35.33
CA LEU F 116 26.02 -15.17 -35.36
C LEU F 116 25.70 -14.09 -34.32
N ASP F 117 25.08 -13.01 -34.78
CA ASP F 117 24.57 -11.97 -33.90
C ASP F 117 23.58 -12.57 -32.90
N ILE F 118 23.87 -12.40 -31.61
CA ILE F 118 23.11 -13.09 -30.56
C ILE F 118 21.67 -12.59 -30.45
N ASN F 119 21.38 -11.44 -31.05
CA ASN F 119 20.00 -10.94 -31.08
C ASN F 119 19.12 -11.77 -32.00
N GLY F 120 19.73 -12.32 -33.05
CA GLY F 120 19.02 -13.16 -34.00
C GLY F 120 17.97 -12.40 -34.77
N GLU F 121 16.93 -13.10 -35.19
CA GLU F 121 15.85 -12.48 -35.95
C GLU F 121 14.50 -13.10 -35.58
N VAL F 122 13.43 -12.36 -35.84
CA VAL F 122 12.08 -12.83 -35.53
C VAL F 122 11.62 -13.86 -36.56
N ILE F 123 11.18 -15.02 -36.08
CA ILE F 123 10.68 -16.07 -36.95
C ILE F 123 9.39 -15.63 -37.65
N ASN F 124 9.41 -15.64 -38.98
CA ASN F 124 8.23 -15.32 -39.77
C ASN F 124 7.11 -16.31 -39.49
N PRO F 125 5.98 -15.82 -38.96
CA PRO F 125 4.80 -16.62 -38.62
C PRO F 125 4.39 -17.62 -39.71
N ILE F 126 4.48 -17.20 -40.97
CA ILE F 126 4.11 -18.07 -42.08
C ILE F 126 5.05 -19.29 -42.15
N ALA F 127 6.31 -19.07 -41.79
CA ALA F 127 7.30 -20.15 -41.79
C ALA F 127 7.24 -20.97 -40.51
N ARG F 128 6.74 -20.36 -39.45
CA ARG F 128 6.60 -21.02 -38.16
C ARG F 128 5.40 -21.95 -38.15
N ASP F 129 5.64 -23.26 -38.02
CA ASP F 129 4.52 -24.20 -37.95
C ASP F 129 4.28 -24.63 -36.51
N TYR F 130 3.02 -24.96 -36.22
CA TYR F 130 2.54 -25.17 -34.85
C TYR F 130 3.16 -26.38 -34.15
N PRO F 131 3.46 -26.23 -32.85
CA PRO F 131 3.92 -27.33 -32.01
C PRO F 131 2.76 -28.22 -31.56
N ASP F 132 2.81 -29.49 -31.92
CA ASP F 132 1.71 -30.40 -31.60
C ASP F 132 2.21 -31.73 -31.05
N GLU F 133 3.52 -31.90 -31.05
CA GLU F 133 4.14 -33.15 -30.60
C GLU F 133 4.22 -33.23 -29.09
N PHE F 134 3.34 -34.05 -28.50
CA PHE F 134 3.33 -34.27 -27.06
C PHE F 134 4.68 -34.75 -26.53
N ILE F 135 5.13 -34.17 -25.42
CA ILE F 135 6.36 -34.62 -24.77
C ILE F 135 6.07 -35.35 -23.47
N GLN F 136 6.57 -36.58 -23.36
CA GLN F 136 6.52 -37.30 -22.09
C GLN F 136 7.64 -36.80 -21.19
N THR F 137 7.26 -36.20 -20.06
CA THR F 137 8.24 -35.62 -19.15
C THR F 137 8.49 -36.52 -17.94
N GLY F 138 7.61 -37.50 -17.74
CA GLY F 138 7.72 -38.38 -16.59
C GLY F 138 6.95 -37.85 -15.40
N ILE F 139 6.80 -36.52 -15.34
CA ILE F 139 6.02 -35.88 -14.29
C ILE F 139 4.56 -35.80 -14.72
N SER F 140 3.68 -36.38 -13.92
CA SER F 140 2.27 -36.52 -14.26
C SER F 140 1.53 -35.19 -14.25
N ALA F 141 1.86 -34.31 -13.31
CA ALA F 141 1.22 -33.02 -13.20
C ALA F 141 1.48 -32.17 -14.45
N ILE F 142 2.58 -32.46 -15.13
CA ILE F 142 2.92 -31.79 -16.37
C ILE F 142 2.35 -32.53 -17.57
N ASP F 143 2.75 -33.79 -17.73
CA ASP F 143 2.35 -34.60 -18.89
C ASP F 143 0.84 -34.58 -19.15
N HIS F 144 0.06 -34.88 -18.12
CA HIS F 144 -1.37 -35.04 -18.27
C HIS F 144 -2.17 -33.75 -18.13
N LEU F 145 -1.94 -33.04 -17.03
CA LEU F 145 -2.81 -31.93 -16.65
C LEU F 145 -2.40 -30.58 -17.26
N ASN F 146 -1.10 -30.33 -17.39
CA ASN F 146 -0.61 -29.12 -18.04
C ASN F 146 0.44 -29.46 -19.08
N THR F 147 -0.02 -30.01 -20.20
CA THR F 147 0.81 -30.68 -21.21
C THR F 147 1.96 -29.84 -21.77
N LEU F 148 3.10 -30.49 -22.00
CA LEU F 148 4.25 -29.87 -22.65
C LEU F 148 4.51 -30.50 -24.01
N VAL F 149 4.63 -29.66 -25.04
CA VAL F 149 4.96 -30.13 -26.39
C VAL F 149 6.31 -29.56 -26.81
N ARG F 150 6.89 -30.09 -27.88
CA ARG F 150 8.20 -29.61 -28.32
C ARG F 150 8.07 -28.37 -29.20
N GLY F 151 8.88 -27.36 -28.90
CA GLY F 151 8.79 -26.07 -29.55
C GLY F 151 8.06 -25.08 -28.66
N GLN F 152 7.71 -25.54 -27.46
CA GLN F 152 6.94 -24.73 -26.52
C GLN F 152 7.83 -23.94 -25.57
N LYS F 153 7.35 -22.77 -25.16
CA LYS F 153 8.02 -21.97 -24.14
C LYS F 153 7.25 -22.04 -22.82
N LEU F 154 7.55 -23.07 -22.03
CA LEU F 154 6.84 -23.29 -20.77
C LEU F 154 7.78 -23.13 -19.58
N PRO F 155 7.63 -22.02 -18.84
CA PRO F 155 8.52 -21.65 -17.74
C PRO F 155 8.12 -22.27 -16.39
N VAL F 156 9.04 -22.21 -15.44
CA VAL F 156 8.77 -22.66 -14.07
C VAL F 156 8.76 -21.47 -13.12
N PHE F 157 7.64 -21.25 -12.45
CA PHE F 157 7.53 -20.16 -11.48
C PHE F 157 7.78 -20.69 -10.07
N SER F 158 8.91 -20.31 -9.51
CA SER F 158 9.31 -20.81 -8.19
C SER F 158 9.67 -19.68 -7.23
N GLY F 159 10.27 -20.05 -6.11
CA GLY F 159 10.72 -19.08 -5.12
C GLY F 159 12.03 -19.50 -4.51
N SER F 160 12.71 -18.56 -3.86
CA SER F 160 13.97 -18.85 -3.20
C SER F 160 13.77 -19.84 -2.06
N GLY F 161 14.52 -20.95 -2.12
CA GLY F 161 14.39 -22.00 -1.14
C GLY F 161 13.60 -23.18 -1.69
N LEU F 162 12.72 -22.90 -2.65
CA LEU F 162 11.93 -23.93 -3.29
C LEU F 162 12.76 -24.75 -4.27
N PRO F 163 12.47 -26.05 -4.38
CA PRO F 163 13.25 -26.99 -5.20
C PRO F 163 12.91 -26.94 -6.69
N HIS F 164 13.25 -25.85 -7.37
CA HIS F 164 12.99 -25.75 -8.80
C HIS F 164 14.10 -26.42 -9.61
N LYS F 165 15.30 -26.46 -9.06
CA LYS F 165 16.43 -27.07 -9.73
C LYS F 165 16.22 -28.58 -9.89
N GLU F 166 15.54 -29.19 -8.93
CA GLU F 166 15.25 -30.62 -8.98
C GLU F 166 14.23 -30.94 -10.07
N LEU F 167 13.21 -30.10 -10.18
CA LEU F 167 12.16 -30.30 -11.18
C LEU F 167 12.74 -30.17 -12.59
N ALA F 168 13.66 -29.23 -12.77
CA ALA F 168 14.33 -29.06 -14.04
C ALA F 168 15.20 -30.25 -14.38
N ALA F 169 16.01 -30.67 -13.42
CA ALA F 169 16.91 -31.81 -13.59
C ALA F 169 16.14 -33.08 -13.88
N GLN F 170 14.98 -33.23 -13.25
CA GLN F 170 14.12 -34.40 -13.48
C GLN F 170 13.61 -34.41 -14.91
N ILE F 171 13.04 -33.29 -15.35
CA ILE F 171 12.55 -33.16 -16.71
C ILE F 171 13.67 -33.40 -17.71
N ALA F 172 14.83 -32.80 -17.45
CA ALA F 172 15.97 -32.84 -18.37
C ALA F 172 16.40 -34.26 -18.75
N ARG F 173 16.26 -35.20 -17.83
CA ARG F 173 16.70 -36.57 -18.09
C ARG F 173 15.52 -37.49 -18.39
N GLN F 174 14.33 -37.12 -17.91
CA GLN F 174 13.13 -37.90 -18.18
C GLN F 174 12.42 -37.36 -19.43
N ALA F 175 13.14 -36.62 -20.26
CA ALA F 175 12.58 -36.02 -21.46
C ALA F 175 12.80 -36.89 -22.68
N THR F 176 11.70 -37.43 -23.21
CA THR F 176 11.72 -38.17 -24.46
C THR F 176 10.32 -38.12 -25.06
N VAL F 177 10.23 -37.95 -26.38
CA VAL F 177 8.95 -37.89 -27.06
C VAL F 177 8.52 -39.28 -27.54
N LEU F 178 7.24 -39.59 -27.44
CA LEU F 178 6.72 -40.84 -27.97
C LEU F 178 6.83 -40.86 -29.48
N ASP F 179 6.65 -42.05 -30.07
CA ASP F 179 6.71 -42.23 -31.52
C ASP F 179 8.03 -41.77 -32.13
N SER F 180 9.10 -41.88 -31.35
CA SER F 180 10.42 -41.44 -31.81
C SER F 180 11.56 -41.96 -30.94
N SER F 181 12.77 -41.91 -31.48
CA SER F 181 13.98 -42.22 -30.73
C SER F 181 14.80 -40.95 -30.54
N ASP F 182 14.19 -39.82 -30.86
CA ASP F 182 14.84 -38.52 -30.76
C ASP F 182 15.17 -38.17 -29.32
N ASP F 183 16.45 -38.17 -28.99
CA ASP F 183 16.91 -37.77 -27.66
C ASP F 183 17.25 -36.28 -27.66
N PHE F 184 16.73 -35.56 -26.66
CA PHE F 184 16.96 -34.13 -26.56
C PHE F 184 18.44 -33.80 -26.36
N ALA F 185 18.91 -32.79 -27.08
CA ALA F 185 20.23 -32.22 -26.84
C ALA F 185 20.07 -30.89 -26.13
N VAL F 186 20.04 -30.92 -24.81
CA VAL F 186 19.71 -29.75 -24.02
C VAL F 186 20.82 -28.68 -24.03
N VAL F 187 20.42 -27.45 -23.74
CA VAL F 187 21.38 -26.36 -23.55
C VAL F 187 21.03 -25.64 -22.24
N PHE F 188 22.04 -25.41 -21.41
CA PHE F 188 21.80 -24.85 -20.09
C PHE F 188 22.47 -23.49 -19.90
N ALA F 189 21.67 -22.49 -19.54
CA ALA F 189 22.18 -21.16 -19.28
C ALA F 189 22.09 -20.82 -17.79
N ALA F 190 23.25 -20.73 -17.15
CA ALA F 190 23.30 -20.36 -15.73
C ALA F 190 23.43 -18.85 -15.59
N ILE F 191 22.47 -18.25 -14.89
CA ILE F 191 22.43 -16.79 -14.77
C ILE F 191 22.45 -16.32 -13.33
N GLY F 192 23.62 -15.89 -12.87
CA GLY F 192 23.76 -15.30 -11.55
C GLY F 192 23.55 -16.25 -10.39
N ILE F 193 23.36 -17.53 -10.68
CA ILE F 193 23.12 -18.52 -9.64
C ILE F 193 24.39 -18.84 -8.87
N THR F 194 24.25 -19.53 -7.75
CA THR F 194 25.38 -19.88 -6.90
C THR F 194 26.06 -21.16 -7.38
N PHE F 195 27.24 -21.43 -6.81
CA PHE F 195 28.01 -22.62 -7.16
C PHE F 195 27.26 -23.90 -6.86
N GLU F 196 26.68 -23.98 -5.66
CA GLU F 196 25.96 -25.17 -5.22
C GLU F 196 24.74 -25.45 -6.08
N GLU F 197 24.07 -24.39 -6.52
CA GLU F 197 22.89 -24.52 -7.35
C GLU F 197 23.27 -24.92 -8.76
N ALA F 198 24.46 -24.50 -9.19
CA ALA F 198 24.97 -24.84 -10.51
C ALA F 198 25.53 -26.26 -10.52
N GLU F 199 26.27 -26.60 -9.47
CA GLU F 199 26.89 -27.92 -9.36
C GLU F 199 25.84 -29.02 -9.33
N PHE F 200 24.64 -28.68 -8.87
CA PHE F 200 23.53 -29.64 -8.86
C PHE F 200 23.22 -30.11 -10.29
N PHE F 201 22.97 -29.16 -11.18
CA PHE F 201 22.76 -29.45 -12.58
C PHE F 201 23.99 -30.13 -13.18
N MET F 202 25.16 -29.61 -12.83
CA MET F 202 26.43 -30.10 -13.35
C MET F 202 26.65 -31.57 -13.03
N GLU F 203 26.64 -31.89 -11.74
CA GLU F 203 26.83 -33.26 -11.26
C GLU F 203 25.76 -34.21 -11.81
N ASP F 204 24.51 -33.75 -11.82
CA ASP F 204 23.41 -34.56 -12.31
C ASP F 204 23.61 -34.93 -13.77
N PHE F 205 24.21 -34.04 -14.54
CA PHE F 205 24.48 -34.28 -15.94
C PHE F 205 25.59 -35.29 -16.16
N ARG F 206 26.51 -35.36 -15.21
CA ARG F 206 27.68 -36.22 -15.34
C ARG F 206 27.36 -37.69 -15.08
N GLN F 207 26.28 -37.95 -14.34
CA GLN F 207 25.91 -39.32 -14.03
C GLN F 207 24.60 -39.72 -14.72
N THR F 208 24.11 -38.85 -15.60
CA THR F 208 23.06 -39.23 -16.53
C THR F 208 23.68 -39.22 -17.93
N GLY F 209 24.92 -38.74 -17.99
CA GLY F 209 25.68 -38.72 -19.22
C GLY F 209 25.22 -37.68 -20.22
N ALA F 210 24.37 -36.76 -19.77
CA ALA F 210 23.81 -35.74 -20.65
C ALA F 210 24.78 -34.60 -20.89
N ILE F 211 25.90 -34.60 -20.16
CA ILE F 211 26.91 -33.57 -20.34
C ILE F 211 27.63 -33.79 -21.67
N ASP F 212 27.62 -35.03 -22.15
CA ASP F 212 28.19 -35.37 -23.45
C ASP F 212 27.22 -35.01 -24.57
N ARG F 213 25.97 -34.77 -24.21
CA ARG F 213 24.93 -34.46 -25.19
C ARG F 213 24.44 -33.03 -25.06
N SER F 214 25.23 -32.18 -24.41
CA SER F 214 24.78 -30.82 -24.13
C SER F 214 25.89 -29.77 -24.18
N VAL F 215 25.47 -28.52 -24.33
CA VAL F 215 26.35 -27.37 -24.24
C VAL F 215 25.84 -26.45 -23.13
N MET F 216 26.75 -25.94 -22.30
CA MET F 216 26.35 -25.15 -21.14
C MET F 216 27.00 -23.78 -21.12
N PHE F 217 26.25 -22.78 -20.67
CA PHE F 217 26.76 -21.43 -20.52
C PHE F 217 26.69 -20.99 -19.05
N MET F 218 27.86 -20.81 -18.44
CA MET F 218 27.92 -20.53 -17.00
C MET F 218 28.13 -19.05 -16.70
N ASN F 219 27.23 -18.50 -15.88
CA ASN F 219 27.43 -17.19 -15.28
C ASN F 219 26.98 -17.23 -13.82
N LEU F 220 27.95 -17.33 -12.92
CA LEU F 220 27.64 -17.54 -11.51
C LEU F 220 27.52 -16.22 -10.74
N ALA F 221 27.38 -16.33 -9.42
CA ALA F 221 27.17 -15.17 -8.58
C ALA F 221 28.43 -14.32 -8.43
N ASN F 222 29.59 -14.95 -8.64
CA ASN F 222 30.85 -14.24 -8.57
C ASN F 222 31.22 -13.62 -9.92
N ASP F 223 30.41 -13.92 -10.93
CA ASP F 223 30.59 -13.38 -12.27
C ASP F 223 29.83 -12.07 -12.43
N PRO F 224 30.40 -11.12 -13.20
CA PRO F 224 29.83 -9.80 -13.43
C PRO F 224 28.35 -9.83 -13.84
N ALA F 225 27.55 -8.94 -13.26
CA ALA F 225 26.12 -8.95 -13.50
C ALA F 225 25.77 -8.51 -14.92
N ILE F 226 26.66 -7.76 -15.54
CA ILE F 226 26.40 -7.22 -16.88
C ILE F 226 26.51 -8.32 -17.93
N GLU F 227 27.26 -9.38 -17.63
CA GLU F 227 27.37 -10.52 -18.52
C GLU F 227 26.04 -11.25 -18.64
N ARG F 228 25.18 -11.09 -17.62
CA ARG F 228 23.89 -11.75 -17.59
C ARG F 228 22.96 -11.24 -18.68
N ILE F 229 23.27 -10.06 -19.21
CA ILE F 229 22.48 -9.47 -20.29
C ILE F 229 22.65 -10.29 -21.57
N ALA F 230 23.86 -10.80 -21.77
CA ALA F 230 24.19 -11.53 -23.00
C ALA F 230 23.96 -13.03 -22.87
N THR F 231 24.19 -13.56 -21.67
CA THR F 231 24.19 -15.01 -21.43
C THR F 231 22.99 -15.78 -21.99
N PRO F 232 21.75 -15.34 -21.70
CA PRO F 232 20.64 -16.15 -22.22
C PRO F 232 20.49 -16.01 -23.74
N ARG F 233 21.11 -14.99 -24.33
CA ARG F 233 21.09 -14.84 -25.78
C ARG F 233 22.16 -15.72 -26.42
N MET F 234 23.26 -15.90 -25.70
CA MET F 234 24.31 -16.83 -26.15
C MET F 234 23.75 -18.25 -26.22
N ALA F 235 22.90 -18.57 -25.25
CA ALA F 235 22.29 -19.89 -25.16
C ALA F 235 21.24 -20.11 -26.25
N LEU F 236 20.35 -19.12 -26.40
CA LEU F 236 19.27 -19.22 -27.37
C LEU F 236 19.78 -19.17 -28.80
N THR F 237 20.90 -18.48 -29.02
CA THR F 237 21.52 -18.44 -30.34
C THR F 237 22.12 -19.79 -30.68
N ALA F 238 22.81 -20.39 -29.71
CA ALA F 238 23.38 -21.71 -29.88
C ALA F 238 22.27 -22.75 -30.00
N ALA F 239 21.11 -22.45 -29.41
CA ALA F 239 19.96 -23.32 -29.49
C ALA F 239 19.37 -23.31 -30.89
N GLU F 240 19.14 -22.11 -31.42
CA GLU F 240 18.57 -21.96 -32.75
C GLU F 240 19.56 -22.35 -33.85
N TYR F 241 20.84 -22.42 -33.50
CA TYR F 241 21.86 -22.85 -34.44
C TYR F 241 21.85 -24.37 -34.60
N LEU F 242 21.90 -25.06 -33.47
CA LEU F 242 21.89 -26.53 -33.47
C LEU F 242 20.56 -27.07 -33.97
N ALA F 243 19.47 -26.37 -33.64
CA ALA F 243 18.13 -26.86 -33.97
C ALA F 243 17.75 -26.61 -35.42
N TYR F 244 18.19 -25.49 -35.99
CA TYR F 244 17.76 -25.13 -37.33
C TYR F 244 18.79 -25.49 -38.39
N GLU F 245 20.00 -24.95 -38.26
CA GLU F 245 21.06 -25.23 -39.23
C GLU F 245 21.49 -26.70 -39.18
N LYS F 246 21.51 -27.27 -37.98
CA LYS F 246 21.97 -28.64 -37.80
C LYS F 246 20.83 -29.62 -37.50
N GLY F 247 19.61 -29.11 -37.53
CA GLY F 247 18.42 -29.95 -37.40
C GLY F 247 18.33 -30.81 -36.15
N MET F 248 18.86 -30.30 -35.04
CA MET F 248 18.85 -31.04 -33.80
C MET F 248 17.60 -30.70 -32.97
N HIS F 249 17.32 -31.51 -31.96
CA HIS F 249 16.21 -31.22 -31.05
C HIS F 249 16.73 -30.70 -29.72
N VAL F 250 16.58 -29.40 -29.51
CA VAL F 250 17.22 -28.73 -28.39
C VAL F 250 16.25 -28.36 -27.28
N LEU F 251 16.64 -28.64 -26.04
CA LEU F 251 15.86 -28.25 -24.86
C LEU F 251 16.60 -27.14 -24.10
N VAL F 252 15.98 -25.97 -24.01
CA VAL F 252 16.63 -24.81 -23.40
C VAL F 252 16.23 -24.61 -21.94
N ILE F 253 17.21 -24.66 -21.06
CA ILE F 253 17.00 -24.42 -19.63
C ILE F 253 17.73 -23.17 -19.18
N MET F 254 16.99 -22.20 -18.65
CA MET F 254 17.60 -20.95 -18.20
C MET F 254 17.18 -20.60 -16.77
N THR F 255 18.19 -20.43 -15.91
CA THR F 255 17.98 -20.07 -14.52
C THR F 255 19.23 -19.40 -13.95
N ASP F 256 19.06 -18.35 -13.16
CA ASP F 256 17.75 -17.82 -12.78
C ASP F 256 17.34 -16.71 -13.74
N MET F 257 16.11 -16.78 -14.23
CA MET F 257 15.59 -15.79 -15.14
C MET F 257 15.36 -14.45 -14.43
N THR F 258 15.14 -14.53 -13.12
CA THR F 258 14.96 -13.33 -12.30
C THR F 258 16.21 -12.49 -12.29
N ASN F 259 17.37 -13.14 -12.17
CA ASN F 259 18.65 -12.45 -12.13
C ASN F 259 18.97 -11.71 -13.43
N TYR F 260 18.31 -12.10 -14.51
CA TYR F 260 18.48 -11.42 -15.79
C TYR F 260 17.85 -10.03 -15.74
N ALA F 261 16.62 -9.97 -15.26
CA ALA F 261 15.89 -8.71 -15.17
C ALA F 261 16.53 -7.77 -14.17
N GLU F 262 17.20 -8.34 -13.18
CA GLU F 262 17.94 -7.54 -12.19
C GLU F 262 19.09 -6.82 -12.87
N ALA F 263 19.75 -7.50 -13.80
CA ALA F 263 20.88 -6.95 -14.51
C ALA F 263 20.47 -5.80 -15.42
N LEU F 264 19.32 -5.95 -16.08
CA LEU F 264 18.79 -4.91 -16.94
C LEU F 264 18.52 -3.63 -16.15
N ARG F 265 17.97 -3.79 -14.96
CA ARG F 265 17.64 -2.65 -14.11
C ARG F 265 18.90 -1.95 -13.60
N GLU F 266 19.99 -2.70 -13.50
CA GLU F 266 21.26 -2.12 -13.08
C GLU F 266 21.79 -1.14 -14.13
N ILE F 267 21.71 -1.55 -15.39
CA ILE F 267 22.13 -0.68 -16.48
C ILE F 267 21.15 0.47 -16.67
N SER F 268 19.86 0.16 -16.58
CA SER F 268 18.81 1.16 -16.70
C SER F 268 18.95 2.28 -15.67
N ALA F 269 19.21 1.89 -14.42
CA ALA F 269 19.38 2.84 -13.34
C ALA F 269 20.68 3.62 -13.52
N ALA F 270 21.63 3.02 -14.23
CA ALA F 270 22.90 3.67 -14.50
C ALA F 270 22.75 4.71 -15.61
N ARG F 271 21.82 4.46 -16.53
CA ARG F 271 21.60 5.35 -17.66
C ARG F 271 20.57 6.43 -17.35
N ARG F 272 20.10 6.45 -16.11
CA ARG F 272 19.11 7.42 -15.64
C ARG F 272 17.84 7.38 -16.49
N GLU F 273 17.50 6.19 -17.01
CA GLU F 273 16.31 6.03 -17.84
C GLU F 273 15.04 6.17 -17.01
N VAL F 274 13.94 6.53 -17.68
CA VAL F 274 12.65 6.62 -17.00
C VAL F 274 12.20 5.22 -16.57
N PRO F 275 12.10 5.00 -15.25
CA PRO F 275 11.85 3.69 -14.67
C PRO F 275 10.38 3.28 -14.71
N GLY F 276 10.12 2.00 -14.94
CA GLY F 276 8.76 1.47 -14.90
C GLY F 276 8.42 1.01 -13.51
N ARG F 277 7.70 -0.10 -13.40
CA ARG F 277 7.33 -0.63 -12.10
C ARG F 277 8.53 -1.23 -11.39
N ARG F 278 8.65 -0.92 -10.09
CA ARG F 278 9.73 -1.43 -9.24
C ARG F 278 11.12 -1.04 -9.75
N GLY F 279 11.19 0.04 -10.54
CA GLY F 279 12.46 0.53 -11.03
C GLY F 279 12.93 -0.14 -12.31
N TYR F 280 12.26 -1.22 -12.69
CA TYR F 280 12.62 -1.95 -13.90
C TYR F 280 12.38 -1.10 -15.15
N PRO F 281 13.16 -1.36 -16.21
CA PRO F 281 13.04 -0.60 -17.46
C PRO F 281 11.64 -0.70 -18.06
N GLY F 282 11.21 0.35 -18.75
CA GLY F 282 9.91 0.34 -19.40
C GLY F 282 9.85 -0.63 -20.55
N TYR F 283 11.02 -1.07 -21.01
CA TYR F 283 11.13 -1.98 -22.14
C TYR F 283 11.41 -3.42 -21.69
N LEU F 284 11.00 -3.75 -20.48
CA LEU F 284 11.24 -5.09 -19.94
C LEU F 284 10.43 -6.16 -20.66
N TYR F 285 9.15 -5.86 -20.91
CA TYR F 285 8.27 -6.81 -21.59
C TYR F 285 8.80 -7.18 -22.97
N THR F 286 9.31 -6.19 -23.69
CA THR F 286 9.85 -6.39 -25.02
C THR F 286 11.13 -7.22 -24.99
N ASN F 287 12.07 -6.82 -24.15
CA ASN F 287 13.35 -7.53 -24.02
C ASN F 287 13.17 -8.99 -23.61
N LEU F 288 12.26 -9.24 -22.68
CA LEU F 288 11.95 -10.60 -22.25
C LEU F 288 11.34 -11.40 -23.40
N ALA F 289 10.51 -10.73 -24.19
CA ALA F 289 9.85 -11.37 -25.32
C ALA F 289 10.85 -11.78 -26.39
N THR F 290 11.89 -10.98 -26.56
CA THR F 290 12.92 -11.28 -27.56
C THR F 290 13.73 -12.52 -27.18
N LEU F 291 13.51 -13.03 -25.98
CA LEU F 291 14.13 -14.28 -25.55
C LEU F 291 13.18 -15.45 -25.71
N PHE F 292 12.01 -15.34 -25.10
CA PHE F 292 11.04 -16.42 -25.03
C PHE F 292 10.45 -16.78 -26.40
N GLU F 293 10.22 -15.77 -27.22
CA GLU F 293 9.67 -16.00 -28.56
C GLU F 293 10.63 -16.78 -29.44
N ARG F 294 11.92 -16.73 -29.09
CA ARG F 294 12.94 -17.46 -29.84
C ARG F 294 12.85 -18.96 -29.55
N ALA F 295 11.74 -19.57 -29.96
CA ALA F 295 11.50 -20.98 -29.77
C ALA F 295 10.36 -21.43 -30.68
N GLY F 296 10.30 -22.73 -30.95
CA GLY F 296 9.25 -23.28 -31.79
C GLY F 296 9.78 -24.13 -32.94
N ARG F 297 8.93 -24.40 -33.91
CA ARG F 297 9.32 -25.17 -35.08
C ARG F 297 9.05 -24.39 -36.36
N ILE F 298 9.81 -24.67 -37.40
CA ILE F 298 9.65 -23.97 -38.67
C ILE F 298 9.52 -24.95 -39.84
N ARG F 299 8.81 -24.51 -40.87
CA ARG F 299 8.52 -25.34 -42.04
C ARG F 299 9.78 -25.83 -42.75
N GLY F 300 9.80 -27.12 -43.06
CA GLY F 300 10.89 -27.72 -43.81
C GLY F 300 12.03 -28.21 -42.95
N LEU F 301 12.24 -27.57 -41.81
CA LEU F 301 13.34 -27.91 -40.92
C LEU F 301 12.91 -28.91 -39.86
N LYS F 302 13.60 -30.04 -39.79
CA LYS F 302 13.23 -31.13 -38.89
C LYS F 302 13.48 -30.77 -37.43
N GLY F 303 14.52 -29.98 -37.17
CA GLY F 303 14.92 -29.66 -35.82
C GLY F 303 13.89 -28.86 -35.03
N SER F 304 14.10 -28.80 -33.72
CA SER F 304 13.17 -28.11 -32.83
C SER F 304 13.88 -27.42 -31.66
N VAL F 305 13.36 -26.28 -31.24
CA VAL F 305 13.87 -25.61 -30.06
C VAL F 305 12.74 -25.39 -29.05
N THR F 306 12.79 -26.13 -27.95
CA THR F 306 11.80 -26.00 -26.89
C THR F 306 12.44 -25.36 -25.66
N GLN F 307 11.70 -24.50 -24.98
CA GLN F 307 12.28 -23.63 -23.97
C GLN F 307 11.59 -23.74 -22.61
N ILE F 308 12.37 -24.01 -21.57
CA ILE F 308 11.86 -24.08 -20.21
C ILE F 308 12.68 -23.20 -19.27
N PRO F 309 12.31 -21.92 -19.16
CA PRO F 309 13.00 -20.98 -18.27
C PRO F 309 12.57 -21.15 -16.81
N ILE F 310 13.45 -20.79 -15.88
CA ILE F 310 13.14 -20.85 -14.46
C ILE F 310 13.35 -19.50 -13.81
N LEU F 311 12.32 -19.01 -13.12
CA LEU F 311 12.43 -17.75 -12.39
C LEU F 311 11.90 -17.87 -10.98
N THR F 312 12.60 -17.25 -10.04
CA THR F 312 12.13 -17.18 -8.66
C THR F 312 11.28 -15.94 -8.48
N MET F 313 9.98 -16.13 -8.21
CA MET F 313 9.09 -15.02 -7.96
C MET F 313 9.50 -14.27 -6.70
N PRO F 314 9.84 -12.98 -6.84
CA PRO F 314 10.17 -12.16 -5.68
C PRO F 314 8.95 -12.02 -4.77
N GLU F 315 9.17 -11.99 -3.46
CA GLU F 315 8.08 -11.83 -2.48
C GLU F 315 7.09 -12.99 -2.53
N ASP F 316 7.44 -14.04 -3.27
CA ASP F 316 6.50 -15.10 -3.64
C ASP F 316 5.24 -14.49 -4.23
N ASP F 317 5.43 -13.45 -5.03
CA ASP F 317 4.32 -12.65 -5.54
C ASP F 317 4.15 -12.81 -7.05
N LYS F 318 3.04 -13.42 -7.44
CA LYS F 318 2.72 -13.68 -8.83
C LYS F 318 2.51 -12.38 -9.63
N THR F 319 2.12 -11.33 -8.93
CA THR F 319 1.79 -10.07 -9.58
C THR F 319 3.01 -9.16 -9.76
N HIS F 320 4.17 -9.62 -9.27
CA HIS F 320 5.42 -8.91 -9.46
C HIS F 320 5.70 -8.80 -10.96
N PRO F 321 6.32 -7.69 -11.40
CA PRO F 321 6.66 -7.47 -12.81
C PRO F 321 7.28 -8.68 -13.52
N ILE F 322 8.33 -9.27 -12.94
CA ILE F 322 9.02 -10.38 -13.61
C ILE F 322 8.12 -11.61 -13.86
N PRO F 323 7.42 -12.12 -12.82
CA PRO F 323 6.54 -13.25 -13.17
C PRO F 323 5.30 -12.82 -13.95
N ASP F 324 4.87 -11.57 -13.81
CA ASP F 324 3.70 -11.07 -14.54
C ASP F 324 3.99 -11.04 -16.03
N LEU F 325 5.06 -10.35 -16.42
CA LEU F 325 5.38 -10.16 -17.82
C LEU F 325 5.73 -11.49 -18.49
N THR F 326 6.37 -12.38 -17.75
CA THR F 326 6.71 -13.70 -18.26
C THR F 326 5.46 -14.52 -18.56
N GLY F 327 4.48 -14.43 -17.66
CA GLY F 327 3.23 -15.15 -17.82
C GLY F 327 2.43 -14.70 -19.03
N TYR F 328 2.56 -13.41 -19.36
CA TYR F 328 1.84 -12.86 -20.50
C TYR F 328 2.51 -13.21 -21.82
N ILE F 329 3.80 -13.50 -21.78
CA ILE F 329 4.55 -13.85 -22.98
C ILE F 329 4.50 -15.35 -23.27
N THR F 330 4.98 -16.14 -22.32
CA THR F 330 5.12 -17.58 -22.51
C THR F 330 3.79 -18.29 -22.73
N GLU F 331 3.88 -19.52 -23.21
CA GLU F 331 2.70 -20.34 -23.46
C GLU F 331 2.32 -21.14 -22.21
N GLY F 332 1.88 -20.43 -21.17
CA GLY F 332 1.54 -21.05 -19.91
C GLY F 332 2.64 -20.88 -18.88
N GLN F 333 2.51 -21.58 -17.75
CA GLN F 333 3.54 -21.58 -16.72
C GLN F 333 3.33 -22.71 -15.72
N ILE F 334 4.42 -23.20 -15.14
CA ILE F 334 4.35 -24.20 -14.09
C ILE F 334 4.70 -23.55 -12.76
N ILE F 335 3.81 -23.68 -11.78
CA ILE F 335 3.95 -22.94 -10.52
C ILE F 335 4.24 -23.85 -9.33
N LEU F 336 5.23 -23.44 -8.53
CA LEU F 336 5.55 -24.14 -7.29
C LEU F 336 5.01 -23.37 -6.08
N THR F 337 4.70 -24.10 -5.01
CA THR F 337 4.13 -23.49 -3.83
C THR F 337 4.78 -24.02 -2.56
N ARG F 338 5.05 -23.13 -1.61
CA ARG F 338 5.64 -23.51 -0.34
C ARG F 338 4.70 -24.40 0.48
N GLU F 339 3.40 -24.16 0.34
CA GLU F 339 2.40 -24.93 1.06
C GLU F 339 2.47 -26.41 0.69
N LEU F 340 2.64 -26.68 -0.60
CA LEU F 340 2.79 -28.05 -1.09
C LEU F 340 4.16 -28.60 -0.73
N TYR F 341 5.18 -27.77 -0.88
CA TYR F 341 6.56 -28.17 -0.59
C TYR F 341 6.75 -28.54 0.88
N LYS F 342 6.08 -27.81 1.75
CA LYS F 342 6.17 -28.08 3.19
C LYS F 342 5.39 -29.35 3.53
N SER F 343 4.40 -29.66 2.70
CA SER F 343 3.59 -30.85 2.89
C SER F 343 4.32 -32.12 2.45
N GLY F 344 5.53 -31.95 1.93
CA GLY F 344 6.33 -33.06 1.48
C GLY F 344 5.94 -33.56 0.10
N ILE F 345 5.34 -32.67 -0.69
CA ILE F 345 4.91 -33.01 -2.03
C ILE F 345 6.03 -32.80 -3.04
N GLN F 346 6.34 -33.84 -3.81
CA GLN F 346 7.41 -33.78 -4.79
C GLN F 346 6.94 -34.27 -6.17
N PRO F 347 6.89 -33.35 -7.15
CA PRO F 347 7.21 -31.93 -7.02
C PRO F 347 6.04 -31.10 -6.51
N PRO F 348 6.32 -30.03 -5.75
CA PRO F 348 5.28 -29.16 -5.19
C PRO F 348 4.63 -28.27 -6.24
N ILE F 349 3.92 -28.87 -7.18
CA ILE F 349 3.30 -28.12 -8.27
C ILE F 349 1.82 -27.85 -8.00
N ASP F 350 1.49 -26.60 -7.69
CA ASP F 350 0.09 -26.21 -7.54
C ASP F 350 -0.56 -26.18 -8.92
N VAL F 351 -1.41 -27.17 -9.19
CA VAL F 351 -1.95 -27.38 -10.53
C VAL F 351 -3.03 -26.37 -10.91
N LEU F 352 -3.57 -25.65 -9.94
CA LEU F 352 -4.68 -24.73 -10.20
C LEU F 352 -4.25 -23.42 -10.87
N PRO F 353 -3.20 -22.73 -10.36
CA PRO F 353 -2.84 -21.50 -11.06
C PRO F 353 -1.88 -21.73 -12.24
N SER F 354 -1.44 -22.98 -12.43
CA SER F 354 -0.57 -23.31 -13.54
C SER F 354 -1.37 -23.39 -14.84
N LEU F 355 -0.66 -23.43 -15.97
CA LEU F 355 -1.33 -23.43 -17.27
C LEU F 355 -0.42 -23.91 -18.40
N SER F 356 -1.03 -24.57 -19.39
CA SER F 356 -0.37 -24.83 -20.66
C SER F 356 -1.28 -24.32 -21.77
N ARG F 357 -0.71 -23.63 -22.75
CA ARG F 357 -1.54 -23.02 -23.78
C ARG F 357 -1.55 -23.84 -25.08
N LEU F 358 -0.86 -24.98 -25.06
CA LEU F 358 -0.78 -25.82 -26.24
C LEU F 358 -1.24 -27.24 -25.95
N LYS F 359 -2.03 -27.40 -24.89
CA LYS F 359 -2.49 -28.72 -24.49
C LYS F 359 -3.60 -29.24 -25.43
N ASP F 360 -4.31 -28.31 -26.07
CA ASP F 360 -5.39 -28.64 -27.00
C ASP F 360 -4.90 -29.61 -28.08
N LYS F 361 -4.27 -29.01 -29.09
CA LYS F 361 -3.83 -29.66 -30.30
C LYS F 361 -2.75 -30.67 -29.94
N GLY F 362 -2.21 -30.49 -28.75
CA GLY F 362 -1.19 -31.35 -28.18
C GLY F 362 -1.63 -32.78 -27.94
N THR F 363 -2.75 -32.98 -27.24
CA THR F 363 -3.17 -34.33 -26.88
C THR F 363 -4.60 -34.67 -27.30
N GLY F 364 -4.84 -35.95 -27.49
CA GLY F 364 -6.12 -36.47 -27.96
C GLY F 364 -5.87 -37.84 -28.55
N ALA F 365 -6.73 -38.26 -29.49
CA ALA F 365 -6.53 -39.52 -30.17
C ALA F 365 -5.33 -39.44 -31.11
N GLY F 366 -4.54 -40.50 -31.17
CA GLY F 366 -3.38 -40.55 -32.04
C GLY F 366 -2.06 -40.32 -31.31
N LYS F 367 -2.07 -39.39 -30.36
CA LYS F 367 -0.88 -39.09 -29.57
C LYS F 367 -1.05 -39.57 -28.14
N THR F 368 -2.30 -39.58 -27.68
CA THR F 368 -2.65 -40.08 -26.35
C THR F 368 -3.94 -40.88 -26.43
N ARG F 369 -4.52 -41.22 -25.28
CA ARG F 369 -5.85 -41.80 -25.26
C ARG F 369 -6.87 -40.67 -25.36
N GLU F 370 -8.07 -40.98 -25.83
CA GLU F 370 -9.07 -39.95 -26.10
C GLU F 370 -9.71 -39.40 -24.82
N ASP F 371 -9.41 -40.04 -23.70
CA ASP F 371 -9.96 -39.60 -22.41
C ASP F 371 -9.09 -38.51 -21.81
N HIS F 372 -7.95 -38.26 -22.43
CA HIS F 372 -6.95 -37.31 -21.93
C HIS F 372 -7.50 -35.89 -21.80
N ALA F 373 -8.48 -35.56 -22.63
CA ALA F 373 -9.06 -34.22 -22.63
C ALA F 373 -10.15 -34.07 -21.57
N ALA F 374 -10.85 -35.16 -21.29
CA ALA F 374 -11.98 -35.11 -20.36
C ALA F 374 -11.54 -35.35 -18.92
N THR F 375 -10.46 -36.11 -18.74
CA THR F 375 -9.97 -36.43 -17.40
C THR F 375 -9.42 -35.20 -16.68
N MET F 376 -8.59 -34.42 -17.37
CA MET F 376 -7.97 -33.25 -16.75
C MET F 376 -9.00 -32.19 -16.39
N ASN F 377 -10.00 -32.00 -17.25
CA ASN F 377 -11.04 -31.00 -17.01
C ASN F 377 -11.94 -31.40 -15.84
N GLN F 378 -12.06 -32.71 -15.62
CA GLN F 378 -12.84 -33.22 -14.50
C GLN F 378 -12.05 -33.11 -13.20
N LEU F 379 -10.78 -33.48 -13.26
CA LEU F 379 -9.89 -33.41 -12.10
C LEU F 379 -9.76 -31.97 -11.60
N PHE F 380 -9.79 -31.02 -12.54
CA PHE F 380 -9.73 -29.60 -12.20
C PHE F 380 -10.91 -29.17 -11.35
N ALA F 381 -12.11 -29.40 -11.88
CA ALA F 381 -13.35 -29.00 -11.20
C ALA F 381 -13.52 -29.71 -9.87
N ALA F 382 -13.02 -30.94 -9.79
CA ALA F 382 -13.14 -31.74 -8.58
C ALA F 382 -12.17 -31.24 -7.49
N TYR F 383 -10.92 -30.99 -7.89
CA TYR F 383 -9.92 -30.47 -6.96
C TYR F 383 -10.30 -29.06 -6.49
N ALA F 384 -10.87 -28.28 -7.41
CA ALA F 384 -11.28 -26.91 -7.08
C ALA F 384 -12.36 -26.92 -6.00
N GLN F 385 -13.24 -27.91 -6.05
CA GLN F 385 -14.30 -28.05 -5.07
C GLN F 385 -13.79 -28.75 -3.82
N GLY F 386 -12.93 -29.74 -4.01
CA GLY F 386 -12.40 -30.53 -2.91
C GLY F 386 -11.50 -29.77 -1.97
N LYS F 387 -10.55 -29.03 -2.54
CA LYS F 387 -9.60 -28.24 -1.75
C LYS F 387 -10.32 -27.18 -0.92
N GLN F 388 -11.29 -26.52 -1.55
CA GLN F 388 -12.06 -25.47 -0.89
C GLN F 388 -12.89 -26.04 0.26
N ALA F 389 -13.35 -27.29 0.08
CA ALA F 389 -14.11 -27.97 1.12
C ALA F 389 -13.20 -28.31 2.30
N LYS F 390 -11.96 -28.68 1.99
CA LYS F 390 -10.97 -28.99 3.02
C LYS F 390 -10.67 -27.77 3.88
N GLU F 391 -10.66 -26.60 3.24
CA GLU F 391 -10.46 -25.34 3.95
C GLU F 391 -11.54 -25.14 5.00
N LEU F 392 -12.78 -25.37 4.59
CA LEU F 392 -13.93 -25.23 5.48
C LEU F 392 -13.91 -26.31 6.57
N ALA F 393 -13.28 -27.43 6.26
CA ALA F 393 -13.24 -28.57 7.18
C ALA F 393 -12.34 -28.31 8.38
N VAL F 394 -11.18 -27.74 8.15
CA VAL F 394 -10.19 -27.54 9.21
C VAL F 394 -10.56 -26.40 10.15
N VAL F 395 -11.60 -25.65 9.80
CA VAL F 395 -12.00 -24.52 10.63
C VAL F 395 -13.41 -24.69 11.22
N LEU F 396 -14.27 -25.42 10.52
CA LEU F 396 -15.64 -25.61 10.99
C LEU F 396 -15.94 -27.06 11.34
N GLY F 397 -14.96 -27.94 11.15
CA GLY F 397 -15.12 -29.34 11.49
C GLY F 397 -15.57 -30.19 10.31
N GLU F 398 -15.15 -31.44 10.31
CA GLU F 398 -15.48 -32.37 9.23
C GLU F 398 -16.97 -32.72 9.25
N SER F 399 -17.59 -32.63 10.42
CA SER F 399 -19.01 -32.95 10.56
C SER F 399 -19.89 -31.76 10.16
N ALA F 400 -19.26 -30.71 9.62
CA ALA F 400 -19.98 -29.54 9.15
C ALA F 400 -20.13 -29.56 7.63
N LEU F 401 -19.48 -30.53 7.00
CA LEU F 401 -19.59 -30.71 5.56
C LEU F 401 -20.72 -31.68 5.23
N SER F 402 -21.12 -31.70 3.97
CA SER F 402 -22.09 -32.70 3.52
C SER F 402 -21.34 -33.98 3.16
N ASP F 403 -22.08 -35.05 2.91
CA ASP F 403 -21.48 -36.34 2.62
C ASP F 403 -20.67 -36.32 1.34
N ILE F 404 -21.15 -35.56 0.35
CA ILE F 404 -20.45 -35.46 -0.93
C ILE F 404 -19.27 -34.50 -0.85
N ASP F 405 -19.31 -33.58 0.11
CA ASP F 405 -18.21 -32.66 0.34
C ASP F 405 -17.01 -33.40 0.89
N LYS F 406 -17.26 -34.27 1.88
CA LYS F 406 -16.20 -35.07 2.48
C LYS F 406 -15.61 -36.04 1.47
N ILE F 407 -16.40 -36.41 0.46
CA ILE F 407 -15.92 -37.27 -0.60
C ILE F 407 -14.91 -36.53 -1.48
N TYR F 408 -15.18 -35.25 -1.72
CA TYR F 408 -14.26 -34.41 -2.49
C TYR F 408 -13.05 -34.01 -1.66
N ALA F 409 -13.30 -33.71 -0.38
CA ALA F 409 -12.22 -33.32 0.53
C ALA F 409 -11.21 -34.45 0.69
N LYS F 410 -11.72 -35.68 0.77
CA LYS F 410 -10.87 -36.87 0.84
C LYS F 410 -10.16 -37.09 -0.48
N PHE F 411 -10.86 -36.79 -1.57
CA PHE F 411 -10.28 -36.89 -2.91
C PHE F 411 -9.17 -35.86 -3.12
N ALA F 412 -9.43 -34.64 -2.66
CA ALA F 412 -8.48 -33.54 -2.84
C ALA F 412 -7.14 -33.83 -2.18
N GLU F 413 -7.18 -34.43 -1.00
CA GLU F 413 -5.96 -34.76 -0.27
C GLU F 413 -5.21 -35.88 -0.97
N ARG F 414 -5.92 -36.93 -1.35
CA ARG F 414 -5.33 -38.07 -2.04
C ARG F 414 -4.79 -37.65 -3.41
N PHE F 415 -5.41 -36.63 -3.98
CA PHE F 415 -4.94 -36.03 -5.23
C PHE F 415 -3.51 -35.51 -5.07
N GLU F 416 -3.27 -34.79 -3.98
CA GLU F 416 -1.97 -34.15 -3.75
C GLU F 416 -0.88 -35.17 -3.41
N ASN F 417 -1.22 -36.17 -2.61
CA ASN F 417 -0.22 -37.08 -2.06
C ASN F 417 0.33 -38.12 -3.04
N GLU F 418 -0.45 -38.46 -4.06
CA GLU F 418 0.00 -39.49 -4.99
C GLU F 418 0.10 -39.00 -6.44
N TYR F 419 -0.90 -38.27 -6.89
CA TYR F 419 -0.89 -37.77 -8.27
C TYR F 419 0.18 -36.70 -8.44
N VAL F 420 0.14 -35.69 -7.58
CA VAL F 420 1.13 -34.62 -7.64
C VAL F 420 2.48 -35.11 -7.14
N ASN F 421 2.48 -35.76 -5.97
CA ASN F 421 3.70 -36.28 -5.37
C ASN F 421 4.08 -37.64 -5.93
N GLN F 422 5.19 -37.69 -6.67
CA GLN F 422 5.64 -38.94 -7.29
C GLN F 422 7.13 -39.18 -7.08
N GLY F 423 7.82 -38.19 -6.52
CA GLY F 423 9.25 -38.28 -6.33
C GLY F 423 10.01 -37.76 -7.54
N PHE F 424 11.20 -37.22 -7.31
CA PHE F 424 11.98 -36.61 -8.37
C PHE F 424 12.71 -37.63 -9.25
N TYR F 425 12.73 -38.89 -8.82
CA TYR F 425 13.48 -39.91 -9.55
C TYR F 425 12.58 -41.06 -9.99
N THR F 426 11.30 -40.76 -10.20
CA THR F 426 10.35 -41.75 -10.71
C THR F 426 9.76 -41.27 -12.02
N ASN F 427 9.81 -42.14 -13.04
CA ASN F 427 9.31 -41.79 -14.36
C ASN F 427 7.97 -42.46 -14.66
N ARG F 428 6.92 -41.66 -14.74
CA ARG F 428 5.60 -42.17 -15.09
C ARG F 428 5.32 -41.99 -16.57
N THR F 429 5.01 -43.09 -17.26
CA THR F 429 4.58 -43.00 -18.65
C THR F 429 3.18 -42.42 -18.68
N ILE F 430 2.79 -41.86 -19.83
CA ILE F 430 1.50 -41.21 -19.97
C ILE F 430 0.34 -42.19 -19.68
N THR F 431 0.56 -43.46 -19.97
CA THR F 431 -0.45 -44.49 -19.73
C THR F 431 -0.71 -44.66 -18.23
N GLU F 432 0.37 -44.84 -17.46
CA GLU F 432 0.27 -45.02 -16.01
C GLU F 432 -0.45 -43.86 -15.36
N THR F 433 -0.17 -42.65 -15.84
CA THR F 433 -0.76 -41.43 -15.32
C THR F 433 -2.28 -41.41 -15.53
N LEU F 434 -2.69 -41.69 -16.77
CA LEU F 434 -4.11 -41.75 -17.11
C LEU F 434 -4.84 -42.82 -16.30
N ASP F 435 -4.21 -43.99 -16.17
CA ASP F 435 -4.76 -45.09 -15.38
C ASP F 435 -4.96 -44.65 -13.93
N LEU F 436 -3.95 -43.99 -13.38
CA LEU F 436 -4.02 -43.48 -12.02
C LEU F 436 -5.05 -42.35 -11.91
N GLY F 437 -5.24 -41.64 -13.02
CA GLY F 437 -6.18 -40.54 -13.07
C GLY F 437 -7.60 -40.98 -12.79
N TRP F 438 -8.02 -42.07 -13.43
CA TRP F 438 -9.35 -42.62 -13.22
C TRP F 438 -9.51 -43.19 -11.82
N GLU F 439 -8.48 -43.89 -11.35
CA GLU F 439 -8.48 -44.49 -10.02
C GLU F 439 -8.80 -43.47 -8.93
N LEU F 440 -8.23 -42.28 -9.05
CA LEU F 440 -8.40 -41.23 -8.05
C LEU F 440 -9.78 -40.57 -8.14
N LEU F 441 -10.30 -40.43 -9.35
CA LEU F 441 -11.60 -39.80 -9.53
C LEU F 441 -12.71 -40.85 -9.52
N ALA F 442 -12.33 -42.12 -9.40
CA ALA F 442 -13.29 -43.22 -9.36
C ALA F 442 -14.22 -43.10 -8.15
N MET F 443 -13.67 -42.66 -7.03
CA MET F 443 -14.41 -42.53 -5.78
C MET F 443 -15.36 -41.33 -5.78
N LEU F 444 -16.15 -41.20 -6.85
CA LEU F 444 -17.19 -40.18 -6.94
C LEU F 444 -18.37 -40.75 -7.72
N PRO F 445 -19.59 -40.30 -7.41
CA PRO F 445 -20.75 -40.73 -8.20
C PRO F 445 -20.68 -40.23 -9.64
N ARG F 446 -21.17 -41.05 -10.57
CA ARG F 446 -21.19 -40.70 -11.99
C ARG F 446 -22.07 -39.48 -12.26
N THR F 447 -23.10 -39.30 -11.42
CA THR F 447 -24.05 -38.22 -11.60
C THR F 447 -23.44 -36.83 -11.41
N GLU F 448 -22.36 -36.77 -10.64
CA GLU F 448 -21.71 -35.49 -10.34
C GLU F 448 -20.76 -35.05 -11.46
N LEU F 449 -20.23 -36.01 -12.21
CA LEU F 449 -19.26 -35.70 -13.25
C LEU F 449 -19.97 -35.32 -14.55
N LYS F 450 -20.21 -34.03 -14.75
CA LYS F 450 -20.95 -33.56 -15.91
C LYS F 450 -20.02 -33.06 -17.01
N ARG F 451 -18.78 -33.56 -17.03
CA ARG F 451 -17.78 -33.04 -17.96
C ARG F 451 -17.06 -34.14 -18.74
N ILE F 452 -17.57 -35.37 -18.65
CA ILE F 452 -16.97 -36.49 -19.39
C ILE F 452 -18.04 -37.24 -20.17
N LYS F 453 -17.74 -37.57 -21.43
CA LYS F 453 -18.67 -38.31 -22.28
C LYS F 453 -19.14 -39.59 -21.61
N ASP F 454 -20.44 -39.85 -21.66
CA ASP F 454 -21.02 -41.01 -20.99
C ASP F 454 -20.60 -42.31 -21.64
N ASP F 455 -20.39 -42.27 -22.96
CA ASP F 455 -19.84 -43.41 -23.67
C ASP F 455 -18.36 -43.57 -23.34
N LEU F 456 -17.70 -42.44 -23.08
CA LEU F 456 -16.29 -42.43 -22.70
C LEU F 456 -16.12 -42.93 -21.28
N LEU F 457 -17.09 -42.62 -20.42
CA LEU F 457 -17.05 -43.06 -19.04
C LEU F 457 -17.00 -44.59 -18.95
N ASP F 458 -18.09 -45.22 -19.40
CA ASP F 458 -18.25 -46.68 -19.32
C ASP F 458 -17.03 -47.47 -19.76
N LYS F 459 -16.38 -47.00 -20.82
CA LYS F 459 -15.23 -47.70 -21.38
C LYS F 459 -14.00 -47.63 -20.48
N TYR F 460 -13.78 -46.48 -19.85
CA TYR F 460 -12.57 -46.27 -19.08
C TYR F 460 -12.81 -46.20 -17.57
N LEU F 461 -14.08 -46.17 -17.17
CA LEU F 461 -14.43 -46.12 -15.74
C LEU F 461 -14.13 -47.45 -15.07
N PRO F 462 -13.47 -47.40 -13.89
CA PRO F 462 -13.21 -48.61 -13.10
C PRO F 462 -14.38 -48.97 -12.18
N MET G 8 -1.47 -15.25 10.04
CA MET G 8 -2.15 -14.05 10.50
C MET G 8 -2.04 -12.92 9.48
N ARG G 9 -1.74 -13.29 8.24
CA ARG G 9 -1.56 -12.33 7.15
C ARG G 9 -2.33 -12.78 5.91
N LEU G 10 -2.77 -14.03 5.94
CA LEU G 10 -3.34 -14.70 4.78
C LEU G 10 -2.32 -14.72 3.65
N ASN G 11 -2.73 -14.28 2.46
CA ASN G 11 -1.82 -14.18 1.33
C ASN G 11 -1.87 -12.81 0.69
N VAL G 12 -0.75 -12.39 0.11
CA VAL G 12 -0.65 -11.09 -0.54
C VAL G 12 -1.46 -11.05 -1.84
N ASN G 13 -2.51 -10.24 -1.86
CA ASN G 13 -3.31 -10.06 -3.07
C ASN G 13 -3.48 -8.59 -3.47
N PRO G 14 -2.37 -7.83 -3.56
CA PRO G 14 -2.43 -6.36 -3.66
C PRO G 14 -3.32 -5.82 -4.79
N THR G 15 -4.41 -5.19 -4.38
CA THR G 15 -5.35 -4.52 -5.28
C THR G 15 -5.98 -3.41 -4.45
N ARG G 16 -6.62 -2.43 -5.08
CA ARG G 16 -7.14 -1.28 -4.36
C ARG G 16 -8.63 -1.40 -4.05
N MET G 17 -9.41 -1.80 -5.04
CA MET G 17 -10.85 -2.01 -4.85
C MET G 17 -11.08 -3.24 -3.98
N GLU G 18 -10.07 -4.09 -3.91
CA GLU G 18 -10.09 -5.26 -3.05
C GLU G 18 -10.08 -4.85 -1.58
N LEU G 19 -9.48 -3.71 -1.29
CA LEU G 19 -9.42 -3.17 0.06
C LEU G 19 -10.80 -2.80 0.58
N THR G 20 -11.58 -2.11 -0.24
CA THR G 20 -12.91 -1.67 0.16
C THR G 20 -13.92 -2.82 0.16
N ARG G 21 -13.69 -3.81 -0.71
CA ARG G 21 -14.51 -5.01 -0.68
C ARG G 21 -14.20 -5.79 0.59
N LEU G 22 -12.97 -5.66 1.07
CA LEU G 22 -12.54 -6.34 2.29
C LEU G 22 -13.15 -5.66 3.51
N LYS G 23 -13.29 -4.34 3.44
CA LYS G 23 -13.95 -3.59 4.49
C LYS G 23 -15.43 -3.98 4.56
N LYS G 24 -16.02 -4.20 3.39
CA LYS G 24 -17.40 -4.70 3.33
C LYS G 24 -17.49 -6.11 3.88
N GLN G 25 -16.51 -6.94 3.54
CA GLN G 25 -16.46 -8.31 4.08
C GLN G 25 -16.30 -8.28 5.59
N LEU G 26 -15.57 -7.30 6.09
CA LEU G 26 -15.38 -7.11 7.53
C LEU G 26 -16.72 -6.80 8.21
N THR G 27 -17.50 -5.92 7.60
CA THR G 27 -18.76 -5.50 8.20
C THR G 27 -19.77 -6.66 8.15
N THR G 28 -19.67 -7.50 7.12
CA THR G 28 -20.54 -8.67 7.03
C THR G 28 -20.18 -9.69 8.10
N ALA G 29 -18.88 -9.84 8.34
CA ALA G 29 -18.38 -10.74 9.36
C ALA G 29 -18.84 -10.30 10.74
N THR G 30 -18.78 -8.99 10.99
CA THR G 30 -19.25 -8.43 12.25
C THR G 30 -20.77 -8.59 12.38
N ARG G 31 -21.48 -8.38 11.28
CA ARG G 31 -22.92 -8.60 11.24
C ARG G 31 -23.22 -10.06 11.56
N GLY G 32 -22.54 -10.97 10.87
CA GLY G 32 -22.70 -12.39 11.11
C GLY G 32 -22.36 -12.79 12.53
N HIS G 33 -21.24 -12.29 13.03
CA HIS G 33 -20.80 -12.56 14.40
C HIS G 33 -21.84 -12.07 15.41
N LYS G 34 -22.40 -10.90 15.13
CA LYS G 34 -23.46 -10.33 15.98
C LYS G 34 -24.70 -11.23 15.98
N LEU G 35 -25.12 -11.64 14.79
CA LEU G 35 -26.31 -12.48 14.62
C LEU G 35 -26.15 -13.83 15.30
N LEU G 36 -24.97 -14.42 15.18
CA LEU G 36 -24.74 -15.76 15.71
C LEU G 36 -24.52 -15.74 17.22
N LYS G 37 -24.21 -14.57 17.76
CA LYS G 37 -23.96 -14.43 19.19
C LYS G 37 -25.26 -14.39 19.99
N ASP G 38 -26.26 -13.67 19.48
CA ASP G 38 -27.55 -13.60 20.16
C ASP G 38 -28.47 -14.72 19.68
N LYS G 39 -28.03 -15.45 18.66
CA LYS G 39 -28.69 -16.70 18.29
C LYS G 39 -28.20 -17.79 19.24
N GLN G 40 -26.93 -17.70 19.62
CA GLN G 40 -26.33 -18.66 20.53
C GLN G 40 -27.00 -18.60 21.90
N ASP G 41 -27.34 -17.39 22.33
CA ASP G 41 -27.94 -17.19 23.64
C ASP G 41 -29.41 -17.60 23.65
N GLU G 42 -30.08 -17.47 22.50
CA GLU G 42 -31.49 -17.82 22.41
C GLU G 42 -31.65 -19.34 22.29
N LEU G 43 -30.68 -19.98 21.64
CA LEU G 43 -30.66 -21.44 21.59
C LEU G 43 -30.32 -21.99 22.96
N MET G 44 -29.43 -21.29 23.67
CA MET G 44 -29.05 -21.67 25.03
C MET G 44 -30.23 -21.43 25.97
N ARG G 45 -30.95 -20.35 25.72
CA ARG G 45 -32.12 -19.97 26.52
C ARG G 45 -33.11 -21.12 26.68
N GLN G 46 -33.40 -21.80 25.57
CA GLN G 46 -34.34 -22.90 25.57
C GLN G 46 -33.66 -24.21 25.99
N PHE G 47 -32.37 -24.31 25.72
CA PHE G 47 -31.60 -25.49 26.09
C PHE G 47 -31.67 -25.73 27.59
N ILE G 48 -31.31 -24.71 28.37
CA ILE G 48 -31.35 -24.79 29.83
C ILE G 48 -32.75 -25.08 30.32
N LEU G 49 -33.75 -24.52 29.64
CA LEU G 49 -35.16 -24.75 29.95
C LEU G 49 -35.51 -26.23 29.88
N LEU G 50 -35.01 -26.90 28.84
CA LEU G 50 -35.38 -28.28 28.56
C LEU G 50 -34.57 -29.29 29.36
N ILE G 51 -33.36 -28.90 29.77
CA ILE G 51 -32.53 -29.75 30.62
C ILE G 51 -33.23 -30.07 31.92
N ARG G 52 -33.80 -29.04 32.53
CA ARG G 52 -34.49 -29.18 33.81
C ARG G 52 -35.70 -30.09 33.67
N LYS G 53 -36.31 -30.09 32.48
CA LYS G 53 -37.37 -31.04 32.18
C LYS G 53 -36.76 -32.41 31.92
N ASN G 54 -35.64 -32.42 31.21
CA ASN G 54 -34.94 -33.65 30.86
C ASN G 54 -34.50 -34.44 32.09
N ASN G 55 -33.85 -33.77 33.04
CA ASN G 55 -33.25 -34.47 34.17
C ASN G 55 -34.30 -35.09 35.10
N GLU G 56 -35.41 -34.39 35.32
CA GLU G 56 -36.42 -34.86 36.27
C GLU G 56 -37.27 -35.96 35.65
N LEU G 57 -37.40 -35.94 34.32
CA LEU G 57 -38.07 -37.03 33.63
C LEU G 57 -37.23 -38.30 33.69
N ARG G 58 -35.93 -38.15 33.44
CA ARG G 58 -35.00 -39.28 33.38
C ARG G 58 -34.94 -40.08 34.68
N GLN G 59 -34.65 -39.40 35.79
CA GLN G 59 -34.58 -40.04 37.09
C GLN G 59 -35.91 -40.71 37.45
N ALA G 60 -37.00 -39.98 37.30
CA ALA G 60 -38.34 -40.53 37.53
C ALA G 60 -38.52 -41.82 36.76
N ILE G 61 -38.37 -41.74 35.44
CA ILE G 61 -38.37 -42.90 34.54
C ILE G 61 -37.65 -44.10 35.14
N GLU G 62 -36.42 -43.88 35.61
CA GLU G 62 -35.58 -44.93 36.19
C GLU G 62 -36.28 -45.69 37.34
N LYS G 63 -36.82 -44.95 38.29
CA LYS G 63 -37.49 -45.55 39.44
C LYS G 63 -38.71 -46.36 39.01
N GLU G 64 -39.59 -45.73 38.24
CA GLU G 64 -40.83 -46.35 37.78
C GLU G 64 -40.53 -47.64 37.02
N THR G 65 -39.53 -47.59 36.14
CA THR G 65 -39.11 -48.77 35.38
C THR G 65 -38.60 -49.88 36.29
N GLN G 66 -37.85 -49.50 37.32
CA GLN G 66 -37.16 -50.48 38.16
C GLN G 66 -38.09 -51.19 39.13
N THR G 67 -39.02 -50.44 39.72
CA THR G 67 -40.04 -51.03 40.55
C THR G 67 -40.94 -51.90 39.69
N ALA G 68 -41.12 -51.52 38.43
CA ALA G 68 -41.86 -52.35 37.48
C ALA G 68 -40.98 -53.49 36.97
N ASN G 94 -53.07 -52.06 17.65
CA ASN G 94 -52.11 -51.21 16.97
C ASN G 94 -51.77 -49.99 17.80
N VAL G 95 -50.47 -49.82 18.06
CA VAL G 95 -50.01 -48.75 18.95
C VAL G 95 -48.70 -48.16 18.46
N SER G 96 -48.77 -47.43 17.34
CA SER G 96 -47.60 -46.78 16.77
C SER G 96 -47.70 -45.28 16.94
N ILE G 97 -46.56 -44.59 16.86
CA ILE G 97 -46.53 -43.14 16.91
C ILE G 97 -46.28 -42.55 15.53
N SER G 98 -46.79 -41.35 15.30
CA SER G 98 -46.44 -40.57 14.13
C SER G 98 -45.77 -39.29 14.62
N VAL G 99 -44.54 -39.04 14.16
CA VAL G 99 -43.83 -37.85 14.59
C VAL G 99 -43.58 -36.86 13.47
N VAL G 100 -44.45 -35.86 13.35
CA VAL G 100 -44.12 -34.71 12.53
C VAL G 100 -43.08 -33.94 13.32
N GLU G 101 -42.02 -33.51 12.65
CA GLU G 101 -40.95 -32.79 13.35
C GLU G 101 -41.11 -31.29 13.14
N LYS G 102 -41.51 -30.61 14.22
CA LYS G 102 -41.68 -29.16 14.19
C LYS G 102 -40.32 -28.49 14.00
N ASN G 103 -40.29 -27.16 13.93
CA ASN G 103 -39.02 -26.51 13.68
C ASN G 103 -38.71 -25.35 14.62
N ILE G 104 -37.44 -25.24 14.98
CA ILE G 104 -36.92 -24.02 15.58
C ILE G 104 -35.57 -23.71 14.92
N MET G 105 -35.60 -22.65 14.13
CA MET G 105 -34.72 -22.37 12.98
C MET G 105 -33.62 -23.41 12.63
N SER G 106 -32.61 -23.61 13.47
CA SER G 106 -31.42 -24.33 13.03
C SER G 106 -31.69 -25.83 12.93
N VAL G 107 -31.95 -26.46 14.07
CA VAL G 107 -32.42 -27.84 14.10
C VAL G 107 -33.92 -27.86 13.88
N LYS G 108 -34.47 -29.05 13.66
CA LYS G 108 -35.92 -29.20 13.75
C LYS G 108 -36.22 -29.88 15.07
N VAL G 109 -37.41 -29.65 15.61
CA VAL G 109 -37.76 -30.24 16.90
C VAL G 109 -38.88 -31.26 16.75
N PRO G 110 -38.70 -32.44 17.37
CA PRO G 110 -39.68 -33.52 17.32
C PRO G 110 -40.79 -33.37 18.36
N LEU G 111 -42.04 -33.53 17.92
CA LEU G 111 -43.17 -33.60 18.83
C LEU G 111 -43.86 -34.94 18.64
N MET G 112 -43.90 -35.73 19.72
CA MET G 112 -44.37 -37.12 19.65
C MET G 112 -45.88 -37.26 19.83
N ASN G 113 -46.56 -37.65 18.76
CA ASN G 113 -47.99 -37.93 18.82
C ASN G 113 -48.26 -39.43 18.75
N PHE G 114 -49.10 -39.92 19.66
CA PHE G 114 -49.45 -41.34 19.69
C PHE G 114 -50.81 -41.56 19.05
N GLN G 115 -50.87 -42.44 18.06
CA GLN G 115 -52.11 -42.69 17.33
C GLN G 115 -52.48 -44.17 17.32
N TYR G 116 -53.09 -44.62 18.41
CA TYR G 116 -53.51 -46.01 18.54
C TYR G 116 -54.95 -46.20 18.07
N ALA G 134 -52.56 -60.54 41.61
CA ALA G 134 -52.76 -59.18 41.11
C ALA G 134 -51.43 -58.55 40.69
N GLU G 135 -50.34 -59.27 40.92
CA GLU G 135 -49.01 -58.77 40.59
C GLU G 135 -48.76 -58.83 39.09
N LEU G 136 -49.34 -59.85 38.45
CA LEU G 136 -49.26 -60.00 37.00
C LEU G 136 -49.83 -58.76 36.30
N ASP G 137 -51.06 -58.40 36.66
CA ASP G 137 -51.73 -57.25 36.06
C ASP G 137 -51.05 -55.93 36.45
N ARG G 138 -50.50 -55.89 37.66
CA ARG G 138 -49.82 -54.70 38.15
C ARG G 138 -48.54 -54.41 37.38
N SER G 139 -47.82 -55.48 37.04
CA SER G 139 -46.56 -55.36 36.30
C SER G 139 -46.83 -54.83 34.89
N ILE G 140 -47.91 -55.29 34.28
CA ILE G 140 -48.31 -54.85 32.94
C ILE G 140 -48.76 -53.40 32.94
N ASP G 141 -49.42 -52.98 34.01
CA ASP G 141 -49.95 -51.62 34.10
C ASP G 141 -48.87 -50.62 34.53
N GLY G 142 -47.95 -51.07 35.39
CA GLY G 142 -46.82 -50.25 35.77
C GLY G 142 -45.98 -50.02 34.53
N PHE G 143 -45.83 -51.10 33.77
CA PHE G 143 -45.25 -51.05 32.44
C PHE G 143 -46.06 -50.12 31.52
N THR G 144 -47.39 -50.19 31.63
CA THR G 144 -48.28 -49.34 30.84
C THR G 144 -48.14 -47.90 31.26
N GLN G 145 -47.85 -47.68 32.54
CA GLN G 145 -47.69 -46.34 33.09
C GLN G 145 -46.35 -45.72 32.67
N LEU G 146 -45.43 -46.58 32.24
CA LEU G 146 -44.16 -46.14 31.69
C LEU G 146 -44.38 -45.54 30.30
N LEU G 147 -45.30 -46.14 29.56
CA LEU G 147 -45.57 -45.77 28.17
C LEU G 147 -45.86 -44.28 27.89
N PRO G 148 -46.73 -43.63 28.69
CA PRO G 148 -46.98 -42.23 28.36
C PRO G 148 -45.83 -41.31 28.79
N LYS G 149 -44.92 -41.85 29.60
CA LYS G 149 -43.78 -41.13 30.16
C LYS G 149 -42.51 -41.30 29.33
N LEU G 150 -42.12 -42.57 29.20
CA LEU G 150 -40.84 -42.96 28.61
C LEU G 150 -40.76 -42.41 27.20
N LEU G 151 -41.91 -42.23 26.58
CA LEU G 151 -42.01 -41.58 25.28
C LEU G 151 -41.85 -40.06 25.40
N LYS G 152 -42.40 -39.49 26.46
CA LYS G 152 -42.24 -38.05 26.68
C LYS G 152 -40.77 -37.77 27.02
N LEU G 153 -40.12 -38.74 27.65
CA LEU G 153 -38.68 -38.68 27.85
C LEU G 153 -37.97 -38.64 26.51
N ALA G 154 -38.45 -39.46 25.58
CA ALA G 154 -37.89 -39.52 24.23
C ALA G 154 -37.97 -38.17 23.55
N GLU G 155 -39.07 -37.46 23.78
CA GLU G 155 -39.24 -36.11 23.28
C GLU G 155 -38.14 -35.19 23.81
N VAL G 156 -38.18 -34.95 25.11
CA VAL G 156 -37.30 -33.98 25.76
C VAL G 156 -35.82 -34.30 25.59
N GLU G 157 -35.45 -35.57 25.77
CA GLU G 157 -34.05 -35.97 25.69
C GLU G 157 -33.47 -35.79 24.30
N LYS G 158 -34.29 -36.06 23.27
CA LYS G 158 -33.82 -35.94 21.89
C LYS G 158 -33.67 -34.47 21.48
N THR G 159 -34.65 -33.64 21.81
CA THR G 159 -34.58 -32.22 21.51
C THR G 159 -33.33 -31.61 22.14
N CYS G 160 -33.06 -31.96 23.39
CA CYS G 160 -31.91 -31.45 24.12
C CYS G 160 -30.58 -31.73 23.40
N GLN G 161 -30.35 -33.00 23.09
CA GLN G 161 -29.11 -33.43 22.45
C GLN G 161 -28.94 -32.80 21.07
N LEU G 162 -30.05 -32.58 20.38
CA LEU G 162 -30.02 -31.93 19.07
C LEU G 162 -29.67 -30.45 19.20
N MET G 163 -30.26 -29.80 20.20
CA MET G 163 -29.93 -28.41 20.51
C MET G 163 -28.45 -28.35 20.88
N ALA G 164 -28.09 -29.10 21.90
CA ALA G 164 -26.74 -29.10 22.48
C ALA G 164 -25.64 -29.28 21.45
N GLU G 165 -25.86 -30.19 20.49
CA GLU G 165 -24.87 -30.43 19.45
C GLU G 165 -24.73 -29.19 18.58
N GLU G 166 -25.85 -28.56 18.24
CA GLU G 166 -25.86 -27.41 17.36
C GLU G 166 -25.27 -26.17 18.02
N ILE G 167 -25.34 -26.11 19.35
CA ILE G 167 -24.73 -25.01 20.09
C ILE G 167 -23.23 -25.02 19.84
N GLU G 168 -22.64 -26.20 19.92
CA GLU G 168 -21.21 -26.39 19.72
C GLU G 168 -20.80 -26.01 18.31
N LYS G 169 -21.62 -26.38 17.32
CA LYS G 169 -21.36 -26.02 15.93
C LYS G 169 -21.37 -24.51 15.77
N THR G 170 -22.39 -23.86 16.32
CA THR G 170 -22.53 -22.41 16.26
C THR G 170 -21.43 -21.74 17.07
N ARG G 171 -21.09 -22.34 18.21
CA ARG G 171 -20.03 -21.81 19.05
C ARG G 171 -18.68 -21.86 18.33
N ARG G 172 -18.47 -22.94 17.58
CA ARG G 172 -17.25 -23.08 16.79
C ARG G 172 -17.17 -22.00 15.72
N ARG G 173 -18.29 -21.77 15.04
CA ARG G 173 -18.35 -20.79 13.97
C ARG G 173 -18.11 -19.37 14.49
N VAL G 174 -18.73 -19.03 15.61
CA VAL G 174 -18.52 -17.73 16.23
C VAL G 174 -17.06 -17.55 16.62
N ASN G 175 -16.50 -18.56 17.27
CA ASN G 175 -15.09 -18.53 17.68
C ASN G 175 -14.14 -18.44 16.50
N ALA G 176 -14.39 -19.27 15.49
CA ALA G 176 -13.55 -19.29 14.30
C ALA G 176 -13.66 -17.97 13.53
N LEU G 177 -14.84 -17.36 13.58
CA LEU G 177 -15.08 -16.10 12.88
C LEU G 177 -14.44 -14.94 13.62
N GLU G 178 -14.49 -14.97 14.95
CA GLU G 178 -14.01 -13.87 15.77
C GLU G 178 -12.49 -13.88 15.95
N TYR G 179 -11.90 -15.06 16.06
CA TYR G 179 -10.48 -15.18 16.36
C TYR G 179 -9.61 -15.28 15.11
N MET G 180 -10.12 -15.94 14.07
CA MET G 180 -9.35 -16.13 12.84
C MET G 180 -9.73 -15.15 11.74
N THR G 181 -10.99 -15.22 11.30
CA THR G 181 -11.46 -14.46 10.14
C THR G 181 -11.27 -12.95 10.27
N ILE G 182 -11.90 -12.36 11.28
CA ILE G 182 -11.88 -10.90 11.44
C ILE G 182 -10.47 -10.31 11.67
N PRO G 183 -9.66 -10.89 12.59
CA PRO G 183 -8.33 -10.29 12.77
C PRO G 183 -7.44 -10.43 11.53
N GLN G 184 -7.59 -11.52 10.79
CA GLN G 184 -6.84 -11.71 9.56
C GLN G 184 -7.23 -10.66 8.53
N LEU G 185 -8.49 -10.24 8.56
CA LEU G 185 -8.98 -9.21 7.66
C LEU G 185 -8.39 -7.84 8.01
N GLU G 186 -8.51 -7.47 9.28
CA GLU G 186 -8.02 -6.17 9.75
C GLU G 186 -6.52 -5.98 9.51
N GLU G 187 -5.74 -7.00 9.87
CA GLU G 187 -4.29 -6.91 9.76
C GLU G 187 -3.84 -6.91 8.31
N THR G 188 -4.66 -7.50 7.44
CA THR G 188 -4.33 -7.58 6.02
C THR G 188 -4.56 -6.23 5.33
N ILE G 189 -5.69 -5.59 5.63
CA ILE G 189 -6.01 -4.31 5.01
C ILE G 189 -5.03 -3.22 5.47
N TYR G 190 -4.43 -3.43 6.64
CA TYR G 190 -3.42 -2.49 7.14
C TYR G 190 -2.14 -2.65 6.35
N TYR G 191 -1.71 -3.90 6.19
CA TYR G 191 -0.50 -4.20 5.43
C TYR G 191 -0.69 -3.87 3.96
N ILE G 192 -1.93 -3.95 3.49
CA ILE G 192 -2.25 -3.56 2.12
C ILE G 192 -2.24 -2.04 1.98
N LYS G 193 -2.80 -1.36 2.99
CA LYS G 193 -2.82 0.10 3.01
C LYS G 193 -1.41 0.67 3.07
N MET G 194 -0.55 0.04 3.85
CA MET G 194 0.84 0.48 3.98
C MET G 194 1.60 0.33 2.66
N LYS G 195 1.31 -0.73 1.93
CA LYS G 195 1.97 -1.01 0.67
C LYS G 195 1.75 0.09 -0.36
N LEU G 196 0.47 0.41 -0.60
CA LEU G 196 0.12 1.42 -1.58
C LEU G 196 0.47 2.82 -1.08
N GLU G 197 0.56 2.97 0.24
CA GLU G 197 1.03 4.22 0.82
C GLU G 197 2.48 4.46 0.44
N GLU G 198 3.29 3.41 0.53
CA GLU G 198 4.70 3.48 0.17
C GLU G 198 4.89 3.55 -1.34
N ASN G 199 4.12 2.75 -2.07
CA ASN G 199 4.19 2.72 -3.53
C ASN G 199 3.85 4.07 -4.17
N GLU G 200 2.85 4.74 -3.59
CA GLU G 200 2.40 6.04 -4.08
C GLU G 200 3.53 7.06 -4.05
N ARG G 201 4.19 7.21 -2.91
CA ARG G 201 5.22 8.22 -2.76
C ARG G 201 6.56 7.76 -3.30
N ALA G 202 6.72 6.45 -3.49
CA ALA G 202 7.94 5.93 -4.10
C ALA G 202 7.97 6.32 -5.57
N GLU G 203 6.78 6.51 -6.14
CA GLU G 203 6.63 6.94 -7.52
C GLU G 203 6.72 8.46 -7.63
N VAL G 204 6.15 9.14 -6.64
CA VAL G 204 6.16 10.61 -6.60
C VAL G 204 7.58 11.15 -6.63
N THR G 205 8.49 10.50 -5.92
CA THR G 205 9.90 10.89 -5.92
C THR G 205 10.52 10.69 -7.31
N ARG G 206 10.26 9.54 -7.91
CA ARG G 206 10.74 9.24 -9.25
C ARG G 206 10.27 10.26 -10.26
N LEU G 207 9.01 10.69 -10.11
CA LEU G 207 8.41 11.66 -11.01
C LEU G 207 9.11 13.00 -10.94
N ILE G 208 9.59 13.36 -9.75
CA ILE G 208 10.35 14.58 -9.56
C ILE G 208 11.69 14.47 -10.30
N LYS G 209 12.24 13.27 -10.36
CA LYS G 209 13.46 13.04 -11.12
C LYS G 209 13.20 13.20 -12.62
N VAL G 210 12.04 12.71 -13.07
CA VAL G 210 11.63 12.88 -14.45
C VAL G 210 11.40 14.37 -14.74
N LYS G 211 10.81 15.05 -13.77
CA LYS G 211 10.58 16.49 -13.86
C LYS G 211 11.89 17.27 -13.96
N ASN G 212 12.91 16.78 -13.26
CA ASN G 212 14.20 17.46 -13.22
C ASN G 212 15.21 16.91 -14.23
N MET G 213 14.72 16.50 -15.40
CA MET G 213 15.59 16.05 -16.47
C MET G 213 15.80 17.15 -17.51
N LYS H 4 -44.43 -45.84 14.42
CA LYS H 4 -43.34 -46.77 14.20
C LYS H 4 -42.37 -46.77 15.38
N ILE H 5 -42.48 -47.77 16.25
CA ILE H 5 -41.63 -47.85 17.43
C ILE H 5 -40.91 -49.19 17.55
N GLY H 6 -39.61 -49.14 17.76
CA GLY H 6 -38.82 -50.34 18.02
C GLY H 6 -38.21 -50.31 19.41
N VAL H 7 -37.98 -51.48 19.98
CA VAL H 7 -37.34 -51.58 21.30
C VAL H 7 -36.29 -52.69 21.29
N VAL H 8 -35.16 -52.46 21.98
CA VAL H 8 -34.09 -53.44 22.04
C VAL H 8 -33.66 -53.73 23.49
N GLY H 9 -33.53 -55.01 23.83
CA GLY H 9 -33.09 -55.40 25.15
C GLY H 9 -33.32 -56.87 25.48
N ASP H 10 -33.36 -57.19 26.77
CA ASP H 10 -33.57 -58.56 27.23
C ASP H 10 -35.05 -58.93 27.14
N LYS H 11 -35.32 -60.11 26.57
CA LYS H 11 -36.69 -60.58 26.30
C LYS H 11 -37.62 -60.44 27.51
N ASP H 12 -37.14 -60.83 28.68
CA ASP H 12 -37.96 -60.79 29.90
C ASP H 12 -38.44 -59.38 30.23
N SER H 13 -37.56 -58.40 30.06
CA SER H 13 -37.88 -57.01 30.38
C SER H 13 -38.57 -56.29 29.22
N VAL H 14 -38.36 -56.79 28.00
CA VAL H 14 -38.78 -56.05 26.82
C VAL H 14 -39.98 -56.67 26.10
N SER H 15 -40.18 -57.97 26.24
CA SER H 15 -41.34 -58.62 25.61
C SER H 15 -42.71 -58.10 26.11
N PRO H 16 -42.79 -57.54 27.33
CA PRO H 16 -44.06 -56.86 27.63
C PRO H 16 -44.41 -55.75 26.65
N PHE H 17 -43.41 -55.18 25.98
CA PHE H 17 -43.66 -54.15 24.98
C PHE H 17 -44.36 -54.72 23.75
N ARG H 18 -44.27 -56.03 23.56
CA ARG H 18 -44.86 -56.69 22.40
C ARG H 18 -46.39 -56.77 22.50
N LEU H 19 -46.92 -56.50 23.69
CA LEU H 19 -48.36 -56.33 23.84
C LEU H 19 -48.79 -55.15 22.98
N PHE H 20 -47.92 -54.16 22.91
CA PHE H 20 -48.11 -53.03 22.01
C PHE H 20 -47.40 -53.30 20.68
N GLY H 21 -47.64 -52.45 19.70
CA GLY H 21 -47.07 -52.64 18.37
C GLY H 21 -45.62 -52.24 18.29
N PHE H 22 -44.80 -52.85 19.13
CA PHE H 22 -43.37 -52.55 19.18
C PHE H 22 -42.54 -53.70 18.62
N ASP H 23 -41.90 -53.47 17.47
CA ASP H 23 -40.95 -54.41 16.88
C ASP H 23 -39.79 -54.67 17.84
N VAL H 24 -40.01 -55.56 18.80
CA VAL H 24 -39.03 -55.83 19.87
C VAL H 24 -37.95 -56.82 19.45
N GLN H 25 -36.70 -56.47 19.72
CA GLN H 25 -35.56 -57.35 19.44
C GLN H 25 -34.98 -57.93 20.72
N HIS H 26 -34.07 -58.88 20.57
CA HIS H 26 -33.39 -59.48 21.71
C HIS H 26 -31.89 -59.50 21.48
N GLY H 27 -31.39 -58.53 20.71
CA GLY H 27 -30.00 -58.47 20.31
C GLY H 27 -29.00 -58.55 21.45
N THR H 28 -27.87 -59.21 21.19
CA THR H 28 -26.85 -59.43 22.21
C THR H 28 -25.46 -58.98 21.72
N THR H 29 -25.38 -58.62 20.45
CA THR H 29 -24.11 -58.37 19.79
C THR H 29 -23.63 -56.93 19.90
N LYS H 30 -22.35 -56.71 19.63
CA LYS H 30 -21.78 -55.36 19.65
C LYS H 30 -21.98 -54.66 18.31
N THR H 31 -21.97 -55.43 17.23
CA THR H 31 -22.06 -54.87 15.88
C THR H 31 -23.45 -55.06 15.27
N GLU H 32 -24.09 -56.20 15.53
CA GLU H 32 -25.41 -56.45 14.95
C GLU H 32 -26.49 -55.65 15.67
N ILE H 33 -26.20 -55.20 16.88
CA ILE H 33 -27.08 -54.24 17.55
C ILE H 33 -27.15 -52.99 16.68
N ARG H 34 -26.01 -52.58 16.14
CA ARG H 34 -25.98 -51.51 15.17
C ARG H 34 -26.75 -51.94 13.92
N LYS H 35 -26.50 -53.17 13.46
CA LYS H 35 -27.17 -53.71 12.29
C LYS H 35 -28.68 -53.71 12.45
N THR H 36 -29.15 -53.97 13.65
CA THR H 36 -30.57 -53.81 13.96
C THR H 36 -30.94 -52.34 13.81
N ILE H 37 -30.22 -51.50 14.55
CA ILE H 37 -30.46 -50.06 14.56
C ILE H 37 -30.27 -49.44 13.17
N ASP H 38 -29.41 -50.02 12.35
CA ASP H 38 -29.19 -49.51 11.00
C ASP H 38 -30.35 -49.83 10.06
N GLU H 39 -30.89 -51.05 10.17
CA GLU H 39 -32.13 -51.37 9.45
C GLU H 39 -33.27 -50.66 10.15
N MET H 40 -33.07 -50.37 11.44
CA MET H 40 -34.01 -49.55 12.20
C MET H 40 -33.86 -48.08 11.87
N ALA H 41 -32.91 -47.78 10.98
CA ALA H 41 -32.66 -46.39 10.59
C ALA H 41 -33.26 -46.07 9.21
N LYS H 42 -33.22 -47.03 8.29
CA LYS H 42 -33.74 -46.77 6.96
C LYS H 42 -35.24 -47.02 6.88
N ASN H 43 -35.80 -47.76 7.84
CA ASN H 43 -37.23 -47.70 8.06
C ASN H 43 -37.46 -46.55 9.04
N GLU H 44 -38.51 -45.77 8.82
CA GLU H 44 -38.65 -44.53 9.57
C GLU H 44 -39.32 -44.74 10.93
N TYR H 45 -38.69 -45.55 11.77
CA TYR H 45 -39.16 -45.73 13.15
C TYR H 45 -38.83 -44.48 13.96
N GLY H 46 -39.87 -43.81 14.44
CA GLY H 46 -39.73 -42.54 15.12
C GLY H 46 -38.94 -42.61 16.42
N VAL H 47 -39.19 -43.64 17.22
CA VAL H 47 -38.52 -43.78 18.51
C VAL H 47 -38.00 -45.21 18.71
N ILE H 48 -36.81 -45.33 19.28
CA ILE H 48 -36.29 -46.64 19.68
C ILE H 48 -35.92 -46.64 21.16
N TYR H 49 -36.47 -47.60 21.91
CA TYR H 49 -36.15 -47.76 23.32
C TYR H 49 -35.04 -48.78 23.49
N ILE H 50 -34.03 -48.44 24.29
CA ILE H 50 -32.87 -49.32 24.47
C ILE H 50 -32.54 -49.54 25.94
N THR H 51 -32.45 -50.79 26.34
CA THR H 51 -31.94 -51.13 27.67
C THR H 51 -30.46 -50.76 27.73
N GLU H 52 -30.08 -50.01 28.75
CA GLU H 52 -28.71 -49.52 28.91
C GLU H 52 -27.68 -50.65 28.90
N GLN H 53 -28.13 -51.85 29.28
CA GLN H 53 -27.29 -53.04 29.28
C GLN H 53 -26.79 -53.39 27.87
N CYS H 54 -27.53 -52.93 26.86
CA CYS H 54 -27.18 -53.24 25.48
C CYS H 54 -26.44 -52.09 24.79
N ALA H 55 -26.44 -50.92 25.43
CA ALA H 55 -25.97 -49.70 24.80
C ALA H 55 -24.44 -49.52 24.88
N ASN H 56 -23.81 -50.13 25.87
CA ASN H 56 -22.35 -50.08 25.97
C ASN H 56 -21.75 -50.90 24.83
N LEU H 57 -22.59 -51.76 24.26
CA LEU H 57 -22.32 -52.40 22.99
C LEU H 57 -22.84 -51.49 21.89
N VAL H 58 -22.00 -51.21 20.90
CA VAL H 58 -22.26 -50.19 19.87
C VAL H 58 -22.59 -48.81 20.45
N PRO H 59 -21.62 -48.19 21.15
CA PRO H 59 -21.86 -46.79 21.55
C PRO H 59 -21.76 -45.86 20.34
N GLU H 60 -20.96 -46.26 19.35
CA GLU H 60 -20.74 -45.45 18.15
C GLU H 60 -22.03 -45.12 17.41
N THR H 61 -22.91 -46.10 17.27
CA THR H 61 -24.06 -45.97 16.39
C THR H 61 -25.15 -45.01 16.90
N ILE H 62 -25.16 -44.72 18.19
CA ILE H 62 -26.16 -43.81 18.75
C ILE H 62 -25.56 -42.41 18.93
N GLU H 63 -24.27 -42.28 18.68
CA GLU H 63 -23.62 -40.97 18.59
C GLU H 63 -23.71 -40.48 17.14
N ARG H 64 -23.82 -41.43 16.23
CA ARG H 64 -23.90 -41.14 14.80
C ARG H 64 -25.26 -40.58 14.40
N TYR H 65 -26.32 -41.19 14.89
CA TYR H 65 -27.68 -40.73 14.61
C TYR H 65 -28.15 -39.72 15.66
N LYS H 66 -27.27 -39.39 16.60
CA LYS H 66 -27.61 -38.44 17.66
C LYS H 66 -27.92 -37.07 17.08
N GLY H 67 -27.21 -36.71 16.01
CA GLY H 67 -27.43 -35.46 15.32
C GLY H 67 -28.62 -35.53 14.39
N GLN H 68 -29.07 -36.75 14.11
CA GLN H 68 -30.26 -36.96 13.30
C GLN H 68 -31.49 -37.05 14.21
N LEU H 69 -32.62 -36.61 13.71
CA LEU H 69 -33.85 -36.62 14.48
C LEU H 69 -34.40 -38.04 14.61
N THR H 70 -34.40 -38.77 13.50
CA THR H 70 -34.86 -40.15 13.47
C THR H 70 -33.68 -41.08 13.21
N PRO H 71 -33.52 -42.13 14.04
CA PRO H 71 -34.39 -42.49 15.16
C PRO H 71 -34.08 -41.75 16.46
N ALA H 72 -35.10 -41.61 17.30
CA ALA H 72 -34.92 -41.03 18.63
C ALA H 72 -34.40 -42.09 19.60
N ILE H 73 -33.08 -42.18 19.71
CA ILE H 73 -32.43 -43.23 20.49
C ILE H 73 -32.55 -42.98 21.99
N ILE H 74 -33.19 -43.91 22.70
CA ILE H 74 -33.48 -43.72 24.11
C ILE H 74 -32.93 -44.83 25.01
N LEU H 75 -32.14 -44.43 26.00
CA LEU H 75 -31.57 -45.38 26.97
C LEU H 75 -32.57 -45.65 28.10
N ILE H 76 -32.68 -46.92 28.48
CA ILE H 76 -33.63 -47.36 29.50
C ILE H 76 -32.98 -48.40 30.41
N PRO H 77 -33.39 -48.43 31.69
CA PRO H 77 -32.97 -49.55 32.55
C PRO H 77 -33.71 -50.85 32.22
N SER H 78 -33.02 -51.98 32.28
CA SER H 78 -33.69 -53.27 32.12
C SER H 78 -34.21 -53.74 33.48
N HIS H 79 -34.61 -55.00 33.58
CA HIS H 79 -35.25 -55.50 34.81
C HIS H 79 -34.28 -55.51 35.99
N GLN H 80 -33.00 -55.61 35.70
CA GLN H 80 -31.98 -55.57 36.74
C GLN H 80 -31.70 -54.13 37.16
N GLY H 81 -31.39 -53.29 36.18
CA GLY H 81 -31.01 -51.92 36.43
C GLY H 81 -30.24 -51.26 35.30
N THR H 82 -30.23 -49.94 35.33
CA THR H 82 -29.50 -49.13 34.37
C THR H 82 -28.01 -49.14 34.68
N LEU H 83 -27.22 -48.72 33.71
CA LEU H 83 -25.78 -48.60 33.89
C LEU H 83 -25.43 -47.16 34.27
N GLY H 84 -26.46 -46.34 34.38
CA GLY H 84 -26.27 -44.93 34.65
C GLY H 84 -25.78 -44.19 33.40
N ILE H 85 -26.57 -44.27 32.34
CA ILE H 85 -26.27 -43.51 31.13
C ILE H 85 -26.94 -42.14 31.23
N GLY H 86 -27.91 -42.03 32.13
CA GLY H 86 -28.58 -40.78 32.39
C GLY H 86 -27.68 -39.79 33.12
N LEU H 87 -26.94 -40.31 34.11
CA LEU H 87 -26.01 -39.47 34.87
C LEU H 87 -24.90 -38.95 33.97
N GLU H 88 -24.57 -39.72 32.95
CA GLU H 88 -23.49 -39.37 32.04
C GLU H 88 -23.91 -38.30 31.04
N GLU H 89 -24.90 -38.63 30.21
CA GLU H 89 -25.18 -37.82 29.02
C GLU H 89 -25.89 -36.50 29.31
N ILE H 90 -26.53 -36.36 30.45
CA ILE H 90 -27.16 -35.08 30.78
C ILE H 90 -26.13 -34.15 31.41
N GLN H 91 -25.02 -34.72 31.86
CA GLN H 91 -23.99 -33.96 32.57
C GLN H 91 -22.98 -33.31 31.63
N ASN H 92 -22.55 -34.02 30.60
CA ASN H 92 -21.59 -33.49 29.66
C ASN H 92 -22.25 -32.64 28.57
N SER H 93 -23.54 -32.89 28.33
CA SER H 93 -24.27 -32.17 27.30
C SER H 93 -24.63 -30.76 27.76
N VAL H 94 -24.91 -30.61 29.06
CA VAL H 94 -25.25 -29.29 29.60
C VAL H 94 -24.01 -28.40 29.65
N GLU H 95 -22.86 -28.99 29.92
CA GLU H 95 -21.62 -28.23 30.06
C GLU H 95 -20.99 -27.91 28.70
N LYS H 96 -21.21 -28.80 27.74
CA LYS H 96 -20.65 -28.62 26.40
C LYS H 96 -21.18 -27.36 25.74
N ALA H 97 -22.48 -27.13 25.85
CA ALA H 97 -23.11 -25.97 25.25
C ALA H 97 -22.71 -24.68 25.96
N VAL H 98 -22.92 -24.64 27.27
CA VAL H 98 -22.60 -23.46 28.06
C VAL H 98 -21.13 -23.45 28.47
MG MG I . 22.62 -6.52 18.02
PB ADP J . 19.70 -8.15 18.71
O1B ADP J . 18.78 -9.08 17.96
O2B ADP J . 21.16 -8.35 18.38
O3B ADP J . 19.24 -6.71 18.73
PA ADP J . 20.82 -9.12 21.11
O1A ADP J . 21.42 -10.32 20.40
O2A ADP J . 21.71 -7.93 21.41
O3A ADP J . 19.56 -8.62 20.26
O5' ADP J . 20.18 -9.60 22.51
C5' ADP J . 18.86 -9.23 22.86
C4' ADP J . 18.55 -9.65 24.29
O4' ADP J . 17.84 -10.89 24.29
C3' ADP J . 19.82 -9.86 25.10
O3' ADP J . 20.03 -8.78 26.01
C2' ADP J . 19.58 -11.15 25.88
O2' ADP J . 19.28 -10.83 27.24
C1' ADP J . 18.38 -11.80 25.23
N9 ADP J . 18.84 -13.01 24.50
C8 ADP J . 18.99 -13.08 23.16
N7 ADP J . 19.43 -14.31 22.79
C5 ADP J . 19.55 -15.06 23.90
C6 ADP J . 19.96 -16.45 24.22
N6 ADP J . 20.33 -17.31 23.24
N1 ADP J . 19.94 -16.83 25.52
C2 ADP J . 19.57 -15.98 26.49
N3 ADP J . 19.19 -14.71 26.27
C4 ADP J . 19.15 -14.20 25.03
C1 GOL K . 4.82 -21.07 16.05
O1 GOL K . 4.28 -20.12 15.17
C2 GOL K . 6.04 -20.47 16.74
O2 GOL K . 7.21 -20.84 16.05
C3 GOL K . 5.92 -18.95 16.76
O3 GOL K . 4.79 -18.58 17.52
MG MG L . -3.92 -14.15 -25.28
PB ADP M . -5.29 -15.19 -22.54
O1B ADP M . -5.76 -14.68 -23.87
O2B ADP M . -6.13 -14.73 -21.37
O3B ADP M . -3.80 -15.05 -22.30
PA ADP M . -5.61 -17.57 -24.01
O1A ADP M . -6.85 -17.09 -24.73
O2A ADP M . -4.26 -17.50 -24.69
O3A ADP M . -5.52 -16.78 -22.61
O5' ADP M . -5.85 -19.10 -23.57
C5' ADP M . -5.36 -19.60 -22.32
C4' ADP M . -5.61 -21.09 -22.18
O4' ADP M . -6.77 -21.35 -21.38
C3' ADP M . -5.85 -21.78 -23.53
O3' ADP M . -4.66 -22.44 -23.99
C2' ADP M . -6.96 -22.77 -23.27
O2' ADP M . -6.41 -24.10 -23.16
C1' ADP M . -7.62 -22.35 -21.97
N9 ADP M . -8.92 -21.72 -22.32
C8 ADP M . -9.11 -20.39 -22.39
N7 ADP M . -10.39 -20.09 -22.73
C5 ADP M . -11.05 -21.26 -22.90
C6 ADP M . -12.42 -21.67 -23.29
N6 ADP M . -13.39 -20.75 -23.55
N1 ADP M . -12.68 -23.00 -23.35
C2 ADP M . -11.75 -23.94 -23.09
N3 ADP M . -10.48 -23.63 -22.75
C4 ADP M . -10.07 -22.34 -22.64
C1 GOL N . 35.05 15.07 25.45
O1 GOL N . 35.02 16.46 25.67
C2 GOL N . 35.26 14.81 23.96
O2 GOL N . 36.02 15.85 23.40
C3 GOL N . 33.90 14.72 23.27
O3 GOL N . 34.09 14.39 21.91
#